data_6I9E
#
_entry.id   6I9E
#
_cell.length_a   1.0
_cell.length_b   1.0
_cell.length_c   1.0
_cell.angle_alpha   90.00
_cell.angle_beta   90.00
_cell.angle_gamma   90.00
#
_symmetry.space_group_name_H-M   'P 1'
#
loop_
_entity.id
_entity.type
_entity.pdbx_description
1 polymer 'Major head protein'
2 polymer 'Auxiliary protein'
#
loop_
_entity_poly.entity_id
_entity_poly.type
_entity_poly.pdbx_seq_one_letter_code
_entity_poly.pdbx_strand_id
1 'polypeptide(L)'
;MRVPININNALARVRDPLSIGGLKFPTTKEIQEAVAAIADKFNQENDLVDRFFPEDSTFASELELYLLRTQDAEQTGMTF
VHQVGSTSLPVEARVAKVDLAKATWSPLAFKESRVWDEKEILYLGRLADEVQAGVINEQIAESLTWLMARMRNRRRWLTW
QVMRTGRITIQPNDPYNPNGLKYVIDYGVTDIELPLPQKFDAKDGNGNSAVDPIQYFRDLIKAATYFPDRRPVAIIVGPG
FDEVLADNTFVQKYVEYEKGWVVGQNTVQPPREVYRQAALDIFKRYTGLEVMVYDKTYRDQDGSVKYWIPVGELIVLNQS
TGPVGRFVYTAHVAGQRNGKVVYATGPYLTVKDHLQDDPPYYAIIAGFHGLPQLSGYNTEDFSFHRFKWLKYANNVQSYL
PPFPPKVEL
;
A,B,C,D,E,F,G
2 'polypeptide(L)'
;MDKVKLFQTIGRVEYWERVPRLHAYGVFALPFPMDPDVNWAQWFTGPHPRAFLVSIHKYGPKAGHVYPTNLTDEDALLNV
IGMVLDGHDYENDPNVTVTLKAAVPIEYVQQDPQAPALQPHQAVLDAAEVLKLKVIKGHYFFDYTR
;
H,I,J,K,L,M,N
#
# COMPACT_ATOMS: atom_id res chain seq x y z
N MET A 1 69.04 31.98 -25.49
CA MET A 1 70.34 31.67 -26.07
C MET A 1 70.56 30.18 -26.14
N ARG A 2 70.92 29.69 -27.32
CA ARG A 2 71.02 28.26 -27.58
C ARG A 2 72.40 27.88 -28.11
N VAL A 3 72.71 26.59 -28.00
CA VAL A 3 73.89 26.03 -28.66
C VAL A 3 73.68 26.07 -30.17
N PRO A 4 74.64 26.54 -30.96
CA PRO A 4 74.42 26.63 -32.41
C PRO A 4 74.60 25.29 -33.13
N ILE A 5 73.79 24.30 -32.77
CA ILE A 5 73.83 23.02 -33.47
C ILE A 5 72.96 23.13 -34.71
N ASN A 6 73.09 22.16 -35.61
CA ASN A 6 72.09 21.92 -36.63
C ASN A 6 71.29 20.71 -36.18
N ILE A 7 69.96 20.82 -36.27
CA ILE A 7 69.10 19.84 -35.62
C ILE A 7 69.11 18.52 -36.39
N ASN A 8 68.77 18.56 -37.67
CA ASN A 8 68.57 17.34 -38.45
C ASN A 8 69.89 16.63 -38.71
N ASN A 9 70.96 17.39 -38.96
CA ASN A 9 72.24 16.77 -39.28
C ASN A 9 72.85 16.09 -38.07
N ALA A 10 72.87 16.78 -36.92
CA ALA A 10 73.33 16.14 -35.70
C ALA A 10 72.33 15.18 -35.11
N LEU A 11 71.15 15.07 -35.70
CA LEU A 11 70.24 13.97 -35.40
C LEU A 11 70.56 12.75 -36.24
N ALA A 12 71.05 12.96 -37.46
CA ALA A 12 71.35 11.87 -38.36
C ALA A 12 72.77 11.35 -38.23
N ARG A 13 73.68 12.07 -37.58
CA ARG A 13 75.06 11.62 -37.49
C ARG A 13 75.37 10.89 -36.19
N VAL A 14 74.42 10.16 -35.64
CA VAL A 14 74.64 9.58 -34.32
C VAL A 14 74.63 8.06 -34.46
N ARG A 15 74.97 7.56 -35.63
CA ARG A 15 74.87 6.13 -35.90
C ARG A 15 76.26 5.68 -36.31
N ASP A 16 76.92 4.93 -35.44
CA ASP A 16 78.30 4.53 -35.62
C ASP A 16 78.41 3.61 -36.82
N PRO A 17 79.01 4.05 -37.94
CA PRO A 17 78.90 3.28 -39.18
C PRO A 17 79.69 1.99 -39.18
N LEU A 18 80.62 1.81 -38.25
CA LEU A 18 81.46 0.61 -38.24
C LEU A 18 81.24 -0.06 -36.89
N SER A 19 80.17 -0.84 -36.80
CA SER A 19 79.74 -1.46 -35.54
C SER A 19 79.26 -2.86 -35.87
N ILE A 20 80.13 -3.85 -35.68
CA ILE A 20 79.89 -5.20 -36.12
C ILE A 20 79.79 -6.18 -34.96
N GLY A 21 80.63 -5.99 -33.93
CA GLY A 21 80.94 -7.03 -32.97
C GLY A 21 79.85 -7.57 -32.06
N GLY A 22 78.60 -7.18 -32.28
CA GLY A 22 77.51 -7.87 -31.63
C GLY A 22 77.34 -9.24 -32.20
N LEU A 23 76.86 -9.33 -33.44
CA LEU A 23 76.56 -10.59 -34.09
C LEU A 23 77.63 -11.03 -35.06
N LYS A 24 78.70 -10.24 -35.22
CA LYS A 24 79.80 -10.41 -36.16
C LYS A 24 79.34 -10.29 -37.62
N PHE A 25 78.22 -9.63 -37.84
CA PHE A 25 77.76 -9.16 -39.14
C PHE A 25 76.89 -7.94 -38.90
N PRO A 26 76.67 -7.10 -39.92
CA PRO A 26 75.74 -5.99 -39.73
C PRO A 26 74.30 -6.45 -39.66
N THR A 27 73.71 -6.39 -38.47
CA THR A 27 72.32 -6.77 -38.31
C THR A 27 71.41 -5.74 -38.95
N THR A 28 70.20 -6.17 -39.31
CA THR A 28 69.21 -5.20 -39.72
C THR A 28 68.62 -4.53 -38.49
N LYS A 29 68.08 -3.33 -38.69
CA LYS A 29 67.44 -2.58 -37.62
C LYS A 29 66.50 -1.56 -38.24
N GLU A 30 65.87 -0.78 -37.37
CA GLU A 30 64.95 0.26 -37.80
C GLU A 30 64.97 1.36 -36.76
N ILE A 31 65.02 2.62 -37.21
CA ILE A 31 65.31 3.75 -36.33
C ILE A 31 64.26 4.83 -36.55
N GLN A 32 63.66 5.29 -35.45
CA GLN A 32 62.69 6.39 -35.44
C GLN A 32 63.24 7.49 -34.55
N GLU A 33 63.58 8.63 -35.13
CA GLU A 33 64.20 9.71 -34.38
C GLU A 33 63.15 10.69 -33.88
N ALA A 34 63.54 11.49 -32.88
CA ALA A 34 62.64 12.49 -32.29
C ALA A 34 63.47 13.57 -31.62
N VAL A 35 62.91 14.78 -31.57
CA VAL A 35 63.59 15.95 -31.02
C VAL A 35 62.73 16.56 -29.93
N ALA A 36 63.31 16.72 -28.74
CA ALA A 36 62.65 17.38 -27.63
C ALA A 36 63.37 18.69 -27.30
N ALA A 37 62.61 19.68 -26.85
CA ALA A 37 63.17 20.97 -26.46
C ALA A 37 62.71 21.28 -25.05
N ILE A 38 63.67 21.30 -24.12
CA ILE A 38 63.36 21.53 -22.72
C ILE A 38 63.34 23.03 -22.46
N ALA A 39 62.16 23.55 -22.07
CA ALA A 39 61.99 24.95 -21.76
C ALA A 39 61.27 25.07 -20.42
N ASP A 40 61.95 25.66 -19.44
CA ASP A 40 61.33 25.91 -18.15
C ASP A 40 60.28 27.00 -18.30
N LYS A 41 59.02 26.66 -17.99
CA LYS A 41 57.90 27.56 -18.23
C LYS A 41 57.28 28.07 -16.94
N PHE A 42 57.94 27.87 -15.80
CA PHE A 42 57.43 28.37 -14.53
C PHE A 42 58.18 29.59 -14.01
N ASN A 43 59.36 29.86 -14.52
CA ASN A 43 60.14 31.02 -14.06
C ASN A 43 59.64 32.25 -14.80
N GLN A 44 58.47 32.74 -14.38
CA GLN A 44 57.85 33.88 -15.03
C GLN A 44 58.34 35.17 -14.37
N GLU A 45 57.74 36.29 -14.75
CA GLU A 45 58.16 37.59 -14.29
C GLU A 45 57.01 38.32 -13.61
N ASN A 46 57.36 39.12 -12.60
CA ASN A 46 56.38 39.82 -11.78
C ASN A 46 55.77 40.97 -12.58
N ASP A 47 54.86 40.61 -13.48
CA ASP A 47 54.32 41.51 -14.48
C ASP A 47 53.26 42.45 -13.91
N LEU A 48 52.90 42.32 -12.63
CA LEU A 48 51.91 43.23 -12.06
C LEU A 48 52.48 44.62 -11.82
N VAL A 49 53.80 44.72 -11.66
CA VAL A 49 54.36 45.92 -11.09
C VAL A 49 54.42 47.01 -12.15
N ASP A 50 54.45 46.63 -13.42
CA ASP A 50 54.41 47.58 -14.52
C ASP A 50 53.05 48.28 -14.59
N ARG A 51 51.99 47.63 -14.11
CA ARG A 51 50.69 48.29 -13.96
C ARG A 51 50.74 49.39 -12.91
N PHE A 52 51.58 49.22 -11.88
CA PHE A 52 51.55 50.12 -10.75
C PHE A 52 52.56 51.24 -10.85
N PHE A 53 53.77 50.97 -11.34
CA PHE A 53 54.72 52.06 -11.49
C PHE A 53 54.86 52.35 -12.98
N PRO A 54 54.32 53.45 -13.49
CA PRO A 54 54.56 53.83 -14.88
C PRO A 54 55.97 54.41 -15.05
N GLU A 55 56.32 54.71 -16.29
CA GLU A 55 57.63 55.29 -16.57
C GLU A 55 57.53 56.80 -16.69
N ASP A 56 58.63 57.47 -16.39
CA ASP A 56 58.73 58.91 -16.50
C ASP A 56 60.17 59.29 -16.77
N SER A 57 60.37 60.36 -17.53
CA SER A 57 61.68 60.76 -17.99
C SER A 57 61.87 62.24 -17.71
N THR A 58 62.78 62.56 -16.78
CA THR A 58 63.09 63.93 -16.43
C THR A 58 64.53 64.22 -16.77
N PHE A 59 64.78 65.40 -17.34
CA PHE A 59 66.13 65.83 -17.67
C PHE A 59 66.88 66.39 -16.48
N ALA A 60 66.29 66.40 -15.30
CA ALA A 60 66.94 66.90 -14.11
C ALA A 60 67.48 65.75 -13.27
N SER A 61 68.47 66.07 -12.43
CA SER A 61 69.10 65.06 -11.61
C SER A 61 68.59 65.02 -10.19
N GLU A 62 67.74 65.95 -9.79
CA GLU A 62 67.09 65.89 -8.49
C GLU A 62 65.65 66.37 -8.60
N LEU A 63 64.84 65.92 -7.66
CA LEU A 63 63.48 66.42 -7.49
C LEU A 63 63.25 66.79 -6.04
N GLU A 64 62.79 68.01 -5.81
CA GLU A 64 62.36 68.46 -4.49
C GLU A 64 60.92 68.93 -4.55
N LEU A 65 60.23 68.82 -3.41
CA LEU A 65 58.84 69.22 -3.34
C LEU A 65 58.63 70.18 -2.18
N TYR A 66 57.46 70.80 -2.16
CA TYR A 66 57.13 71.80 -1.16
C TYR A 66 55.66 71.74 -0.81
N LEU A 67 55.39 71.83 0.48
CA LEU A 67 54.03 71.70 1.01
C LEU A 67 53.77 72.89 1.92
N LEU A 68 53.05 73.89 1.42
CA LEU A 68 52.66 75.04 2.22
C LEU A 68 51.38 74.72 2.97
N ARG A 69 51.49 74.54 4.29
CA ARG A 69 50.34 74.18 5.10
C ARG A 69 49.82 75.43 5.82
N THR A 70 48.51 75.63 5.75
CA THR A 70 47.87 76.80 6.34
C THR A 70 46.76 76.34 7.28
N GLN A 71 46.77 76.86 8.51
CA GLN A 71 45.69 76.63 9.46
C GLN A 71 45.05 77.97 9.79
N ASP A 72 43.72 77.99 9.87
CA ASP A 72 42.97 79.20 10.11
C ASP A 72 42.27 79.13 11.46
N ALA A 73 42.13 80.29 12.10
CA ALA A 73 41.32 80.39 13.29
C ALA A 73 39.85 80.17 12.95
N GLU A 74 39.13 79.58 13.90
CA GLU A 74 37.70 79.37 13.71
C GLU A 74 36.92 80.56 14.26
N GLN A 75 35.68 80.69 13.79
CA GLN A 75 34.78 81.73 14.30
C GLN A 75 33.94 81.19 15.46
N THR A 76 34.63 80.72 16.48
CA THR A 76 33.96 80.22 17.67
C THR A 76 33.68 81.35 18.64
N GLY A 77 33.11 81.00 19.77
CA GLY A 77 32.86 81.94 20.83
C GLY A 77 31.39 82.30 20.95
N MET A 78 31.09 83.08 22.00
CA MET A 78 29.74 83.47 22.34
C MET A 78 29.74 84.90 22.84
N THR A 79 28.64 85.62 22.57
CA THR A 79 28.47 86.98 23.08
C THR A 79 28.34 86.95 24.59
N PHE A 80 29.01 87.88 25.26
CA PHE A 80 29.00 87.91 26.71
C PHE A 80 27.67 88.44 27.20
N VAL A 81 27.20 87.87 28.28
CA VAL A 81 25.91 88.25 28.87
C VAL A 81 26.14 89.43 29.80
N HIS A 82 25.20 90.37 29.84
CA HIS A 82 25.31 91.51 30.75
C HIS A 82 23.93 92.10 31.00
N GLN A 83 23.89 93.02 31.95
CA GLN A 83 22.66 93.69 32.35
C GLN A 83 22.62 95.08 31.75
N VAL A 84 21.42 95.52 31.37
CA VAL A 84 21.27 96.76 30.63
C VAL A 84 21.56 97.95 31.53
N GLY A 85 22.12 99.00 30.95
CA GLY A 85 22.55 100.15 31.71
C GLY A 85 24.02 100.16 32.05
N SER A 86 24.79 99.22 31.54
CA SER A 86 26.21 99.08 31.85
C SER A 86 27.01 99.06 30.57
N THR A 87 28.33 99.07 30.72
CA THR A 87 29.25 99.12 29.59
C THR A 87 29.40 97.74 28.97
N SER A 88 30.37 97.61 28.05
CA SER A 88 30.63 96.37 27.35
C SER A 88 32.11 96.00 27.47
N LEU A 89 32.40 94.72 27.26
CA LEU A 89 33.70 94.12 27.55
C LEU A 89 34.31 93.52 26.28
N PRO A 90 35.64 93.43 26.19
CA PRO A 90 36.25 93.00 24.92
C PRO A 90 36.43 91.51 24.78
N VAL A 91 36.33 91.06 23.53
CA VAL A 91 36.43 89.66 23.17
C VAL A 91 37.89 89.22 23.23
N GLU A 92 38.12 87.91 23.09
CA GLU A 92 39.45 87.31 23.25
C GLU A 92 40.26 87.48 21.95
N ALA A 93 41.37 86.75 21.86
CA ALA A 93 42.32 86.90 20.77
C ALA A 93 42.54 85.56 20.08
N ARG A 94 42.16 85.48 18.80
CA ARG A 94 42.31 84.25 18.03
C ARG A 94 43.78 84.06 17.61
N VAL A 95 44.06 82.88 17.06
CA VAL A 95 45.43 82.50 16.69
C VAL A 95 45.42 81.82 15.32
N ALA A 96 46.40 82.15 14.48
CA ALA A 96 46.56 81.57 13.16
C ALA A 96 47.99 81.06 13.00
N LYS A 97 48.16 79.99 12.21
CA LYS A 97 49.43 79.27 12.10
C LYS A 97 49.64 78.78 10.67
N VAL A 98 50.90 78.84 10.20
CA VAL A 98 51.32 78.41 8.86
C VAL A 98 52.74 77.85 8.95
N ASP A 99 52.99 76.67 8.37
CA ASP A 99 54.35 76.16 8.26
C ASP A 99 54.58 75.60 6.87
N LEU A 100 55.72 74.92 6.68
CA LEU A 100 56.15 74.41 5.38
C LEU A 100 56.76 73.02 5.55
N ALA A 101 57.18 72.45 4.42
CA ALA A 101 57.77 71.11 4.38
C ALA A 101 58.51 70.94 3.06
N LYS A 102 59.53 70.07 3.07
CA LYS A 102 60.40 69.87 1.93
C LYS A 102 60.84 68.42 1.87
N ALA A 103 60.83 67.85 0.65
CA ALA A 103 61.38 66.52 0.38
C ALA A 103 62.47 66.64 -0.67
N THR A 104 63.14 65.52 -0.96
CA THR A 104 64.16 65.51 -2.00
C THR A 104 64.18 64.13 -2.65
N TRP A 105 64.89 64.04 -3.78
CA TRP A 105 64.99 62.80 -4.53
C TRP A 105 66.24 62.81 -5.40
N SER A 106 66.90 61.65 -5.54
CA SER A 106 68.09 61.51 -6.39
C SER A 106 68.23 60.08 -6.89
N PRO A 107 68.43 59.87 -8.18
CA PRO A 107 68.29 58.53 -8.77
C PRO A 107 69.55 57.69 -8.57
N LEU A 108 69.51 56.49 -9.13
CA LEU A 108 70.63 55.56 -9.14
C LEU A 108 71.15 55.36 -10.55
N ALA A 109 72.36 54.80 -10.63
CA ALA A 109 73.08 54.67 -11.88
C ALA A 109 73.47 53.23 -12.10
N PHE A 110 73.02 52.65 -13.21
CA PHE A 110 73.25 51.26 -13.54
C PHE A 110 73.89 51.19 -14.91
N LYS A 111 74.96 50.40 -15.07
CA LYS A 111 75.42 49.94 -16.38
C LYS A 111 76.33 48.75 -16.19
N GLU A 112 76.74 48.17 -17.32
CA GLU A 112 77.47 46.92 -17.44
C GLU A 112 77.90 46.74 -18.87
N SER A 113 79.00 46.02 -19.06
CA SER A 113 79.59 45.84 -20.37
C SER A 113 79.78 44.35 -20.64
N ARG A 114 80.31 44.05 -21.82
CA ARG A 114 80.57 42.72 -22.32
C ARG A 114 81.41 42.88 -23.56
N VAL A 115 82.40 42.01 -23.76
CA VAL A 115 83.29 42.15 -24.90
C VAL A 115 83.72 40.76 -25.38
N TRP A 116 83.67 40.56 -26.70
CA TRP A 116 84.12 39.35 -27.34
C TRP A 116 85.56 39.51 -27.80
N ASP A 117 86.30 38.41 -27.82
CA ASP A 117 87.70 38.42 -28.23
C ASP A 117 87.78 38.31 -29.75
N GLU A 118 88.97 38.01 -30.28
CA GLU A 118 89.08 37.76 -31.71
C GLU A 118 88.89 36.29 -32.06
N LYS A 119 89.43 35.40 -31.23
CA LYS A 119 89.35 33.96 -31.48
C LYS A 119 87.92 33.47 -31.47
N GLU A 120 87.07 34.08 -30.65
CA GLU A 120 85.66 33.71 -30.67
C GLU A 120 84.97 34.25 -31.91
N ILE A 121 85.44 35.37 -32.47
CA ILE A 121 84.82 35.90 -33.68
C ILE A 121 85.18 35.09 -34.90
N LEU A 122 86.48 34.81 -35.08
CA LEU A 122 86.94 34.24 -36.33
C LEU A 122 86.63 32.75 -36.43
N TYR A 123 86.51 32.04 -35.31
CA TYR A 123 86.39 30.59 -35.34
C TYR A 123 85.02 30.08 -34.92
N LEU A 124 84.01 30.93 -34.80
CA LEU A 124 82.73 30.45 -34.31
C LEU A 124 81.96 29.85 -35.47
N GLY A 125 81.76 28.53 -35.42
CA GLY A 125 80.97 27.85 -36.41
C GLY A 125 80.05 26.87 -35.74
N ARG A 126 79.08 26.36 -36.51
CA ARG A 126 78.07 25.48 -35.96
C ARG A 126 78.65 24.12 -35.59
N LEU A 127 77.94 23.42 -34.73
CA LEU A 127 78.46 22.24 -34.06
C LEU A 127 78.15 20.95 -34.81
N ALA A 128 77.48 21.04 -35.95
CA ALA A 128 77.09 19.85 -36.68
C ALA A 128 77.49 19.84 -38.14
N ASP A 129 77.94 20.96 -38.71
CA ASP A 129 78.15 21.02 -40.14
C ASP A 129 79.23 22.05 -40.46
N GLU A 130 79.41 22.29 -41.75
CA GLU A 130 80.32 23.28 -42.26
C GLU A 130 79.57 24.55 -42.62
N VAL A 131 80.19 25.70 -42.36
CA VAL A 131 79.57 27.00 -42.58
C VAL A 131 80.68 28.04 -42.72
N GLN A 132 80.38 29.12 -43.45
CA GLN A 132 81.20 30.31 -43.41
C GLN A 132 81.20 30.87 -41.99
N ALA A 133 82.27 31.56 -41.63
CA ALA A 133 82.51 31.87 -40.22
C ALA A 133 81.78 33.11 -39.73
N GLY A 134 80.50 33.25 -40.04
CA GLY A 134 79.75 34.43 -39.63
C GLY A 134 78.64 34.10 -38.66
N VAL A 135 78.93 33.20 -37.72
CA VAL A 135 77.91 32.75 -36.79
C VAL A 135 77.69 33.76 -35.66
N ILE A 136 78.74 34.47 -35.26
CA ILE A 136 78.71 35.25 -34.02
C ILE A 136 77.84 36.50 -34.11
N ASN A 137 77.33 36.83 -35.30
CA ASN A 137 76.30 37.86 -35.40
C ASN A 137 75.06 37.48 -34.60
N GLU A 138 74.72 36.18 -34.59
CA GLU A 138 73.61 35.69 -33.79
C GLU A 138 73.87 35.84 -32.30
N GLN A 139 75.11 35.55 -31.87
CA GLN A 139 75.47 35.70 -30.46
C GLN A 139 75.43 37.17 -30.04
N ILE A 140 75.84 38.07 -30.93
CA ILE A 140 75.80 39.50 -30.62
C ILE A 140 74.36 39.99 -30.50
N ALA A 141 73.49 39.57 -31.42
CA ALA A 141 72.10 40.00 -31.34
C ALA A 141 71.39 39.42 -30.12
N GLU A 142 71.74 38.18 -29.76
CA GLU A 142 71.19 37.57 -28.55
C GLU A 142 71.69 38.28 -27.30
N SER A 143 72.94 38.74 -27.31
CA SER A 143 73.43 39.49 -26.15
C SER A 143 72.79 40.87 -26.05
N LEU A 144 72.42 41.48 -27.19
CA LEU A 144 71.70 42.75 -27.11
C LEU A 144 70.30 42.56 -26.53
N THR A 145 69.61 41.50 -26.98
CA THR A 145 68.33 41.13 -26.37
C THR A 145 68.49 40.86 -24.88
N TRP A 146 69.60 40.22 -24.50
CA TRP A 146 69.83 39.87 -23.10
C TRP A 146 70.10 41.10 -22.25
N LEU A 147 70.82 42.09 -22.78
CA LEU A 147 71.06 43.30 -22.01
C LEU A 147 69.79 44.13 -21.85
N MET A 148 68.95 44.16 -22.90
CA MET A 148 67.64 44.83 -22.78
C MET A 148 66.79 44.17 -21.69
N ALA A 149 66.72 42.84 -21.71
CA ALA A 149 65.94 42.14 -20.71
C ALA A 149 66.58 42.20 -19.33
N ARG A 150 67.89 42.35 -19.25
CA ARG A 150 68.55 42.43 -17.96
C ARG A 150 68.28 43.76 -17.29
N MET A 151 68.24 44.84 -18.10
CA MET A 151 67.81 46.14 -17.57
C MET A 151 66.33 46.10 -17.15
N ARG A 152 65.50 45.40 -17.93
CA ARG A 152 64.09 45.25 -17.55
C ARG A 152 63.94 44.50 -16.22
N ASN A 153 64.73 43.44 -16.01
CA ASN A 153 64.68 42.72 -14.75
C ASN A 153 65.18 43.58 -13.60
N ARG A 154 66.16 44.45 -13.84
CA ARG A 154 66.61 45.32 -12.76
C ARG A 154 65.54 46.32 -12.35
N ARG A 155 64.83 46.88 -13.34
CA ARG A 155 63.73 47.79 -13.05
C ARG A 155 62.63 47.11 -12.25
N ARG A 156 62.17 45.95 -12.71
CA ARG A 156 61.09 45.26 -12.04
C ARG A 156 61.51 44.75 -10.67
N TRP A 157 62.80 44.43 -10.49
CA TRP A 157 63.28 44.05 -9.17
C TRP A 157 63.21 45.19 -8.19
N LEU A 158 63.68 46.38 -8.61
CA LEU A 158 63.63 47.56 -7.73
C LEU A 158 62.21 47.89 -7.33
N THR A 159 61.29 47.86 -8.29
CA THR A 159 59.93 48.29 -8.02
C THR A 159 59.18 47.25 -7.18
N TRP A 160 59.43 45.96 -7.43
CA TRP A 160 58.82 44.94 -6.58
C TRP A 160 59.41 44.95 -5.18
N GLN A 161 60.71 45.24 -5.05
CA GLN A 161 61.34 45.32 -3.75
C GLN A 161 60.75 46.45 -2.92
N VAL A 162 60.46 47.58 -3.57
CA VAL A 162 59.93 48.70 -2.80
C VAL A 162 58.42 48.61 -2.61
N MET A 163 57.72 47.74 -3.35
CA MET A 163 56.39 47.36 -2.89
C MET A 163 56.40 46.29 -1.81
N ARG A 164 57.46 45.49 -1.76
CA ARG A 164 57.49 44.35 -0.85
C ARG A 164 57.87 44.78 0.56
N THR A 165 59.05 45.36 0.71
CA THR A 165 59.51 45.78 2.02
C THR A 165 59.38 47.27 2.24
N GLY A 166 58.78 47.99 1.29
CA GLY A 166 58.58 49.42 1.44
C GLY A 166 59.82 50.25 1.33
N ARG A 167 60.95 49.66 0.94
CA ARG A 167 62.22 50.36 0.88
C ARG A 167 63.19 49.55 0.03
N ILE A 168 64.16 50.23 -0.54
CA ILE A 168 65.15 49.62 -1.43
C ILE A 168 66.43 49.42 -0.64
N THR A 169 66.70 48.19 -0.26
CA THR A 169 67.93 47.86 0.45
C THR A 169 68.90 47.16 -0.51
N ILE A 170 70.12 47.66 -0.55
CA ILE A 170 71.19 47.06 -1.35
C ILE A 170 72.40 46.97 -0.43
N GLN A 171 72.71 45.80 0.00
CA GLN A 171 73.86 45.50 0.83
C GLN A 171 75.02 45.12 -0.05
N PRO A 172 76.27 45.13 0.45
CA PRO A 172 77.39 44.73 -0.41
C PRO A 172 77.52 43.26 -0.74
N ASN A 173 76.53 42.43 -0.45
CA ASN A 173 76.54 41.03 -0.85
C ASN A 173 75.30 40.67 -1.65
N ASP A 174 74.72 41.66 -2.33
CA ASP A 174 73.72 41.38 -3.37
C ASP A 174 74.39 40.56 -4.46
N PRO A 175 73.80 39.43 -4.88
CA PRO A 175 74.48 38.56 -5.87
C PRO A 175 74.74 39.19 -7.24
N TYR A 176 74.07 40.26 -7.61
CA TYR A 176 74.36 40.96 -8.85
C TYR A 176 74.97 42.33 -8.58
N ASN A 177 75.80 42.38 -7.54
CA ASN A 177 76.54 43.59 -7.16
C ASN A 177 77.96 43.18 -6.88
N PRO A 178 78.86 43.35 -7.84
CA PRO A 178 80.28 43.11 -7.57
C PRO A 178 80.84 44.25 -6.75
N ASN A 179 80.39 45.46 -7.10
CA ASN A 179 80.92 46.70 -6.52
C ASN A 179 80.64 46.79 -5.03
N GLY A 180 79.51 46.26 -4.59
CA GLY A 180 79.20 46.21 -3.18
C GLY A 180 78.84 47.55 -2.59
N LEU A 181 78.06 48.33 -3.31
CA LEU A 181 77.73 49.70 -2.93
C LEU A 181 76.54 49.65 -1.98
N LYS A 182 76.76 49.99 -0.71
CA LYS A 182 75.67 49.87 0.25
C LYS A 182 74.66 51.00 0.08
N TYR A 183 73.40 50.67 0.34
CA TYR A 183 72.26 51.54 0.05
C TYR A 183 71.08 51.16 0.93
N VAL A 184 70.61 52.11 1.73
CA VAL A 184 69.35 51.98 2.45
C VAL A 184 68.49 53.14 2.00
N ILE A 185 67.42 52.86 1.26
CA ILE A 185 66.58 53.91 0.70
C ILE A 185 65.17 53.67 1.19
N ASP A 186 64.77 54.41 2.22
CA ASP A 186 63.48 54.19 2.87
C ASP A 186 62.47 55.18 2.30
N TYR A 187 61.48 54.67 1.58
CA TYR A 187 60.47 55.58 1.02
C TYR A 187 59.42 56.00 2.04
N GLY A 188 59.44 55.44 3.24
CA GLY A 188 58.63 55.97 4.31
C GLY A 188 57.19 55.56 4.31
N VAL A 189 56.87 54.37 3.79
CA VAL A 189 55.51 53.87 3.91
C VAL A 189 55.27 53.47 5.36
N THR A 190 54.21 54.02 5.96
CA THR A 190 54.10 54.03 7.41
C THR A 190 53.67 52.68 7.97
N ASP A 191 52.46 52.25 7.63
CA ASP A 191 51.95 50.95 8.04
C ASP A 191 52.01 50.03 6.83
N ILE A 192 52.80 48.97 6.94
CA ILE A 192 53.05 48.10 5.80
C ILE A 192 52.45 46.71 6.00
N GLU A 193 52.08 46.35 7.22
CA GLU A 193 51.48 45.04 7.44
C GLU A 193 50.34 45.13 8.45
N LEU A 194 49.26 44.44 8.14
CA LEU A 194 48.08 44.42 9.00
C LEU A 194 48.24 43.32 10.03
N PRO A 195 48.31 43.64 11.32
CA PRO A 195 48.65 42.62 12.32
C PRO A 195 47.47 41.73 12.65
N LEU A 196 47.59 40.45 12.30
CA LEU A 196 46.65 39.44 12.77
C LEU A 196 47.28 38.64 13.89
N PRO A 197 46.69 38.63 15.08
CA PRO A 197 47.16 37.69 16.11
C PRO A 197 46.87 36.24 15.79
N GLN A 198 45.92 35.97 14.89
CA GLN A 198 45.65 34.62 14.43
C GLN A 198 45.21 34.69 12.98
N LYS A 199 45.38 33.59 12.28
CA LYS A 199 45.11 33.60 10.85
C LYS A 199 43.63 33.35 10.60
N PHE A 200 43.22 33.45 9.33
CA PHE A 200 41.83 33.21 8.98
C PHE A 200 41.45 31.74 9.15
N ASP A 201 42.40 30.84 8.95
CA ASP A 201 42.18 29.43 9.26
C ASP A 201 42.86 29.10 10.58
N ALA A 202 42.23 29.53 11.66
CA ALA A 202 42.71 29.24 13.01
C ALA A 202 41.66 28.34 13.67
N LYS A 203 41.82 27.03 13.48
CA LYS A 203 40.89 26.07 14.06
C LYS A 203 41.13 25.93 15.55
N ASP A 204 40.08 26.11 16.32
CA ASP A 204 40.11 25.91 17.76
C ASP A 204 38.92 25.04 18.18
N GLY A 205 39.17 24.12 19.11
CA GLY A 205 38.19 23.10 19.40
C GLY A 205 38.18 22.06 18.30
N ASN A 206 37.03 21.41 18.13
CA ASN A 206 36.85 20.46 17.03
C ASN A 206 36.91 21.16 15.66
N GLY A 207 35.94 22.03 15.35
CA GLY A 207 36.10 22.92 14.24
C GLY A 207 35.37 24.23 14.47
N ASN A 208 36.13 25.32 14.51
CA ASN A 208 35.64 26.67 14.69
C ASN A 208 36.68 27.60 14.06
N SER A 209 36.58 28.89 14.36
CA SER A 209 37.54 29.84 13.82
C SER A 209 37.64 31.03 14.75
N ALA A 210 38.87 31.41 15.08
CA ALA A 210 39.06 32.53 15.98
C ALA A 210 38.83 33.88 15.32
N VAL A 211 38.72 33.93 14.00
CA VAL A 211 38.42 35.15 13.28
C VAL A 211 37.78 34.78 11.95
N ASP A 212 37.03 35.71 11.39
CA ASP A 212 36.48 35.61 10.06
C ASP A 212 37.03 36.71 9.17
N PRO A 213 37.20 36.47 7.88
CA PRO A 213 37.76 37.50 7.01
C PRO A 213 36.75 38.60 6.71
N ILE A 214 35.46 38.26 6.73
CA ILE A 214 34.48 39.20 6.21
C ILE A 214 34.17 40.29 7.21
N GLN A 215 34.01 39.93 8.48
CA GLN A 215 33.84 40.96 9.52
C GLN A 215 35.13 41.73 9.73
N TYR A 216 36.29 41.09 9.51
CA TYR A 216 37.58 41.78 9.62
C TYR A 216 37.73 42.85 8.55
N PHE A 217 37.35 42.53 7.32
CA PHE A 217 37.46 43.53 6.28
C PHE A 217 36.35 44.56 6.34
N ARG A 218 35.18 44.21 6.89
CA ARG A 218 34.20 45.25 7.19
C ARG A 218 34.69 46.17 8.29
N ASP A 219 35.47 45.66 9.24
CA ASP A 219 36.05 46.52 10.25
C ASP A 219 37.13 47.41 9.66
N LEU A 220 37.91 46.90 8.71
CA LEU A 220 38.92 47.74 8.07
C LEU A 220 38.28 48.80 7.18
N ILE A 221 37.10 48.53 6.63
CA ILE A 221 36.40 49.61 5.94
C ILE A 221 35.78 50.58 6.93
N LYS A 222 35.20 50.06 8.02
CA LYS A 222 34.40 50.90 8.92
C LYS A 222 35.29 51.80 9.77
N ALA A 223 36.44 51.32 10.22
CA ALA A 223 37.37 52.12 11.00
C ALA A 223 38.16 53.10 10.16
N ALA A 224 37.90 53.17 8.86
CA ALA A 224 38.36 54.23 8.00
C ALA A 224 37.19 54.78 7.20
N THR A 225 36.03 54.86 7.84
CA THR A 225 34.91 55.59 7.25
C THR A 225 35.23 57.08 7.19
N TYR A 226 35.79 57.63 8.26
CA TYR A 226 36.17 59.03 8.27
C TYR A 226 37.61 59.27 7.87
N PHE A 227 38.43 58.24 7.77
CA PHE A 227 39.77 58.37 7.21
C PHE A 227 39.67 58.00 5.73
N PRO A 228 39.73 58.98 4.81
CA PRO A 228 39.54 58.64 3.40
C PRO A 228 40.73 57.93 2.77
N ASP A 229 41.95 58.25 3.20
CA ASP A 229 43.16 57.69 2.61
C ASP A 229 43.62 56.42 3.30
N ARG A 230 42.71 55.65 3.87
CA ARG A 230 43.05 54.35 4.44
C ARG A 230 42.03 53.26 4.11
N ARG A 231 40.80 53.60 3.77
CA ARG A 231 39.69 52.67 3.55
C ARG A 231 39.94 51.77 2.35
N PRO A 232 40.24 50.49 2.55
CA PRO A 232 40.79 49.68 1.46
C PRO A 232 39.75 49.30 0.42
N VAL A 233 40.15 49.39 -0.85
CA VAL A 233 39.24 49.18 -1.98
C VAL A 233 39.48 47.84 -2.64
N ALA A 234 40.67 47.62 -3.19
CA ALA A 234 40.97 46.37 -3.87
C ALA A 234 41.76 45.45 -2.97
N ILE A 235 42.02 44.24 -3.47
CA ILE A 235 42.93 43.30 -2.82
C ILE A 235 43.51 42.40 -3.89
N ILE A 236 44.71 41.87 -3.64
CA ILE A 236 45.41 41.00 -4.58
C ILE A 236 45.83 39.75 -3.82
N VAL A 237 45.61 38.57 -4.41
CA VAL A 237 46.02 37.33 -3.77
C VAL A 237 46.53 36.35 -4.81
N GLY A 238 47.71 35.79 -4.56
CA GLY A 238 48.38 34.91 -5.49
C GLY A 238 47.86 33.50 -5.60
N PRO A 239 48.01 32.70 -4.53
CA PRO A 239 47.59 31.29 -4.60
C PRO A 239 46.09 31.08 -4.60
N GLY A 240 45.68 29.83 -4.47
CA GLY A 240 44.29 29.51 -4.22
C GLY A 240 43.83 30.13 -2.94
N PHE A 241 42.94 31.12 -3.04
CA PHE A 241 42.41 31.81 -1.88
C PHE A 241 41.06 31.26 -1.47
N ASP A 242 40.37 30.56 -2.38
CA ASP A 242 39.12 29.91 -2.04
C ASP A 242 39.34 28.74 -1.08
N GLU A 243 40.53 28.16 -1.07
CA GLU A 243 40.80 27.00 -0.23
C GLU A 243 40.98 27.39 1.23
N VAL A 244 41.16 28.66 1.53
CA VAL A 244 41.08 29.12 2.91
C VAL A 244 39.65 29.51 3.25
N LEU A 245 38.91 30.08 2.29
CA LEU A 245 37.58 30.58 2.54
C LEU A 245 36.57 29.46 2.74
N ALA A 246 36.72 28.36 1.99
CA ALA A 246 35.77 27.27 2.08
C ALA A 246 35.89 26.52 3.40
N ASP A 247 37.09 26.42 3.95
CA ASP A 247 37.32 25.70 5.19
C ASP A 247 37.01 26.52 6.43
N ASN A 248 36.40 27.68 6.29
CA ASN A 248 36.22 28.61 7.39
C ASN A 248 34.78 28.58 7.85
N THR A 249 34.59 28.53 9.18
CA THR A 249 33.28 28.25 9.76
C THR A 249 32.28 29.37 9.48
N PHE A 250 32.71 30.62 9.63
CA PHE A 250 31.81 31.75 9.45
C PHE A 250 31.41 31.92 7.99
N VAL A 251 32.34 31.68 7.07
CA VAL A 251 32.03 31.77 5.65
C VAL A 251 31.13 30.62 5.25
N GLN A 252 31.31 29.45 5.87
CA GLN A 252 30.37 28.35 5.69
C GLN A 252 28.97 28.74 6.15
N LYS A 253 28.87 29.43 7.28
CA LYS A 253 27.56 29.86 7.76
C LYS A 253 26.97 30.95 6.88
N TYR A 254 27.80 31.76 6.22
CA TYR A 254 27.25 32.76 5.32
C TYR A 254 26.74 32.13 4.02
N VAL A 255 27.45 31.12 3.51
CA VAL A 255 26.93 30.38 2.36
C VAL A 255 25.65 29.64 2.73
N GLU A 256 25.60 29.10 3.94
CA GLU A 256 24.39 28.43 4.42
C GLU A 256 23.24 29.41 4.63
N TYR A 257 23.54 30.68 4.92
CA TYR A 257 22.49 31.68 4.88
C TYR A 257 22.04 31.96 3.45
N GLU A 258 22.99 32.08 2.53
CA GLU A 258 22.68 32.61 1.20
C GLU A 258 21.80 31.67 0.39
N LYS A 259 22.07 30.37 0.46
CA LYS A 259 21.32 29.41 -0.32
C LYS A 259 20.24 28.68 0.47
N GLY A 260 20.12 28.97 1.76
CA GLY A 260 19.05 28.40 2.58
C GLY A 260 19.21 26.92 2.81
N TRP A 261 20.26 26.54 3.54
CA TRP A 261 20.61 25.14 3.74
C TRP A 261 20.64 24.83 5.23
N VAL A 262 19.48 24.51 5.78
CA VAL A 262 19.45 23.87 7.08
C VAL A 262 19.96 22.45 6.91
N VAL A 263 20.93 22.07 7.75
CA VAL A 263 21.54 20.75 7.60
C VAL A 263 20.62 19.64 8.04
N GLY A 264 19.59 19.94 8.82
CA GLY A 264 18.64 18.93 9.22
C GLY A 264 17.46 18.84 8.29
N GLN A 265 16.79 19.96 8.05
CA GLN A 265 15.52 19.92 7.33
C GLN A 265 15.72 19.78 5.83
N ASN A 266 16.39 20.76 5.21
CA ASN A 266 16.40 20.86 3.75
C ASN A 266 17.27 19.78 3.12
N THR A 267 18.56 19.83 3.39
CA THR A 267 19.53 18.95 2.74
C THR A 267 20.54 18.55 3.80
N VAL A 268 21.16 17.37 3.63
CA VAL A 268 21.96 16.76 4.68
C VAL A 268 23.19 17.59 5.00
N GLN A 269 24.10 17.72 4.04
CA GLN A 269 25.24 18.63 4.11
C GLN A 269 25.82 18.77 2.71
N PRO A 270 26.04 19.99 2.23
CA PRO A 270 26.67 20.15 0.93
C PRO A 270 28.14 19.76 1.00
N PRO A 271 28.72 19.33 -0.11
CA PRO A 271 30.17 19.09 -0.14
C PRO A 271 30.93 20.41 -0.19
N ARG A 272 32.24 20.31 0.11
CA ARG A 272 33.11 21.47 0.23
C ARG A 272 33.29 22.19 -1.10
N GLU A 273 33.19 21.45 -2.20
CA GLU A 273 33.26 22.05 -3.53
C GLU A 273 32.10 23.01 -3.76
N VAL A 274 30.93 22.71 -3.19
CA VAL A 274 29.79 23.59 -3.38
C VAL A 274 29.94 24.85 -2.54
N TYR A 275 30.69 24.76 -1.44
CA TYR A 275 31.09 25.98 -0.71
C TYR A 275 32.02 26.83 -1.56
N ARG A 276 33.14 26.25 -2.01
CA ARG A 276 34.15 27.05 -2.70
C ARG A 276 33.77 27.45 -4.12
N GLN A 277 32.66 26.94 -4.66
CA GLN A 277 32.21 27.46 -5.95
C GLN A 277 31.59 28.84 -5.84
N ALA A 278 31.20 29.30 -4.65
CA ALA A 278 30.61 30.61 -4.52
C ALA A 278 31.09 31.36 -3.28
N ALA A 279 32.10 30.82 -2.57
CA ALA A 279 32.60 31.48 -1.36
C ALA A 279 33.20 32.85 -1.65
N LEU A 280 33.99 32.97 -2.71
CA LEU A 280 34.58 34.27 -3.00
C LEU A 280 33.55 35.23 -3.59
N ASP A 281 32.51 34.72 -4.23
CA ASP A 281 31.46 35.61 -4.71
C ASP A 281 30.67 36.19 -3.54
N ILE A 282 30.36 35.36 -2.54
CA ILE A 282 29.70 35.87 -1.34
C ILE A 282 30.61 36.80 -0.55
N PHE A 283 31.93 36.52 -0.57
CA PHE A 283 32.92 37.43 0.02
C PHE A 283 32.91 38.79 -0.67
N LYS A 284 32.98 38.79 -2.00
CA LYS A 284 33.06 40.01 -2.79
C LYS A 284 31.76 40.80 -2.72
N ARG A 285 30.64 40.13 -2.48
CA ARG A 285 29.38 40.88 -2.38
C ARG A 285 29.17 41.44 -0.98
N TYR A 286 29.33 40.61 0.06
CA TYR A 286 29.07 41.10 1.41
C TYR A 286 30.14 42.05 1.91
N THR A 287 31.34 42.01 1.32
CA THR A 287 32.42 42.84 1.83
C THR A 287 32.58 44.15 1.09
N GLY A 288 32.60 44.10 -0.24
CA GLY A 288 32.79 45.27 -1.05
C GLY A 288 34.17 45.42 -1.63
N LEU A 289 35.14 44.66 -1.12
CA LEU A 289 36.47 44.63 -1.71
C LEU A 289 36.43 44.00 -3.09
N GLU A 290 37.33 44.47 -3.96
CA GLU A 290 37.45 43.95 -5.31
C GLU A 290 38.69 43.06 -5.35
N VAL A 291 38.52 41.82 -5.78
CA VAL A 291 39.57 40.81 -5.74
C VAL A 291 40.13 40.62 -7.15
N MET A 292 41.45 40.70 -7.26
CA MET A 292 42.16 40.41 -8.50
C MET A 292 43.30 39.44 -8.17
N VAL A 293 43.22 38.23 -8.69
CA VAL A 293 44.23 37.22 -8.39
C VAL A 293 45.49 37.50 -9.18
N TYR A 294 46.59 36.88 -8.74
CA TYR A 294 47.86 36.99 -9.46
C TYR A 294 48.58 35.64 -9.39
N ASP A 295 48.30 34.78 -10.37
CA ASP A 295 48.83 33.43 -10.39
C ASP A 295 50.03 33.37 -11.33
N LYS A 296 51.16 33.89 -10.84
CA LYS A 296 52.42 33.79 -11.55
C LYS A 296 53.50 33.31 -10.60
N THR A 297 54.49 32.60 -11.18
CA THR A 297 55.47 31.82 -10.44
C THR A 297 56.87 32.26 -10.84
N TYR A 298 57.86 31.82 -10.07
CA TYR A 298 59.25 31.96 -10.47
C TYR A 298 60.09 30.91 -9.75
N ARG A 299 61.02 30.30 -10.48
CA ARG A 299 62.00 29.40 -9.88
C ARG A 299 62.90 30.17 -8.92
N ASP A 300 63.42 29.46 -7.94
CA ASP A 300 64.29 30.09 -6.94
C ASP A 300 65.69 29.51 -7.05
N GLN A 301 66.53 29.83 -6.07
CA GLN A 301 67.85 29.24 -5.99
C GLN A 301 67.82 27.79 -5.53
N ASP A 302 66.66 27.29 -5.09
CA ASP A 302 66.51 25.93 -4.61
C ASP A 302 65.87 25.00 -5.63
N GLY A 303 65.34 25.54 -6.73
CA GLY A 303 64.61 24.77 -7.70
C GLY A 303 63.13 24.67 -7.44
N SER A 304 62.69 24.89 -6.20
CA SER A 304 61.29 24.80 -5.85
C SER A 304 60.53 26.03 -6.33
N VAL A 305 59.38 25.81 -6.95
CA VAL A 305 58.58 26.91 -7.47
C VAL A 305 57.89 27.64 -6.33
N LYS A 306 58.12 28.95 -6.24
CA LYS A 306 57.47 29.79 -5.25
C LYS A 306 56.79 30.94 -5.95
N TYR A 307 55.62 31.33 -5.45
CA TYR A 307 54.83 32.36 -6.09
C TYR A 307 55.44 33.75 -5.85
N TRP A 308 54.98 34.72 -6.64
CA TRP A 308 55.50 36.08 -6.52
C TRP A 308 54.95 36.77 -5.29
N ILE A 309 53.65 37.01 -5.26
CA ILE A 309 52.96 37.31 -4.01
C ILE A 309 52.89 35.98 -3.29
N PRO A 310 53.65 35.80 -2.21
CA PRO A 310 53.90 34.46 -1.68
C PRO A 310 52.68 33.87 -1.00
N VAL A 311 52.75 32.56 -0.81
CA VAL A 311 51.59 31.80 -0.35
C VAL A 311 51.36 32.07 1.14
N GLY A 312 50.11 32.36 1.49
CA GLY A 312 49.80 32.76 2.84
C GLY A 312 49.88 34.26 3.09
N GLU A 313 50.02 35.06 2.05
CA GLU A 313 49.98 36.51 2.18
C GLU A 313 49.11 37.08 1.08
N LEU A 314 48.60 38.28 1.32
CA LEU A 314 47.86 38.99 0.28
C LEU A 314 48.03 40.48 0.49
N ILE A 315 48.35 41.20 -0.56
CA ILE A 315 48.53 42.64 -0.49
C ILE A 315 47.18 43.28 -0.73
N VAL A 316 46.95 44.44 -0.11
CA VAL A 316 45.65 45.11 -0.18
C VAL A 316 45.87 46.57 -0.60
N LEU A 317 45.21 46.97 -1.68
CA LEU A 317 45.24 48.35 -2.12
C LEU A 317 44.30 49.18 -1.26
N ASN A 318 44.76 50.36 -0.85
CA ASN A 318 43.96 51.14 0.09
C ASN A 318 43.05 52.15 -0.61
N GLN A 319 43.63 53.17 -1.22
CA GLN A 319 42.78 54.32 -1.50
C GLN A 319 42.02 54.19 -2.81
N SER A 320 42.73 53.93 -3.91
CA SER A 320 42.07 53.70 -5.18
C SER A 320 42.96 52.81 -6.03
N THR A 321 42.33 51.99 -6.86
CA THR A 321 43.06 51.10 -7.74
C THR A 321 43.60 51.94 -8.89
N GLY A 322 44.79 52.46 -8.70
CA GLY A 322 45.42 53.29 -9.70
C GLY A 322 46.92 53.12 -9.69
N PRO A 323 47.61 53.86 -10.54
CA PRO A 323 49.07 53.81 -10.51
C PRO A 323 49.62 54.51 -9.28
N VAL A 324 50.07 53.73 -8.30
CA VAL A 324 50.75 54.30 -7.16
C VAL A 324 52.17 54.68 -7.58
N GLY A 325 52.54 55.92 -7.37
CA GLY A 325 53.88 56.32 -7.71
C GLY A 325 54.14 56.40 -9.21
N ARG A 326 55.42 56.54 -9.52
CA ARG A 326 55.90 56.40 -10.88
C ARG A 326 57.38 56.01 -10.81
N PHE A 327 57.88 55.42 -11.88
CA PHE A 327 59.29 55.11 -12.00
C PHE A 327 59.93 56.14 -12.92
N VAL A 328 60.94 56.83 -12.42
CA VAL A 328 61.46 58.02 -13.09
C VAL A 328 62.84 57.72 -13.62
N TYR A 329 62.98 57.65 -14.94
CA TYR A 329 64.29 57.65 -15.54
C TYR A 329 64.83 59.07 -15.53
N THR A 330 66.14 59.22 -15.35
CA THR A 330 66.79 60.52 -15.42
C THR A 330 67.79 60.53 -16.57
N ALA A 331 68.59 61.57 -16.63
CA ALA A 331 69.37 61.88 -17.82
C ALA A 331 70.76 61.27 -17.74
N HIS A 332 71.18 60.64 -18.83
CA HIS A 332 72.54 60.20 -19.07
C HIS A 332 73.12 60.97 -20.25
N VAL A 333 74.36 60.66 -20.59
CA VAL A 333 75.14 61.45 -21.54
C VAL A 333 75.20 60.74 -22.88
N ALA A 334 74.73 61.41 -23.93
CA ALA A 334 75.04 61.03 -25.31
C ALA A 334 76.12 61.96 -25.84
N GLY A 335 76.67 61.62 -27.01
CA GLY A 335 77.87 62.32 -27.44
C GLY A 335 77.82 63.20 -28.67
N GLN A 336 77.85 64.52 -28.46
CA GLN A 336 78.19 65.54 -29.46
C GLN A 336 77.24 65.50 -30.66
N ARG A 337 76.00 65.89 -30.42
CA ARG A 337 75.07 66.13 -31.52
C ARG A 337 75.58 67.26 -32.40
N ASN A 338 76.01 68.34 -31.76
CA ASN A 338 76.74 69.43 -32.40
C ASN A 338 77.85 69.76 -31.42
N GLY A 339 78.50 70.92 -31.57
CA GLY A 339 79.57 71.31 -30.64
C GLY A 339 79.12 71.39 -29.19
N LYS A 340 77.84 71.66 -28.96
CA LYS A 340 77.23 71.52 -27.65
C LYS A 340 76.68 70.12 -27.48
N VAL A 341 76.83 69.56 -26.26
CA VAL A 341 76.55 68.14 -26.06
C VAL A 341 75.04 67.92 -25.97
N VAL A 342 74.64 66.65 -26.08
CA VAL A 342 73.23 66.28 -26.07
C VAL A 342 73.04 65.17 -25.03
N TYR A 343 71.80 65.04 -24.56
CA TYR A 343 71.46 64.09 -23.52
C TYR A 343 70.23 63.30 -23.92
N ALA A 344 69.99 62.21 -23.20
CA ALA A 344 68.76 61.44 -23.31
C ALA A 344 68.53 60.74 -21.99
N THR A 345 67.30 60.24 -21.81
CA THR A 345 66.90 59.61 -20.55
C THR A 345 66.94 58.09 -20.57
N GLY A 346 66.47 57.47 -21.65
CA GLY A 346 66.13 56.06 -21.66
C GLY A 346 67.30 55.11 -21.46
N PRO A 347 67.01 53.82 -21.35
CA PRO A 347 68.08 52.85 -21.17
C PRO A 347 68.92 52.67 -22.42
N TYR A 348 70.12 53.23 -22.39
CA TYR A 348 70.94 53.37 -23.57
C TYR A 348 71.77 52.14 -23.80
N LEU A 349 71.95 51.78 -25.06
CA LEU A 349 72.84 50.71 -25.46
C LEU A 349 73.69 51.21 -26.62
N THR A 350 75.01 51.10 -26.46
CA THR A 350 75.94 51.48 -27.51
C THR A 350 76.88 50.33 -27.80
N VAL A 351 77.47 50.35 -28.98
CA VAL A 351 78.45 49.35 -29.39
C VAL A 351 79.83 49.98 -29.38
N LYS A 352 80.84 49.13 -29.23
CA LYS A 352 82.24 49.54 -29.28
C LYS A 352 82.91 48.66 -30.32
N ASP A 353 82.89 49.08 -31.58
CA ASP A 353 83.64 48.38 -32.59
C ASP A 353 85.12 48.72 -32.47
N HIS A 354 85.95 47.69 -32.47
CA HIS A 354 87.38 47.86 -32.51
C HIS A 354 87.96 46.84 -33.47
N LEU A 355 87.21 46.57 -34.54
CA LEU A 355 87.53 45.50 -35.47
C LEU A 355 88.57 45.90 -36.50
N GLN A 356 89.26 47.00 -36.31
CA GLN A 356 90.39 47.38 -37.13
C GLN A 356 91.69 47.42 -36.36
N ASP A 357 91.66 47.56 -35.05
CA ASP A 357 92.85 47.70 -34.25
C ASP A 357 93.54 46.37 -34.03
N ASP A 358 94.70 46.44 -33.38
CA ASP A 358 95.38 45.25 -32.88
C ASP A 358 94.51 44.57 -31.82
N PRO A 359 94.75 43.30 -31.51
CA PRO A 359 93.74 42.24 -31.77
C PRO A 359 92.32 42.73 -31.61
N PRO A 360 91.51 42.61 -32.66
CA PRO A 360 90.19 43.23 -32.66
C PRO A 360 89.24 42.64 -31.64
N TYR A 361 88.74 43.51 -30.78
CA TYR A 361 87.68 43.17 -29.83
C TYR A 361 86.44 43.97 -30.20
N TYR A 362 85.37 43.69 -29.48
CA TYR A 362 84.08 44.25 -29.84
C TYR A 362 83.19 44.23 -28.61
N ALA A 363 82.76 45.41 -28.17
CA ALA A 363 82.07 45.51 -26.89
C ALA A 363 80.74 46.21 -27.05
N ILE A 364 79.86 45.94 -26.10
CA ILE A 364 78.54 46.53 -26.01
C ILE A 364 78.29 46.94 -24.56
N ILE A 365 77.72 48.13 -24.37
CA ILE A 365 77.58 48.72 -23.05
C ILE A 365 76.14 49.20 -22.92
N ALA A 366 75.42 48.66 -21.94
CA ALA A 366 74.03 49.03 -21.72
C ALA A 366 73.82 49.39 -20.26
N GLY A 367 72.90 50.32 -20.03
CA GLY A 367 72.56 50.76 -18.69
C GLY A 367 71.62 51.94 -18.75
N PHE A 368 71.27 52.46 -17.57
CA PHE A 368 70.38 53.61 -17.47
C PHE A 368 70.61 54.35 -16.16
N HIS A 369 69.74 55.33 -15.90
CA HIS A 369 69.78 56.18 -14.69
C HIS A 369 68.34 56.38 -14.22
N GLY A 370 67.96 55.69 -13.15
CA GLY A 370 66.60 55.83 -12.67
C GLY A 370 66.47 55.43 -11.22
N LEU A 371 65.25 55.63 -10.69
CA LEU A 371 64.78 55.25 -9.36
C LEU A 371 63.28 55.50 -9.31
N PRO A 372 62.49 54.68 -8.62
CA PRO A 372 61.06 54.97 -8.50
C PRO A 372 60.80 56.07 -7.49
N GLN A 373 59.62 56.65 -7.60
CA GLN A 373 59.19 57.70 -6.67
C GLN A 373 57.71 57.53 -6.41
N LEU A 374 57.34 57.44 -5.14
CA LEU A 374 55.93 57.39 -4.77
C LEU A 374 55.27 58.74 -5.01
N SER A 375 54.00 58.70 -5.43
CA SER A 375 53.38 59.86 -6.07
C SER A 375 52.95 60.91 -5.06
N GLY A 376 52.00 60.57 -4.20
CA GLY A 376 51.43 61.57 -3.34
C GLY A 376 51.40 61.17 -1.89
N TYR A 377 52.17 61.88 -1.07
CA TYR A 377 52.07 61.67 0.36
C TYR A 377 50.90 62.49 0.90
N ASN A 378 50.50 62.16 2.12
CA ASN A 378 49.45 62.92 2.77
C ASN A 378 50.01 64.25 3.23
N THR A 379 49.14 65.25 3.33
CA THR A 379 49.57 66.61 3.66
C THR A 379 49.46 66.94 5.13
N GLU A 380 48.43 66.42 5.80
CA GLU A 380 48.22 66.75 7.21
C GLU A 380 49.26 66.07 8.09
N ASP A 381 49.26 64.75 8.08
CA ASP A 381 50.41 63.97 8.54
C ASP A 381 51.22 63.55 7.32
N PHE A 382 52.48 63.22 7.54
CA PHE A 382 53.38 62.92 6.44
C PHE A 382 53.42 61.45 6.09
N SER A 383 52.33 60.72 6.32
CA SER A 383 52.29 59.29 6.10
C SER A 383 52.04 58.99 4.62
N PHE A 384 52.02 57.70 4.30
CA PHE A 384 51.67 57.23 2.96
C PHE A 384 51.05 55.85 3.08
N HIS A 385 49.82 55.72 2.60
CA HIS A 385 49.05 54.49 2.78
C HIS A 385 48.39 54.13 1.46
N ARG A 386 48.99 53.20 0.72
CA ARG A 386 48.40 52.69 -0.50
C ARG A 386 48.45 51.18 -0.61
N PHE A 387 49.38 50.51 0.09
CA PHE A 387 49.45 49.06 0.02
C PHE A 387 49.94 48.51 1.35
N LYS A 388 49.36 47.38 1.77
CA LYS A 388 49.72 46.74 3.03
C LYS A 388 49.74 45.23 2.82
N TRP A 389 50.69 44.56 3.48
CA TRP A 389 50.88 43.12 3.32
C TRP A 389 50.21 42.39 4.49
N LEU A 390 49.10 41.74 4.21
CA LEU A 390 48.39 40.95 5.21
C LEU A 390 48.71 39.48 5.03
N LYS A 391 49.01 38.79 6.14
CA LYS A 391 49.31 37.36 6.15
C LYS A 391 48.03 36.63 6.57
N TYR A 392 47.19 36.30 5.59
CA TYR A 392 45.83 35.88 5.91
C TYR A 392 45.78 34.48 6.51
N ALA A 393 46.60 33.56 6.00
CA ALA A 393 46.59 32.20 6.50
C ALA A 393 48.01 31.76 6.80
N ASN A 394 48.12 30.79 7.71
CA ASN A 394 49.45 30.36 8.12
C ASN A 394 50.06 29.43 7.09
N ASN A 395 49.27 28.55 6.48
CA ASN A 395 49.81 27.60 5.50
C ASN A 395 48.71 27.19 4.53
N VAL A 396 48.73 27.80 3.34
CA VAL A 396 47.89 27.40 2.23
C VAL A 396 48.64 26.39 1.33
N GLN A 397 49.83 25.98 1.75
CA GLN A 397 50.68 25.13 0.93
C GLN A 397 50.11 23.74 0.76
N SER A 398 49.37 23.25 1.76
CA SER A 398 48.77 21.92 1.69
C SER A 398 47.54 21.87 0.80
N TYR A 399 47.10 23.00 0.25
CA TYR A 399 45.91 23.07 -0.59
C TYR A 399 46.26 23.27 -2.05
N LEU A 400 47.52 23.07 -2.43
CA LEU A 400 48.00 23.42 -3.76
C LEU A 400 48.64 22.22 -4.42
N PRO A 401 48.52 22.11 -5.74
CA PRO A 401 49.27 21.08 -6.46
C PRO A 401 50.75 21.41 -6.49
N PRO A 402 51.61 20.40 -6.61
CA PRO A 402 53.05 20.68 -6.71
C PRO A 402 53.51 20.93 -8.14
N PHE A 403 54.80 21.12 -8.33
CA PHE A 403 55.38 21.52 -9.60
C PHE A 403 56.56 20.63 -9.97
N PRO A 404 56.83 20.42 -11.25
CA PRO A 404 58.00 19.61 -11.65
C PRO A 404 59.29 20.36 -11.42
N PRO A 405 60.35 19.66 -11.03
CA PRO A 405 61.65 20.32 -10.88
C PRO A 405 62.24 20.65 -12.25
N LYS A 406 63.18 21.59 -12.24
CA LYS A 406 63.85 21.98 -13.47
C LYS A 406 64.85 20.91 -13.86
N VAL A 407 64.80 20.47 -15.11
CA VAL A 407 65.71 19.46 -15.62
C VAL A 407 66.93 20.15 -16.21
N GLU A 408 68.11 19.76 -15.73
CA GLU A 408 69.34 20.43 -16.14
C GLU A 408 69.74 20.10 -17.56
N LEU A 409 69.26 18.98 -18.11
CA LEU A 409 69.73 18.48 -19.39
C LEU A 409 68.89 19.02 -20.53
N MET B 1 39.99 84.01 10.64
CA MET B 1 41.15 84.87 10.59
C MET B 1 42.37 84.10 10.16
N ARG B 2 42.84 84.36 8.95
CA ARG B 2 44.01 83.70 8.39
C ARG B 2 45.24 84.56 8.58
N VAL B 3 46.39 83.97 8.32
CA VAL B 3 47.64 84.74 8.31
C VAL B 3 47.64 85.68 7.13
N PRO B 4 48.01 86.96 7.31
CA PRO B 4 48.16 87.84 6.15
C PRO B 4 49.38 87.46 5.33
N ILE B 5 49.23 86.49 4.45
CA ILE B 5 50.35 85.96 3.69
C ILE B 5 49.99 85.99 2.22
N ASN B 6 51.00 86.16 1.37
CA ASN B 6 50.85 85.88 -0.05
C ASN B 6 51.39 84.49 -0.30
N ILE B 7 50.74 83.77 -1.21
CA ILE B 7 50.99 82.33 -1.33
C ILE B 7 52.27 82.07 -2.11
N ASN B 8 52.31 82.54 -3.36
CA ASN B 8 53.39 82.19 -4.26
C ASN B 8 54.71 82.81 -3.82
N ASN B 9 54.67 83.99 -3.23
CA ASN B 9 55.90 84.62 -2.79
C ASN B 9 56.47 83.92 -1.55
N ALA B 10 55.62 83.59 -0.59
CA ALA B 10 56.12 82.84 0.56
C ALA B 10 56.44 81.40 0.24
N LEU B 11 56.03 80.91 -0.93
CA LEU B 11 56.38 79.58 -1.39
C LEU B 11 57.61 79.57 -2.29
N ALA B 12 57.97 80.71 -2.90
CA ALA B 12 59.13 80.78 -3.76
C ALA B 12 60.29 81.56 -3.18
N ARG B 13 60.12 82.19 -2.01
CA ARG B 13 61.20 82.87 -1.33
C ARG B 13 61.76 82.04 -0.18
N VAL B 14 61.52 80.73 -0.20
CA VAL B 14 61.90 79.87 0.92
C VAL B 14 63.40 79.65 0.93
N ARG B 15 64.00 79.56 -0.26
CA ARG B 15 65.19 78.76 -0.46
C ARG B 15 66.44 79.55 -0.07
N ASP B 16 67.59 78.95 -0.31
CA ASP B 16 68.85 79.61 -0.06
C ASP B 16 69.47 80.14 -1.35
N PRO B 17 70.11 81.29 -1.30
CA PRO B 17 70.77 81.82 -2.49
C PRO B 17 72.23 81.38 -2.62
N LEU B 18 72.65 80.35 -1.91
CA LEU B 18 74.01 79.85 -2.02
C LEU B 18 74.07 78.45 -2.61
N SER B 19 73.49 77.46 -1.91
CA SER B 19 73.20 76.11 -2.40
C SER B 19 74.42 75.39 -3.01
N ILE B 20 75.58 75.58 -2.41
CA ILE B 20 76.80 74.87 -2.83
C ILE B 20 77.44 74.26 -1.59
N GLY B 21 77.16 73.00 -1.32
CA GLY B 21 77.98 72.28 -0.37
C GLY B 21 78.42 70.89 -0.80
N GLY B 22 77.67 70.27 -1.69
CA GLY B 22 77.87 68.85 -1.94
C GLY B 22 79.01 68.52 -2.87
N LEU B 23 78.86 68.91 -4.14
CA LEU B 23 79.81 68.58 -5.17
C LEU B 23 80.66 69.78 -5.53
N LYS B 24 80.51 70.87 -4.78
CA LYS B 24 81.19 72.16 -4.97
C LYS B 24 80.82 72.79 -6.31
N PHE B 25 79.60 72.51 -6.79
CA PHE B 25 78.96 73.26 -7.85
C PHE B 25 77.45 73.06 -7.73
N PRO B 26 76.64 74.00 -8.21
CA PRO B 26 75.18 73.81 -8.14
C PRO B 26 74.70 72.83 -9.20
N THR B 27 73.87 71.88 -8.77
CA THR B 27 73.38 70.83 -9.64
C THR B 27 71.99 71.15 -10.20
N THR B 28 71.64 70.46 -11.27
CA THR B 28 70.30 70.58 -11.83
C THR B 28 69.29 69.92 -10.91
N LYS B 29 68.09 70.50 -10.87
CA LYS B 29 67.00 69.88 -10.13
C LYS B 29 65.68 70.40 -10.70
N GLU B 30 64.68 69.53 -10.72
CA GLU B 30 63.33 69.90 -11.08
C GLU B 30 62.54 70.11 -9.80
N ILE B 31 61.72 71.15 -9.78
CA ILE B 31 61.09 71.57 -8.54
C ILE B 31 59.59 71.66 -8.77
N GLN B 32 58.82 71.49 -7.70
CA GLN B 32 57.38 71.35 -7.82
C GLN B 32 56.76 71.66 -6.48
N GLU B 33 55.86 72.65 -6.44
CA GLU B 33 55.25 73.06 -5.19
C GLU B 33 53.76 72.76 -5.18
N ALA B 34 53.19 72.78 -3.98
CA ALA B 34 51.75 72.62 -3.78
C ALA B 34 51.41 73.14 -2.40
N VAL B 35 50.16 73.57 -2.22
CA VAL B 35 49.71 74.15 -0.98
C VAL B 35 48.65 73.27 -0.35
N ALA B 36 48.58 73.30 0.97
CA ALA B 36 47.64 72.51 1.74
C ALA B 36 46.85 73.42 2.66
N ALA B 37 45.53 73.34 2.57
CA ALA B 37 44.64 74.16 3.39
C ALA B 37 44.08 73.30 4.50
N ILE B 38 44.79 73.26 5.63
CA ILE B 38 44.34 72.47 6.78
C ILE B 38 43.19 73.20 7.45
N ALA B 39 42.05 72.53 7.56
CA ALA B 39 40.88 73.08 8.23
C ALA B 39 40.04 71.94 8.77
N ASP B 40 39.56 72.09 9.99
CA ASP B 40 38.77 71.04 10.63
C ASP B 40 37.33 71.16 10.17
N LYS B 41 36.84 70.12 9.47
CA LYS B 41 35.49 70.14 8.94
C LYS B 41 34.46 69.70 9.96
N PHE B 42 34.86 68.89 10.93
CA PHE B 42 33.93 68.23 11.84
C PHE B 42 33.44 69.12 12.96
N ASN B 43 33.65 70.42 12.87
CA ASN B 43 33.06 71.36 13.84
C ASN B 43 31.78 71.95 13.26
N GLN B 44 30.80 71.08 13.07
CA GLN B 44 29.54 71.52 12.49
C GLN B 44 28.71 72.26 13.53
N GLU B 45 27.85 73.14 13.04
CA GLU B 45 26.99 73.91 13.91
C GLU B 45 25.68 73.18 14.15
N ASN B 46 25.10 73.42 15.32
CA ASN B 46 23.78 72.91 15.62
C ASN B 46 22.75 73.63 14.76
N ASP B 47 21.81 72.87 14.19
CA ASP B 47 21.02 73.42 13.09
C ASP B 47 19.51 73.22 13.24
N LEU B 48 19.08 72.17 13.95
CA LEU B 48 17.65 71.92 14.08
C LEU B 48 16.96 72.94 14.98
N VAL B 49 17.72 73.65 15.80
CA VAL B 49 17.09 74.45 16.82
C VAL B 49 16.51 75.70 16.20
N ASP B 50 17.12 76.16 15.10
CA ASP B 50 16.54 77.21 14.29
C ASP B 50 15.28 76.74 13.57
N ARG B 51 15.15 75.44 13.31
CA ARG B 51 13.90 74.92 12.77
C ARG B 51 12.81 74.92 13.82
N PHE B 52 13.17 74.63 15.07
CA PHE B 52 12.13 74.59 16.09
C PHE B 52 11.79 75.97 16.65
N PHE B 53 12.75 76.88 16.78
CA PHE B 53 12.39 78.18 17.35
C PHE B 53 12.50 79.23 16.27
N PRO B 54 11.40 79.73 15.73
CA PRO B 54 11.48 80.85 14.81
C PRO B 54 11.68 82.15 15.56
N GLU B 55 11.99 83.19 14.80
CA GLU B 55 12.26 84.51 15.35
C GLU B 55 11.06 85.42 15.16
N ASP B 56 10.63 86.06 16.24
CA ASP B 56 9.73 87.20 16.19
C ASP B 56 10.31 88.28 17.10
N SER B 57 9.83 89.50 16.94
CA SER B 57 10.39 90.57 17.75
C SER B 57 9.33 91.62 18.06
N THR B 58 9.42 92.15 19.27
CA THR B 58 8.47 93.14 19.78
C THR B 58 9.22 94.37 20.28
N PHE B 59 8.63 95.53 20.11
CA PHE B 59 9.19 96.76 20.64
C PHE B 59 9.02 96.89 22.15
N ALA B 60 8.19 96.07 22.77
CA ALA B 60 7.98 96.15 24.20
C ALA B 60 8.94 95.22 24.93
N SER B 61 9.06 95.42 26.23
CA SER B 61 10.05 94.73 27.04
C SER B 61 9.49 93.68 27.97
N GLU B 62 8.17 93.51 28.05
CA GLU B 62 7.59 92.45 28.87
C GLU B 62 6.40 91.84 28.15
N LEU B 63 6.19 90.55 28.37
CA LEU B 63 5.01 89.86 27.88
C LEU B 63 4.36 89.12 29.04
N GLU B 64 3.05 89.29 29.19
CA GLU B 64 2.28 88.55 30.17
C GLU B 64 1.06 87.96 29.49
N LEU B 65 0.63 86.81 29.98
CA LEU B 65 -0.59 86.17 29.49
C LEU B 65 -1.56 86.02 30.64
N TYR B 66 -2.84 86.21 30.34
CA TYR B 66 -3.91 86.02 31.31
C TYR B 66 -4.83 84.92 30.81
N LEU B 67 -4.88 83.81 31.55
CA LEU B 67 -5.73 82.68 31.23
C LEU B 67 -6.90 82.64 32.19
N LEU B 68 -8.11 82.49 31.66
CA LEU B 68 -9.33 82.37 32.44
C LEU B 68 -9.93 81.00 32.20
N ARG B 69 -10.42 80.37 33.27
CA ARG B 69 -10.95 79.02 33.20
C ARG B 69 -12.37 78.99 33.72
N THR B 70 -13.22 78.19 33.08
CA THR B 70 -14.65 78.22 33.34
C THR B 70 -15.19 76.80 33.36
N GLN B 71 -15.76 76.40 34.49
CA GLN B 71 -16.36 75.08 34.62
C GLN B 71 -17.86 75.26 34.82
N ASP B 72 -18.62 75.12 33.73
CA ASP B 72 -20.06 75.19 33.84
C ASP B 72 -20.60 73.92 34.48
N ALA B 73 -21.79 74.03 35.04
CA ALA B 73 -22.39 72.91 35.73
C ALA B 73 -22.96 71.91 34.73
N GLU B 74 -22.98 70.64 35.13
CA GLU B 74 -23.59 69.58 34.36
C GLU B 74 -25.00 69.31 34.87
N GLN B 75 -25.91 69.05 33.94
CA GLN B 75 -27.32 68.84 34.29
C GLN B 75 -27.53 67.38 34.67
N THR B 76 -27.11 67.05 35.87
CA THR B 76 -27.32 65.71 36.41
C THR B 76 -28.71 65.63 37.03
N GLY B 77 -28.94 64.54 37.73
CA GLY B 77 -30.13 64.41 38.55
C GLY B 77 -31.17 63.51 37.91
N MET B 78 -32.14 63.12 38.73
CA MET B 78 -33.27 62.33 38.30
C MET B 78 -34.53 62.84 38.97
N THR B 79 -35.63 62.79 38.24
CA THR B 79 -36.93 63.24 38.73
C THR B 79 -37.40 62.38 39.90
N PHE B 80 -37.84 63.04 40.97
CA PHE B 80 -38.30 62.33 42.15
C PHE B 80 -39.58 61.55 41.87
N VAL B 81 -39.85 60.58 42.72
CA VAL B 81 -40.98 59.67 42.58
C VAL B 81 -41.97 59.92 43.71
N HIS B 82 -43.24 60.06 43.37
CA HIS B 82 -44.28 60.19 44.38
C HIS B 82 -45.49 59.39 43.93
N GLN B 83 -46.37 59.11 44.89
CA GLN B 83 -47.65 58.48 44.57
C GLN B 83 -48.64 59.58 44.20
N VAL B 84 -49.61 59.23 43.34
CA VAL B 84 -50.67 60.17 42.96
C VAL B 84 -51.46 60.57 44.20
N GLY B 85 -51.41 61.85 44.51
CA GLY B 85 -52.02 62.32 45.74
C GLY B 85 -51.22 63.38 46.45
N SER B 86 -49.92 63.39 46.21
CA SER B 86 -49.02 64.09 47.09
C SER B 86 -48.49 65.38 46.49
N THR B 87 -48.10 66.29 47.36
CA THR B 87 -47.47 67.52 46.95
C THR B 87 -45.99 67.32 46.66
N SER B 88 -45.43 68.23 45.88
CA SER B 88 -44.11 68.04 45.32
C SER B 88 -43.01 68.48 46.28
N LEU B 89 -41.79 68.03 46.00
CA LEU B 89 -40.63 68.40 46.79
C LEU B 89 -39.60 69.10 45.90
N PRO B 90 -38.80 70.00 46.46
CA PRO B 90 -37.83 70.73 45.63
C PRO B 90 -36.55 69.94 45.39
N VAL B 91 -35.89 70.27 44.29
CA VAL B 91 -34.66 69.59 43.89
C VAL B 91 -33.47 70.19 44.64
N GLU B 92 -32.31 69.55 44.50
CA GLU B 92 -31.11 69.96 45.20
C GLU B 92 -30.47 71.17 44.50
N ALA B 93 -29.25 71.52 44.94
CA ALA B 93 -28.51 72.65 44.42
C ALA B 93 -27.18 72.20 43.83
N ARG B 94 -26.57 73.07 43.02
CA ARG B 94 -25.33 72.74 42.33
C ARG B 94 -24.53 74.01 42.11
N VAL B 95 -23.35 73.86 41.51
CA VAL B 95 -22.32 74.90 41.56
C VAL B 95 -21.53 74.91 40.26
N ALA B 96 -21.25 76.11 39.74
CA ALA B 96 -20.29 76.33 38.68
C ALA B 96 -19.17 77.23 39.21
N LYS B 97 -18.01 77.15 38.57
CA LYS B 97 -16.78 77.75 39.07
C LYS B 97 -16.03 78.46 37.96
N VAL B 98 -15.33 79.55 38.32
CA VAL B 98 -14.55 80.35 37.38
C VAL B 98 -13.22 80.70 38.02
N ASP B 99 -12.10 80.34 37.38
CA ASP B 99 -10.78 80.67 37.86
C ASP B 99 -9.99 81.43 36.81
N LEU B 100 -8.91 82.06 37.24
CA LEU B 100 -8.03 82.81 36.35
C LEU B 100 -6.58 82.40 36.54
N ALA B 101 -5.70 83.06 35.79
CA ALA B 101 -4.27 82.78 35.80
C ALA B 101 -3.50 83.95 35.21
N LYS B 102 -2.21 84.02 35.54
CA LYS B 102 -1.31 85.06 35.04
C LYS B 102 -0.09 84.42 34.39
N ALA B 103 0.74 85.27 33.78
CA ALA B 103 2.04 84.84 33.27
C ALA B 103 2.99 86.03 33.34
N THR B 104 4.27 85.76 33.06
CA THR B 104 5.30 86.81 33.07
C THR B 104 6.48 86.33 32.24
N TRP B 105 7.00 87.21 31.39
CA TRP B 105 8.18 86.93 30.59
C TRP B 105 9.09 88.16 30.58
N SER B 106 10.40 87.93 30.64
CA SER B 106 11.34 89.06 30.62
C SER B 106 12.66 88.70 29.93
N PRO B 107 13.05 89.43 28.89
CA PRO B 107 14.23 89.05 28.10
C PRO B 107 15.57 89.29 28.77
N LEU B 108 16.64 89.02 28.03
CA LEU B 108 18.01 89.23 28.50
C LEU B 108 18.75 90.14 27.54
N ALA B 109 19.90 90.63 28.01
CA ALA B 109 20.72 91.57 27.26
C ALA B 109 22.09 90.99 26.99
N PHE B 110 22.66 91.34 25.84
CA PHE B 110 23.94 90.82 25.41
C PHE B 110 24.69 91.92 24.67
N LYS B 111 25.91 92.21 25.09
CA LYS B 111 26.77 93.15 24.38
C LYS B 111 28.22 92.70 24.50
N GLU B 112 29.01 93.09 23.50
CA GLU B 112 30.44 92.83 23.50
C GLU B 112 31.13 93.82 22.59
N SER B 113 32.30 94.26 23.01
CA SER B 113 33.04 95.28 22.30
C SER B 113 34.32 94.69 21.74
N ARG B 114 35.08 95.53 21.06
CA ARG B 114 36.24 95.16 20.26
C ARG B 114 36.92 96.45 19.84
N VAL B 115 38.25 96.49 19.92
CA VAL B 115 38.98 97.72 19.69
C VAL B 115 40.37 97.40 19.15
N TRP B 116 40.79 98.16 18.13
CA TRP B 116 42.15 98.11 17.64
C TRP B 116 42.93 99.31 18.14
N ASP B 117 44.14 99.51 17.63
CA ASP B 117 45.03 100.54 18.15
C ASP B 117 45.66 101.33 17.02
N GLU B 118 46.62 102.20 17.33
CA GLU B 118 47.27 102.96 16.27
C GLU B 118 48.43 102.20 15.65
N LYS B 119 49.20 101.49 16.48
CA LYS B 119 50.34 100.72 15.99
C LYS B 119 49.90 99.62 15.06
N GLU B 120 48.75 99.01 15.34
CA GLU B 120 48.28 97.90 14.51
C GLU B 120 47.66 98.40 13.22
N ILE B 121 46.95 99.53 13.26
CA ILE B 121 46.33 100.06 12.04
C ILE B 121 47.39 100.62 11.11
N LEU B 122 48.37 101.34 11.66
CA LEU B 122 49.35 101.99 10.80
C LEU B 122 50.37 101.01 10.25
N TYR B 123 50.78 100.02 11.04
CA TYR B 123 51.85 99.09 10.67
C TYR B 123 51.25 97.68 10.59
N LEU B 124 50.69 97.32 9.44
CA LEU B 124 50.24 95.94 9.25
C LEU B 124 50.18 95.65 7.77
N GLY B 125 51.04 94.74 7.30
CA GLY B 125 51.03 94.33 5.90
C GLY B 125 51.08 92.83 5.77
N ARG B 126 51.28 92.33 4.55
CA ARG B 126 51.37 90.89 4.35
C ARG B 126 52.65 90.33 4.96
N LEU B 127 52.73 88.99 4.94
CA LEU B 127 53.86 88.32 5.57
C LEU B 127 55.06 88.30 4.64
N ALA B 128 54.88 87.83 3.42
CA ALA B 128 55.93 87.81 2.41
C ALA B 128 55.37 88.48 1.18
N ASP B 129 55.46 89.80 1.15
CA ASP B 129 55.01 90.66 0.07
C ASP B 129 55.52 92.05 0.43
N GLU B 130 55.32 93.00 -0.47
CA GLU B 130 55.52 94.41 -0.18
C GLU B 130 54.29 95.17 -0.64
N VAL B 131 53.65 95.87 0.29
CA VAL B 131 52.35 96.49 0.07
C VAL B 131 52.32 97.85 0.75
N GLN B 132 51.25 98.59 0.48
CA GLN B 132 50.87 99.72 1.27
C GLN B 132 50.19 99.24 2.55
N ALA B 133 49.87 100.18 3.44
CA ALA B 133 49.30 99.80 4.73
C ALA B 133 47.77 99.88 4.69
N GLY B 134 47.20 99.15 3.73
CA GLY B 134 45.76 99.08 3.59
C GLY B 134 45.27 97.66 3.80
N VAL B 135 45.84 96.98 4.79
CA VAL B 135 45.57 95.57 5.00
C VAL B 135 44.48 95.35 6.03
N ILE B 136 44.43 96.18 7.09
CA ILE B 136 43.50 95.93 8.18
C ILE B 136 42.06 96.26 7.80
N ASN B 137 41.85 96.84 6.62
CA ASN B 137 40.52 97.02 6.05
C ASN B 137 39.80 95.71 5.79
N GLU B 138 40.51 94.59 5.70
CA GLU B 138 39.86 93.29 5.61
C GLU B 138 39.79 92.59 6.97
N GLN B 139 40.68 92.95 7.90
CA GLN B 139 40.59 92.43 9.26
C GLN B 139 39.33 92.92 9.95
N ILE B 140 38.95 94.18 9.69
CA ILE B 140 37.73 94.69 10.30
C ILE B 140 36.49 94.00 9.72
N ALA B 141 36.53 93.62 8.44
CA ALA B 141 35.40 92.90 7.87
C ALA B 141 35.32 91.48 8.40
N GLU B 142 36.49 90.86 8.61
CA GLU B 142 36.54 89.56 9.29
C GLU B 142 35.97 89.66 10.70
N SER B 143 36.23 90.75 11.41
CA SER B 143 35.68 90.89 12.75
C SER B 143 34.18 91.17 12.73
N LEU B 144 33.69 91.90 11.72
CA LEU B 144 32.26 92.07 11.50
C LEU B 144 31.57 90.71 11.37
N THR B 145 32.12 89.86 10.50
CA THR B 145 31.53 88.53 10.27
C THR B 145 31.62 87.67 11.52
N TRP B 146 32.72 87.79 12.27
CA TRP B 146 32.88 86.99 13.46
C TRP B 146 31.93 87.43 14.57
N LEU B 147 31.66 88.73 14.69
CA LEU B 147 30.69 89.17 15.69
C LEU B 147 29.27 88.74 15.32
N MET B 148 28.93 88.77 14.03
CA MET B 148 27.62 88.28 13.58
C MET B 148 27.45 86.79 13.87
N ALA B 149 28.48 85.99 13.56
CA ALA B 149 28.40 84.55 13.85
C ALA B 149 28.42 84.28 15.34
N ARG B 150 29.00 85.19 16.13
CA ARG B 150 29.04 85.00 17.56
C ARG B 150 27.65 85.22 18.17
N MET B 151 26.90 86.19 17.63
CA MET B 151 25.52 86.38 18.09
C MET B 151 24.61 85.25 17.63
N ARG B 152 24.83 84.73 16.41
CA ARG B 152 24.09 83.54 15.98
C ARG B 152 24.40 82.33 16.86
N ASN B 153 25.65 82.24 17.32
CA ASN B 153 26.01 81.19 18.26
C ASN B 153 25.32 81.36 19.61
N ARG B 154 25.07 82.60 20.04
CA ARG B 154 24.29 82.76 21.28
C ARG B 154 22.85 82.34 21.10
N ARG B 155 22.23 82.68 19.96
CA ARG B 155 20.86 82.25 19.73
C ARG B 155 20.75 80.74 19.75
N ARG B 156 21.68 80.07 19.05
CA ARG B 156 21.65 78.61 19.03
C ARG B 156 22.00 78.00 20.38
N TRP B 157 22.91 78.62 21.15
CA TRP B 157 23.24 78.07 22.46
C TRP B 157 22.10 78.21 23.45
N LEU B 158 21.45 79.39 23.48
CA LEU B 158 20.34 79.59 24.42
C LEU B 158 19.17 78.68 24.10
N THR B 159 18.85 78.54 22.81
CA THR B 159 17.69 77.74 22.48
C THR B 159 17.96 76.25 22.58
N TRP B 160 19.19 75.79 22.29
CA TRP B 160 19.51 74.39 22.58
C TRP B 160 19.62 74.15 24.07
N GLN B 161 20.05 75.14 24.84
CA GLN B 161 20.13 74.98 26.29
C GLN B 161 18.75 74.86 26.90
N VAL B 162 17.74 75.49 26.30
CA VAL B 162 16.40 75.28 26.84
C VAL B 162 15.73 74.03 26.26
N MET B 163 16.12 73.59 25.06
CA MET B 163 15.60 72.31 24.58
C MET B 163 16.24 71.12 25.28
N ARG B 164 17.43 71.28 25.84
CA ARG B 164 18.09 70.14 26.42
C ARG B 164 17.54 69.81 27.80
N THR B 165 17.44 70.81 28.68
CA THR B 165 17.06 70.58 30.05
C THR B 165 15.81 71.32 30.49
N GLY B 166 15.26 72.21 29.67
CA GLY B 166 14.12 73.00 30.10
C GLY B 166 14.44 74.06 31.12
N ARG B 167 15.72 74.39 31.30
CA ARG B 167 16.14 75.33 32.33
C ARG B 167 17.49 75.88 31.90
N ILE B 168 17.54 77.16 31.56
CA ILE B 168 18.79 77.77 31.12
C ILE B 168 19.52 78.33 32.33
N THR B 169 20.75 77.86 32.54
CA THR B 169 21.57 78.24 33.67
C THR B 169 22.82 78.95 33.16
N ILE B 170 23.10 80.12 33.74
CA ILE B 170 24.32 80.85 33.47
C ILE B 170 25.03 81.04 34.78
N GLN B 171 26.28 80.62 34.85
CA GLN B 171 27.06 80.63 36.07
C GLN B 171 28.28 81.52 35.91
N PRO B 172 28.86 81.99 37.01
CA PRO B 172 30.18 82.65 36.91
C PRO B 172 31.32 81.73 36.54
N ASN B 173 31.12 80.42 36.57
CA ASN B 173 32.13 79.47 36.14
C ASN B 173 32.17 79.32 34.62
N ASP B 174 31.16 79.82 33.92
CA ASP B 174 30.96 79.59 32.49
C ASP B 174 32.06 80.26 31.67
N PRO B 175 32.38 79.71 30.49
CA PRO B 175 33.58 80.20 29.78
C PRO B 175 33.43 81.57 29.17
N TYR B 176 32.27 81.89 28.61
CA TYR B 176 32.06 83.14 27.90
C TYR B 176 31.17 84.08 28.71
N ASN B 177 31.37 84.05 30.03
CA ASN B 177 30.69 84.93 30.98
C ASN B 177 31.77 85.65 31.79
N PRO B 178 32.20 86.82 31.35
CA PRO B 178 33.17 87.60 32.14
C PRO B 178 32.48 88.24 33.32
N ASN B 179 31.22 88.65 33.07
CA ASN B 179 30.43 89.34 34.08
C ASN B 179 30.08 88.43 35.25
N GLY B 180 29.93 87.14 34.99
CA GLY B 180 29.76 86.17 36.04
C GLY B 180 28.43 86.28 36.75
N LEU B 181 27.36 86.30 35.98
CA LEU B 181 26.03 86.58 36.48
C LEU B 181 25.28 85.28 36.68
N LYS B 182 24.65 85.10 37.85
CA LYS B 182 23.81 83.92 38.01
C LYS B 182 22.45 84.17 37.38
N TYR B 183 22.07 83.26 36.49
CA TYR B 183 20.74 83.21 35.91
C TYR B 183 20.26 81.77 35.97
N VAL B 184 19.01 81.57 36.37
CA VAL B 184 18.36 80.27 36.22
C VAL B 184 16.89 80.52 35.89
N ILE B 185 16.50 80.20 34.68
CA ILE B 185 15.20 80.60 34.15
C ILE B 185 14.44 79.33 33.82
N ASP B 186 13.67 78.85 34.79
CA ASP B 186 12.87 77.64 34.59
C ASP B 186 11.67 77.98 33.73
N TYR B 187 11.50 77.27 32.62
CA TYR B 187 10.27 77.40 31.86
C TYR B 187 9.21 76.42 32.33
N GLY B 188 9.55 75.57 33.29
CA GLY B 188 8.58 74.65 33.83
C GLY B 188 8.16 73.55 32.87
N VAL B 189 9.12 72.97 32.16
CA VAL B 189 8.85 71.72 31.46
C VAL B 189 8.53 70.66 32.50
N THR B 190 7.40 69.97 32.31
CA THR B 190 6.80 69.22 33.41
C THR B 190 7.60 67.97 33.74
N ASP B 191 7.89 67.15 32.73
CA ASP B 191 8.73 65.98 32.94
C ASP B 191 9.67 65.90 31.74
N ILE B 192 10.89 66.42 31.91
CA ILE B 192 11.78 66.55 30.78
C ILE B 192 12.40 65.21 30.40
N GLU B 193 12.55 64.29 31.35
CA GLU B 193 13.20 63.02 31.06
C GLU B 193 12.31 61.88 31.51
N LEU B 194 12.39 60.86 30.82
CA LEU B 194 11.62 59.67 31.06
C LEU B 194 12.44 58.65 31.82
N PRO B 195 11.83 57.85 32.68
CA PRO B 195 12.59 56.83 33.42
C PRO B 195 12.77 55.54 32.65
N LEU B 196 14.01 55.04 32.69
CA LEU B 196 14.34 53.68 32.24
C LEU B 196 15.32 53.11 33.24
N PRO B 197 14.88 52.19 34.10
CA PRO B 197 15.80 51.61 35.09
C PRO B 197 16.81 50.69 34.42
N GLN B 198 16.31 49.84 33.54
CA GLN B 198 17.14 49.01 32.69
C GLN B 198 17.03 49.54 31.27
N LYS B 199 18.17 49.89 30.69
CA LYS B 199 18.19 50.48 29.36
C LYS B 199 18.08 49.36 28.31
N PHE B 200 18.28 49.70 27.03
CA PHE B 200 18.03 48.70 26.01
C PHE B 200 19.20 47.73 25.86
N ASP B 201 20.41 48.19 26.14
CA ASP B 201 21.60 47.33 26.15
C ASP B 201 21.74 46.69 27.52
N ALA B 202 20.86 45.73 27.79
CA ALA B 202 20.89 44.97 29.04
C ALA B 202 20.51 43.52 28.71
N LYS B 203 21.53 42.69 28.47
CA LYS B 203 21.31 41.31 28.11
C LYS B 203 21.79 40.39 29.23
N ASP B 204 21.30 39.16 29.19
CA ASP B 204 21.78 38.09 30.08
C ASP B 204 21.45 36.75 29.45
N GLY B 205 22.33 35.78 29.69
CA GLY B 205 22.14 34.43 29.22
C GLY B 205 22.20 34.27 27.71
N ASN B 206 21.06 33.94 27.10
CA ASN B 206 21.01 33.82 25.66
C ASN B 206 21.11 35.18 24.98
N GLY B 207 20.56 36.21 25.61
CA GLY B 207 20.49 37.51 24.98
C GLY B 207 19.10 38.11 25.12
N ASN B 208 18.28 37.50 25.97
CA ASN B 208 16.95 38.01 26.29
C ASN B 208 17.08 39.37 26.97
N SER B 209 16.68 40.43 26.28
CA SER B 209 17.01 41.77 26.71
C SER B 209 16.05 42.23 27.80
N ALA B 210 16.09 43.53 28.10
CA ALA B 210 15.34 44.08 29.23
C ALA B 210 13.98 44.60 28.80
N VAL B 211 13.96 45.57 27.88
CA VAL B 211 12.73 46.26 27.52
C VAL B 211 12.50 46.09 26.03
N ASP B 212 11.33 45.58 25.67
CA ASP B 212 10.87 45.59 24.29
C ASP B 212 10.57 47.01 23.90
N PRO B 213 11.33 47.63 22.98
CA PRO B 213 11.13 49.06 22.74
C PRO B 213 9.87 49.36 21.94
N ILE B 214 9.45 48.44 21.07
CA ILE B 214 8.23 48.68 20.31
C ILE B 214 7.01 48.57 21.22
N GLN B 215 7.01 47.59 22.13
CA GLN B 215 5.96 47.54 23.15
C GLN B 215 6.07 48.71 24.12
N TYR B 216 7.27 49.21 24.36
CA TYR B 216 7.45 50.37 25.25
C TYR B 216 6.79 51.62 24.69
N PHE B 217 7.13 51.97 23.45
CA PHE B 217 6.48 53.11 22.82
C PHE B 217 5.01 52.86 22.55
N ARG B 218 4.62 51.61 22.32
CA ARG B 218 3.21 51.34 22.14
C ARG B 218 2.43 51.53 23.44
N ASP B 219 3.07 51.23 24.57
CA ASP B 219 2.45 51.50 25.86
C ASP B 219 2.42 52.98 26.15
N LEU B 220 3.43 53.73 25.71
CA LEU B 220 3.37 55.19 25.86
C LEU B 220 2.28 55.79 24.98
N ILE B 221 2.00 55.19 23.83
CA ILE B 221 0.90 55.71 23.01
C ILE B 221 -0.45 55.26 23.58
N LYS B 222 -0.51 54.07 24.18
CA LYS B 222 -1.78 53.61 24.74
C LYS B 222 -2.15 54.35 26.01
N ALA B 223 -1.20 54.54 26.91
CA ALA B 223 -1.46 55.22 28.17
C ALA B 223 -1.56 56.73 28.05
N ALA B 224 -1.56 57.25 26.82
CA ALA B 224 -1.89 58.64 26.55
C ALA B 224 -2.95 58.73 25.48
N THR B 225 -3.87 57.75 25.48
CA THR B 225 -4.98 57.78 24.55
C THR B 225 -5.94 58.91 24.87
N TYR B 226 -6.17 59.14 26.17
CA TYR B 226 -7.08 60.17 26.64
C TYR B 226 -6.35 61.42 27.09
N PHE B 227 -5.04 61.47 26.87
CA PHE B 227 -4.19 62.64 27.13
C PHE B 227 -3.58 63.05 25.81
N PRO B 228 -4.34 63.73 24.95
CA PRO B 228 -3.89 63.92 23.56
C PRO B 228 -2.75 64.90 23.40
N ASP B 229 -2.37 65.64 24.44
CA ASP B 229 -1.19 66.49 24.40
C ASP B 229 0.09 65.72 24.62
N ARG B 230 0.01 64.49 25.13
CA ARG B 230 1.15 63.74 25.62
C ARG B 230 1.58 62.62 24.69
N ARG B 231 0.65 62.03 23.96
CA ARG B 231 0.82 60.92 23.02
C ARG B 231 1.84 61.26 21.94
N PRO B 232 3.04 60.67 21.98
CA PRO B 232 4.11 61.10 21.09
C PRO B 232 3.87 60.71 19.64
N VAL B 233 4.45 61.50 18.73
CA VAL B 233 4.23 61.36 17.29
C VAL B 233 5.54 61.16 16.55
N ALA B 234 6.51 62.03 16.76
CA ALA B 234 7.79 61.91 16.08
C ALA B 234 8.91 61.73 17.10
N ILE B 235 10.11 61.51 16.57
CA ILE B 235 11.28 61.20 17.39
C ILE B 235 12.57 61.53 16.63
N ILE B 236 13.49 62.23 17.28
CA ILE B 236 14.75 62.63 16.68
C ILE B 236 15.86 61.90 17.40
N VAL B 237 16.69 61.16 16.66
CA VAL B 237 17.83 60.46 17.22
C VAL B 237 19.07 60.81 16.39
N GLY B 238 20.18 61.05 17.08
CA GLY B 238 21.39 61.46 16.43
C GLY B 238 22.27 60.38 15.83
N PRO B 239 22.85 59.53 16.67
CA PRO B 239 23.82 58.54 16.16
C PRO B 239 23.18 57.33 15.54
N GLY B 240 24.01 56.32 15.27
CA GLY B 240 23.55 55.04 14.76
C GLY B 240 22.56 54.37 15.69
N PHE B 241 21.30 54.36 15.28
CA PHE B 241 20.22 53.85 16.11
C PHE B 241 19.88 52.39 15.77
N ASP B 242 20.16 51.98 14.53
CA ASP B 242 19.94 50.58 14.15
C ASP B 242 20.97 49.65 14.77
N GLU B 243 22.10 50.18 15.23
CA GLU B 243 23.09 49.36 15.91
C GLU B 243 22.61 48.86 17.26
N VAL B 244 21.52 49.42 17.79
CA VAL B 244 20.92 48.93 19.02
C VAL B 244 19.69 48.06 18.74
N LEU B 245 18.93 48.41 17.71
CA LEU B 245 17.76 47.62 17.36
C LEU B 245 18.15 46.30 16.72
N ALA B 246 19.27 46.25 16.00
CA ALA B 246 19.75 44.96 15.50
C ALA B 246 20.31 44.10 16.60
N ASP B 247 20.61 44.67 17.76
CA ASP B 247 21.12 43.94 18.91
C ASP B 247 20.08 43.88 20.01
N ASN B 248 18.83 43.61 19.64
CA ASN B 248 17.76 43.49 20.63
C ASN B 248 16.89 42.31 20.25
N THR B 249 16.72 41.38 21.19
CA THR B 249 16.15 40.07 20.90
C THR B 249 14.67 40.18 20.56
N PHE B 250 13.96 41.09 21.22
CA PHE B 250 12.53 41.22 20.99
C PHE B 250 12.26 41.83 19.61
N VAL B 251 13.10 42.78 19.23
CA VAL B 251 13.02 43.36 17.88
C VAL B 251 13.40 42.32 16.84
N GLN B 252 14.41 41.48 17.15
CA GLN B 252 14.79 40.40 16.24
C GLN B 252 13.67 39.40 16.05
N LYS B 253 12.91 39.12 17.11
CA LYS B 253 11.75 38.25 16.98
C LYS B 253 10.66 38.89 16.15
N TYR B 254 10.50 40.21 16.24
CA TYR B 254 9.56 40.90 15.34
C TYR B 254 10.01 40.80 13.88
N VAL B 255 11.32 40.93 13.64
CA VAL B 255 11.87 40.80 12.29
C VAL B 255 11.66 39.38 11.76
N GLU B 256 11.89 38.38 12.61
CA GLU B 256 11.67 36.99 12.23
C GLU B 256 10.21 36.68 11.96
N TYR B 257 9.30 37.32 12.70
CA TYR B 257 7.88 37.12 12.44
C TYR B 257 7.47 37.75 11.12
N GLU B 258 7.97 38.94 10.82
CA GLU B 258 7.50 39.62 9.62
C GLU B 258 8.07 38.99 8.36
N LYS B 259 9.35 38.63 8.37
CA LYS B 259 9.98 38.09 7.17
C LYS B 259 9.69 36.60 6.95
N GLY B 260 8.84 35.99 7.75
CA GLY B 260 8.45 34.61 7.55
C GLY B 260 9.55 33.61 7.85
N TRP B 261 10.38 33.89 8.85
CA TRP B 261 11.53 33.06 9.15
C TRP B 261 11.23 32.11 10.31
N VAL B 262 12.15 31.17 10.49
CA VAL B 262 12.34 30.45 11.73
C VAL B 262 13.79 29.99 11.72
N VAL B 263 14.41 29.92 12.90
CA VAL B 263 15.85 29.66 12.97
C VAL B 263 16.11 28.17 13.08
N GLY B 264 15.07 27.36 12.94
CA GLY B 264 15.23 25.93 13.08
C GLY B 264 14.83 25.12 11.87
N GLN B 265 13.95 25.67 11.03
CA GLN B 265 13.39 24.91 9.92
C GLN B 265 13.34 25.66 8.60
N ASN B 266 13.78 26.92 8.54
CA ASN B 266 13.87 27.61 7.26
C ASN B 266 15.27 28.10 6.95
N THR B 267 15.93 28.75 7.90
CA THR B 267 17.22 29.39 7.69
C THR B 267 18.04 29.21 8.94
N VAL B 268 19.34 28.97 8.78
CA VAL B 268 20.21 28.63 9.90
C VAL B 268 20.38 29.82 10.82
N GLN B 269 21.03 30.87 10.32
CA GLN B 269 21.28 32.12 11.05
C GLN B 269 21.40 33.27 10.05
N PRO B 270 20.48 34.23 10.07
CA PRO B 270 20.68 35.41 9.26
C PRO B 270 21.74 36.30 9.87
N PRO B 271 22.51 37.02 9.06
CA PRO B 271 23.56 37.89 9.59
C PRO B 271 22.99 39.12 10.29
N ARG B 272 23.89 39.87 10.91
CA ARG B 272 23.48 41.05 11.67
C ARG B 272 23.03 42.18 10.75
N GLU B 273 23.62 42.26 9.55
CA GLU B 273 23.23 43.30 8.59
C GLU B 273 21.80 43.13 8.11
N VAL B 274 21.34 41.88 8.00
CA VAL B 274 19.99 41.65 7.50
C VAL B 274 18.96 42.05 8.55
N TYR B 275 19.29 41.92 9.83
CA TYR B 275 18.47 42.51 10.87
C TYR B 275 18.53 44.03 10.80
N ARG B 276 19.74 44.56 10.65
CA ARG B 276 19.98 46.00 10.80
C ARG B 276 19.36 46.80 9.66
N GLN B 277 19.20 46.19 8.49
CA GLN B 277 18.62 46.91 7.37
C GLN B 277 17.13 47.16 7.57
N ALA B 278 16.42 46.21 8.17
CA ALA B 278 14.98 46.29 8.28
C ALA B 278 14.49 46.62 9.69
N ALA B 279 15.42 46.76 10.64
CA ALA B 279 15.01 47.07 12.01
C ALA B 279 14.35 48.45 12.12
N LEU B 280 14.87 49.45 11.40
CA LEU B 280 14.28 50.77 11.48
C LEU B 280 12.92 50.81 10.79
N ASP B 281 12.77 50.07 9.70
CA ASP B 281 11.48 49.99 9.01
C ASP B 281 10.44 49.33 9.89
N ILE B 282 10.79 48.23 10.55
CA ILE B 282 9.81 47.54 11.38
C ILE B 282 9.51 48.35 12.64
N PHE B 283 10.49 49.12 13.12
CA PHE B 283 10.24 50.02 14.25
C PHE B 283 9.29 51.14 13.88
N LYS B 284 9.42 51.69 12.67
CA LYS B 284 8.48 52.71 12.24
C LYS B 284 7.11 52.11 11.96
N ARG B 285 7.07 50.88 11.43
CA ARG B 285 5.82 50.35 10.91
C ARG B 285 4.95 49.79 12.02
N TYR B 286 5.54 49.14 13.02
CA TYR B 286 4.74 48.70 14.15
C TYR B 286 4.30 49.86 15.02
N THR B 287 5.24 50.67 15.48
CA THR B 287 4.91 51.73 16.43
C THR B 287 4.15 52.86 15.76
N GLY B 288 4.71 53.44 14.71
CA GLY B 288 4.03 54.50 14.02
C GLY B 288 4.59 55.87 14.33
N LEU B 289 5.92 55.99 14.32
CA LEU B 289 6.57 57.25 14.62
C LEU B 289 7.17 57.83 13.35
N GLU B 290 7.92 58.92 13.51
CA GLU B 290 8.72 59.49 12.44
C GLU B 290 10.12 59.69 12.99
N VAL B 291 11.06 58.89 12.48
CA VAL B 291 12.43 58.91 12.96
C VAL B 291 13.25 59.76 11.99
N MET B 292 13.89 60.79 12.52
CA MET B 292 14.80 61.64 11.75
C MET B 292 16.20 61.50 12.32
N VAL B 293 17.16 61.23 11.45
CA VAL B 293 18.54 61.04 11.87
C VAL B 293 19.26 62.38 11.76
N TYR B 294 19.66 62.94 12.89
CA TYR B 294 20.35 64.21 12.95
C TYR B 294 21.79 63.93 13.34
N ASP B 295 22.64 63.66 12.35
CA ASP B 295 24.03 63.31 12.59
C ASP B 295 24.92 64.53 12.34
N LYS B 296 25.00 65.38 13.35
CA LYS B 296 25.89 66.53 13.34
C LYS B 296 26.73 66.54 14.62
N THR B 297 27.95 67.03 14.48
CA THR B 297 28.97 66.91 15.52
C THR B 297 29.54 68.27 15.87
N TYR B 298 30.34 68.29 16.94
CA TYR B 298 31.09 69.49 17.31
C TYR B 298 32.31 69.08 18.10
N ARG B 299 33.43 69.74 17.81
CA ARG B 299 34.63 69.59 18.61
C ARG B 299 34.40 70.11 20.03
N ASP B 300 35.09 69.53 20.98
CA ASP B 300 34.94 69.92 22.38
C ASP B 300 36.25 70.50 22.90
N GLN B 301 36.31 70.67 24.22
CA GLN B 301 37.54 71.14 24.85
C GLN B 301 38.65 70.10 24.74
N ASP B 302 38.31 68.82 24.70
CA ASP B 302 39.29 67.76 24.61
C ASP B 302 39.66 67.40 23.18
N GLY B 303 39.04 68.02 22.18
CA GLY B 303 39.31 67.69 20.79
C GLY B 303 38.57 66.49 20.26
N SER B 304 38.04 65.63 21.13
CA SER B 304 37.29 64.47 20.70
C SER B 304 35.95 64.88 20.10
N VAL B 305 35.65 64.34 18.92
CA VAL B 305 34.43 64.69 18.21
C VAL B 305 33.23 64.11 18.95
N LYS B 306 32.22 64.94 19.17
CA LYS B 306 31.00 64.53 19.86
C LYS B 306 29.79 65.08 19.13
N TYR B 307 28.74 64.26 19.07
CA TYR B 307 27.50 64.64 18.41
C TYR B 307 26.77 65.69 19.24
N TRP B 308 25.87 66.42 18.57
CA TRP B 308 25.03 67.38 19.27
C TRP B 308 24.05 66.67 20.19
N ILE B 309 23.23 65.79 19.63
CA ILE B 309 22.45 64.90 20.48
C ILE B 309 23.39 63.84 21.03
N PRO B 310 23.47 63.66 22.34
CA PRO B 310 24.47 62.75 22.91
C PRO B 310 24.21 61.32 22.51
N VAL B 311 25.29 60.56 22.38
CA VAL B 311 25.21 59.21 21.83
C VAL B 311 24.53 58.30 22.84
N GLY B 312 23.54 57.56 22.38
CA GLY B 312 22.68 56.82 23.27
C GLY B 312 21.49 57.59 23.81
N GLU B 313 21.11 58.71 23.19
CA GLU B 313 19.98 59.51 23.63
C GLU B 313 19.16 59.94 22.43
N LEU B 314 17.93 60.37 22.70
CA LEU B 314 17.02 60.82 21.65
C LEU B 314 16.01 61.82 22.22
N ILE B 315 15.23 62.41 21.33
CA ILE B 315 14.21 63.40 21.67
C ILE B 315 12.86 62.84 21.27
N VAL B 316 11.87 62.97 22.15
CA VAL B 316 10.55 62.42 21.94
C VAL B 316 9.59 63.58 21.75
N LEU B 317 9.32 63.94 20.49
CA LEU B 317 8.32 64.95 20.21
C LEU B 317 6.93 64.40 20.50
N ASN B 318 5.99 65.26 20.89
CA ASN B 318 4.71 64.75 21.37
C ASN B 318 3.52 65.07 20.49
N GLN B 319 3.13 66.33 20.30
CA GLN B 319 1.86 66.54 19.60
C GLN B 319 2.05 66.48 18.09
N SER B 320 2.97 67.27 17.57
CA SER B 320 3.27 67.31 16.16
C SER B 320 4.67 67.88 15.99
N THR B 321 5.30 67.53 14.88
CA THR B 321 6.54 68.17 14.50
C THR B 321 6.27 69.60 14.07
N GLY B 322 7.02 70.54 14.63
CA GLY B 322 6.83 71.93 14.32
C GLY B 322 7.42 72.84 15.36
N PRO B 323 7.15 74.13 15.25
CA PRO B 323 7.73 75.10 16.20
C PRO B 323 7.20 74.99 17.61
N VAL B 324 8.05 74.59 18.54
CA VAL B 324 7.66 74.47 19.94
C VAL B 324 7.97 75.81 20.60
N GLY B 325 7.10 76.78 20.34
CA GLY B 325 7.38 78.14 20.80
C GLY B 325 8.12 78.97 19.77
N ARG B 326 8.71 80.06 20.24
CA ARG B 326 9.40 80.98 19.35
C ARG B 326 10.43 81.76 20.13
N PHE B 327 11.38 82.36 19.40
CA PHE B 327 12.45 83.14 19.99
C PHE B 327 12.13 84.61 19.81
N VAL B 328 11.98 85.33 20.91
CA VAL B 328 11.53 86.70 20.89
C VAL B 328 12.72 87.63 21.09
N TYR B 329 12.98 88.49 20.12
CA TYR B 329 13.88 89.62 20.33
C TYR B 329 13.07 90.78 20.90
N THR B 330 13.75 91.62 21.67
CA THR B 330 13.11 92.81 22.20
C THR B 330 13.92 94.04 21.81
N ALA B 331 13.41 95.21 22.17
CA ALA B 331 13.88 96.45 21.60
C ALA B 331 15.15 96.94 22.29
N HIS B 332 16.02 97.54 21.49
CA HIS B 332 17.22 98.22 21.96
C HIS B 332 17.12 99.68 21.57
N VAL B 333 18.21 100.41 21.76
CA VAL B 333 18.22 101.86 21.60
C VAL B 333 18.94 102.23 20.31
N ALA B 334 18.32 103.06 19.49
CA ALA B 334 18.99 103.73 18.39
C ALA B 334 18.83 105.23 18.55
N GLY B 335 19.56 105.99 17.75
CA GLY B 335 19.69 107.41 18.05
C GLY B 335 19.01 108.43 17.15
N GLN B 336 17.89 108.99 17.63
CA GLN B 336 17.43 110.34 17.32
C GLN B 336 17.18 110.57 15.83
N ARG B 337 16.14 109.93 15.32
CA ARG B 337 15.78 110.12 13.91
C ARG B 337 15.40 111.57 13.61
N ASN B 338 14.33 112.08 14.21
CA ASN B 338 14.00 113.49 14.05
C ASN B 338 14.40 114.32 15.26
N GLY B 339 13.78 114.06 16.40
CA GLY B 339 14.22 114.64 17.65
C GLY B 339 13.90 113.69 18.77
N LYS B 340 13.44 112.50 18.38
CA LYS B 340 12.85 111.55 19.29
C LYS B 340 13.69 110.28 19.36
N VAL B 341 13.64 109.62 20.51
CA VAL B 341 14.48 108.46 20.78
C VAL B 341 13.84 107.24 20.12
N VAL B 342 14.21 106.96 18.89
CA VAL B 342 13.56 105.93 18.07
C VAL B 342 14.36 104.64 18.20
N TYR B 343 13.66 103.51 18.27
CA TYR B 343 14.23 102.21 18.59
C TYR B 343 14.26 101.29 17.39
N ALA B 344 14.75 100.07 17.62
CA ALA B 344 14.81 99.04 16.61
C ALA B 344 14.75 97.67 17.29
N THR B 345 14.48 96.64 16.49
CA THR B 345 14.06 95.35 17.01
C THR B 345 15.21 94.36 17.20
N GLY B 346 15.89 94.00 16.11
CA GLY B 346 16.72 92.82 16.10
C GLY B 346 18.10 93.02 16.68
N PRO B 347 19.06 92.20 16.22
CA PRO B 347 20.44 92.38 16.65
C PRO B 347 21.14 93.47 15.87
N TYR B 348 21.89 94.30 16.58
CA TYR B 348 22.48 95.50 16.00
C TYR B 348 23.99 95.38 15.97
N LEU B 349 24.61 96.29 15.22
CA LEU B 349 26.05 96.33 15.07
C LEU B 349 26.46 97.74 14.68
N THR B 350 27.35 98.34 15.46
CA THR B 350 27.74 99.73 15.27
C THR B 350 29.22 99.83 14.97
N VAL B 351 29.66 101.05 14.70
CA VAL B 351 31.07 101.37 14.60
C VAL B 351 31.37 102.51 15.58
N LYS B 352 32.66 102.72 15.83
CA LYS B 352 33.14 103.80 16.68
C LYS B 352 34.28 104.50 15.95
N ASP B 353 34.01 105.67 15.41
CA ASP B 353 34.93 106.33 14.49
C ASP B 353 35.92 107.18 15.27
N HIS B 354 36.75 106.51 16.06
CA HIS B 354 37.74 107.22 16.88
C HIS B 354 39.05 107.43 16.16
N LEU B 355 39.03 107.55 14.84
CA LEU B 355 40.25 107.73 14.07
C LEU B 355 40.70 109.19 14.00
N GLN B 356 39.95 110.10 14.60
CA GLN B 356 40.37 111.48 14.65
C GLN B 356 40.95 111.88 15.99
N ASP B 357 40.70 111.08 17.03
CA ASP B 357 41.12 111.44 18.37
C ASP B 357 42.61 111.16 18.56
N ASP B 358 43.11 111.48 19.75
CA ASP B 358 44.44 111.06 20.16
C ASP B 358 44.43 109.54 20.37
N PRO B 359 45.61 108.91 20.40
CA PRO B 359 45.96 107.90 19.38
C PRO B 359 44.76 107.28 18.70
N PRO B 360 44.64 107.45 17.39
CA PRO B 360 43.44 107.02 16.67
C PRO B 360 43.24 105.52 16.72
N TYR B 361 42.11 105.12 17.27
CA TYR B 361 41.76 103.71 17.35
C TYR B 361 40.41 103.49 16.71
N TYR B 362 40.08 102.23 16.48
CA TYR B 362 38.84 101.88 15.79
C TYR B 362 38.14 100.83 16.61
N ALA B 363 36.86 101.08 16.91
CA ALA B 363 36.14 100.19 17.80
C ALA B 363 34.76 99.91 17.23
N ILE B 364 34.13 98.89 17.78
CA ILE B 364 32.97 98.27 17.17
C ILE B 364 32.18 97.51 18.24
N ILE B 365 30.87 97.73 18.27
CA ILE B 365 30.01 97.20 19.32
C ILE B 365 28.89 96.39 18.70
N ALA B 366 28.67 95.18 19.21
CA ALA B 366 27.62 94.29 18.73
C ALA B 366 26.79 93.79 19.90
N GLY B 367 25.55 93.41 19.61
CA GLY B 367 24.73 92.76 20.60
C GLY B 367 23.27 92.75 20.20
N PHE B 368 22.46 92.22 21.12
CA PHE B 368 21.02 92.09 20.92
C PHE B 368 20.34 91.98 22.28
N HIS B 369 19.02 91.95 22.24
CA HIS B 369 18.19 91.73 23.42
C HIS B 369 17.15 90.66 23.12
N GLY B 370 17.01 89.69 24.00
CA GLY B 370 15.98 88.70 23.82
C GLY B 370 16.12 87.53 24.76
N LEU B 371 15.23 86.55 24.57
CA LEU B 371 15.11 85.32 25.33
C LEU B 371 14.14 84.42 24.57
N PRO B 372 14.29 83.09 24.61
CA PRO B 372 13.29 82.23 23.98
C PRO B 372 12.00 82.17 24.80
N GLN B 373 10.99 81.56 24.20
CA GLN B 373 9.68 81.50 24.82
C GLN B 373 8.96 80.27 24.32
N LEU B 374 8.27 79.59 25.23
CA LEU B 374 7.44 78.44 24.86
C LEU B 374 6.00 78.90 24.69
N SER B 375 5.40 78.55 23.56
CA SER B 375 4.10 79.10 23.21
C SER B 375 2.98 78.32 23.89
N GLY B 376 2.87 77.04 23.62
CA GLY B 376 1.69 76.29 24.02
C GLY B 376 1.78 75.59 25.35
N TYR B 377 1.22 76.21 26.39
CA TYR B 377 0.98 75.53 27.65
C TYR B 377 -0.42 74.93 27.65
N ASN B 378 -0.62 73.98 28.54
CA ASN B 378 -1.94 73.41 28.74
C ASN B 378 -2.83 74.45 29.42
N THR B 379 -4.13 74.38 29.13
CA THR B 379 -5.07 75.32 29.70
C THR B 379 -5.85 74.75 30.87
N GLU B 380 -6.12 73.45 30.89
CA GLU B 380 -6.81 72.88 32.05
C GLU B 380 -5.87 72.75 33.23
N ASP B 381 -4.86 71.91 33.10
CA ASP B 381 -3.72 71.94 33.99
C ASP B 381 -2.71 72.92 33.39
N PHE B 382 -1.57 73.09 34.02
CA PHE B 382 -0.53 73.97 33.49
C PHE B 382 0.72 73.18 33.17
N SER B 383 0.54 72.04 32.53
CA SER B 383 1.65 71.17 32.18
C SER B 383 2.19 71.51 30.80
N PHE B 384 3.47 71.20 30.60
CA PHE B 384 4.12 71.35 29.30
C PHE B 384 4.72 70.00 28.96
N HIS B 385 3.93 69.14 28.34
CA HIS B 385 4.38 67.85 27.84
C HIS B 385 4.47 67.97 26.34
N ARG B 386 5.65 68.35 25.87
CA ARG B 386 5.83 68.63 24.45
C ARG B 386 7.12 68.09 23.87
N PHE B 387 8.16 67.86 24.68
CA PHE B 387 9.32 67.11 24.25
C PHE B 387 9.97 66.47 25.46
N LYS B 388 10.35 65.20 25.32
CA LYS B 388 11.00 64.45 26.39
C LYS B 388 12.23 63.74 25.83
N TRP B 389 13.05 63.20 26.74
CA TRP B 389 14.40 62.80 26.41
C TRP B 389 14.71 61.44 27.02
N LEU B 390 14.83 60.43 26.16
CA LEU B 390 15.26 59.11 26.59
C LEU B 390 16.77 58.97 26.51
N LYS B 391 17.29 58.03 27.29
CA LYS B 391 18.69 57.62 27.25
C LYS B 391 18.63 56.13 26.97
N TYR B 392 18.57 55.76 25.69
CA TYR B 392 18.05 54.45 25.36
C TYR B 392 19.08 53.35 25.55
N ALA B 393 20.32 53.56 25.16
CA ALA B 393 21.33 52.52 25.28
C ALA B 393 22.57 53.06 25.96
N ASN B 394 23.35 52.16 26.53
CA ASN B 394 24.47 52.57 27.38
C ASN B 394 25.74 52.78 26.55
N ASN B 395 26.21 51.76 25.85
CA ASN B 395 27.45 51.83 25.07
C ASN B 395 27.11 51.71 23.59
N VAL B 396 26.76 52.85 22.99
CA VAL B 396 26.59 52.92 21.54
C VAL B 396 27.92 53.31 20.89
N GLN B 397 28.80 53.98 21.64
CA GLN B 397 30.04 54.53 21.12
C GLN B 397 30.99 53.45 20.59
N SER B 398 30.85 52.22 21.08
CA SER B 398 31.56 51.08 20.54
C SER B 398 30.97 50.55 19.23
N TYR B 399 29.87 51.14 18.75
CA TYR B 399 29.29 50.77 17.47
C TYR B 399 29.48 51.86 16.42
N LEU B 400 30.23 52.91 16.74
CA LEU B 400 30.44 54.02 15.85
C LEU B 400 31.92 54.16 15.49
N PRO B 401 32.24 54.56 14.27
CA PRO B 401 33.64 54.67 13.88
C PRO B 401 34.31 55.86 14.54
N PRO B 402 35.58 55.73 14.92
CA PRO B 402 36.26 56.84 15.59
C PRO B 402 36.59 57.95 14.60
N PHE B 403 36.97 59.08 15.16
CA PHE B 403 37.16 60.30 14.41
C PHE B 403 38.62 60.73 14.39
N PRO B 404 39.08 61.43 13.35
CA PRO B 404 40.47 61.87 13.34
C PRO B 404 40.68 63.01 14.32
N PRO B 405 41.89 63.17 14.84
CA PRO B 405 42.14 64.26 15.79
C PRO B 405 42.24 65.61 15.12
N LYS B 406 42.41 66.67 15.89
CA LYS B 406 42.48 68.01 15.35
C LYS B 406 43.92 68.30 14.98
N VAL B 407 44.15 68.63 13.70
CA VAL B 407 45.49 68.85 13.18
C VAL B 407 46.02 70.16 13.76
N GLU B 408 47.04 70.06 14.61
CA GLU B 408 47.44 71.19 15.44
C GLU B 408 48.26 72.25 14.70
N LEU B 409 48.84 71.92 13.55
CA LEU B 409 49.70 72.88 12.88
C LEU B 409 49.62 72.82 11.36
N MET C 1 -25.82 75.10 34.04
CA MET C 1 -25.89 76.31 34.86
C MET C 1 -24.53 76.98 34.88
N ARG C 2 -24.38 78.04 34.10
CA ARG C 2 -23.13 78.76 34.05
C ARG C 2 -23.12 79.87 35.10
N VAL C 3 -21.93 80.26 35.50
CA VAL C 3 -21.76 81.45 36.36
C VAL C 3 -22.18 82.68 35.57
N PRO C 4 -23.04 83.54 36.12
CA PRO C 4 -23.42 84.76 35.39
C PRO C 4 -22.29 85.77 35.35
N ILE C 5 -21.34 85.59 34.44
CA ILE C 5 -20.17 86.44 34.35
C ILE C 5 -20.06 86.92 32.91
N ASN C 6 -19.48 88.11 32.73
CA ASN C 6 -19.05 88.58 31.43
C ASN C 6 -17.54 88.41 31.37
N ILE C 7 -17.07 87.57 30.45
CA ILE C 7 -15.67 87.16 30.46
C ILE C 7 -14.75 88.28 30.00
N ASN C 8 -15.25 89.20 29.17
CA ASN C 8 -14.39 90.26 28.66
C ASN C 8 -14.07 91.28 29.75
N ASN C 9 -15.10 91.73 30.47
CA ASN C 9 -14.89 92.71 31.53
C ASN C 9 -14.11 92.10 32.69
N ALA C 10 -14.44 90.86 33.06
CA ALA C 10 -13.72 90.18 34.14
C ALA C 10 -12.28 89.91 33.75
N LEU C 11 -12.04 89.64 32.47
CA LEU C 11 -10.70 89.39 32.00
C LEU C 11 -9.90 90.67 31.85
N ALA C 12 -10.57 91.81 31.71
CA ALA C 12 -9.89 93.10 31.65
C ALA C 12 -9.65 93.73 33.02
N ARG C 13 -10.44 93.36 34.03
CA ARG C 13 -10.37 94.04 35.33
C ARG C 13 -9.46 93.34 36.33
N VAL C 14 -8.52 92.53 35.87
CA VAL C 14 -7.59 91.85 36.77
C VAL C 14 -6.28 92.61 36.71
N ARG C 15 -6.04 93.28 35.57
CA ARG C 15 -4.83 94.03 35.34
C ARG C 15 -4.69 95.15 36.36
N ASP C 16 -3.45 95.39 36.76
CA ASP C 16 -3.19 96.14 37.98
C ASP C 16 -3.53 97.63 37.80
N PRO C 17 -4.17 98.23 38.79
CA PRO C 17 -4.58 99.63 38.65
C PRO C 17 -3.42 100.60 38.64
N LEU C 18 -2.56 100.60 39.66
CA LEU C 18 -1.38 101.46 39.66
C LEU C 18 -0.11 100.63 39.74
N SER C 19 0.13 99.94 40.86
CA SER C 19 1.15 98.92 41.11
C SER C 19 2.54 99.23 40.53
N ILE C 20 3.12 100.35 40.96
CA ILE C 20 4.54 100.57 40.70
C ILE C 20 5.30 100.00 41.90
N GLY C 21 5.80 98.79 41.78
CA GLY C 21 6.61 98.22 42.83
C GLY C 21 7.99 97.83 42.37
N GLY C 22 8.12 97.46 41.11
CA GLY C 22 9.38 96.92 40.63
C GLY C 22 10.50 97.93 40.48
N LEU C 23 10.40 98.79 39.48
CA LEU C 23 11.53 99.60 39.06
C LEU C 23 11.43 101.04 39.52
N LYS C 24 10.39 101.37 40.30
CA LYS C 24 10.00 102.71 40.75
C LYS C 24 9.56 103.59 39.59
N PHE C 25 9.20 103.01 38.45
CA PHE C 25 8.53 103.68 37.33
C PHE C 25 7.79 102.63 36.51
N PRO C 26 6.71 103.01 35.80
CA PRO C 26 5.95 102.00 35.06
C PRO C 26 6.68 101.51 33.82
N THR C 27 6.78 100.19 33.70
CA THR C 27 7.45 99.57 32.58
C THR C 27 6.53 99.44 31.37
N THR C 28 7.13 99.12 30.22
CA THR C 28 6.39 98.77 29.02
C THR C 28 6.14 97.28 29.01
N LYS C 29 4.97 96.89 28.53
CA LYS C 29 4.62 95.47 28.53
C LYS C 29 3.59 95.21 27.45
N GLU C 30 3.44 93.93 27.14
CA GLU C 30 2.46 93.43 26.17
C GLU C 30 1.64 92.35 26.85
N ILE C 31 0.32 92.36 26.62
CA ILE C 31 -0.58 91.43 27.29
C ILE C 31 -1.49 90.77 26.27
N GLN C 32 -1.49 89.44 26.25
CA GLN C 32 -2.46 88.66 25.49
C GLN C 32 -3.37 87.90 26.45
N GLU C 33 -4.63 87.74 26.04
CA GLU C 33 -5.64 87.11 26.88
C GLU C 33 -6.26 85.93 26.15
N ALA C 34 -6.72 84.94 26.93
CA ALA C 34 -7.38 83.77 26.40
C ALA C 34 -8.23 83.14 27.50
N VAL C 35 -9.39 82.63 27.13
CA VAL C 35 -10.28 81.95 28.05
C VAL C 35 -10.19 80.45 27.80
N ALA C 36 -10.78 79.68 28.71
CA ALA C 36 -10.74 78.23 28.60
C ALA C 36 -12.06 77.64 29.07
N ALA C 37 -12.53 76.63 28.36
CA ALA C 37 -13.72 75.88 28.75
C ALA C 37 -13.30 74.57 29.40
N ILE C 38 -13.98 74.22 30.49
CA ILE C 38 -13.68 73.01 31.25
C ILE C 38 -14.95 72.20 31.39
N ALA C 39 -14.93 70.97 30.91
CA ALA C 39 -16.07 70.08 31.02
C ALA C 39 -15.55 68.65 31.14
N ASP C 40 -16.43 67.76 31.59
CA ASP C 40 -16.16 66.33 31.60
C ASP C 40 -16.73 65.75 30.32
N LYS C 41 -15.84 65.42 29.37
CA LYS C 41 -16.28 64.92 28.07
C LYS C 41 -16.77 63.49 28.12
N PHE C 42 -16.54 62.78 29.21
CA PHE C 42 -16.75 61.34 29.24
C PHE C 42 -18.01 60.96 30.01
N ASN C 43 -18.93 61.90 30.16
CA ASN C 43 -20.21 61.65 30.82
C ASN C 43 -21.28 61.72 29.73
N GLN C 44 -21.52 60.60 29.06
CA GLN C 44 -22.43 60.55 27.94
C GLN C 44 -23.72 59.83 28.34
N GLU C 45 -24.83 60.28 27.77
CA GLU C 45 -26.14 59.74 28.12
C GLU C 45 -26.32 58.33 27.58
N ASN C 46 -27.21 57.58 28.23
CA ASN C 46 -27.40 56.16 27.93
C ASN C 46 -28.35 56.03 26.75
N ASP C 47 -27.81 56.24 25.55
CA ASP C 47 -28.57 56.33 24.32
C ASP C 47 -29.11 54.97 23.85
N LEU C 48 -28.69 53.87 24.48
CA LEU C 48 -29.03 52.54 24.00
C LEU C 48 -30.50 52.23 24.10
N VAL C 49 -31.12 52.57 25.23
CA VAL C 49 -32.36 51.89 25.56
C VAL C 49 -33.55 52.52 24.85
N ASP C 50 -33.49 53.84 24.58
CA ASP C 50 -34.50 54.51 23.77
C ASP C 50 -34.58 53.98 22.34
N ARG C 51 -33.50 53.38 21.83
CA ARG C 51 -33.58 52.63 20.58
C ARG C 51 -34.44 51.39 20.71
N PHE C 52 -34.64 50.88 21.91
CA PHE C 52 -35.30 49.60 22.08
C PHE C 52 -36.69 49.68 22.70
N PHE C 53 -37.02 50.72 23.45
CA PHE C 53 -38.41 50.81 23.92
C PHE C 53 -39.06 52.00 23.23
N PRO C 54 -40.02 51.81 22.34
CA PRO C 54 -40.72 52.95 21.74
C PRO C 54 -41.72 53.54 22.73
N GLU C 55 -42.28 54.68 22.33
CA GLU C 55 -43.11 55.48 23.22
C GLU C 55 -44.53 55.56 22.66
N ASP C 56 -45.42 54.78 23.22
CA ASP C 56 -46.85 54.96 23.05
C ASP C 56 -47.43 55.45 24.35
N SER C 57 -48.73 55.73 24.35
CA SER C 57 -49.36 56.28 25.54
C SER C 57 -50.86 56.05 25.51
N THR C 58 -51.38 55.53 26.60
CA THR C 58 -52.81 55.28 26.78
C THR C 58 -53.37 56.23 27.81
N PHE C 59 -54.61 56.69 27.60
CA PHE C 59 -55.26 57.56 28.58
C PHE C 59 -55.68 56.79 29.82
N ALA C 60 -56.04 55.51 29.67
CA ALA C 60 -56.44 54.72 30.81
C ALA C 60 -55.24 54.38 31.70
N SER C 61 -55.52 54.08 32.96
CA SER C 61 -54.43 53.79 33.88
C SER C 61 -53.97 52.34 33.76
N GLU C 62 -54.85 51.39 34.09
CA GLU C 62 -54.46 49.99 34.15
C GLU C 62 -54.60 49.31 32.80
N LEU C 63 -53.76 48.29 32.58
CA LEU C 63 -53.87 47.43 31.42
C LEU C 63 -53.92 45.98 31.87
N GLU C 64 -54.87 45.22 31.32
CA GLU C 64 -55.00 43.80 31.60
C GLU C 64 -55.10 43.05 30.29
N LEU C 65 -54.61 41.81 30.28
CA LEU C 65 -54.71 40.97 29.10
C LEU C 65 -55.30 39.63 29.49
N TYR C 66 -56.25 39.15 28.70
CA TYR C 66 -56.88 37.85 28.89
C TYR C 66 -56.45 36.90 27.79
N LEU C 67 -55.94 35.74 28.19
CA LEU C 67 -55.48 34.73 27.26
C LEU C 67 -56.38 33.51 27.38
N LEU C 68 -57.04 33.15 26.29
CA LEU C 68 -57.84 31.94 26.23
C LEU C 68 -57.02 30.82 25.61
N ARG C 69 -56.84 29.73 26.35
CA ARG C 69 -56.15 28.56 25.85
C ARG C 69 -57.14 27.41 25.70
N THR C 70 -56.84 26.49 24.79
CA THR C 70 -57.76 25.42 24.44
C THR C 70 -56.96 24.16 24.14
N GLN C 71 -57.13 23.14 24.96
CA GLN C 71 -56.53 21.83 24.70
C GLN C 71 -57.64 20.88 24.28
N ASP C 72 -57.47 20.27 23.12
CA ASP C 72 -58.45 19.34 22.58
C ASP C 72 -57.90 17.93 22.61
N ALA C 73 -58.80 16.97 22.76
CA ALA C 73 -58.42 15.57 22.75
C ALA C 73 -58.03 15.16 21.34
N GLU C 74 -56.78 14.77 21.15
CA GLU C 74 -56.34 14.35 19.83
C GLU C 74 -56.87 12.95 19.52
N GLN C 75 -56.85 12.62 18.24
CA GLN C 75 -57.45 11.40 17.74
C GLN C 75 -56.58 10.21 18.09
N THR C 76 -56.72 9.74 19.32
CA THR C 76 -55.93 8.63 19.83
C THR C 76 -56.57 7.31 19.43
N GLY C 77 -56.12 6.23 20.07
CA GLY C 77 -56.85 4.98 20.07
C GLY C 77 -56.40 4.02 19.00
N MET C 78 -56.89 2.79 19.15
CA MET C 78 -56.68 1.70 18.21
C MET C 78 -57.98 0.92 18.08
N THR C 79 -58.31 0.55 16.84
CA THR C 79 -59.55 -0.17 16.53
C THR C 79 -59.54 -1.56 17.16
N PHE C 80 -60.67 -1.94 17.75
CA PHE C 80 -60.77 -3.17 18.53
C PHE C 80 -60.68 -4.41 17.66
N VAL C 81 -60.19 -5.49 18.24
CA VAL C 81 -60.05 -6.78 17.55
C VAL C 81 -61.24 -7.66 17.91
N HIS C 82 -61.74 -8.41 16.93
CA HIS C 82 -62.81 -9.39 17.17
C HIS C 82 -62.77 -10.41 16.05
N GLN C 83 -63.39 -11.56 16.30
CA GLN C 83 -63.63 -12.53 15.25
C GLN C 83 -64.76 -12.08 14.36
N VAL C 84 -64.70 -12.50 13.09
CA VAL C 84 -65.80 -12.22 12.17
C VAL C 84 -67.02 -13.02 12.61
N GLY C 85 -68.20 -12.48 12.33
CA GLY C 85 -69.43 -13.10 12.78
C GLY C 85 -69.89 -12.69 14.16
N SER C 86 -69.24 -11.72 14.78
CA SER C 86 -69.58 -11.29 16.12
C SER C 86 -70.33 -9.97 16.07
N THR C 87 -70.59 -9.39 17.24
CA THR C 87 -71.17 -8.07 17.35
C THR C 87 -70.05 -7.03 17.44
N SER C 88 -70.41 -5.82 17.83
CA SER C 88 -69.48 -4.71 17.92
C SER C 88 -69.52 -4.10 19.31
N LEU C 89 -68.42 -3.49 19.72
CA LEU C 89 -68.28 -2.97 21.06
C LEU C 89 -67.96 -1.47 21.02
N PRO C 90 -68.42 -0.70 21.99
CA PRO C 90 -68.25 0.75 21.92
C PRO C 90 -66.90 1.21 22.43
N VAL C 91 -66.54 2.43 22.03
CA VAL C 91 -65.25 3.03 22.32
C VAL C 91 -65.27 3.67 23.70
N GLU C 92 -64.12 4.14 24.17
CA GLU C 92 -64.01 4.82 25.45
C GLU C 92 -64.47 6.27 25.31
N ALA C 93 -64.27 7.07 26.36
CA ALA C 93 -64.67 8.46 26.38
C ALA C 93 -63.45 9.38 26.46
N ARG C 94 -63.51 10.49 25.76
CA ARG C 94 -62.39 11.42 25.64
C ARG C 94 -62.71 12.71 26.38
N VAL C 95 -61.71 13.59 26.47
CA VAL C 95 -61.81 14.76 27.33
C VAL C 95 -61.04 15.92 26.71
N ALA C 96 -61.71 17.07 26.57
CA ALA C 96 -61.07 18.31 26.19
C ALA C 96 -61.24 19.31 27.31
N LYS C 97 -60.32 20.27 27.38
CA LYS C 97 -60.22 21.19 28.50
C LYS C 97 -59.98 22.60 27.98
N VAL C 98 -60.46 23.59 28.73
CA VAL C 98 -60.33 25.01 28.38
C VAL C 98 -60.01 25.80 29.63
N ASP C 99 -58.93 26.61 29.59
CA ASP C 99 -58.55 27.50 30.68
C ASP C 99 -58.44 28.94 30.19
N LEU C 100 -58.32 29.87 31.15
CA LEU C 100 -58.04 31.28 30.86
C LEU C 100 -56.94 31.80 31.78
N ALA C 101 -56.56 33.06 31.56
CA ALA C 101 -55.55 33.72 32.38
C ALA C 101 -55.79 35.23 32.36
N LYS C 102 -55.07 35.93 33.24
CA LYS C 102 -55.28 37.36 33.47
C LYS C 102 -53.96 38.07 33.69
N ALA C 103 -53.66 39.07 32.86
CA ALA C 103 -52.53 39.95 33.10
C ALA C 103 -52.97 41.18 33.88
N THR C 104 -52.00 41.93 34.38
CA THR C 104 -52.27 43.14 35.15
C THR C 104 -51.09 44.09 34.96
N TRP C 105 -51.37 45.38 34.80
CA TRP C 105 -50.35 46.39 34.65
C TRP C 105 -50.83 47.68 35.29
N SER C 106 -49.91 48.44 35.90
CA SER C 106 -50.30 49.69 36.58
C SER C 106 -49.16 50.71 36.65
N PRO C 107 -49.39 51.96 36.21
CA PRO C 107 -48.29 52.93 36.06
C PRO C 107 -47.74 53.49 37.36
N LEU C 108 -46.77 54.41 37.25
CA LEU C 108 -46.23 55.14 38.39
C LEU C 108 -46.47 56.63 38.21
N ALA C 109 -45.93 57.43 39.13
CA ALA C 109 -46.08 58.88 39.07
C ALA C 109 -44.79 59.54 39.50
N PHE C 110 -44.52 60.72 38.92
CA PHE C 110 -43.30 61.47 39.18
C PHE C 110 -43.62 62.95 39.12
N LYS C 111 -42.98 63.74 39.99
CA LYS C 111 -43.14 65.19 40.02
C LYS C 111 -42.03 65.79 40.87
N GLU C 112 -41.61 67.00 40.53
CA GLU C 112 -40.65 67.73 41.37
C GLU C 112 -40.80 69.22 41.10
N SER C 113 -40.24 70.03 41.99
CA SER C 113 -40.54 71.45 42.01
C SER C 113 -39.27 72.28 42.15
N ARG C 114 -39.42 73.57 41.84
CA ARG C 114 -38.45 74.62 42.13
C ARG C 114 -39.15 75.73 42.89
N VAL C 115 -38.37 76.78 43.18
CA VAL C 115 -38.86 77.96 43.87
C VAL C 115 -37.82 79.06 43.64
N TRP C 116 -38.27 80.30 43.61
CA TRP C 116 -37.35 81.44 43.59
C TRP C 116 -37.97 82.56 44.42
N ASP C 117 -37.28 82.94 45.49
CA ASP C 117 -37.81 83.93 46.42
C ASP C 117 -37.63 85.34 45.86
N GLU C 118 -37.94 86.34 46.67
CA GLU C 118 -37.95 87.72 46.17
C GLU C 118 -36.54 88.28 46.04
N LYS C 119 -35.64 87.93 46.98
CA LYS C 119 -34.26 88.41 46.94
C LYS C 119 -33.54 87.91 45.72
N GLU C 120 -33.89 86.71 45.25
CA GLU C 120 -33.24 86.15 44.08
C GLU C 120 -33.76 86.75 42.79
N ILE C 121 -35.05 87.04 42.71
CA ILE C 121 -35.61 87.59 41.48
C ILE C 121 -35.23 89.06 41.34
N LEU C 122 -35.22 89.79 42.44
CA LEU C 122 -34.96 91.22 42.35
C LEU C 122 -33.47 91.49 42.20
N TYR C 123 -32.64 90.86 43.02
CA TYR C 123 -31.19 91.04 42.96
C TYR C 123 -30.60 89.89 42.19
N LEU C 124 -30.20 90.13 40.94
CA LEU C 124 -29.26 89.23 40.26
C LEU C 124 -28.60 90.01 39.14
N GLY C 125 -27.31 90.32 39.30
CA GLY C 125 -26.54 90.97 38.26
C GLY C 125 -25.41 90.07 37.78
N ARG C 126 -24.79 90.47 36.69
CA ARG C 126 -23.63 89.71 36.24
C ARG C 126 -22.44 90.01 37.13
N LEU C 127 -21.45 89.13 37.07
CA LEU C 127 -20.40 89.12 38.07
C LEU C 127 -19.37 90.21 37.84
N ALA C 128 -19.19 90.64 36.61
CA ALA C 128 -18.25 91.71 36.31
C ALA C 128 -18.88 92.88 35.61
N ASP C 129 -19.80 92.64 34.69
CA ASP C 129 -20.50 93.72 34.03
C ASP C 129 -21.47 94.37 35.03
N GLU C 130 -21.90 95.58 34.69
CA GLU C 130 -22.83 96.35 35.52
C GLU C 130 -24.10 96.59 34.71
N VAL C 131 -25.13 95.78 34.97
CA VAL C 131 -26.33 95.72 34.14
C VAL C 131 -27.56 95.88 35.03
N GLN C 132 -28.72 95.84 34.39
CA GLN C 132 -30.02 95.93 35.05
C GLN C 132 -30.39 94.59 35.70
N ALA C 133 -31.60 94.54 36.24
CA ALA C 133 -32.15 93.32 36.81
C ALA C 133 -32.84 92.54 35.70
N GLY C 134 -32.06 91.73 34.99
CA GLY C 134 -32.61 90.93 33.91
C GLY C 134 -31.94 89.57 33.76
N VAL C 135 -31.29 89.10 34.82
CA VAL C 135 -30.51 87.88 34.72
C VAL C 135 -31.31 86.65 35.14
N ILE C 136 -32.23 86.79 36.09
CA ILE C 136 -33.01 85.64 36.54
C ILE C 136 -33.99 85.17 35.48
N ASN C 137 -34.32 86.03 34.50
CA ASN C 137 -35.09 85.62 33.33
C ASN C 137 -34.34 84.59 32.51
N GLU C 138 -33.05 84.82 32.30
CA GLU C 138 -32.21 83.86 31.61
C GLU C 138 -31.89 82.67 32.51
N GLN C 139 -31.98 82.85 33.82
CA GLN C 139 -31.63 81.79 34.75
C GLN C 139 -32.73 80.74 34.88
N ILE C 140 -34.01 81.13 34.75
CA ILE C 140 -35.06 80.12 34.88
C ILE C 140 -35.16 79.22 33.67
N ALA C 141 -34.69 79.66 32.50
CA ALA C 141 -34.75 78.82 31.31
C ALA C 141 -33.85 77.61 31.44
N GLU C 142 -32.73 77.76 32.13
CA GLU C 142 -31.84 76.63 32.36
C GLU C 142 -32.49 75.63 33.31
N SER C 143 -33.26 76.11 34.29
CA SER C 143 -33.97 75.18 35.18
C SER C 143 -35.09 74.47 34.44
N LEU C 144 -35.73 75.13 33.48
CA LEU C 144 -36.73 74.48 32.64
C LEU C 144 -36.12 73.35 31.83
N THR C 145 -35.00 73.64 31.16
CA THR C 145 -34.30 72.60 30.39
C THR C 145 -33.77 71.49 31.28
N TRP C 146 -33.36 71.83 32.50
CA TRP C 146 -32.84 70.82 33.41
C TRP C 146 -33.94 69.92 33.94
N LEU C 147 -35.15 70.44 34.16
CA LEU C 147 -36.25 69.55 34.53
C LEU C 147 -36.66 68.65 33.37
N MET C 148 -36.58 69.15 32.13
CA MET C 148 -36.84 68.30 30.97
C MET C 148 -35.85 67.14 30.87
N ALA C 149 -34.55 67.44 30.99
CA ALA C 149 -33.55 66.38 30.94
C ALA C 149 -33.64 65.49 32.17
N ARG C 150 -34.11 66.04 33.28
CA ARG C 150 -34.26 65.27 34.51
C ARG C 150 -35.40 64.27 34.41
N MET C 151 -36.40 64.55 33.55
CA MET C 151 -37.45 63.56 33.29
C MET C 151 -37.03 62.54 32.24
N ARG C 152 -36.28 62.96 31.21
CA ARG C 152 -35.74 61.97 30.27
C ARG C 152 -34.81 60.99 30.95
N ASN C 153 -34.09 61.44 31.98
CA ASN C 153 -33.23 60.53 32.73
C ASN C 153 -34.02 59.49 33.50
N ARG C 154 -35.23 59.80 33.96
CA ARG C 154 -36.00 58.76 34.62
C ARG C 154 -36.64 57.80 33.64
N ARG C 155 -37.01 58.28 32.45
CA ARG C 155 -37.44 57.33 31.42
C ARG C 155 -36.31 56.34 31.11
N ARG C 156 -35.11 56.86 30.81
CA ARG C 156 -34.00 55.98 30.50
C ARG C 156 -33.53 55.18 31.71
N TRP C 157 -33.76 55.67 32.93
CA TRP C 157 -33.36 54.91 34.11
C TRP C 157 -34.28 53.72 34.34
N LEU C 158 -35.59 53.92 34.22
CA LEU C 158 -36.52 52.79 34.39
C LEU C 158 -36.30 51.74 33.32
N THR C 159 -36.09 52.17 32.08
CA THR C 159 -35.89 51.20 31.02
C THR C 159 -34.54 50.50 31.14
N TRP C 160 -33.51 51.20 31.62
CA TRP C 160 -32.25 50.53 31.89
C TRP C 160 -32.34 49.59 33.07
N GLN C 161 -33.16 49.92 34.07
CA GLN C 161 -33.29 49.07 35.24
C GLN C 161 -34.02 47.77 34.89
N VAL C 162 -35.02 47.85 34.01
CA VAL C 162 -35.69 46.61 33.62
C VAL C 162 -34.81 45.79 32.68
N MET C 163 -33.98 46.43 31.84
CA MET C 163 -33.03 45.62 31.07
C MET C 163 -31.91 45.05 31.93
N ARG C 164 -31.57 45.72 33.03
CA ARG C 164 -30.45 45.26 33.83
C ARG C 164 -30.85 44.09 34.71
N THR C 165 -31.91 44.24 35.51
CA THR C 165 -32.23 43.25 36.52
C THR C 165 -33.56 42.53 36.28
N GLY C 166 -34.31 42.90 35.25
CA GLY C 166 -35.61 42.29 35.04
C GLY C 166 -36.69 42.97 35.86
N ARG C 167 -36.54 42.97 37.17
CA ARG C 167 -37.39 43.76 38.03
C ARG C 167 -36.86 45.18 38.12
N ILE C 168 -37.70 46.09 38.59
CA ILE C 168 -37.27 47.44 38.92
C ILE C 168 -37.56 47.70 40.39
N THR C 169 -36.57 48.20 41.11
CA THR C 169 -36.57 48.23 42.56
C THR C 169 -36.32 49.65 43.04
N ILE C 170 -37.25 50.18 43.80
CA ILE C 170 -37.13 51.48 44.44
C ILE C 170 -37.21 51.22 45.93
N GLN C 171 -36.46 52.00 46.71
CA GLN C 171 -36.30 51.74 48.14
C GLN C 171 -35.82 53.03 48.80
N PRO C 172 -36.07 53.20 50.11
CA PRO C 172 -35.74 54.49 50.75
C PRO C 172 -34.25 54.78 50.88
N ASN C 173 -33.37 53.82 50.61
CA ASN C 173 -31.94 54.08 50.65
C ASN C 173 -31.44 54.75 49.37
N ASP C 174 -32.29 54.87 48.35
CA ASP C 174 -31.90 55.39 47.06
C ASP C 174 -31.56 56.89 47.15
N PRO C 175 -30.72 57.40 46.25
CA PRO C 175 -30.36 58.82 46.32
C PRO C 175 -31.48 59.75 45.94
N TYR C 176 -32.19 59.48 44.84
CA TYR C 176 -33.21 60.40 44.33
C TYR C 176 -34.60 59.99 44.77
N ASN C 177 -34.74 59.50 46.00
CA ASN C 177 -36.02 59.14 46.58
C ASN C 177 -36.13 59.72 47.97
N PRO C 178 -36.78 60.87 48.13
CA PRO C 178 -37.02 61.41 49.46
C PRO C 178 -38.21 60.74 50.10
N ASN C 179 -39.15 60.34 49.25
CA ASN C 179 -40.41 59.77 49.71
C ASN C 179 -40.18 58.39 50.34
N GLY C 180 -39.25 57.63 49.82
CA GLY C 180 -38.96 56.33 50.35
C GLY C 180 -39.89 55.25 49.90
N LEU C 181 -40.51 55.41 48.73
CA LEU C 181 -41.57 54.51 48.29
C LEU C 181 -40.96 53.19 47.84
N LYS C 182 -41.19 52.14 48.58
CA LYS C 182 -40.60 50.87 48.20
C LYS C 182 -41.43 50.24 47.08
N TYR C 183 -40.74 49.69 46.09
CA TYR C 183 -41.34 49.07 44.91
C TYR C 183 -40.53 47.86 44.51
N VAL C 184 -41.22 46.77 44.19
CA VAL C 184 -40.63 45.64 43.49
C VAL C 184 -41.63 45.32 42.38
N ILE C 185 -41.35 45.80 41.19
CA ILE C 185 -42.20 45.53 40.04
C ILE C 185 -41.52 44.40 39.28
N ASP C 186 -41.90 43.18 39.62
CA ASP C 186 -41.27 42.00 39.03
C ASP C 186 -41.92 41.74 37.70
N TYR C 187 -41.18 41.98 36.62
CA TYR C 187 -41.69 41.75 35.28
C TYR C 187 -41.66 40.28 34.87
N GLY C 188 -41.10 39.42 35.71
CA GLY C 188 -41.17 37.99 35.44
C GLY C 188 -40.30 37.50 34.30
N VAL C 189 -39.09 38.05 34.16
CA VAL C 189 -38.12 37.46 33.25
C VAL C 189 -37.69 36.12 33.83
N THR C 190 -37.71 35.08 33.00
CA THR C 190 -37.59 33.71 33.48
C THR C 190 -36.19 33.43 34.00
N ASP C 191 -35.19 33.49 33.14
CA ASP C 191 -33.81 33.27 33.54
C ASP C 191 -33.06 34.53 33.12
N ILE C 192 -32.82 35.43 34.07
CA ILE C 192 -32.22 36.70 33.71
C ILE C 192 -30.73 36.57 33.45
N GLU C 193 -30.06 35.63 34.12
CA GLU C 193 -28.61 35.52 34.05
C GLU C 193 -28.22 34.13 33.57
N LEU C 194 -27.03 34.06 32.99
CA LEU C 194 -26.51 32.80 32.51
C LEU C 194 -25.36 32.35 33.39
N PRO C 195 -25.33 31.06 33.78
CA PRO C 195 -24.37 30.63 34.79
C PRO C 195 -22.98 30.40 34.20
N LEU C 196 -21.98 31.00 34.84
CA LEU C 196 -20.57 30.70 34.58
C LEU C 196 -19.89 30.51 35.93
N PRO C 197 -19.57 29.28 36.30
CA PRO C 197 -18.84 29.06 37.55
C PRO C 197 -17.41 29.56 37.44
N GLN C 198 -16.77 29.16 36.34
CA GLN C 198 -15.44 29.62 36.00
C GLN C 198 -15.58 30.56 34.81
N LYS C 199 -15.10 31.79 34.96
CA LYS C 199 -15.28 32.80 33.94
C LYS C 199 -14.33 32.55 32.77
N PHE C 200 -14.47 33.36 31.72
CA PHE C 200 -13.71 33.11 30.50
C PHE C 200 -12.24 33.46 30.69
N ASP C 201 -11.97 34.52 31.43
CA ASP C 201 -10.60 34.94 31.72
C ASP C 201 -10.11 34.33 33.03
N ALA C 202 -10.27 33.01 33.16
CA ALA C 202 -9.85 32.27 34.34
C ALA C 202 -8.84 31.24 33.89
N LYS C 203 -7.60 31.39 34.35
CA LYS C 203 -6.51 30.54 33.91
C LYS C 203 -5.94 29.78 35.09
N ASP C 204 -5.71 28.49 34.92
CA ASP C 204 -5.07 27.66 35.93
C ASP C 204 -3.74 27.14 35.42
N GLY C 205 -2.79 27.00 36.34
CA GLY C 205 -1.48 26.47 36.00
C GLY C 205 -0.63 27.41 35.18
N ASN C 206 -0.29 26.99 33.97
CA ASN C 206 0.62 27.72 33.09
C ASN C 206 -0.07 28.04 31.77
N GLY C 207 -0.83 29.13 31.74
CA GLY C 207 -1.48 29.61 30.55
C GLY C 207 -2.69 28.82 30.09
N ASN C 208 -2.97 27.67 30.69
CA ASN C 208 -4.15 26.90 30.31
C ASN C 208 -5.40 27.58 30.83
N SER C 209 -6.42 27.66 29.98
CA SER C 209 -7.66 28.32 30.36
C SER C 209 -8.56 27.33 31.11
N ALA C 210 -9.80 27.73 31.33
CA ALA C 210 -10.75 26.91 32.09
C ALA C 210 -11.98 26.55 31.27
N VAL C 211 -12.59 27.51 30.59
CA VAL C 211 -13.80 27.29 29.81
C VAL C 211 -13.57 27.81 28.40
N ASP C 212 -14.60 27.70 27.58
CA ASP C 212 -14.52 27.97 26.14
C ASP C 212 -15.71 28.81 25.73
N PRO C 213 -15.52 30.06 25.32
CA PRO C 213 -16.67 30.92 25.04
C PRO C 213 -17.43 30.58 23.76
N ILE C 214 -16.71 30.30 22.67
CA ILE C 214 -17.33 29.97 21.40
C ILE C 214 -18.14 28.68 21.51
N GLN C 215 -17.65 27.72 22.27
CA GLN C 215 -18.38 26.49 22.50
C GLN C 215 -19.54 26.71 23.47
N TYR C 216 -19.40 27.66 24.39
CA TYR C 216 -20.48 28.01 25.31
C TYR C 216 -21.68 28.59 24.57
N PHE C 217 -21.44 29.50 23.63
CA PHE C 217 -22.56 30.02 22.88
C PHE C 217 -23.06 29.01 21.86
N ARG C 218 -22.18 28.12 21.41
CA ARG C 218 -22.59 27.05 20.51
C ARG C 218 -23.56 26.09 21.17
N ASP C 219 -23.28 25.67 22.41
CA ASP C 219 -24.25 24.77 23.00
C ASP C 219 -25.40 25.49 23.69
N LEU C 220 -25.32 26.82 23.88
CA LEU C 220 -26.57 27.55 24.15
C LEU C 220 -27.51 27.50 22.96
N ILE C 221 -26.97 27.75 21.75
CA ILE C 221 -27.79 27.66 20.54
C ILE C 221 -28.30 26.23 20.33
N LYS C 222 -27.47 25.23 20.64
CA LYS C 222 -27.87 23.84 20.44
C LYS C 222 -28.90 23.40 21.46
N ALA C 223 -28.72 23.75 22.74
CA ALA C 223 -29.65 23.37 23.79
C ALA C 223 -30.86 24.30 23.86
N ALA C 224 -30.94 25.29 22.99
CA ALA C 224 -32.19 26.02 22.76
C ALA C 224 -32.70 25.78 21.34
N THR C 225 -32.67 24.53 20.90
CA THR C 225 -33.14 24.19 19.56
C THR C 225 -34.66 24.16 19.48
N TYR C 226 -35.30 23.33 20.30
CA TYR C 226 -36.74 23.16 20.25
C TYR C 226 -37.50 24.18 21.08
N PHE C 227 -36.79 25.11 21.72
CA PHE C 227 -37.38 26.35 22.18
C PHE C 227 -36.95 27.40 21.17
N PRO C 228 -37.76 27.72 20.17
CA PRO C 228 -37.32 28.64 19.11
C PRO C 228 -37.32 30.11 19.48
N ASP C 229 -37.45 30.44 20.77
CA ASP C 229 -37.38 31.81 21.24
C ASP C 229 -36.24 32.05 22.23
N ARG C 230 -35.57 30.99 22.68
CA ARG C 230 -34.41 31.12 23.55
C ARG C 230 -33.11 31.09 22.77
N ARG C 231 -33.18 30.99 21.44
CA ARG C 231 -32.01 30.75 20.62
C ARG C 231 -31.39 32.08 20.26
N PRO C 232 -30.24 32.46 20.82
CA PRO C 232 -29.78 33.84 20.76
C PRO C 232 -29.36 34.29 19.36
N VAL C 233 -29.39 35.60 19.17
CA VAL C 233 -29.13 36.24 17.88
C VAL C 233 -28.00 37.26 17.98
N ALA C 234 -28.10 38.19 18.92
CA ALA C 234 -27.15 39.28 18.97
C ALA C 234 -26.58 39.44 20.38
N ILE C 235 -25.44 40.13 20.43
CA ILE C 235 -24.76 40.48 21.67
C ILE C 235 -24.43 41.96 21.60
N ILE C 236 -24.64 42.69 22.70
CA ILE C 236 -24.25 44.08 22.78
C ILE C 236 -23.30 44.19 23.97
N VAL C 237 -22.00 44.22 23.69
CA VAL C 237 -20.97 44.29 24.73
C VAL C 237 -20.14 45.54 24.50
N GLY C 238 -19.89 46.28 25.57
CA GLY C 238 -19.28 47.58 25.49
C GLY C 238 -17.76 47.69 25.48
N PRO C 239 -17.08 47.22 26.54
CA PRO C 239 -15.63 47.47 26.64
C PRO C 239 -14.79 46.59 25.74
N GLY C 240 -13.48 46.62 25.98
CA GLY C 240 -12.56 45.75 25.28
C GLY C 240 -12.85 44.29 25.51
N PHE C 241 -13.44 43.67 24.49
CA PHE C 241 -13.88 42.29 24.51
C PHE C 241 -13.00 41.39 23.67
N ASP C 242 -12.27 41.97 22.72
CA ASP C 242 -11.39 41.20 21.84
C ASP C 242 -10.22 40.60 22.60
N GLU C 243 -9.78 41.27 23.68
CA GLU C 243 -8.66 40.77 24.45
C GLU C 243 -9.00 39.49 25.21
N VAL C 244 -10.25 39.37 25.68
CA VAL C 244 -10.66 38.15 26.37
C VAL C 244 -10.75 37.01 25.38
N LEU C 245 -11.11 37.30 24.12
CA LEU C 245 -11.00 36.29 23.09
C LEU C 245 -9.56 36.03 22.68
N ALA C 246 -8.65 36.95 22.93
CA ALA C 246 -7.29 36.81 22.44
C ALA C 246 -6.35 36.19 23.44
N ASP C 247 -6.69 36.17 24.73
CA ASP C 247 -5.75 35.60 25.69
C ASP C 247 -6.12 34.19 26.15
N ASN C 248 -7.37 33.77 26.02
CA ASN C 248 -7.74 32.44 26.47
C ASN C 248 -7.21 31.38 25.52
N THR C 249 -7.18 30.13 26.00
CA THR C 249 -6.49 29.07 25.28
C THR C 249 -7.24 28.65 24.03
N PHE C 250 -8.55 28.42 24.14
CA PHE C 250 -9.27 27.74 23.08
C PHE C 250 -9.49 28.62 21.87
N VAL C 251 -9.70 29.92 22.07
CA VAL C 251 -9.91 30.78 20.91
C VAL C 251 -8.58 31.07 20.23
N GLN C 252 -7.48 31.09 20.99
CA GLN C 252 -6.15 31.10 20.38
C GLN C 252 -5.92 29.86 19.53
N LYS C 253 -6.35 28.69 20.03
CA LYS C 253 -6.21 27.48 19.24
C LYS C 253 -7.09 27.50 18.01
N TYR C 254 -8.23 28.19 18.06
CA TYR C 254 -9.07 28.29 16.87
C TYR C 254 -8.49 29.25 15.84
N VAL C 255 -7.90 30.35 16.30
CA VAL C 255 -7.22 31.26 15.37
C VAL C 255 -6.03 30.57 14.74
N GLU C 256 -5.29 29.78 15.52
CA GLU C 256 -4.14 29.06 15.00
C GLU C 256 -4.55 27.91 14.09
N TYR C 257 -5.73 27.32 14.32
CA TYR C 257 -6.27 26.38 13.35
C TYR C 257 -6.63 27.07 12.05
N GLU C 258 -7.20 28.27 12.13
CA GLU C 258 -7.69 28.90 10.91
C GLU C 258 -6.55 29.44 10.06
N LYS C 259 -5.62 30.16 10.69
CA LYS C 259 -4.51 30.75 9.95
C LYS C 259 -3.34 29.78 9.78
N GLY C 260 -3.44 28.57 10.31
CA GLY C 260 -2.39 27.58 10.14
C GLY C 260 -1.12 27.84 10.89
N TRP C 261 -1.13 28.78 11.83
CA TRP C 261 0.10 29.26 12.46
C TRP C 261 0.51 28.34 13.62
N VAL C 262 0.89 27.11 13.25
CA VAL C 262 1.53 26.24 14.21
C VAL C 262 2.91 26.82 14.55
N VAL C 263 3.25 26.83 15.83
CA VAL C 263 4.32 27.71 16.30
C VAL C 263 5.72 27.22 15.94
N GLY C 264 5.88 25.94 15.60
CA GLY C 264 7.20 25.44 15.36
C GLY C 264 7.55 25.34 13.89
N GLN C 265 6.53 25.38 13.04
CA GLN C 265 6.74 25.04 11.64
C GLN C 265 6.33 26.13 10.67
N ASN C 266 5.21 26.80 10.89
CA ASN C 266 4.78 27.80 9.92
C ASN C 266 5.45 29.14 10.20
N THR C 267 5.23 29.71 11.38
CA THR C 267 5.84 30.98 11.76
C THR C 267 6.27 30.85 13.22
N VAL C 268 7.08 31.79 13.70
CA VAL C 268 7.70 31.73 15.03
C VAL C 268 6.65 31.77 16.13
N GLN C 269 5.97 32.91 16.26
CA GLN C 269 4.82 33.11 17.14
C GLN C 269 4.16 34.43 16.73
N PRO C 270 2.86 34.43 16.51
CA PRO C 270 2.19 35.69 16.21
C PRO C 270 1.98 36.50 17.48
N PRO C 271 2.01 37.82 17.39
CA PRO C 271 1.76 38.65 18.56
C PRO C 271 0.30 38.60 18.99
N ARG C 272 0.05 39.07 20.21
CA ARG C 272 -1.30 39.11 20.75
C ARG C 272 -2.18 40.08 19.97
N GLU C 273 -1.58 41.10 19.37
CA GLU C 273 -2.35 42.08 18.61
C GLU C 273 -2.89 41.46 17.32
N VAL C 274 -2.11 40.59 16.69
CA VAL C 274 -2.58 39.90 15.50
C VAL C 274 -3.68 38.90 15.86
N TYR C 275 -3.63 38.35 17.08
CA TYR C 275 -4.76 37.56 17.59
C TYR C 275 -6.02 38.39 17.69
N ARG C 276 -5.97 39.49 18.45
CA ARG C 276 -7.19 40.25 18.71
C ARG C 276 -7.69 41.02 17.50
N GLN C 277 -6.88 41.20 16.46
CA GLN C 277 -7.41 41.85 15.26
C GLN C 277 -8.26 40.94 14.40
N ALA C 278 -8.33 39.64 14.71
CA ALA C 278 -9.20 38.74 13.96
C ALA C 278 -9.97 37.76 14.82
N ALA C 279 -9.78 37.79 16.15
CA ALA C 279 -10.45 36.86 17.03
C ALA C 279 -11.96 37.10 17.06
N LEU C 280 -12.38 38.36 17.06
CA LEU C 280 -13.81 38.67 17.02
C LEU C 280 -14.42 38.24 15.70
N ASP C 281 -13.66 38.35 14.61
CA ASP C 281 -14.20 37.97 13.31
C ASP C 281 -14.36 36.45 13.21
N ILE C 282 -13.40 35.69 13.72
CA ILE C 282 -13.56 34.24 13.63
C ILE C 282 -14.60 33.75 14.63
N PHE C 283 -14.77 34.46 15.75
CA PHE C 283 -15.85 34.18 16.69
C PHE C 283 -17.22 34.37 16.05
N LYS C 284 -17.39 35.52 15.39
CA LYS C 284 -18.62 35.83 14.70
C LYS C 284 -18.89 34.86 13.56
N ARG C 285 -17.84 34.38 12.88
CA ARG C 285 -18.04 33.46 11.78
C ARG C 285 -18.39 32.06 12.29
N TYR C 286 -17.79 31.61 13.39
CA TYR C 286 -18.09 30.26 13.84
C TYR C 286 -19.35 30.17 14.68
N THR C 287 -19.88 31.28 15.20
CA THR C 287 -21.20 31.22 15.84
C THR C 287 -22.30 31.80 14.96
N GLY C 288 -22.15 33.04 14.50
CA GLY C 288 -23.20 33.72 13.78
C GLY C 288 -23.91 34.78 14.59
N LEU C 289 -23.50 34.98 15.84
CA LEU C 289 -24.05 36.02 16.69
C LEU C 289 -23.43 37.37 16.33
N GLU C 290 -24.25 38.24 15.75
CA GLU C 290 -23.82 39.58 15.39
C GLU C 290 -23.59 40.39 16.67
N VAL C 291 -22.34 40.68 16.97
CA VAL C 291 -21.96 41.37 18.19
C VAL C 291 -21.99 42.87 17.95
N MET C 292 -22.82 43.58 18.70
CA MET C 292 -22.80 45.04 18.69
C MET C 292 -21.91 45.55 19.81
N VAL C 293 -21.47 46.78 19.67
CA VAL C 293 -20.63 47.43 20.67
C VAL C 293 -21.30 48.71 21.12
N TYR C 294 -21.21 49.00 22.42
CA TYR C 294 -21.85 50.18 22.98
C TYR C 294 -21.02 50.65 24.17
N ASP C 295 -20.16 51.65 23.93
CA ASP C 295 -19.14 52.02 24.89
C ASP C 295 -19.27 53.46 25.37
N LYS C 296 -20.48 53.85 25.75
CA LYS C 296 -20.67 55.14 26.39
C LYS C 296 -20.50 55.01 27.90
N THR C 297 -20.19 56.13 28.54
CA THR C 297 -19.70 56.14 29.91
C THR C 297 -20.50 57.11 30.77
N TYR C 298 -20.49 56.85 32.07
CA TYR C 298 -21.08 57.76 33.04
C TYR C 298 -20.12 57.96 34.19
N ARG C 299 -19.97 59.22 34.61
CA ARG C 299 -19.11 59.58 35.73
C ARG C 299 -19.91 59.48 37.01
N ASP C 300 -19.65 58.45 37.81
CA ASP C 300 -20.40 58.28 39.03
C ASP C 300 -19.72 59.05 40.17
N GLN C 301 -20.19 58.83 41.39
CA GLN C 301 -19.73 59.62 42.53
C GLN C 301 -18.33 59.26 43.00
N ASP C 302 -17.74 58.18 42.48
CA ASP C 302 -16.37 57.86 42.83
C ASP C 302 -15.37 58.80 42.18
N GLY C 303 -15.77 59.50 41.12
CA GLY C 303 -14.83 60.21 40.29
C GLY C 303 -14.09 59.33 39.31
N SER C 304 -14.57 58.11 39.09
CA SER C 304 -13.91 57.14 38.23
C SER C 304 -14.86 56.72 37.12
N VAL C 305 -14.38 56.77 35.89
CA VAL C 305 -15.23 56.55 34.71
C VAL C 305 -15.63 55.09 34.62
N LYS C 306 -16.93 54.84 34.47
CA LYS C 306 -17.44 53.49 34.27
C LYS C 306 -18.31 53.45 33.03
N TYR C 307 -18.25 52.36 32.29
CA TYR C 307 -19.05 52.21 31.10
C TYR C 307 -20.50 51.93 31.47
N TRP C 308 -21.40 52.09 30.49
CA TRP C 308 -22.79 51.73 30.72
C TRP C 308 -22.96 50.22 30.80
N ILE C 309 -22.46 49.49 29.82
CA ILE C 309 -22.34 48.04 29.95
C ILE C 309 -21.14 47.81 30.85
N PRO C 310 -21.31 47.22 32.02
CA PRO C 310 -20.17 47.06 32.94
C PRO C 310 -19.12 46.12 32.38
N VAL C 311 -17.86 46.38 32.73
CA VAL C 311 -16.76 45.59 32.21
C VAL C 311 -16.83 44.18 32.78
N GLY C 312 -16.65 43.20 31.91
CA GLY C 312 -16.79 41.83 32.31
C GLY C 312 -18.17 41.24 32.14
N GLU C 313 -19.13 42.01 31.62
CA GLU C 313 -20.49 41.54 31.39
C GLU C 313 -20.92 41.85 29.98
N LEU C 314 -21.69 40.94 29.37
CA LEU C 314 -22.27 41.16 28.05
C LEU C 314 -23.73 40.75 28.06
N ILE C 315 -24.56 41.53 27.40
CA ILE C 315 -25.98 41.21 27.30
C ILE C 315 -26.18 40.28 26.12
N VAL C 316 -27.25 39.48 26.16
CA VAL C 316 -27.58 38.53 25.10
C VAL C 316 -29.05 38.66 24.76
N LEU C 317 -29.36 38.97 23.51
CA LEU C 317 -30.74 38.97 23.06
C LEU C 317 -31.10 37.58 22.56
N ASN C 318 -32.33 37.14 22.83
CA ASN C 318 -32.69 35.74 22.76
C ASN C 318 -33.55 35.33 21.58
N GLN C 319 -34.26 36.25 20.95
CA GLN C 319 -35.01 35.84 19.78
C GLN C 319 -34.69 36.66 18.54
N SER C 320 -34.54 37.96 18.69
CA SER C 320 -34.23 38.86 17.58
C SER C 320 -33.76 40.17 18.15
N THR C 321 -33.25 41.03 17.28
CA THR C 321 -32.90 42.39 17.64
C THR C 321 -34.08 43.29 17.30
N GLY C 322 -34.75 43.81 18.32
CA GLY C 322 -35.92 44.63 18.10
C GLY C 322 -36.48 45.19 19.38
N PRO C 323 -37.68 45.76 19.30
CA PRO C 323 -38.29 46.40 20.47
C PRO C 323 -38.77 45.37 21.49
N VAL C 324 -38.25 45.47 22.70
CA VAL C 324 -38.62 44.54 23.79
C VAL C 324 -39.78 45.20 24.52
N GLY C 325 -40.97 45.03 23.95
CA GLY C 325 -42.09 45.79 24.49
C GLY C 325 -41.93 47.27 24.21
N ARG C 326 -42.43 48.10 25.13
CA ARG C 326 -42.41 49.53 24.93
C ARG C 326 -42.58 50.23 26.27
N PHE C 327 -42.20 51.49 26.30
CA PHE C 327 -42.42 52.36 27.45
C PHE C 327 -43.67 53.17 27.17
N VAL C 328 -44.62 53.14 28.11
CA VAL C 328 -45.94 53.69 27.88
C VAL C 328 -46.31 54.67 29.00
N TYR C 329 -46.63 55.89 28.62
CA TYR C 329 -47.09 56.90 29.54
C TYR C 329 -48.58 56.74 29.77
N THR C 330 -49.06 57.26 30.89
CA THR C 330 -50.49 57.38 31.12
C THR C 330 -50.85 58.85 31.26
N ALA C 331 -52.09 59.11 31.61
CA ALA C 331 -52.66 60.44 31.54
C ALA C 331 -52.56 61.15 32.88
N HIS C 332 -52.31 62.44 32.82
CA HIS C 332 -52.30 63.32 33.98
C HIS C 332 -53.40 64.37 33.79
N VAL C 333 -53.44 65.35 34.67
CA VAL C 333 -54.58 66.26 34.78
C VAL C 333 -54.23 67.61 34.16
N ALA C 334 -55.10 68.10 33.29
CA ALA C 334 -55.07 69.47 32.81
C ALA C 334 -56.47 70.05 32.99
N GLY C 335 -56.55 71.30 33.43
CA GLY C 335 -57.78 71.79 33.99
C GLY C 335 -58.78 72.51 33.11
N GLN C 336 -59.99 71.93 33.00
CA GLN C 336 -61.25 72.52 32.54
C GLN C 336 -61.18 73.41 31.29
N ARG C 337 -60.96 72.80 30.12
CA ARG C 337 -60.91 73.55 28.87
C ARG C 337 -62.24 74.28 28.60
N ASN C 338 -63.36 73.57 28.63
CA ASN C 338 -64.61 74.30 28.49
C ASN C 338 -65.20 74.58 29.87
N GLY C 339 -65.66 73.54 30.54
CA GLY C 339 -66.07 73.63 31.93
C GLY C 339 -65.69 72.36 32.64
N LYS C 340 -65.19 71.40 31.87
CA LYS C 340 -64.98 70.04 32.32
C LYS C 340 -63.53 69.63 32.07
N VAL C 341 -63.05 68.71 32.89
CA VAL C 341 -61.63 68.39 32.96
C VAL C 341 -61.22 67.60 31.71
N VAL C 342 -60.17 68.06 31.04
CA VAL C 342 -59.67 67.43 29.82
C VAL C 342 -58.19 67.17 29.99
N TYR C 343 -57.79 65.91 29.85
CA TYR C 343 -56.48 65.43 30.28
C TYR C 343 -55.40 65.70 29.24
N ALA C 344 -54.18 65.32 29.59
CA ALA C 344 -53.04 65.34 28.70
C ALA C 344 -52.14 64.17 29.07
N THR C 345 -51.29 63.79 28.12
CA THR C 345 -50.67 62.47 28.16
C THR C 345 -49.16 62.47 28.37
N GLY C 346 -48.41 63.37 27.74
CA GLY C 346 -46.97 63.34 27.81
C GLY C 346 -46.44 63.87 29.11
N PRO C 347 -45.12 64.03 29.22
CA PRO C 347 -44.56 64.70 30.39
C PRO C 347 -44.89 66.19 30.36
N TYR C 348 -45.46 66.68 31.45
CA TYR C 348 -45.90 68.06 31.52
C TYR C 348 -44.90 68.89 32.31
N LEU C 349 -44.99 70.20 32.11
CA LEU C 349 -44.14 71.15 32.81
C LEU C 349 -44.96 72.41 33.03
N THR C 350 -45.18 72.77 34.29
CA THR C 350 -46.05 73.87 34.66
C THR C 350 -45.25 74.98 35.32
N VAL C 351 -45.56 76.21 34.95
CA VAL C 351 -44.99 77.41 35.56
C VAL C 351 -46.06 78.07 36.40
N LYS C 352 -45.64 78.70 37.48
CA LYS C 352 -46.55 79.39 38.39
C LYS C 352 -45.99 80.74 38.76
N ASP C 353 -46.76 81.79 38.50
CA ASP C 353 -46.43 83.12 38.96
C ASP C 353 -47.06 83.34 40.33
N HIS C 354 -46.24 83.73 41.28
CA HIS C 354 -46.73 84.23 42.57
C HIS C 354 -46.09 85.57 42.86
N LEU C 355 -45.77 86.32 41.79
CA LEU C 355 -45.02 87.55 41.91
C LEU C 355 -45.85 88.68 42.49
N GLN C 356 -47.16 88.50 42.64
CA GLN C 356 -47.99 89.49 43.29
C GLN C 356 -48.17 89.22 44.78
N ASP C 357 -47.89 88.01 45.25
CA ASP C 357 -48.21 87.60 46.60
C ASP C 357 -47.19 88.17 47.59
N ASP C 358 -47.41 87.88 48.87
CA ASP C 358 -46.49 88.37 49.91
C ASP C 358 -45.77 87.22 50.58
N PRO C 359 -44.44 87.12 50.47
CA PRO C 359 -43.57 87.86 49.55
C PRO C 359 -43.69 87.26 48.17
N PRO C 360 -43.34 88.00 47.11
CA PRO C 360 -43.41 87.43 45.77
C PRO C 360 -42.45 86.26 45.60
N TYR C 361 -42.94 85.20 44.97
CA TYR C 361 -42.09 84.07 44.65
C TYR C 361 -42.53 83.52 43.30
N TYR C 362 -41.94 82.39 42.91
CA TYR C 362 -42.09 81.89 41.55
C TYR C 362 -41.64 80.45 41.54
N ALA C 363 -42.49 79.55 41.08
CA ALA C 363 -42.21 78.13 41.17
C ALA C 363 -42.55 77.46 39.85
N ILE C 364 -41.67 76.55 39.43
CA ILE C 364 -41.90 75.74 38.23
C ILE C 364 -41.96 74.28 38.68
N ILE C 365 -42.89 73.53 38.08
CA ILE C 365 -43.17 72.15 38.46
C ILE C 365 -43.30 71.33 37.19
N ALA C 366 -42.58 70.20 37.13
CA ALA C 366 -42.69 69.25 36.04
C ALA C 366 -42.79 67.85 36.59
N GLY C 367 -43.14 66.91 35.72
CA GLY C 367 -43.36 65.54 36.12
C GLY C 367 -44.17 64.80 35.07
N PHE C 368 -44.35 63.50 35.31
CA PHE C 368 -45.08 62.65 34.38
C PHE C 368 -45.59 61.40 35.07
N HIS C 369 -46.36 60.61 34.32
CA HIS C 369 -46.87 59.30 34.73
C HIS C 369 -46.48 58.29 33.67
N GLY C 370 -45.98 57.13 34.08
CA GLY C 370 -45.64 56.10 33.11
C GLY C 370 -44.85 54.98 33.74
N LEU C 371 -44.70 53.89 32.96
CA LEU C 371 -43.98 52.69 33.35
C LEU C 371 -43.70 51.84 32.12
N PRO C 372 -42.58 51.14 32.02
CA PRO C 372 -42.35 50.26 30.87
C PRO C 372 -43.18 49.00 30.92
N GLN C 373 -43.44 48.45 29.74
CA GLN C 373 -44.28 47.27 29.57
C GLN C 373 -43.60 46.31 28.61
N LEU C 374 -43.66 45.02 28.92
CA LEU C 374 -43.08 43.98 28.08
C LEU C 374 -44.21 43.32 27.28
N SER C 375 -44.23 43.55 25.98
CA SER C 375 -45.40 43.21 25.17
C SER C 375 -45.47 41.72 24.88
N GLY C 376 -44.48 41.19 24.15
CA GLY C 376 -44.58 39.83 23.67
C GLY C 376 -44.21 38.78 24.71
N TYR C 377 -45.21 38.06 25.21
CA TYR C 377 -44.97 36.96 26.13
C TYR C 377 -45.14 35.63 25.42
N ASN C 378 -44.65 34.57 26.08
CA ASN C 378 -44.87 33.23 25.60
C ASN C 378 -46.34 32.85 25.81
N THR C 379 -46.82 31.94 24.98
CA THR C 379 -48.24 31.58 24.98
C THR C 379 -48.56 30.38 25.86
N GLU C 380 -47.97 29.22 25.53
CA GLU C 380 -48.34 27.99 26.23
C GLU C 380 -47.79 27.95 27.65
N ASP C 381 -46.55 28.36 27.83
CA ASP C 381 -46.06 28.73 29.15
C ASP C 381 -46.05 30.24 29.20
N PHE C 382 -45.86 30.78 30.39
CA PHE C 382 -45.95 32.22 30.59
C PHE C 382 -44.56 32.82 30.79
N SER C 383 -43.59 32.27 30.08
CA SER C 383 -42.21 32.67 30.22
C SER C 383 -41.92 33.91 29.39
N PHE C 384 -40.70 34.42 29.52
CA PHE C 384 -40.26 35.56 28.72
C PHE C 384 -38.74 35.46 28.58
N HIS C 385 -38.29 34.89 27.47
CA HIS C 385 -36.88 34.75 27.15
C HIS C 385 -36.60 35.67 25.97
N ARG C 386 -36.22 36.87 26.26
CA ARG C 386 -35.92 37.84 25.21
C ARG C 386 -34.55 38.45 25.37
N PHE C 387 -34.14 38.74 26.60
CA PHE C 387 -32.79 39.24 26.87
C PHE C 387 -32.21 38.52 28.07
N LYS C 388 -30.91 38.28 28.06
CA LYS C 388 -30.21 37.68 29.17
C LYS C 388 -28.86 38.35 29.37
N TRP C 389 -28.40 38.36 30.61
CA TRP C 389 -27.08 38.84 30.97
C TRP C 389 -26.16 37.66 31.25
N LEU C 390 -24.86 37.91 31.13
CA LEU C 390 -23.86 36.99 31.66
C LEU C 390 -22.62 37.79 31.99
N LYS C 391 -21.98 37.44 33.09
CA LYS C 391 -20.68 38.02 33.42
C LYS C 391 -19.57 37.11 32.89
N TYR C 392 -18.79 37.62 31.94
CA TYR C 392 -17.86 36.76 31.23
C TYR C 392 -16.44 36.81 31.78
N ALA C 393 -15.98 37.95 32.27
CA ALA C 393 -14.63 38.04 32.79
C ALA C 393 -14.63 38.90 34.04
N ASN C 394 -13.49 38.92 34.72
CA ASN C 394 -13.37 39.67 35.95
C ASN C 394 -12.36 40.80 35.85
N ASN C 395 -11.23 40.58 35.18
CA ASN C 395 -10.17 41.57 35.06
C ASN C 395 -10.16 42.08 33.63
N VAL C 396 -11.00 43.07 33.36
CA VAL C 396 -11.05 43.72 32.05
C VAL C 396 -10.51 45.13 32.10
N GLN C 397 -10.51 45.77 33.28
CA GLN C 397 -10.00 47.13 33.44
C GLN C 397 -8.50 47.22 33.13
N SER C 398 -7.75 46.15 33.41
CA SER C 398 -6.33 46.12 33.08
C SER C 398 -6.07 46.07 31.59
N TYR C 399 -7.06 45.72 30.78
CA TYR C 399 -6.94 45.74 29.33
C TYR C 399 -7.31 47.09 28.74
N LEU C 400 -7.62 48.07 29.57
CA LEU C 400 -8.16 49.33 29.15
C LEU C 400 -7.20 50.47 29.47
N PRO C 401 -7.20 51.54 28.67
CA PRO C 401 -6.38 52.70 29.01
C PRO C 401 -6.99 53.43 30.20
N PRO C 402 -6.18 54.16 30.96
CA PRO C 402 -6.73 54.88 32.13
C PRO C 402 -7.52 56.10 31.71
N PHE C 403 -8.27 56.63 32.67
CA PHE C 403 -9.16 57.76 32.46
C PHE C 403 -8.68 58.99 33.21
N PRO C 404 -8.92 60.17 32.68
CA PRO C 404 -8.45 61.39 33.33
C PRO C 404 -9.29 61.73 34.55
N PRO C 405 -8.72 62.44 35.52
CA PRO C 405 -9.53 62.97 36.62
C PRO C 405 -10.41 64.12 36.15
N LYS C 406 -11.37 64.47 36.99
CA LYS C 406 -12.25 65.60 36.74
C LYS C 406 -11.59 66.87 37.26
N VAL C 407 -11.43 67.86 36.39
CA VAL C 407 -10.83 69.12 36.80
C VAL C 407 -11.82 69.89 37.67
N GLU C 408 -11.43 70.15 38.92
CA GLU C 408 -12.31 70.80 39.88
C GLU C 408 -11.97 72.26 40.08
N LEU C 409 -11.55 72.96 39.03
CA LEU C 409 -11.11 74.33 39.18
C LEU C 409 -11.87 75.27 38.25
N MET D 1 -62.03 15.88 19.86
CA MET D 1 -63.20 16.63 20.30
C MET D 1 -62.76 17.95 20.88
N ARG D 2 -63.62 18.96 20.74
CA ARG D 2 -63.40 20.25 21.36
C ARG D 2 -64.47 20.49 22.42
N VAL D 3 -64.15 21.32 23.40
CA VAL D 3 -65.17 21.87 24.28
C VAL D 3 -65.93 22.89 23.45
N PRO D 4 -67.20 22.65 23.13
CA PRO D 4 -67.87 23.51 22.15
C PRO D 4 -68.27 24.87 22.72
N ILE D 5 -67.29 25.75 22.87
CA ILE D 5 -67.53 27.10 23.33
C ILE D 5 -67.61 28.01 22.12
N ASN D 6 -68.08 29.23 22.34
CA ASN D 6 -67.90 30.29 21.36
C ASN D 6 -66.68 31.09 21.80
N ILE D 7 -65.73 31.26 20.88
CA ILE D 7 -64.40 31.73 21.25
C ILE D 7 -64.44 33.21 21.58
N ASN D 8 -65.03 34.01 20.71
CA ASN D 8 -65.03 35.47 20.85
C ASN D 8 -66.05 35.97 21.86
N ASN D 9 -66.62 35.10 22.70
CA ASN D 9 -67.53 35.52 23.75
C ASN D 9 -67.15 35.01 25.13
N ALA D 10 -66.30 33.99 25.23
CA ALA D 10 -65.93 33.47 26.53
C ALA D 10 -65.09 34.48 27.30
N LEU D 11 -64.12 35.11 26.63
CA LEU D 11 -63.31 36.11 27.27
C LEU D 11 -64.13 37.33 27.64
N ALA D 12 -65.14 37.65 26.85
CA ALA D 12 -66.03 38.76 27.19
C ALA D 12 -66.93 38.43 28.37
N ARG D 13 -67.20 37.16 28.61
CA ARG D 13 -68.11 36.78 29.69
C ARG D 13 -67.43 36.28 30.95
N VAL D 14 -66.10 36.16 30.97
CA VAL D 14 -65.44 35.64 32.17
C VAL D 14 -65.45 36.66 33.30
N ARG D 15 -65.20 37.94 33.00
CA ARG D 15 -65.05 38.95 34.03
C ARG D 15 -66.37 39.22 34.76
N ASP D 16 -66.28 39.94 35.87
CA ASP D 16 -67.48 40.19 36.64
C ASP D 16 -67.80 41.67 36.71
N PRO D 17 -69.08 42.04 36.76
CA PRO D 17 -69.43 43.45 36.87
C PRO D 17 -69.58 43.92 38.31
N LEU D 18 -69.03 43.19 39.27
CA LEU D 18 -69.04 43.68 40.64
C LEU D 18 -67.93 44.71 40.85
N SER D 19 -66.68 44.24 40.82
CA SER D 19 -65.45 45.04 40.61
C SER D 19 -65.29 46.22 41.58
N ILE D 20 -65.84 46.11 42.78
CA ILE D 20 -65.67 47.14 43.81
C ILE D 20 -65.05 46.50 45.04
N GLY D 21 -63.97 47.10 45.53
CA GLY D 21 -63.21 46.56 46.63
C GLY D 21 -61.75 46.88 46.46
N GLY D 22 -61.36 47.27 45.25
CA GLY D 22 -60.01 47.75 45.01
C GLY D 22 -59.81 49.11 45.64
N LEU D 23 -60.48 50.12 45.11
CA LEU D 23 -60.35 51.48 45.61
C LEU D 23 -61.66 52.01 46.17
N LYS D 24 -62.66 51.15 46.33
CA LYS D 24 -64.05 51.44 46.72
C LYS D 24 -64.78 52.30 45.70
N PHE D 25 -64.30 52.34 44.46
CA PHE D 25 -65.00 52.94 43.34
C PHE D 25 -64.46 52.31 42.06
N PRO D 26 -65.26 52.26 40.99
CA PRO D 26 -64.77 51.64 39.75
C PRO D 26 -63.69 52.44 39.03
N THR D 27 -62.47 51.90 39.00
CA THR D 27 -61.38 52.48 38.26
C THR D 27 -61.58 52.29 36.76
N THR D 28 -60.79 53.04 35.99
CA THR D 28 -60.73 52.84 34.55
C THR D 28 -59.55 51.95 34.21
N LYS D 29 -59.64 51.32 33.05
CA LYS D 29 -58.61 50.43 32.54
C LYS D 29 -58.85 50.21 31.06
N GLU D 30 -57.88 49.58 30.40
CA GLU D 30 -58.01 49.22 29.00
C GLU D 30 -57.52 47.80 28.83
N ILE D 31 -58.29 46.98 28.13
CA ILE D 31 -58.06 45.53 28.08
C ILE D 31 -58.07 45.08 26.63
N GLN D 32 -56.99 44.45 26.20
CA GLN D 32 -56.92 43.73 24.94
C GLN D 32 -56.83 42.25 25.25
N GLU D 33 -57.26 41.43 24.29
CA GLU D 33 -57.45 40.02 24.56
C GLU D 33 -56.94 39.19 23.40
N ALA D 34 -56.65 37.92 23.68
CA ALA D 34 -56.06 37.02 22.68
C ALA D 34 -56.41 35.60 23.01
N VAL D 35 -56.49 34.76 21.97
CA VAL D 35 -56.76 33.35 22.09
C VAL D 35 -55.77 32.59 21.22
N ALA D 36 -55.26 31.48 21.75
CA ALA D 36 -54.36 30.62 20.98
C ALA D 36 -54.47 29.20 21.52
N ALA D 37 -55.10 28.31 20.75
CA ALA D 37 -55.22 26.91 21.13
C ALA D 37 -53.88 26.21 20.99
N ILE D 38 -53.64 25.26 21.88
CA ILE D 38 -52.32 24.64 21.98
C ILE D 38 -52.45 23.12 21.94
N ALA D 39 -51.55 22.49 21.19
CA ALA D 39 -51.47 21.03 21.06
C ALA D 39 -50.06 20.70 20.59
N ASP D 40 -49.44 19.72 21.25
CA ASP D 40 -48.02 19.45 21.02
C ASP D 40 -47.79 18.79 19.68
N LYS D 41 -46.83 19.32 18.92
CA LYS D 41 -46.44 18.80 17.62
C LYS D 41 -45.38 17.72 17.73
N PHE D 42 -45.10 17.23 18.94
CA PHE D 42 -44.10 16.19 19.14
C PHE D 42 -44.71 14.80 19.23
N ASN D 43 -46.03 14.69 19.19
CA ASN D 43 -46.70 13.40 19.17
C ASN D 43 -47.00 13.00 17.73
N GLN D 44 -45.94 12.92 16.94
CA GLN D 44 -46.08 12.72 15.51
C GLN D 44 -46.47 11.28 15.18
N GLU D 45 -47.12 11.11 14.04
CA GLU D 45 -47.47 9.78 13.59
C GLU D 45 -46.27 9.15 12.89
N ASN D 46 -46.37 7.85 12.63
CA ASN D 46 -45.28 7.10 12.03
C ASN D 46 -45.48 7.09 10.52
N ASP D 47 -44.62 7.79 9.79
CA ASP D 47 -44.73 7.91 8.35
C ASP D 47 -43.74 7.00 7.62
N LEU D 48 -42.99 6.18 8.34
CA LEU D 48 -42.04 5.31 7.69
C LEU D 48 -42.64 3.95 7.36
N VAL D 49 -43.47 3.43 8.26
CA VAL D 49 -43.87 2.03 8.21
C VAL D 49 -44.92 1.76 7.14
N ASP D 50 -45.40 2.79 6.45
CA ASP D 50 -46.19 2.62 5.24
C ASP D 50 -45.39 2.81 3.96
N ARG D 51 -44.13 3.20 4.06
CA ARG D 51 -43.20 3.07 2.94
C ARG D 51 -42.54 1.71 2.91
N PHE D 52 -42.80 0.87 3.92
CA PHE D 52 -42.34 -0.51 3.92
C PHE D 52 -43.46 -1.51 3.73
N PHE D 53 -44.70 -1.07 3.75
CA PHE D 53 -45.85 -1.96 3.57
C PHE D 53 -46.89 -1.25 2.74
N PRO D 54 -46.76 -1.27 1.42
CA PRO D 54 -47.80 -0.69 0.56
C PRO D 54 -49.05 -1.52 0.58
N GLU D 55 -50.18 -0.86 0.42
CA GLU D 55 -51.48 -1.52 0.58
C GLU D 55 -51.81 -2.33 -0.66
N ASP D 56 -52.18 -3.59 -0.44
CA ASP D 56 -52.82 -4.41 -1.45
C ASP D 56 -54.14 -4.90 -0.88
N SER D 57 -54.93 -5.55 -1.73
CA SER D 57 -56.21 -6.06 -1.27
C SER D 57 -56.58 -7.27 -2.10
N THR D 58 -56.97 -8.34 -1.41
CA THR D 58 -57.44 -9.56 -2.04
C THR D 58 -58.87 -9.84 -1.62
N PHE D 59 -59.69 -10.25 -2.58
CA PHE D 59 -61.05 -10.66 -2.24
C PHE D 59 -61.09 -12.02 -1.58
N ALA D 60 -60.10 -12.87 -1.87
CA ALA D 60 -60.03 -14.18 -1.26
C ALA D 60 -59.70 -14.07 0.22
N SER D 61 -60.11 -15.09 0.97
CA SER D 61 -59.85 -15.10 2.41
C SER D 61 -58.38 -15.30 2.70
N GLU D 62 -57.85 -16.46 2.34
CA GLU D 62 -56.50 -16.85 2.71
C GLU D 62 -55.56 -16.75 1.52
N LEU D 63 -54.28 -16.84 1.81
CA LEU D 63 -53.25 -17.07 0.80
C LEU D 63 -52.41 -18.26 1.21
N GLU D 64 -52.06 -19.09 0.23
CA GLU D 64 -51.19 -20.22 0.46
C GLU D 64 -50.06 -20.23 -0.55
N LEU D 65 -48.93 -20.77 -0.13
CA LEU D 65 -47.70 -20.73 -0.92
C LEU D 65 -47.13 -22.14 -1.03
N TYR D 66 -46.93 -22.60 -2.26
CA TYR D 66 -46.29 -23.87 -2.52
C TYR D 66 -44.94 -23.65 -3.18
N LEU D 67 -43.95 -24.42 -2.75
CA LEU D 67 -42.59 -24.26 -3.25
C LEU D 67 -42.00 -25.65 -3.44
N LEU D 68 -41.85 -26.08 -4.69
CA LEU D 68 -41.27 -27.36 -5.03
C LEU D 68 -39.81 -27.14 -5.37
N ARG D 69 -38.92 -27.62 -4.52
CA ARG D 69 -37.49 -27.42 -4.72
C ARG D 69 -36.80 -28.76 -5.01
N THR D 70 -35.74 -28.69 -5.80
CA THR D 70 -35.17 -29.85 -6.46
C THR D 70 -33.68 -29.93 -6.19
N GLN D 71 -33.20 -31.07 -5.74
CA GLN D 71 -31.77 -31.35 -5.62
C GLN D 71 -31.44 -32.54 -6.51
N ASP D 72 -30.82 -32.26 -7.65
CA ASP D 72 -30.40 -33.33 -8.53
C ASP D 72 -29.09 -33.93 -8.05
N ALA D 73 -28.72 -35.07 -8.66
CA ALA D 73 -27.45 -35.69 -8.35
C ALA D 73 -26.31 -34.89 -8.98
N GLU D 74 -25.11 -35.12 -8.49
CA GLU D 74 -23.95 -34.35 -8.87
C GLU D 74 -22.89 -35.27 -9.45
N GLN D 75 -22.30 -34.85 -10.57
CA GLN D 75 -21.30 -35.66 -11.27
C GLN D 75 -19.98 -35.60 -10.50
N THR D 76 -19.88 -36.45 -9.49
CA THR D 76 -18.71 -36.53 -8.64
C THR D 76 -17.97 -37.83 -8.87
N GLY D 77 -16.77 -37.91 -8.31
CA GLY D 77 -16.04 -39.16 -8.22
C GLY D 77 -14.84 -39.20 -9.16
N MET D 78 -14.20 -40.36 -9.15
CA MET D 78 -13.03 -40.66 -9.95
C MET D 78 -13.13 -42.10 -10.42
N THR D 79 -12.36 -42.46 -11.44
CA THR D 79 -12.44 -43.83 -11.94
C THR D 79 -11.67 -44.78 -11.05
N PHE D 80 -12.13 -46.02 -11.03
CA PHE D 80 -11.51 -47.05 -10.22
C PHE D 80 -10.23 -47.49 -10.89
N VAL D 81 -9.26 -47.85 -10.07
CA VAL D 81 -7.94 -48.24 -10.55
C VAL D 81 -7.86 -49.75 -10.62
N HIS D 82 -7.34 -50.28 -11.73
CA HIS D 82 -7.20 -51.72 -11.86
C HIS D 82 -5.98 -52.02 -12.71
N GLN D 83 -5.45 -53.22 -12.53
CA GLN D 83 -4.37 -53.69 -13.37
C GLN D 83 -4.95 -54.21 -14.67
N VAL D 84 -4.23 -53.99 -15.78
CA VAL D 84 -4.72 -54.40 -17.08
C VAL D 84 -4.71 -55.93 -17.16
N GLY D 85 -5.70 -56.47 -17.87
CA GLY D 85 -5.90 -57.90 -17.91
C GLY D 85 -6.87 -58.43 -16.88
N SER D 86 -7.70 -57.58 -16.29
CA SER D 86 -8.64 -58.00 -15.27
C SER D 86 -10.05 -57.56 -15.65
N THR D 87 -10.99 -57.86 -14.78
CA THR D 87 -12.38 -57.43 -14.95
C THR D 87 -12.53 -56.00 -14.43
N SER D 88 -13.77 -55.53 -14.34
CA SER D 88 -14.05 -54.13 -14.04
C SER D 88 -15.21 -54.04 -13.08
N LEU D 89 -14.97 -53.46 -11.92
CA LEU D 89 -15.99 -53.28 -10.90
C LEU D 89 -16.95 -52.17 -11.30
N PRO D 90 -18.24 -52.29 -10.99
CA PRO D 90 -19.19 -51.24 -11.34
C PRO D 90 -19.11 -50.09 -10.36
N VAL D 91 -19.67 -48.96 -10.79
CA VAL D 91 -19.59 -47.72 -10.03
C VAL D 91 -20.61 -47.71 -8.91
N GLU D 92 -20.52 -46.70 -8.04
CA GLU D 92 -21.43 -46.53 -6.93
C GLU D 92 -22.82 -46.09 -7.42
N ALA D 93 -23.73 -45.93 -6.47
CA ALA D 93 -25.08 -45.44 -6.75
C ALA D 93 -25.22 -43.99 -6.34
N ARG D 94 -25.95 -43.21 -7.13
CA ARG D 94 -26.17 -41.80 -6.84
C ARG D 94 -27.61 -41.57 -6.39
N VAL D 95 -27.82 -40.44 -5.72
CA VAL D 95 -29.09 -40.13 -5.10
C VAL D 95 -29.57 -38.77 -5.60
N ALA D 96 -30.88 -38.62 -5.70
CA ALA D 96 -31.49 -37.35 -6.06
C ALA D 96 -32.78 -37.19 -5.27
N LYS D 97 -33.07 -35.96 -4.87
CA LYS D 97 -34.19 -35.69 -3.98
C LYS D 97 -35.00 -34.52 -4.51
N VAL D 98 -36.30 -34.53 -4.20
CA VAL D 98 -37.19 -33.38 -4.39
C VAL D 98 -38.03 -33.22 -3.14
N ASP D 99 -37.99 -32.04 -2.55
CA ASP D 99 -38.79 -31.70 -1.39
C ASP D 99 -39.72 -30.54 -1.74
N LEU D 100 -40.83 -30.43 -1.02
CA LEU D 100 -41.76 -29.34 -1.24
C LEU D 100 -42.46 -28.97 0.05
N ALA D 101 -42.72 -27.68 0.22
CA ALA D 101 -43.22 -27.14 1.48
C ALA D 101 -44.45 -26.28 1.23
N LYS D 102 -45.06 -25.81 2.33
CA LYS D 102 -46.34 -25.11 2.25
C LYS D 102 -46.45 -24.08 3.37
N ALA D 103 -46.87 -22.86 3.01
CA ALA D 103 -47.14 -21.81 3.97
C ALA D 103 -48.56 -21.31 3.79
N THR D 104 -49.15 -20.80 4.87
CA THR D 104 -50.55 -20.42 4.87
C THR D 104 -50.71 -19.10 5.64
N TRP D 105 -51.43 -18.15 5.03
CA TRP D 105 -51.69 -16.85 5.62
C TRP D 105 -53.18 -16.70 5.92
N SER D 106 -53.52 -15.91 6.94
CA SER D 106 -54.94 -15.65 7.27
C SER D 106 -55.18 -14.32 7.96
N PRO D 107 -56.10 -13.50 7.48
CA PRO D 107 -56.26 -12.13 7.99
C PRO D 107 -57.08 -12.08 9.27
N LEU D 108 -57.27 -10.86 9.77
CA LEU D 108 -57.96 -10.59 11.01
C LEU D 108 -59.22 -9.76 10.76
N ALA D 109 -59.88 -9.37 11.85
CA ALA D 109 -61.12 -8.62 11.75
C ALA D 109 -61.21 -7.61 12.88
N PHE D 110 -61.79 -6.45 12.57
CA PHE D 110 -61.68 -5.25 13.38
C PHE D 110 -62.99 -4.48 13.29
N LYS D 111 -63.64 -4.21 14.43
CA LYS D 111 -64.83 -3.37 14.45
C LYS D 111 -64.99 -2.67 15.80
N GLU D 112 -65.64 -1.50 15.76
CA GLU D 112 -66.06 -0.80 16.96
C GLU D 112 -67.22 0.10 16.58
N SER D 113 -67.88 0.67 17.58
CA SER D 113 -69.13 1.37 17.31
C SER D 113 -69.32 2.56 18.24
N ARG D 114 -70.30 3.40 17.89
CA ARG D 114 -70.71 4.55 18.67
C ARG D 114 -72.21 4.54 18.84
N VAL D 115 -72.67 5.18 19.90
CA VAL D 115 -74.09 5.49 20.06
C VAL D 115 -74.21 6.96 20.44
N TRP D 116 -75.18 7.64 19.84
CA TRP D 116 -75.59 8.96 20.29
C TRP D 116 -77.00 8.85 20.81
N ASP D 117 -77.19 9.18 22.09
CA ASP D 117 -78.48 9.05 22.71
C ASP D 117 -79.43 10.15 22.24
N GLU D 118 -80.68 10.04 22.69
CA GLU D 118 -81.73 10.96 22.28
C GLU D 118 -81.53 12.35 22.88
N LYS D 119 -81.08 12.44 24.12
CA LYS D 119 -80.88 13.73 24.76
C LYS D 119 -79.47 14.25 24.58
N GLU D 120 -78.64 13.53 23.84
CA GLU D 120 -77.42 14.14 23.31
C GLU D 120 -77.68 14.72 21.93
N ILE D 121 -78.45 14.01 21.11
CA ILE D 121 -78.79 14.50 19.78
C ILE D 121 -79.71 15.71 19.88
N LEU D 122 -80.71 15.64 20.77
CA LEU D 122 -81.80 16.62 20.76
C LEU D 122 -81.34 17.98 21.24
N TYR D 123 -80.57 18.04 22.31
CA TYR D 123 -80.11 19.32 22.82
C TYR D 123 -78.68 19.22 23.32
N LEU D 124 -77.80 19.92 22.61
CA LEU D 124 -76.39 20.06 22.95
C LEU D 124 -75.99 21.45 22.49
N GLY D 125 -75.87 22.39 23.42
CA GLY D 125 -75.63 23.77 23.08
C GLY D 125 -74.19 24.19 23.30
N ARG D 126 -73.89 25.38 22.80
CA ARG D 126 -72.62 26.02 23.09
C ARG D 126 -72.53 26.39 24.56
N LEU D 127 -71.31 26.48 25.06
CA LEU D 127 -71.11 26.72 26.49
C LEU D 127 -71.09 28.21 26.82
N ALA D 128 -70.64 29.05 25.89
CA ALA D 128 -70.62 30.50 26.08
C ALA D 128 -71.47 31.21 25.05
N ASP D 129 -72.50 30.54 24.55
CA ASP D 129 -73.37 31.12 23.54
C ASP D 129 -74.73 30.47 23.70
N GLU D 130 -75.74 31.07 23.06
CA GLU D 130 -77.10 30.54 23.07
C GLU D 130 -77.54 30.41 21.62
N VAL D 131 -77.48 29.19 21.08
CA VAL D 131 -77.89 28.92 19.72
C VAL D 131 -78.94 27.83 19.73
N GLN D 132 -79.65 27.73 18.61
CA GLN D 132 -80.55 26.60 18.41
C GLN D 132 -79.74 25.32 18.26
N ALA D 133 -80.38 24.20 18.55
CA ALA D 133 -79.67 22.94 18.67
C ALA D 133 -79.34 22.41 17.28
N GLY D 134 -78.09 22.55 16.88
CA GLY D 134 -77.61 21.96 15.65
C GLY D 134 -76.15 21.59 15.75
N VAL D 135 -75.68 21.39 16.98
CA VAL D 135 -74.25 21.27 17.23
C VAL D 135 -73.77 19.84 17.10
N ILE D 136 -74.66 18.86 17.26
CA ILE D 136 -74.27 17.44 17.25
C ILE D 136 -73.78 16.95 15.90
N ASN D 137 -74.02 17.71 14.83
CA ASN D 137 -73.55 17.33 13.50
C ASN D 137 -72.02 17.38 13.44
N GLU D 138 -71.43 18.43 14.01
CA GLU D 138 -69.98 18.52 14.08
C GLU D 138 -69.40 17.47 15.03
N GLN D 139 -70.17 17.07 16.04
CA GLN D 139 -69.69 16.05 16.96
C GLN D 139 -69.63 14.69 16.28
N ILE D 140 -70.63 14.39 15.44
CA ILE D 140 -70.61 13.17 14.65
C ILE D 140 -69.50 13.21 13.61
N ALA D 141 -69.23 14.41 13.05
CA ALA D 141 -68.14 14.53 12.08
C ALA D 141 -66.78 14.25 12.71
N GLU D 142 -66.57 14.76 13.92
CA GLU D 142 -65.31 14.50 14.61
C GLU D 142 -65.18 13.03 15.01
N SER D 143 -66.27 12.40 15.44
CA SER D 143 -66.16 10.98 15.80
C SER D 143 -65.95 10.09 14.60
N LEU D 144 -66.53 10.46 13.45
CA LEU D 144 -66.27 9.75 12.20
C LEU D 144 -64.79 9.85 11.80
N THR D 145 -64.24 11.06 11.81
CA THR D 145 -62.83 11.24 11.47
C THR D 145 -61.92 10.55 12.48
N TRP D 146 -62.33 10.51 13.75
CA TRP D 146 -61.56 9.81 14.76
C TRP D 146 -61.57 8.30 14.55
N LEU D 147 -62.68 7.73 14.08
CA LEU D 147 -62.65 6.28 13.81
C LEU D 147 -61.82 5.96 12.58
N MET D 148 -61.81 6.86 11.59
CA MET D 148 -60.91 6.69 10.45
C MET D 148 -59.44 6.72 10.88
N ALA D 149 -59.10 7.65 11.77
CA ALA D 149 -57.76 7.70 12.32
C ALA D 149 -57.45 6.48 13.19
N ARG D 150 -58.46 5.90 13.80
CA ARG D 150 -58.27 4.74 14.66
C ARG D 150 -57.92 3.51 13.81
N MET D 151 -58.55 3.38 12.65
CA MET D 151 -58.18 2.33 11.71
C MET D 151 -56.76 2.53 11.14
N ARG D 152 -56.40 3.77 10.82
CA ARG D 152 -55.02 4.02 10.38
C ARG D 152 -54.00 3.74 11.48
N ASN D 153 -54.37 3.99 12.73
CA ASN D 153 -53.52 3.62 13.85
C ASN D 153 -53.31 2.12 13.93
N ARG D 154 -54.34 1.33 13.62
CA ARG D 154 -54.12 -0.12 13.62
C ARG D 154 -53.23 -0.57 12.49
N ARG D 155 -53.35 0.05 11.30
CA ARG D 155 -52.45 -0.32 10.21
C ARG D 155 -50.99 -0.05 10.59
N ARG D 156 -50.73 1.16 11.11
CA ARG D 156 -49.37 1.50 11.46
C ARG D 156 -48.88 0.75 12.70
N TRP D 157 -49.77 0.37 13.61
CA TRP D 157 -49.32 -0.38 14.76
C TRP D 157 -49.05 -1.84 14.42
N LEU D 158 -49.87 -2.43 13.56
CA LEU D 158 -49.62 -3.81 13.11
C LEU D 158 -48.31 -3.90 12.35
N THR D 159 -48.04 -2.95 11.45
CA THR D 159 -46.79 -3.05 10.72
C THR D 159 -45.59 -2.65 11.57
N TRP D 160 -45.77 -1.74 12.54
CA TRP D 160 -44.66 -1.44 13.42
C TRP D 160 -44.39 -2.56 14.41
N GLN D 161 -45.38 -3.40 14.70
CA GLN D 161 -45.13 -4.55 15.56
C GLN D 161 -44.15 -5.52 14.92
N VAL D 162 -44.22 -5.70 13.61
CA VAL D 162 -43.30 -6.61 12.93
C VAL D 162 -42.00 -5.92 12.52
N MET D 163 -42.01 -4.60 12.35
CA MET D 163 -40.71 -3.94 12.20
C MET D 163 -39.96 -3.91 13.52
N ARG D 164 -40.67 -3.95 14.64
CA ARG D 164 -40.04 -3.88 15.95
C ARG D 164 -39.58 -5.24 16.45
N THR D 165 -40.42 -6.24 16.35
CA THR D 165 -40.00 -7.53 16.91
C THR D 165 -40.07 -8.66 15.90
N GLY D 166 -41.08 -8.68 15.05
CA GLY D 166 -41.25 -9.75 14.11
C GLY D 166 -42.32 -10.74 14.49
N ARG D 167 -43.03 -10.50 15.58
CA ARG D 167 -44.21 -11.27 15.93
C ARG D 167 -45.29 -10.31 16.39
N ILE D 168 -46.52 -10.55 15.93
CA ILE D 168 -47.68 -9.81 16.43
C ILE D 168 -48.26 -10.64 17.57
N THR D 169 -48.10 -10.14 18.79
CA THR D 169 -48.50 -10.85 19.99
C THR D 169 -49.44 -9.97 20.81
N ILE D 170 -50.72 -10.04 20.49
CA ILE D 170 -51.74 -9.36 21.28
C ILE D 170 -52.32 -10.36 22.27
N GLN D 171 -52.74 -9.85 23.42
CA GLN D 171 -53.00 -10.65 24.60
C GLN D 171 -54.43 -10.44 25.08
N PRO D 172 -54.95 -11.25 26.00
CA PRO D 172 -56.24 -10.93 26.62
C PRO D 172 -56.20 -9.82 27.66
N ASN D 173 -55.06 -9.17 27.90
CA ASN D 173 -55.00 -8.06 28.84
C ASN D 173 -54.37 -6.83 28.22
N ASP D 174 -54.57 -6.63 26.94
CA ASP D 174 -54.09 -5.45 26.24
C ASP D 174 -54.99 -4.26 26.54
N PRO D 175 -54.53 -3.02 26.29
CA PRO D 175 -55.40 -1.86 26.50
C PRO D 175 -56.61 -1.82 25.59
N TYR D 176 -56.43 -1.97 24.29
CA TYR D 176 -57.52 -1.82 23.34
C TYR D 176 -57.98 -3.17 22.80
N ASN D 177 -57.95 -4.18 23.66
CA ASN D 177 -58.50 -5.50 23.39
C ASN D 177 -59.59 -5.74 24.44
N PRO D 178 -60.80 -5.20 24.24
CA PRO D 178 -61.87 -5.47 25.20
C PRO D 178 -62.41 -6.87 25.08
N ASN D 179 -62.39 -7.44 23.86
CA ASN D 179 -62.78 -8.82 23.66
C ASN D 179 -61.81 -9.78 24.33
N GLY D 180 -60.54 -9.39 24.45
CA GLY D 180 -59.56 -10.24 25.08
C GLY D 180 -59.12 -11.40 24.23
N LEU D 181 -59.05 -11.24 22.93
CA LEU D 181 -58.55 -12.28 22.05
C LEU D 181 -57.07 -12.54 22.29
N LYS D 182 -56.63 -13.74 21.93
CA LYS D 182 -55.26 -14.20 22.12
C LYS D 182 -54.68 -14.59 20.78
N TYR D 183 -53.70 -13.82 20.31
CA TYR D 183 -53.10 -14.01 19.01
C TYR D 183 -51.59 -13.88 19.14
N VAL D 184 -50.87 -14.89 18.70
CA VAL D 184 -49.42 -14.96 18.85
C VAL D 184 -48.85 -15.09 17.44
N ILE D 185 -49.36 -14.29 16.50
CA ILE D 185 -48.93 -14.36 15.10
C ILE D 185 -47.43 -14.13 15.00
N ASP D 186 -46.71 -15.17 14.63
CA ASP D 186 -45.26 -15.19 14.61
C ASP D 186 -44.79 -15.35 13.19
N TYR D 187 -43.90 -14.46 12.76
CA TYR D 187 -43.41 -14.49 11.39
C TYR D 187 -42.09 -15.21 11.24
N GLY D 188 -41.35 -15.40 12.32
CA GLY D 188 -40.09 -16.10 12.26
C GLY D 188 -39.01 -15.38 11.48
N VAL D 189 -38.89 -14.06 11.66
CA VAL D 189 -37.72 -13.35 11.19
C VAL D 189 -36.52 -13.89 11.97
N THR D 190 -35.42 -14.14 11.26
CA THR D 190 -34.43 -15.11 11.70
C THR D 190 -33.65 -14.63 12.91
N ASP D 191 -32.92 -13.54 12.76
CA ASP D 191 -32.19 -12.91 13.87
C ASP D 191 -32.58 -11.44 13.80
N ILE D 192 -33.47 -11.01 14.69
CA ILE D 192 -34.03 -9.67 14.58
C ILE D 192 -33.01 -8.61 15.00
N GLU D 193 -32.01 -8.96 15.80
CA GLU D 193 -31.01 -7.98 16.21
C GLU D 193 -29.60 -8.54 16.06
N LEU D 194 -28.72 -7.70 15.54
CA LEU D 194 -27.30 -8.00 15.45
C LEU D 194 -26.63 -7.72 16.80
N PRO D 195 -25.78 -8.62 17.28
CA PRO D 195 -25.16 -8.40 18.59
C PRO D 195 -23.88 -7.58 18.51
N LEU D 196 -23.67 -6.78 19.56
CA LEU D 196 -22.39 -6.11 19.80
C LEU D 196 -22.06 -6.33 21.27
N PRO D 197 -20.97 -7.02 21.59
CA PRO D 197 -20.56 -7.10 23.00
C PRO D 197 -20.08 -5.77 23.55
N GLN D 198 -19.56 -4.90 22.69
CA GLN D 198 -19.19 -3.54 23.06
C GLN D 198 -19.84 -2.58 22.08
N LYS D 199 -20.28 -1.44 22.58
CA LYS D 199 -21.00 -0.49 21.74
C LYS D 199 -20.02 0.49 21.12
N PHE D 200 -20.54 1.41 20.30
CA PHE D 200 -19.68 2.36 19.61
C PHE D 200 -19.14 3.41 20.57
N ASP D 201 -19.98 3.87 21.48
CA ASP D 201 -19.60 4.93 22.40
C ASP D 201 -18.77 4.41 23.57
N ALA D 202 -18.59 3.10 23.68
CA ALA D 202 -17.78 2.54 24.75
C ALA D 202 -16.31 2.84 24.48
N LYS D 203 -15.61 3.31 25.51
CA LYS D 203 -14.23 3.74 25.35
C LYS D 203 -13.54 3.68 26.70
N ASP D 204 -12.20 3.80 26.66
CA ASP D 204 -11.39 3.82 27.86
C ASP D 204 -10.11 4.61 27.59
N GLY D 205 -9.37 4.86 28.66
CA GLY D 205 -8.11 5.59 28.53
C GLY D 205 -8.34 7.05 28.25
N ASN D 206 -7.56 7.59 27.32
CA ASN D 206 -7.74 8.98 26.86
C ASN D 206 -8.68 9.05 25.67
N GLY D 207 -9.87 8.47 25.83
CA GLY D 207 -10.82 8.42 24.75
C GLY D 207 -10.50 7.38 23.69
N ASN D 208 -9.63 6.42 23.99
CA ASN D 208 -9.37 5.33 23.07
C ASN D 208 -10.60 4.45 22.97
N SER D 209 -11.21 4.40 21.80
CA SER D 209 -12.47 3.71 21.64
C SER D 209 -12.26 2.19 21.64
N ALA D 210 -13.36 1.47 21.59
CA ALA D 210 -13.32 0.02 21.69
C ALA D 210 -13.85 -0.70 20.47
N VAL D 211 -14.62 -0.03 19.61
CA VAL D 211 -15.20 -0.66 18.43
C VAL D 211 -15.11 0.33 17.28
N ASP D 212 -14.47 -0.08 16.19
CA ASP D 212 -14.42 0.73 14.98
C ASP D 212 -15.67 0.46 14.17
N PRO D 213 -16.57 1.43 14.01
CA PRO D 213 -17.82 1.15 13.30
C PRO D 213 -17.66 0.99 11.80
N ILE D 214 -16.73 1.73 11.18
CA ILE D 214 -16.49 1.55 9.75
C ILE D 214 -15.89 0.20 9.48
N GLN D 215 -14.94 -0.23 10.32
CA GLN D 215 -14.42 -1.59 10.24
C GLN D 215 -15.49 -2.62 10.60
N TYR D 216 -16.45 -2.25 11.44
CA TYR D 216 -17.54 -3.15 11.77
C TYR D 216 -18.43 -3.44 10.56
N PHE D 217 -18.85 -2.39 9.85
CA PHE D 217 -19.68 -2.63 8.67
C PHE D 217 -18.88 -3.23 7.53
N ARG D 218 -17.58 -2.95 7.45
CA ARG D 218 -16.74 -3.65 6.49
C ARG D 218 -16.65 -5.14 6.82
N ASP D 219 -16.58 -5.48 8.11
CA ASP D 219 -16.55 -6.87 8.50
C ASP D 219 -17.88 -7.57 8.24
N LEU D 220 -18.99 -6.85 8.36
CA LEU D 220 -20.27 -7.48 8.03
C LEU D 220 -20.44 -7.71 6.53
N ILE D 221 -20.07 -6.71 5.71
CA ILE D 221 -20.18 -6.90 4.27
C ILE D 221 -19.14 -7.92 3.78
N LYS D 222 -18.02 -8.06 4.48
CA LYS D 222 -17.09 -9.13 4.16
C LYS D 222 -17.67 -10.48 4.55
N ALA D 223 -18.22 -10.59 5.76
CA ALA D 223 -18.76 -11.84 6.25
C ALA D 223 -20.10 -12.21 5.64
N ALA D 224 -20.63 -11.39 4.74
CA ALA D 224 -21.83 -11.77 4.01
C ALA D 224 -21.64 -11.62 2.50
N THR D 225 -20.40 -11.74 2.01
CA THR D 225 -20.20 -11.64 0.57
C THR D 225 -20.58 -12.92 -0.17
N TYR D 226 -20.66 -14.04 0.53
CA TYR D 226 -21.19 -15.27 -0.05
C TYR D 226 -22.62 -15.54 0.38
N PHE D 227 -23.22 -14.64 1.16
CA PHE D 227 -24.60 -14.73 1.60
C PHE D 227 -25.31 -13.51 1.02
N PRO D 228 -25.90 -13.61 -0.17
CA PRO D 228 -26.42 -12.42 -0.84
C PRO D 228 -27.64 -11.81 -0.18
N ASP D 229 -28.29 -12.52 0.74
CA ASP D 229 -29.37 -11.92 1.50
C ASP D 229 -28.82 -11.09 2.65
N ARG D 230 -27.88 -11.65 3.41
CA ARG D 230 -27.39 -11.02 4.63
C ARG D 230 -26.60 -9.73 4.36
N ARG D 231 -26.06 -9.54 3.17
CA ARG D 231 -25.19 -8.41 2.88
C ARG D 231 -25.96 -7.10 2.81
N PRO D 232 -25.79 -6.19 3.75
CA PRO D 232 -26.66 -5.01 3.81
C PRO D 232 -26.34 -3.98 2.75
N VAL D 233 -27.33 -3.13 2.48
CA VAL D 233 -27.15 -2.05 1.53
C VAL D 233 -27.57 -0.69 2.08
N ALA D 234 -28.37 -0.61 3.14
CA ALA D 234 -28.80 0.68 3.65
C ALA D 234 -29.02 0.58 5.14
N ILE D 235 -28.96 1.74 5.79
CA ILE D 235 -29.11 1.86 7.23
C ILE D 235 -30.06 3.00 7.52
N ILE D 236 -30.95 2.79 8.49
CA ILE D 236 -31.90 3.80 8.92
C ILE D 236 -31.68 4.03 10.41
N VAL D 237 -31.52 5.28 10.81
CA VAL D 237 -31.19 5.62 12.18
C VAL D 237 -31.74 7.00 12.50
N GLY D 238 -32.17 7.18 13.75
CA GLY D 238 -32.56 8.48 14.24
C GLY D 238 -31.35 9.35 14.51
N PRO D 239 -31.62 10.58 14.94
CA PRO D 239 -30.54 11.53 15.16
C PRO D 239 -29.66 11.15 16.34
N GLY D 240 -28.48 11.76 16.38
CA GLY D 240 -27.50 11.41 17.38
C GLY D 240 -26.64 10.26 16.91
N PHE D 241 -26.23 10.31 15.65
CA PHE D 241 -25.40 9.25 15.07
C PHE D 241 -24.04 9.77 14.62
N ASP D 242 -24.02 10.82 13.80
CA ASP D 242 -22.76 11.36 13.33
C ASP D 242 -21.97 12.03 14.44
N GLU D 243 -22.62 12.44 15.53
CA GLU D 243 -21.86 12.86 16.70
C GLU D 243 -21.13 11.69 17.35
N VAL D 244 -21.71 10.49 17.29
CA VAL D 244 -21.01 9.32 17.79
C VAL D 244 -19.90 8.93 16.82
N LEU D 245 -20.10 9.22 15.54
CA LEU D 245 -19.04 8.99 14.57
C LEU D 245 -17.86 9.92 14.82
N ALA D 246 -18.12 11.21 15.02
CA ALA D 246 -17.03 12.13 15.32
C ALA D 246 -16.57 12.04 16.78
N ASP D 247 -17.22 11.22 17.61
CA ASP D 247 -16.78 11.09 18.98
C ASP D 247 -15.60 10.13 19.11
N ASN D 248 -15.74 8.92 18.56
CA ASN D 248 -14.77 7.88 18.85
C ASN D 248 -13.46 8.09 18.09
N THR D 249 -12.44 7.35 18.49
CA THR D 249 -11.07 7.65 18.08
C THR D 249 -10.83 7.25 16.63
N PHE D 250 -11.37 6.12 16.22
CA PHE D 250 -10.95 5.46 14.97
C PHE D 250 -11.52 6.18 13.76
N VAL D 251 -12.76 6.65 13.84
CA VAL D 251 -13.34 7.43 12.77
C VAL D 251 -12.63 8.77 12.62
N GLN D 252 -12.23 9.36 13.75
CA GLN D 252 -11.43 10.58 13.70
C GLN D 252 -10.07 10.34 13.06
N LYS D 253 -9.48 9.16 13.26
CA LYS D 253 -8.25 8.81 12.57
C LYS D 253 -8.47 8.70 11.06
N TYR D 254 -9.59 8.09 10.65
CA TYR D 254 -9.92 8.03 9.23
C TYR D 254 -10.14 9.41 8.63
N VAL D 255 -10.73 10.33 9.41
CA VAL D 255 -10.94 11.70 8.93
C VAL D 255 -9.61 12.44 8.78
N GLU D 256 -8.73 12.30 9.78
CA GLU D 256 -7.43 12.97 9.72
C GLU D 256 -6.56 12.43 8.60
N TYR D 257 -6.71 11.14 8.25
CA TYR D 257 -6.06 10.68 7.03
C TYR D 257 -6.72 11.25 5.80
N GLU D 258 -8.07 11.28 5.77
CA GLU D 258 -8.79 11.59 4.55
C GLU D 258 -8.61 13.04 4.13
N LYS D 259 -8.48 13.95 5.09
CA LYS D 259 -8.43 15.36 4.71
C LYS D 259 -7.01 15.84 4.44
N GLY D 260 -6.00 15.23 5.05
CA GLY D 260 -4.64 15.65 4.78
C GLY D 260 -4.05 16.44 5.92
N TRP D 261 -4.29 15.97 7.14
CA TRP D 261 -3.89 16.68 8.34
C TRP D 261 -2.83 15.89 9.08
N VAL D 262 -2.21 16.59 10.04
CA VAL D 262 -1.40 15.98 11.07
C VAL D 262 -1.38 16.96 12.23
N VAL D 263 -1.27 16.43 13.45
CA VAL D 263 -1.40 17.30 14.63
C VAL D 263 -0.14 18.10 14.93
N GLY D 264 0.90 17.99 14.11
CA GLY D 264 2.15 18.65 14.42
C GLY D 264 2.66 19.58 13.35
N GLN D 265 2.25 19.38 12.09
CA GLN D 265 2.87 20.09 10.99
C GLN D 265 1.91 20.78 10.02
N ASN D 266 0.60 20.60 10.14
CA ASN D 266 -0.32 21.36 9.32
C ASN D 266 -1.24 22.24 10.13
N THR D 267 -1.97 21.67 11.09
CA THR D 267 -2.85 22.42 11.96
C THR D 267 -2.51 22.10 13.40
N VAL D 268 -3.04 22.90 14.32
CA VAL D 268 -2.79 22.66 15.73
C VAL D 268 -3.72 21.56 16.26
N GLN D 269 -5.01 21.82 16.24
CA GLN D 269 -6.03 20.87 16.60
C GLN D 269 -7.33 21.31 15.94
N PRO D 270 -7.85 20.57 14.98
CA PRO D 270 -9.12 20.95 14.37
C PRO D 270 -10.26 20.78 15.35
N PRO D 271 -11.29 21.61 15.27
CA PRO D 271 -12.38 21.55 16.25
C PRO D 271 -13.33 20.40 15.96
N ARG D 272 -14.23 20.16 16.92
CA ARG D 272 -15.14 19.03 16.83
C ARG D 272 -16.17 19.22 15.72
N GLU D 273 -16.49 20.47 15.37
CA GLU D 273 -17.49 20.77 14.36
C GLU D 273 -17.06 20.27 12.99
N VAL D 274 -15.76 20.39 12.66
CA VAL D 274 -15.28 19.91 11.37
C VAL D 274 -15.33 18.40 11.32
N TYR D 275 -15.01 17.75 12.45
CA TYR D 275 -15.10 16.29 12.55
C TYR D 275 -16.52 15.80 12.29
N ARG D 276 -17.51 16.44 12.90
CA ARG D 276 -18.86 15.98 12.65
C ARG D 276 -19.42 16.44 11.31
N GLN D 277 -18.83 17.47 10.69
CA GLN D 277 -19.25 17.79 9.33
C GLN D 277 -18.69 16.80 8.31
N ALA D 278 -17.55 16.17 8.61
CA ALA D 278 -16.94 15.27 7.65
C ALA D 278 -17.16 13.79 7.95
N ALA D 279 -17.60 13.44 9.17
CA ALA D 279 -17.60 12.05 9.60
C ALA D 279 -18.66 11.22 8.87
N LEU D 280 -19.87 11.77 8.71
CA LEU D 280 -20.92 11.01 8.04
C LEU D 280 -20.61 10.84 6.56
N ASP D 281 -19.94 11.84 5.97
CA ASP D 281 -19.54 11.76 4.58
C ASP D 281 -18.49 10.66 4.38
N ILE D 282 -17.48 10.60 5.26
CA ILE D 282 -16.47 9.58 5.06
C ILE D 282 -16.99 8.20 5.44
N PHE D 283 -17.98 8.14 6.33
CA PHE D 283 -18.63 6.88 6.65
C PHE D 283 -19.40 6.32 5.46
N LYS D 284 -20.19 7.18 4.80
CA LYS D 284 -20.87 6.80 3.57
C LYS D 284 -19.89 6.42 2.47
N ARG D 285 -18.76 7.13 2.40
CA ARG D 285 -17.85 6.89 1.28
C ARG D 285 -17.01 5.64 1.49
N TYR D 286 -16.62 5.33 2.73
CA TYR D 286 -15.88 4.09 2.97
C TYR D 286 -16.80 2.88 2.92
N THR D 287 -17.90 2.90 3.67
CA THR D 287 -18.67 1.68 3.80
C THR D 287 -19.54 1.39 2.58
N GLY D 288 -19.81 2.39 1.74
CA GLY D 288 -20.68 2.19 0.60
C GLY D 288 -22.13 1.94 0.96
N LEU D 289 -22.57 2.42 2.12
CA LEU D 289 -23.94 2.24 2.57
C LEU D 289 -24.79 3.41 2.09
N GLU D 290 -26.05 3.43 2.52
CA GLU D 290 -26.94 4.56 2.28
C GLU D 290 -27.66 4.88 3.57
N VAL D 291 -27.46 6.08 4.09
CA VAL D 291 -28.02 6.48 5.36
C VAL D 291 -29.34 7.20 5.13
N MET D 292 -30.42 6.66 5.66
CA MET D 292 -31.73 7.30 5.65
C MET D 292 -32.02 7.72 7.09
N VAL D 293 -31.72 8.99 7.39
CA VAL D 293 -32.00 9.50 8.73
C VAL D 293 -33.50 9.69 8.91
N TYR D 294 -34.00 9.39 10.10
CA TYR D 294 -35.43 9.41 10.37
C TYR D 294 -35.66 9.98 11.76
N ASP D 295 -36.28 11.16 11.82
CA ASP D 295 -36.24 12.00 13.01
C ASP D 295 -37.59 12.15 13.71
N LYS D 296 -38.62 11.45 13.26
CA LYS D 296 -39.96 11.68 13.77
C LYS D 296 -40.14 11.01 15.14
N THR D 297 -40.95 11.65 15.98
CA THR D 297 -41.01 11.38 17.42
C THR D 297 -42.42 11.01 17.84
N TYR D 298 -42.57 10.72 19.13
CA TYR D 298 -43.88 10.50 19.74
C TYR D 298 -43.78 10.77 21.23
N ARG D 299 -44.88 11.24 21.80
CA ARG D 299 -44.97 11.40 23.24
C ARG D 299 -45.07 10.06 23.93
N ASP D 300 -44.31 9.89 25.01
CA ASP D 300 -44.55 8.76 25.88
C ASP D 300 -45.67 9.13 26.85
N GLN D 301 -46.12 8.16 27.64
CA GLN D 301 -47.08 8.44 28.71
C GLN D 301 -46.44 9.12 29.91
N ASP D 302 -45.12 9.27 29.93
CA ASP D 302 -44.42 9.94 31.01
C ASP D 302 -44.13 11.39 30.70
N GLY D 303 -44.62 11.91 29.59
CA GLY D 303 -44.32 13.26 29.15
C GLY D 303 -43.06 13.41 28.34
N SER D 304 -42.15 12.44 28.41
CA SER D 304 -40.88 12.53 27.73
C SER D 304 -41.04 12.24 26.24
N VAL D 305 -40.53 13.14 25.41
CA VAL D 305 -40.52 12.93 23.97
C VAL D 305 -39.54 11.83 23.63
N LYS D 306 -39.99 10.87 22.83
CA LYS D 306 -39.14 9.77 22.40
C LYS D 306 -39.23 9.63 20.89
N TYR D 307 -38.10 9.29 20.28
CA TYR D 307 -38.06 9.03 18.85
C TYR D 307 -38.71 7.68 18.58
N TRP D 308 -39.24 7.53 17.36
CA TRP D 308 -39.81 6.24 16.96
C TRP D 308 -38.73 5.16 16.90
N ILE D 309 -37.72 5.37 16.05
CA ILE D 309 -36.51 4.57 16.10
C ILE D 309 -35.66 5.13 17.24
N PRO D 310 -35.52 4.42 18.36
CA PRO D 310 -34.98 5.06 19.56
C PRO D 310 -33.50 5.36 19.43
N VAL D 311 -33.09 6.45 20.07
CA VAL D 311 -31.71 6.87 20.01
C VAL D 311 -30.84 5.88 20.75
N GLY D 312 -29.70 5.57 20.17
CA GLY D 312 -28.92 4.42 20.61
C GLY D 312 -29.17 3.17 19.81
N GLU D 313 -30.05 3.20 18.82
CA GLU D 313 -30.34 2.03 18.01
C GLU D 313 -30.47 2.41 16.55
N LEU D 314 -30.46 1.39 15.70
CA LEU D 314 -30.56 1.59 14.26
C LEU D 314 -31.16 0.35 13.63
N ILE D 315 -31.81 0.57 12.48
CA ILE D 315 -32.36 -0.51 11.67
C ILE D 315 -31.47 -0.65 10.46
N VAL D 316 -30.87 -1.82 10.30
CA VAL D 316 -30.09 -2.13 9.11
C VAL D 316 -30.97 -2.91 8.14
N LEU D 317 -30.89 -2.55 6.87
CA LEU D 317 -31.65 -3.23 5.82
C LEU D 317 -30.73 -4.12 5.03
N ASN D 318 -31.11 -5.39 4.89
CA ASN D 318 -30.22 -6.36 4.27
C ASN D 318 -30.30 -6.31 2.75
N GLN D 319 -31.45 -6.64 2.18
CA GLN D 319 -31.49 -7.00 0.76
C GLN D 319 -31.41 -5.77 -0.15
N SER D 320 -32.41 -4.90 -0.08
CA SER D 320 -32.48 -3.78 -1.00
C SER D 320 -33.41 -2.71 -0.44
N THR D 321 -33.19 -1.49 -0.91
CA THR D 321 -34.04 -0.36 -0.55
C THR D 321 -35.35 -0.51 -1.32
N GLY D 322 -36.35 -1.06 -0.66
CA GLY D 322 -37.65 -1.23 -1.26
C GLY D 322 -38.69 -1.60 -0.22
N PRO D 323 -39.87 -1.99 -0.66
CA PRO D 323 -40.89 -2.47 0.28
C PRO D 323 -40.45 -3.78 0.92
N VAL D 324 -40.58 -3.85 2.24
CA VAL D 324 -40.17 -5.04 2.96
C VAL D 324 -41.18 -6.16 2.75
N GLY D 325 -42.41 -5.93 3.16
CA GLY D 325 -43.49 -6.85 2.86
C GLY D 325 -44.61 -6.12 2.17
N ARG D 326 -45.85 -6.34 2.62
CA ARG D 326 -46.99 -5.58 2.13
C ARG D 326 -48.10 -5.68 3.17
N PHE D 327 -49.19 -4.97 2.92
CA PHE D 327 -50.38 -5.02 3.77
C PHE D 327 -51.57 -5.35 2.89
N VAL D 328 -52.19 -6.50 3.15
CA VAL D 328 -53.22 -7.05 2.29
C VAL D 328 -54.56 -6.88 2.96
N TYR D 329 -55.52 -6.29 2.25
CA TYR D 329 -56.88 -6.19 2.74
C TYR D 329 -57.72 -7.35 2.25
N THR D 330 -58.73 -7.70 3.04
CA THR D 330 -59.58 -8.86 2.80
C THR D 330 -61.02 -8.38 2.65
N ALA D 331 -61.76 -9.01 1.73
CA ALA D 331 -63.11 -8.59 1.41
C ALA D 331 -64.07 -8.79 2.58
N HIS D 332 -64.95 -7.81 2.76
CA HIS D 332 -65.95 -7.81 3.82
C HIS D 332 -67.32 -7.65 3.20
N VAL D 333 -68.35 -7.98 3.98
CA VAL D 333 -69.71 -8.05 3.46
C VAL D 333 -70.29 -6.65 3.50
N ALA D 334 -70.36 -6.00 2.33
CA ALA D 334 -71.13 -4.77 2.16
C ALA D 334 -71.89 -4.94 0.85
N GLY D 335 -73.09 -5.52 0.93
CA GLY D 335 -73.72 -6.05 -0.26
C GLY D 335 -75.12 -5.57 -0.60
N GLN D 336 -75.89 -6.47 -1.24
CA GLN D 336 -77.24 -6.22 -1.75
C GLN D 336 -77.27 -5.07 -2.75
N ARG D 337 -76.64 -5.31 -3.90
CA ARG D 337 -76.77 -4.36 -5.01
C ARG D 337 -78.07 -4.59 -5.77
N ASN D 338 -78.29 -5.80 -6.30
CA ASN D 338 -79.57 -6.11 -6.93
C ASN D 338 -80.31 -7.22 -6.21
N GLY D 339 -79.74 -8.43 -6.18
CA GLY D 339 -80.32 -9.54 -5.45
C GLY D 339 -79.21 -10.41 -4.92
N LYS D 340 -77.98 -9.97 -5.19
CA LYS D 340 -76.77 -10.70 -4.86
C LYS D 340 -75.95 -9.90 -3.88
N VAL D 341 -75.12 -10.60 -3.12
CA VAL D 341 -74.18 -9.92 -2.26
C VAL D 341 -73.03 -9.37 -3.11
N VAL D 342 -72.27 -8.44 -2.52
CA VAL D 342 -71.10 -7.88 -3.16
C VAL D 342 -70.18 -7.42 -2.03
N TYR D 343 -68.91 -7.21 -2.35
CA TYR D 343 -67.90 -7.03 -1.33
C TYR D 343 -67.11 -5.75 -1.62
N ALA D 344 -66.19 -5.42 -0.72
CA ALA D 344 -65.36 -4.25 -0.88
C ALA D 344 -63.96 -4.53 -0.38
N THR D 345 -63.00 -3.79 -0.94
CA THR D 345 -61.59 -4.05 -0.71
C THR D 345 -61.16 -3.64 0.69
N GLY D 346 -61.24 -2.36 1.00
CA GLY D 346 -60.58 -1.82 2.17
C GLY D 346 -61.51 -1.57 3.34
N PRO D 347 -61.28 -0.49 4.07
CA PRO D 347 -62.10 -0.18 5.22
C PRO D 347 -63.48 0.30 4.81
N TYR D 348 -64.41 0.22 5.76
CA TYR D 348 -65.78 0.61 5.53
C TYR D 348 -66.29 1.34 6.75
N LEU D 349 -67.34 2.14 6.55
CA LEU D 349 -67.88 2.99 7.62
C LEU D 349 -69.28 3.41 7.22
N THR D 350 -70.28 2.97 7.99
CA THR D 350 -71.67 3.20 7.65
C THR D 350 -72.38 3.93 8.79
N VAL D 351 -73.33 4.79 8.42
CA VAL D 351 -74.21 5.43 9.38
C VAL D 351 -75.42 4.53 9.59
N LYS D 352 -76.17 4.78 10.66
CA LYS D 352 -77.35 3.99 10.98
C LYS D 352 -78.50 4.89 11.39
N ASP D 353 -79.52 4.97 10.53
CA ASP D 353 -80.75 5.69 10.84
C ASP D 353 -81.54 4.94 11.89
N HIS D 354 -81.48 5.44 13.12
CA HIS D 354 -82.40 4.98 14.16
C HIS D 354 -83.15 6.15 14.75
N LEU D 355 -83.39 7.18 13.94
CA LEU D 355 -83.93 8.44 14.42
C LEU D 355 -85.45 8.51 14.31
N GLN D 356 -86.08 7.66 13.51
CA GLN D 356 -87.52 7.57 13.48
C GLN D 356 -88.04 6.57 14.51
N ASP D 357 -87.18 5.75 15.06
CA ASP D 357 -87.54 4.79 16.08
C ASP D 357 -87.82 5.52 17.39
N ASP D 358 -88.60 4.87 18.26
CA ASP D 358 -88.66 5.32 19.65
C ASP D 358 -87.37 4.92 20.37
N PRO D 359 -87.16 5.39 21.59
CA PRO D 359 -86.14 6.39 21.85
C PRO D 359 -85.12 6.46 20.72
N PRO D 360 -85.13 7.54 19.94
CA PRO D 360 -84.30 7.60 18.75
C PRO D 360 -82.83 7.76 19.08
N TYR D 361 -82.00 6.98 18.39
CA TYR D 361 -80.56 7.05 18.56
C TYR D 361 -79.90 7.05 17.19
N TYR D 362 -78.57 6.93 17.15
CA TYR D 362 -77.84 7.06 15.91
C TYR D 362 -76.48 6.43 16.12
N ALA D 363 -76.05 5.60 15.17
CA ALA D 363 -74.86 4.80 15.39
C ALA D 363 -73.98 4.81 14.15
N ILE D 364 -72.69 4.66 14.39
CA ILE D 364 -71.71 4.54 13.32
C ILE D 364 -70.80 3.36 13.65
N ILE D 365 -70.62 2.47 12.69
CA ILE D 365 -69.73 1.33 12.83
C ILE D 365 -68.65 1.44 11.77
N ALA D 366 -67.49 0.84 12.06
CA ALA D 366 -66.32 1.03 11.23
C ALA D 366 -65.34 -0.09 11.50
N GLY D 367 -64.54 -0.40 10.48
CA GLY D 367 -63.50 -1.40 10.64
C GLY D 367 -63.01 -1.91 9.30
N PHE D 368 -62.16 -2.93 9.38
CA PHE D 368 -61.58 -3.52 8.18
C PHE D 368 -61.10 -4.93 8.50
N HIS D 369 -60.57 -5.58 7.48
CA HIS D 369 -59.91 -6.87 7.59
C HIS D 369 -58.52 -6.75 6.97
N GLY D 370 -57.53 -7.39 7.59
CA GLY D 370 -56.21 -7.35 7.01
C GLY D 370 -55.18 -7.87 7.97
N LEU D 371 -53.96 -8.05 7.43
CA LEU D 371 -52.79 -8.46 8.19
C LEU D 371 -51.57 -8.19 7.34
N PRO D 372 -50.46 -7.72 7.91
CA PRO D 372 -49.25 -7.49 7.10
C PRO D 372 -48.59 -8.79 6.67
N GLN D 373 -48.28 -8.88 5.39
CA GLN D 373 -47.68 -10.08 4.80
C GLN D 373 -46.22 -9.81 4.47
N LEU D 374 -45.34 -10.69 4.91
CA LEU D 374 -43.94 -10.62 4.50
C LEU D 374 -43.81 -11.21 3.10
N SER D 375 -43.24 -10.43 2.18
CA SER D 375 -43.21 -10.85 0.78
C SER D 375 -42.13 -11.90 0.54
N GLY D 376 -40.87 -11.53 0.74
CA GLY D 376 -39.79 -12.42 0.38
C GLY D 376 -39.51 -13.47 1.43
N TYR D 377 -39.12 -14.65 0.96
CA TYR D 377 -38.55 -15.68 1.81
C TYR D 377 -37.42 -16.36 1.07
N ASN D 378 -36.41 -16.77 1.81
CA ASN D 378 -35.34 -17.56 1.23
C ASN D 378 -35.88 -18.92 0.83
N THR D 379 -35.34 -19.45 -0.27
CA THR D 379 -35.85 -20.70 -0.84
C THR D 379 -35.01 -21.92 -0.52
N GLU D 380 -33.72 -21.74 -0.24
CA GLU D 380 -32.87 -22.89 0.06
C GLU D 380 -33.13 -23.39 1.47
N ASP D 381 -32.81 -22.57 2.47
CA ASP D 381 -33.41 -22.67 3.78
C ASP D 381 -34.53 -21.65 3.82
N PHE D 382 -35.41 -21.76 4.81
CA PHE D 382 -36.60 -20.93 4.84
C PHE D 382 -36.45 -19.69 5.70
N SER D 383 -35.25 -19.13 5.77
CA SER D 383 -34.99 -17.99 6.63
C SER D 383 -35.48 -16.69 5.98
N PHE D 384 -35.43 -15.62 6.76
CA PHE D 384 -35.81 -14.29 6.31
C PHE D 384 -34.78 -13.29 6.79
N HIS D 385 -34.25 -12.51 5.85
CA HIS D 385 -33.25 -11.49 6.17
C HIS D 385 -33.52 -10.29 5.28
N ARG D 386 -34.32 -9.37 5.73
CA ARG D 386 -34.30 -8.11 5.01
C ARG D 386 -34.06 -6.93 5.93
N PHE D 387 -34.61 -6.95 7.15
CA PHE D 387 -34.36 -5.89 8.10
C PHE D 387 -33.88 -6.50 9.41
N LYS D 388 -32.96 -5.81 10.08
CA LYS D 388 -32.47 -6.22 11.39
C LYS D 388 -32.24 -4.99 12.24
N TRP D 389 -32.27 -5.18 13.55
CA TRP D 389 -32.04 -4.13 14.53
C TRP D 389 -30.63 -4.23 15.09
N LEU D 390 -30.26 -3.24 15.88
CA LEU D 390 -28.91 -3.12 16.38
C LEU D 390 -28.90 -2.09 17.51
N LYS D 391 -28.07 -2.33 18.53
CA LYS D 391 -27.89 -1.40 19.63
C LYS D 391 -26.47 -0.81 19.51
N TYR D 392 -26.37 0.40 18.97
CA TYR D 392 -25.04 0.94 18.69
C TYR D 392 -24.50 1.86 19.77
N ALA D 393 -25.34 2.65 20.43
CA ALA D 393 -24.88 3.66 21.37
C ALA D 393 -25.47 3.38 22.74
N ASN D 394 -24.61 3.36 23.76
CA ASN D 394 -25.09 3.10 25.11
C ASN D 394 -25.82 4.31 25.66
N ASN D 395 -25.13 5.45 25.74
CA ASN D 395 -25.76 6.71 26.14
C ASN D 395 -25.50 7.77 25.10
N VAL D 396 -26.58 8.25 24.47
CA VAL D 396 -26.52 9.26 23.44
C VAL D 396 -27.54 10.37 23.67
N GLN D 397 -28.31 10.29 24.74
CA GLN D 397 -29.21 11.38 25.11
C GLN D 397 -28.45 12.64 25.52
N SER D 398 -27.20 12.49 25.95
CA SER D 398 -26.35 13.63 26.25
C SER D 398 -25.98 14.42 25.00
N TYR D 399 -26.00 13.80 23.82
CA TYR D 399 -25.72 14.51 22.58
C TYR D 399 -27.00 15.01 21.91
N LEU D 400 -28.06 15.23 22.69
CA LEU D 400 -29.36 15.62 22.19
C LEU D 400 -29.87 16.81 22.96
N PRO D 401 -30.53 17.75 22.28
CA PRO D 401 -31.11 18.89 23.00
C PRO D 401 -32.33 18.46 23.78
N PRO D 402 -32.69 19.17 24.84
CA PRO D 402 -33.89 18.83 25.58
C PRO D 402 -35.15 19.18 24.80
N PHE D 403 -36.27 18.63 25.26
CA PHE D 403 -37.59 18.75 24.67
C PHE D 403 -38.51 19.53 25.60
N PRO D 404 -39.45 20.31 25.06
CA PRO D 404 -40.37 21.04 25.92
C PRO D 404 -41.40 20.10 26.52
N PRO D 405 -41.92 20.41 27.71
CA PRO D 405 -42.90 19.52 28.33
C PRO D 405 -44.27 19.64 27.69
N LYS D 406 -45.16 18.76 28.12
CA LYS D 406 -46.52 18.74 27.60
C LYS D 406 -47.39 19.74 28.36
N VAL D 407 -48.25 20.44 27.61
CA VAL D 407 -49.14 21.43 28.20
C VAL D 407 -50.37 20.67 28.73
N GLU D 408 -50.40 20.41 30.03
CA GLU D 408 -51.60 19.84 30.66
C GLU D 408 -52.46 21.02 31.08
N LEU D 409 -53.40 21.38 30.22
CA LEU D 409 -54.21 22.58 30.43
C LEU D 409 -55.28 22.32 31.48
N MET E 1 -28.04 -36.17 -12.72
CA MET E 1 -29.24 -36.99 -12.64
C MET E 1 -30.28 -36.31 -11.77
N ARG E 2 -31.40 -35.94 -12.38
CA ARG E 2 -32.50 -35.34 -11.67
C ARG E 2 -33.58 -36.37 -11.36
N VAL E 3 -34.44 -36.04 -10.42
CA VAL E 3 -35.65 -36.84 -10.24
C VAL E 3 -36.57 -36.64 -11.43
N PRO E 4 -37.00 -37.69 -12.12
CA PRO E 4 -37.78 -37.52 -13.34
C PRO E 4 -39.22 -37.08 -13.07
N ILE E 5 -39.43 -35.78 -12.95
CA ILE E 5 -40.73 -35.24 -12.61
C ILE E 5 -41.08 -34.15 -13.62
N ASN E 6 -42.38 -33.96 -13.85
CA ASN E 6 -42.89 -32.79 -14.56
C ASN E 6 -43.35 -31.81 -13.50
N ILE E 7 -42.61 -30.70 -13.38
CA ILE E 7 -42.77 -29.82 -12.21
C ILE E 7 -44.07 -29.01 -12.29
N ASN E 8 -44.47 -28.61 -13.50
CA ASN E 8 -45.66 -27.79 -13.68
C ASN E 8 -46.91 -28.57 -13.31
N ASN E 9 -46.95 -29.85 -13.65
CA ASN E 9 -48.11 -30.66 -13.31
C ASN E 9 -48.04 -31.11 -11.86
N ALA E 10 -46.83 -31.31 -11.33
CA ALA E 10 -46.67 -31.73 -9.94
C ALA E 10 -47.08 -30.64 -8.98
N LEU E 11 -46.94 -29.37 -9.37
CA LEU E 11 -47.47 -28.30 -8.52
C LEU E 11 -48.99 -28.33 -8.50
N ALA E 12 -49.62 -28.76 -9.58
CA ALA E 12 -51.07 -28.91 -9.55
C ALA E 12 -51.48 -30.12 -8.74
N ARG E 13 -50.63 -31.14 -8.65
CA ARG E 13 -51.03 -32.37 -7.96
C ARG E 13 -51.04 -32.26 -6.43
N VAL E 14 -50.30 -31.31 -5.85
CA VAL E 14 -50.08 -31.36 -4.41
C VAL E 14 -51.29 -30.96 -3.60
N ARG E 15 -52.26 -30.27 -4.22
CA ARG E 15 -53.41 -29.77 -3.48
C ARG E 15 -54.38 -30.91 -3.22
N ASP E 16 -54.70 -31.13 -1.95
CA ASP E 16 -55.67 -32.15 -1.57
C ASP E 16 -57.04 -31.67 -2.02
N PRO E 17 -57.68 -32.32 -3.00
CA PRO E 17 -58.87 -31.72 -3.62
C PRO E 17 -60.11 -31.78 -2.76
N LEU E 18 -60.14 -32.59 -1.70
CA LEU E 18 -61.35 -32.69 -0.90
C LEU E 18 -61.42 -31.54 0.11
N SER E 19 -60.52 -31.56 1.10
CA SER E 19 -60.09 -30.39 1.88
C SER E 19 -61.23 -29.68 2.60
N ILE E 20 -62.15 -30.42 3.20
CA ILE E 20 -63.09 -29.84 4.16
C ILE E 20 -62.58 -30.18 5.54
N GLY E 21 -62.09 -29.16 6.24
CA GLY E 21 -61.51 -29.36 7.56
C GLY E 21 -62.29 -28.69 8.65
N GLY E 22 -61.79 -27.55 9.11
CA GLY E 22 -62.31 -26.96 10.34
C GLY E 22 -63.65 -26.28 10.17
N LEU E 23 -63.84 -25.56 9.07
CA LEU E 23 -65.05 -24.76 8.92
C LEU E 23 -66.28 -25.57 8.55
N LYS E 24 -66.10 -26.85 8.19
CA LYS E 24 -67.15 -27.78 7.77
C LYS E 24 -67.82 -27.34 6.47
N PHE E 25 -67.15 -26.50 5.68
CA PHE E 25 -67.56 -26.17 4.32
C PHE E 25 -66.33 -25.67 3.60
N PRO E 26 -66.25 -25.80 2.26
CA PRO E 26 -65.04 -25.36 1.54
C PRO E 26 -64.86 -23.86 1.57
N THR E 27 -63.66 -23.45 2.00
CA THR E 27 -63.34 -22.04 2.14
C THR E 27 -63.04 -21.42 0.79
N THR E 28 -62.74 -20.13 0.80
CA THR E 28 -62.16 -19.45 -0.34
C THR E 28 -60.71 -19.10 -0.02
N LYS E 29 -59.87 -19.08 -1.06
CA LYS E 29 -58.44 -18.91 -0.85
C LYS E 29 -57.81 -18.44 -2.15
N GLU E 30 -56.48 -18.41 -2.18
CA GLU E 30 -55.73 -17.98 -3.35
C GLU E 30 -54.34 -18.59 -3.27
N ILE E 31 -53.87 -19.18 -4.38
CA ILE E 31 -52.70 -20.03 -4.37
C ILE E 31 -51.63 -19.44 -5.29
N GLN E 32 -50.40 -19.38 -4.80
CA GLN E 32 -49.24 -19.08 -5.63
C GLN E 32 -48.24 -20.22 -5.52
N GLU E 33 -47.51 -20.47 -6.62
CA GLU E 33 -46.58 -21.57 -6.67
C GLU E 33 -45.29 -21.11 -7.34
N ALA E 34 -44.18 -21.76 -6.97
CA ALA E 34 -42.87 -21.35 -7.44
C ALA E 34 -41.93 -22.54 -7.38
N VAL E 35 -41.09 -22.68 -8.41
CA VAL E 35 -40.20 -23.82 -8.55
C VAL E 35 -38.81 -23.36 -8.17
N ALA E 36 -38.39 -23.70 -6.95
CA ALA E 36 -36.99 -23.53 -6.61
C ALA E 36 -36.20 -24.71 -7.13
N ALA E 37 -34.88 -24.53 -7.21
CA ALA E 37 -33.98 -25.60 -7.64
C ALA E 37 -32.61 -25.31 -7.05
N ILE E 38 -32.26 -26.01 -5.96
CA ILE E 38 -31.02 -25.71 -5.29
C ILE E 38 -29.85 -26.37 -6.02
N ALA E 39 -28.66 -25.85 -5.79
CA ALA E 39 -27.45 -26.37 -6.42
C ALA E 39 -26.30 -26.21 -5.44
N ASP E 40 -25.09 -26.49 -5.90
CA ASP E 40 -23.88 -26.31 -5.09
C ASP E 40 -22.81 -25.75 -6.03
N LYS E 41 -22.74 -24.43 -6.11
CA LYS E 41 -21.84 -23.77 -7.04
C LYS E 41 -20.49 -23.45 -6.42
N PHE E 42 -20.15 -24.06 -5.29
CA PHE E 42 -18.83 -23.89 -4.69
C PHE E 42 -17.99 -25.14 -4.74
N ASN E 43 -18.51 -26.23 -5.29
CA ASN E 43 -17.71 -27.43 -5.53
C ASN E 43 -17.13 -27.37 -6.94
N GLN E 44 -16.28 -26.37 -7.16
CA GLN E 44 -15.68 -26.15 -8.47
C GLN E 44 -14.59 -27.19 -8.74
N GLU E 45 -14.09 -27.16 -9.96
CA GLU E 45 -13.11 -28.13 -10.44
C GLU E 45 -11.81 -27.43 -10.79
N ASN E 46 -10.73 -28.22 -10.82
CA ASN E 46 -9.38 -27.70 -10.99
C ASN E 46 -9.18 -27.25 -12.43
N ASP E 47 -9.38 -25.97 -12.68
CA ASP E 47 -9.22 -25.43 -14.03
C ASP E 47 -7.76 -25.17 -14.38
N LEU E 48 -6.88 -25.09 -13.39
CA LEU E 48 -5.53 -24.60 -13.64
C LEU E 48 -4.57 -25.69 -14.12
N VAL E 49 -4.74 -26.92 -13.66
CA VAL E 49 -3.65 -27.90 -13.75
C VAL E 49 -3.43 -28.40 -15.17
N ASP E 50 -4.39 -28.24 -16.07
CA ASP E 50 -4.20 -28.62 -17.45
C ASP E 50 -3.62 -27.50 -18.30
N ARG E 51 -3.33 -26.35 -17.70
CA ARG E 51 -2.42 -25.40 -18.33
C ARG E 51 -0.98 -25.84 -18.19
N PHE E 52 -0.71 -26.73 -17.24
CA PHE E 52 0.65 -27.16 -16.93
C PHE E 52 0.96 -28.56 -17.40
N PHE E 53 0.00 -29.49 -17.34
CA PHE E 53 0.19 -30.85 -17.84
C PHE E 53 -0.79 -31.06 -18.99
N PRO E 54 -0.43 -30.70 -20.22
CA PRO E 54 -1.31 -30.99 -21.35
C PRO E 54 -1.28 -32.47 -21.71
N GLU E 55 -2.19 -32.85 -22.59
CA GLU E 55 -2.36 -34.24 -22.97
C GLU E 55 -1.52 -34.59 -24.18
N ASP E 56 -1.13 -35.87 -24.25
CA ASP E 56 -0.42 -36.38 -25.41
C ASP E 56 -0.65 -37.88 -25.49
N SER E 57 -0.66 -38.40 -26.71
CA SER E 57 -0.99 -39.78 -26.98
C SER E 57 0.20 -40.47 -27.64
N THR E 58 0.56 -41.65 -27.11
CA THR E 58 1.54 -42.53 -27.71
C THR E 58 0.97 -43.95 -27.73
N PHE E 59 1.13 -44.64 -28.85
CA PHE E 59 0.63 -46.01 -28.96
C PHE E 59 1.43 -46.99 -28.11
N ALA E 60 2.70 -46.73 -27.87
CA ALA E 60 3.49 -47.67 -27.09
C ALA E 60 3.13 -47.59 -25.62
N SER E 61 3.48 -48.63 -24.88
CA SER E 61 3.22 -48.64 -23.45
C SER E 61 4.28 -47.86 -22.67
N GLU E 62 5.52 -48.32 -22.71
CA GLU E 62 6.57 -47.72 -21.90
C GLU E 62 7.16 -46.51 -22.62
N LEU E 63 8.11 -45.86 -21.96
CA LEU E 63 8.78 -44.70 -22.52
C LEU E 63 10.12 -44.54 -21.81
N GLU E 64 11.14 -44.11 -22.54
CA GLU E 64 12.47 -43.97 -21.96
C GLU E 64 13.15 -42.72 -22.50
N LEU E 65 14.07 -42.19 -21.70
CA LEU E 65 14.83 -41.02 -22.08
C LEU E 65 16.31 -41.37 -22.13
N TYR E 66 17.04 -40.68 -23.01
CA TYR E 66 18.46 -40.94 -23.19
C TYR E 66 19.18 -39.62 -23.46
N LEU E 67 20.35 -39.46 -22.84
CA LEU E 67 21.04 -38.17 -22.84
C LEU E 67 22.55 -38.42 -22.90
N LEU E 68 23.12 -38.28 -24.09
CA LEU E 68 24.55 -38.44 -24.28
C LEU E 68 25.24 -37.08 -24.15
N ARG E 69 26.28 -37.03 -23.32
CA ARG E 69 26.95 -35.78 -22.99
C ARG E 69 28.39 -35.84 -23.43
N THR E 70 28.83 -34.82 -24.16
CA THR E 70 30.19 -34.75 -24.69
C THR E 70 30.96 -33.65 -23.97
N GLN E 71 32.03 -34.04 -23.28
CA GLN E 71 32.93 -33.10 -22.62
C GLN E 71 34.10 -32.82 -23.57
N ASP E 72 34.06 -31.68 -24.24
CA ASP E 72 35.14 -31.32 -25.13
C ASP E 72 36.34 -30.79 -24.36
N ALA E 73 37.52 -31.28 -24.71
CA ALA E 73 38.74 -30.68 -24.21
C ALA E 73 38.87 -29.27 -24.78
N GLU E 74 39.22 -28.32 -23.91
CA GLU E 74 39.25 -26.93 -24.32
C GLU E 74 40.49 -26.64 -25.16
N GLN E 75 40.47 -25.49 -25.83
CA GLN E 75 41.60 -25.01 -26.59
C GLN E 75 42.49 -24.09 -25.76
N THR E 76 42.85 -24.56 -24.56
CA THR E 76 43.71 -23.79 -23.68
C THR E 76 45.16 -24.00 -24.08
N GLY E 77 46.05 -23.33 -23.37
CA GLY E 77 47.46 -23.50 -23.60
C GLY E 77 48.11 -22.23 -24.12
N MET E 78 49.44 -22.20 -23.99
CA MET E 78 50.26 -21.12 -24.48
C MET E 78 51.50 -21.74 -25.13
N THR E 79 52.03 -21.09 -26.17
CA THR E 79 53.09 -21.74 -26.93
C THR E 79 54.42 -21.61 -26.21
N PHE E 80 55.45 -22.16 -26.83
CA PHE E 80 56.74 -22.33 -26.18
C PHE E 80 57.70 -21.26 -26.66
N VAL E 81 58.37 -20.62 -25.73
CA VAL E 81 59.37 -19.62 -26.05
C VAL E 81 60.66 -20.35 -26.43
N HIS E 82 61.34 -19.85 -27.47
CA HIS E 82 62.65 -20.39 -27.84
C HIS E 82 63.41 -19.32 -28.61
N GLN E 83 64.69 -19.62 -28.87
CA GLN E 83 65.59 -18.67 -29.51
C GLN E 83 65.69 -18.96 -31.01
N VAL E 84 65.86 -17.90 -31.79
CA VAL E 84 65.86 -17.99 -33.25
C VAL E 84 67.07 -18.79 -33.72
N GLY E 85 66.82 -19.79 -34.56
CA GLY E 85 67.89 -20.59 -35.10
C GLY E 85 67.92 -21.99 -34.53
N SER E 86 66.77 -22.47 -34.04
CA SER E 86 66.77 -23.70 -33.27
C SER E 86 65.56 -24.56 -33.60
N THR E 87 65.41 -25.64 -32.82
CA THR E 87 64.47 -26.72 -33.07
C THR E 87 63.20 -26.55 -32.24
N SER E 88 62.05 -26.77 -32.86
CA SER E 88 60.77 -26.71 -32.16
C SER E 88 60.60 -27.91 -31.24
N LEU E 89 59.59 -27.82 -30.37
CA LEU E 89 59.34 -28.79 -29.31
C LEU E 89 57.87 -29.20 -29.27
N PRO E 90 57.56 -30.43 -28.85
CA PRO E 90 56.19 -30.91 -28.95
C PRO E 90 55.29 -30.45 -27.82
N VAL E 91 54.00 -30.39 -28.13
CA VAL E 91 52.99 -29.89 -27.20
C VAL E 91 52.59 -30.97 -26.21
N GLU E 92 51.78 -30.58 -25.23
CA GLU E 92 51.25 -31.47 -24.21
C GLU E 92 50.16 -32.37 -24.77
N ALA E 93 49.56 -33.17 -23.89
CA ALA E 93 48.50 -34.09 -24.23
C ALA E 93 47.27 -33.79 -23.38
N ARG E 94 46.09 -33.83 -23.99
CA ARG E 94 44.87 -33.41 -23.31
C ARG E 94 43.80 -34.50 -23.40
N VAL E 95 42.80 -34.38 -22.53
CA VAL E 95 41.84 -35.43 -22.22
C VAL E 95 40.42 -34.95 -22.49
N ALA E 96 39.60 -35.83 -23.08
CA ALA E 96 38.17 -35.58 -23.28
C ALA E 96 37.40 -36.82 -22.86
N LYS E 97 36.09 -36.65 -22.63
CA LYS E 97 35.30 -37.75 -22.09
C LYS E 97 33.84 -37.60 -22.49
N VAL E 98 33.14 -38.74 -22.51
CA VAL E 98 31.75 -38.87 -22.98
C VAL E 98 31.05 -39.93 -22.13
N ASP E 99 29.88 -39.59 -21.60
CA ASP E 99 29.03 -40.56 -20.89
C ASP E 99 27.57 -40.31 -21.25
N LEU E 100 26.68 -41.11 -20.65
CA LEU E 100 25.25 -41.00 -20.89
C LEU E 100 24.47 -41.65 -19.77
N ALA E 101 23.14 -41.50 -19.83
CA ALA E 101 22.24 -41.97 -18.78
C ALA E 101 20.87 -42.28 -19.39
N LYS E 102 20.05 -43.02 -18.63
CA LYS E 102 18.74 -43.44 -19.13
C LYS E 102 17.67 -43.28 -18.05
N ALA E 103 16.42 -43.18 -18.52
CA ALA E 103 15.22 -43.15 -17.67
C ALA E 103 14.26 -44.24 -18.07
N THR E 104 13.18 -44.36 -17.30
CA THR E 104 12.18 -45.38 -17.50
C THR E 104 10.82 -44.76 -17.17
N TRP E 105 9.75 -45.30 -17.76
CA TRP E 105 8.40 -44.83 -17.52
C TRP E 105 7.45 -45.99 -17.76
N SER E 106 6.30 -45.98 -17.06
CA SER E 106 5.30 -47.03 -17.23
C SER E 106 3.93 -46.52 -16.83
N PRO E 107 2.91 -46.65 -17.69
CA PRO E 107 1.63 -46.00 -17.43
C PRO E 107 0.76 -46.79 -16.45
N LEU E 108 -0.27 -46.13 -15.95
CA LEU E 108 -1.28 -46.74 -15.11
C LEU E 108 -2.53 -47.06 -15.93
N ALA E 109 -3.45 -47.81 -15.31
CA ALA E 109 -4.63 -48.31 -16.00
C ALA E 109 -5.87 -48.09 -15.16
N PHE E 110 -6.95 -47.65 -15.81
CA PHE E 110 -8.19 -47.33 -15.11
C PHE E 110 -9.37 -47.76 -15.97
N LYS E 111 -10.31 -48.49 -15.37
CA LYS E 111 -11.58 -48.85 -16.00
C LYS E 111 -12.64 -48.97 -14.93
N GLU E 112 -13.91 -48.93 -15.36
CA GLU E 112 -15.04 -49.05 -14.45
C GLU E 112 -16.29 -49.39 -15.25
N SER E 113 -17.24 -50.02 -14.58
CA SER E 113 -18.41 -50.59 -15.22
C SER E 113 -19.68 -49.89 -14.77
N ARG E 114 -20.79 -50.22 -15.43
CA ARG E 114 -22.10 -49.67 -15.18
C ARG E 114 -23.14 -50.52 -15.89
N VAL E 115 -24.18 -50.97 -15.19
CA VAL E 115 -25.15 -51.88 -15.77
C VAL E 115 -26.54 -51.60 -15.22
N TRP E 116 -27.55 -51.81 -16.06
CA TRP E 116 -28.96 -51.76 -15.70
C TRP E 116 -29.57 -53.14 -15.91
N ASP E 117 -30.87 -53.25 -15.63
CA ASP E 117 -31.61 -54.51 -15.74
C ASP E 117 -32.87 -54.28 -16.56
N GLU E 118 -33.66 -55.33 -16.75
CA GLU E 118 -34.86 -55.17 -17.56
C GLU E 118 -35.95 -54.42 -16.80
N LYS E 119 -35.99 -54.58 -15.47
CA LYS E 119 -37.02 -53.95 -14.66
C LYS E 119 -36.89 -52.43 -14.68
N GLU E 120 -35.66 -51.93 -14.80
CA GLU E 120 -35.44 -50.49 -14.83
C GLU E 120 -35.50 -49.94 -16.25
N ILE E 121 -35.22 -50.75 -17.26
CA ILE E 121 -35.32 -50.28 -18.63
C ILE E 121 -36.77 -50.22 -19.08
N LEU E 122 -37.54 -51.28 -18.80
CA LEU E 122 -38.91 -51.34 -19.28
C LEU E 122 -39.84 -50.49 -18.43
N TYR E 123 -39.73 -50.58 -17.12
CA TYR E 123 -40.48 -49.75 -16.19
C TYR E 123 -39.58 -48.59 -15.80
N LEU E 124 -39.85 -47.40 -16.33
CA LEU E 124 -39.35 -46.14 -15.79
C LEU E 124 -40.20 -45.04 -16.38
N GLY E 125 -40.82 -44.22 -15.55
CA GLY E 125 -41.70 -43.18 -16.03
C GLY E 125 -41.51 -41.89 -15.27
N ARG E 126 -41.95 -40.80 -15.88
CA ARG E 126 -41.91 -39.52 -15.20
C ARG E 126 -42.94 -39.49 -14.08
N LEU E 127 -42.63 -38.72 -13.03
CA LEU E 127 -43.25 -38.96 -11.73
C LEU E 127 -44.68 -38.45 -11.66
N ALA E 128 -44.94 -37.25 -12.14
CA ALA E 128 -46.29 -36.68 -12.10
C ALA E 128 -46.86 -36.53 -13.49
N ASP E 129 -46.63 -37.52 -14.34
CA ASP E 129 -47.09 -37.48 -15.71
C ASP E 129 -47.34 -38.92 -16.15
N GLU E 130 -47.88 -39.07 -17.36
CA GLU E 130 -48.20 -40.39 -17.92
C GLU E 130 -47.51 -40.45 -19.28
N VAL E 131 -46.32 -41.04 -19.31
CA VAL E 131 -45.45 -41.02 -20.47
C VAL E 131 -45.21 -42.45 -20.93
N GLN E 132 -45.23 -42.66 -22.24
CA GLN E 132 -44.76 -43.92 -22.82
C GLN E 132 -43.31 -44.16 -22.45
N ALA E 133 -43.00 -45.39 -22.05
CA ALA E 133 -41.80 -45.66 -21.27
C ALA E 133 -40.50 -45.58 -22.06
N GLY E 134 -40.15 -44.39 -22.54
CA GLY E 134 -38.87 -44.14 -23.15
C GLY E 134 -38.08 -43.14 -22.33
N VAL E 135 -38.09 -43.32 -21.01
CA VAL E 135 -37.51 -42.34 -20.10
C VAL E 135 -36.02 -42.56 -19.89
N ILE E 136 -35.55 -43.80 -19.92
CA ILE E 136 -34.21 -44.16 -19.46
C ILE E 136 -33.13 -43.72 -20.44
N ASN E 137 -33.53 -43.17 -21.59
CA ASN E 137 -32.57 -42.60 -22.53
C ASN E 137 -31.83 -41.41 -21.93
N GLU E 138 -32.55 -40.56 -21.19
CA GLU E 138 -31.88 -39.43 -20.56
C GLU E 138 -31.03 -39.88 -19.38
N GLN E 139 -31.38 -41.01 -18.76
CA GLN E 139 -30.57 -41.53 -17.67
C GLN E 139 -29.26 -42.10 -18.17
N ILE E 140 -29.29 -42.82 -19.29
CA ILE E 140 -28.04 -43.37 -19.79
C ILE E 140 -27.20 -42.27 -20.42
N ALA E 141 -27.82 -41.23 -20.98
CA ALA E 141 -27.03 -40.09 -21.48
C ALA E 141 -26.37 -39.35 -20.33
N GLU E 142 -27.08 -39.19 -19.21
CA GLU E 142 -26.48 -38.58 -18.03
C GLU E 142 -25.36 -39.45 -17.46
N SER E 143 -25.51 -40.77 -17.50
CA SER E 143 -24.43 -41.62 -16.97
C SER E 143 -23.21 -41.63 -17.88
N LEU E 144 -23.41 -41.53 -19.20
CA LEU E 144 -22.28 -41.33 -20.10
C LEU E 144 -21.56 -40.02 -19.79
N THR E 145 -22.32 -38.95 -19.54
CA THR E 145 -21.71 -37.68 -19.15
C THR E 145 -20.97 -37.79 -17.83
N TRP E 146 -21.53 -38.54 -16.89
CA TRP E 146 -20.88 -38.72 -15.59
C TRP E 146 -19.61 -39.53 -15.69
N LEU E 147 -19.56 -40.54 -16.56
CA LEU E 147 -18.32 -41.30 -16.72
C LEU E 147 -17.25 -40.49 -17.47
N MET E 148 -17.66 -39.63 -18.40
CA MET E 148 -16.72 -38.69 -19.04
C MET E 148 -16.10 -37.75 -18.02
N ALA E 149 -16.95 -37.10 -17.21
CA ALA E 149 -16.43 -36.21 -16.16
C ALA E 149 -15.68 -36.97 -15.07
N ARG E 150 -15.95 -38.26 -14.90
CA ARG E 150 -15.27 -39.04 -13.88
C ARG E 150 -13.85 -39.35 -14.31
N MET E 151 -13.67 -39.69 -15.58
CA MET E 151 -12.31 -39.87 -16.13
C MET E 151 -11.53 -38.57 -16.12
N ARG E 152 -12.19 -37.46 -16.49
CA ARG E 152 -11.54 -36.15 -16.45
C ARG E 152 -11.12 -35.75 -15.03
N ASN E 153 -11.96 -36.05 -14.05
CA ASN E 153 -11.61 -35.78 -12.66
C ASN E 153 -10.46 -36.66 -12.19
N ARG E 154 -10.36 -37.89 -12.68
CA ARG E 154 -9.23 -38.73 -12.30
C ARG E 154 -7.93 -38.21 -12.90
N ARG E 155 -8.00 -37.72 -14.15
CA ARG E 155 -6.84 -37.09 -14.77
C ARG E 155 -6.36 -35.89 -13.97
N ARG E 156 -7.29 -34.99 -13.64
CA ARG E 156 -6.91 -33.79 -12.91
C ARG E 156 -6.47 -34.11 -11.49
N TRP E 157 -6.97 -35.20 -10.92
CA TRP E 157 -6.49 -35.62 -9.60
C TRP E 157 -5.05 -36.11 -9.66
N LEU E 158 -4.70 -36.90 -10.67
CA LEU E 158 -3.32 -37.37 -10.80
C LEU E 158 -2.36 -36.21 -10.98
N THR E 159 -2.73 -35.27 -11.85
CA THR E 159 -1.88 -34.12 -12.12
C THR E 159 -1.72 -33.24 -10.89
N TRP E 160 -2.81 -32.98 -10.16
CA TRP E 160 -2.69 -32.14 -8.99
C TRP E 160 -2.03 -32.87 -7.83
N GLN E 161 -2.15 -34.20 -7.77
CA GLN E 161 -1.43 -34.96 -6.75
C GLN E 161 0.06 -34.86 -6.93
N VAL E 162 0.53 -34.96 -8.18
CA VAL E 162 1.99 -34.90 -8.35
C VAL E 162 2.50 -33.47 -8.47
N MET E 163 1.62 -32.47 -8.58
CA MET E 163 2.08 -31.11 -8.31
C MET E 163 2.00 -30.73 -6.84
N ARG E 164 1.17 -31.42 -6.06
CA ARG E 164 0.99 -31.08 -4.66
C ARG E 164 2.06 -31.71 -3.79
N THR E 165 2.41 -32.95 -4.08
CA THR E 165 3.46 -33.63 -3.34
C THR E 165 4.69 -33.92 -4.19
N GLY E 166 4.49 -34.37 -5.42
CA GLY E 166 5.59 -34.82 -6.24
C GLY E 166 5.72 -36.32 -6.32
N ARG E 167 4.86 -37.05 -5.63
CA ARG E 167 4.82 -38.50 -5.72
C ARG E 167 3.37 -38.92 -5.61
N ILE E 168 2.98 -39.92 -6.40
CA ILE E 168 1.59 -40.32 -6.52
C ILE E 168 1.44 -41.53 -5.62
N THR E 169 1.08 -41.29 -4.37
CA THR E 169 0.91 -42.35 -3.41
C THR E 169 -0.51 -42.88 -3.45
N ILE E 170 -0.64 -44.20 -3.42
CA ILE E 170 -1.92 -44.89 -3.48
C ILE E 170 -1.90 -45.98 -2.44
N GLN E 171 -2.92 -46.01 -1.60
CA GLN E 171 -3.03 -47.00 -0.54
C GLN E 171 -4.26 -47.85 -0.78
N PRO E 172 -4.35 -49.03 -0.16
CA PRO E 172 -5.60 -49.79 -0.22
C PRO E 172 -6.79 -49.09 0.44
N ASN E 173 -6.56 -48.17 1.35
CA ASN E 173 -7.64 -47.52 2.08
C ASN E 173 -8.09 -46.22 1.39
N ASP E 174 -7.75 -46.04 0.12
CA ASP E 174 -8.16 -44.86 -0.60
C ASP E 174 -9.65 -44.93 -0.91
N PRO E 175 -10.31 -43.77 -1.13
CA PRO E 175 -11.77 -43.79 -1.38
C PRO E 175 -12.17 -44.46 -2.68
N TYR E 176 -11.55 -44.07 -3.79
CA TYR E 176 -11.90 -44.59 -5.10
C TYR E 176 -10.93 -45.66 -5.57
N ASN E 177 -10.45 -46.47 -4.62
CA ASN E 177 -9.62 -47.64 -4.89
C ASN E 177 -10.37 -48.84 -4.36
N PRO E 178 -11.38 -49.34 -5.08
CA PRO E 178 -12.16 -50.48 -4.58
C PRO E 178 -11.40 -51.79 -4.67
N ASN E 179 -10.42 -51.89 -5.56
CA ASN E 179 -9.54 -53.05 -5.61
C ASN E 179 -8.45 -52.99 -4.56
N GLY E 180 -8.24 -51.83 -3.94
CA GLY E 180 -7.26 -51.75 -2.88
C GLY E 180 -5.83 -51.82 -3.34
N LEU E 181 -5.55 -51.46 -4.59
CA LEU E 181 -4.20 -51.51 -5.10
C LEU E 181 -3.33 -50.43 -4.45
N LYS E 182 -2.03 -50.56 -4.60
CA LYS E 182 -1.10 -49.57 -4.10
C LYS E 182 -0.10 -49.18 -5.17
N TYR E 183 0.26 -47.90 -5.19
CA TYR E 183 1.37 -47.41 -5.98
C TYR E 183 2.00 -46.26 -5.22
N VAL E 184 3.30 -46.06 -5.46
CA VAL E 184 3.99 -44.86 -5.00
C VAL E 184 5.03 -44.50 -6.05
N ILE E 185 4.84 -43.37 -6.72
CA ILE E 185 5.56 -43.09 -7.95
C ILE E 185 6.32 -41.79 -7.75
N ASP E 186 7.58 -41.88 -7.37
CA ASP E 186 8.39 -40.71 -7.08
C ASP E 186 8.94 -40.14 -8.38
N TYR E 187 8.49 -38.95 -8.75
CA TYR E 187 9.05 -38.34 -9.95
C TYR E 187 10.38 -37.66 -9.72
N GLY E 188 10.82 -37.55 -8.48
CA GLY E 188 12.11 -36.98 -8.20
C GLY E 188 12.19 -35.48 -8.33
N VAL E 189 11.12 -34.78 -7.97
CA VAL E 189 11.23 -33.34 -7.79
C VAL E 189 12.11 -33.09 -6.57
N THR E 190 13.19 -32.33 -6.76
CA THR E 190 14.28 -32.35 -5.81
C THR E 190 13.96 -31.56 -4.55
N ASP E 191 13.79 -30.25 -4.68
CA ASP E 191 13.51 -29.38 -3.54
C ASP E 191 12.05 -28.95 -3.69
N ILE E 192 11.14 -29.75 -3.14
CA ILE E 192 9.72 -29.51 -3.37
C ILE E 192 9.23 -28.31 -2.58
N GLU E 193 9.72 -28.12 -1.36
CA GLU E 193 9.26 -27.04 -0.50
C GLU E 193 10.41 -26.16 -0.07
N LEU E 194 10.13 -24.88 0.07
CA LEU E 194 11.17 -23.91 0.40
C LEU E 194 11.22 -23.68 1.90
N PRO E 195 12.43 -23.59 2.47
CA PRO E 195 12.55 -23.49 3.93
C PRO E 195 12.21 -22.09 4.43
N LEU E 196 11.35 -22.04 5.44
CA LEU E 196 11.03 -20.83 6.19
C LEU E 196 10.89 -21.14 7.67
N PRO E 197 11.80 -20.65 8.51
CA PRO E 197 11.63 -20.85 9.95
C PRO E 197 10.50 -20.04 10.53
N GLN E 198 10.34 -18.79 10.09
CA GLN E 198 9.25 -17.95 10.53
C GLN E 198 8.51 -17.40 9.32
N LYS E 199 7.18 -17.44 9.38
CA LYS E 199 6.35 -17.11 8.24
C LYS E 199 6.32 -15.60 8.02
N PHE E 200 5.59 -15.17 7.00
CA PHE E 200 5.52 -13.75 6.70
C PHE E 200 4.67 -13.01 7.73
N ASP E 201 3.64 -13.67 8.23
CA ASP E 201 2.77 -13.08 9.24
C ASP E 201 3.23 -13.52 10.63
N ALA E 202 4.48 -13.22 10.93
CA ALA E 202 5.08 -13.52 12.23
C ALA E 202 5.35 -12.18 12.91
N LYS E 203 4.44 -11.79 13.81
CA LYS E 203 4.60 -10.56 14.54
C LYS E 203 5.63 -10.72 15.64
N ASP E 204 6.40 -9.66 15.89
CA ASP E 204 7.44 -9.65 16.91
C ASP E 204 7.29 -8.38 17.72
N GLY E 205 7.24 -8.51 19.04
CA GLY E 205 7.13 -7.35 19.89
C GLY E 205 5.74 -6.75 19.78
N ASN E 206 5.70 -5.43 19.59
CA ASN E 206 4.43 -4.72 19.42
C ASN E 206 4.01 -4.63 17.96
N GLY E 207 3.96 -5.76 17.28
CA GLY E 207 3.50 -5.80 15.90
C GLY E 207 4.56 -5.58 14.85
N ASN E 208 5.83 -5.52 15.24
CA ASN E 208 6.88 -5.48 14.23
C ASN E 208 7.02 -6.85 13.58
N SER E 209 7.42 -6.84 12.32
CA SER E 209 7.52 -8.08 11.58
C SER E 209 8.84 -8.78 11.88
N ALA E 210 9.10 -9.87 11.18
CA ALA E 210 10.34 -10.62 11.35
C ALA E 210 11.03 -11.00 10.05
N VAL E 211 10.34 -11.02 8.92
CA VAL E 211 10.95 -11.30 7.63
C VAL E 211 10.48 -10.28 6.61
N ASP E 212 11.30 -10.08 5.58
CA ASP E 212 10.96 -9.22 4.45
C ASP E 212 10.73 -10.13 3.25
N PRO E 213 9.50 -10.25 2.75
CA PRO E 213 9.24 -11.19 1.65
C PRO E 213 9.76 -10.71 0.32
N ILE E 214 9.75 -9.40 0.07
CA ILE E 214 10.32 -8.87 -1.16
C ILE E 214 11.82 -9.10 -1.19
N GLN E 215 12.48 -8.87 -0.06
CA GLN E 215 13.91 -9.18 0.02
C GLN E 215 14.14 -10.68 0.01
N TYR E 216 13.15 -11.47 0.44
CA TYR E 216 13.27 -12.93 0.39
C TYR E 216 13.32 -13.43 -1.05
N PHE E 217 12.36 -13.00 -1.88
CA PHE E 217 12.38 -13.44 -3.27
C PHE E 217 13.52 -12.81 -4.06
N ARG E 218 13.92 -11.60 -3.71
CA ARG E 218 15.07 -10.98 -4.35
C ARG E 218 16.35 -11.73 -4.00
N ASP E 219 16.47 -12.22 -2.76
CA ASP E 219 17.63 -13.01 -2.39
C ASP E 219 17.61 -14.38 -3.04
N LEU E 220 16.42 -14.95 -3.28
CA LEU E 220 16.35 -16.18 -4.07
C LEU E 220 16.85 -15.95 -5.49
N ILE E 221 16.46 -14.83 -6.11
CA ILE E 221 16.90 -14.58 -7.48
C ILE E 221 18.40 -14.25 -7.52
N LYS E 222 18.92 -13.55 -6.51
CA LYS E 222 20.36 -13.28 -6.46
C LYS E 222 21.16 -14.56 -6.23
N ALA E 223 20.69 -15.44 -5.35
CA ALA E 223 21.40 -16.69 -5.13
C ALA E 223 21.23 -17.66 -6.28
N ALA E 224 20.27 -17.42 -7.18
CA ALA E 224 20.06 -18.29 -8.32
C ALA E 224 20.29 -17.57 -9.64
N THR E 225 21.18 -16.57 -9.67
CA THR E 225 21.39 -15.83 -10.90
C THR E 225 22.29 -16.56 -11.89
N TYR E 226 22.99 -17.61 -11.47
CA TYR E 226 23.74 -18.44 -12.39
C TYR E 226 23.16 -19.84 -12.54
N PHE E 227 21.98 -20.08 -11.96
CA PHE E 227 21.27 -21.35 -12.11
C PHE E 227 19.90 -21.02 -12.68
N PRO E 228 19.77 -20.89 -14.01
CA PRO E 228 18.49 -20.47 -14.58
C PRO E 228 17.38 -21.52 -14.47
N ASP E 229 17.70 -22.75 -14.10
CA ASP E 229 16.64 -23.70 -13.78
C ASP E 229 15.98 -23.36 -12.46
N ARG E 230 16.70 -22.75 -11.53
CA ARG E 230 16.18 -22.51 -10.20
C ARG E 230 15.63 -21.09 -10.00
N ARG E 231 16.06 -20.15 -10.84
CA ARG E 231 15.74 -18.74 -10.66
C ARG E 231 14.26 -18.46 -10.93
N PRO E 232 13.46 -18.13 -9.92
CA PRO E 232 12.01 -18.05 -10.12
C PRO E 232 11.58 -16.85 -10.96
N VAL E 233 10.46 -17.03 -11.65
CA VAL E 233 9.93 -15.97 -12.51
C VAL E 233 8.46 -15.69 -12.26
N ALA E 234 7.72 -16.60 -11.63
CA ALA E 234 6.31 -16.38 -11.41
C ALA E 234 5.89 -17.08 -10.14
N ILE E 235 4.70 -16.73 -9.67
CA ILE E 235 4.16 -17.24 -8.41
C ILE E 235 2.65 -17.13 -8.49
N ILE E 236 1.96 -18.21 -8.12
CA ILE E 236 0.51 -18.19 -8.06
C ILE E 236 0.09 -18.59 -6.65
N VAL E 237 -1.01 -17.99 -6.18
CA VAL E 237 -1.47 -18.21 -4.81
C VAL E 237 -2.95 -17.85 -4.80
N GLY E 238 -3.70 -18.52 -3.93
CA GLY E 238 -5.12 -18.31 -3.82
C GLY E 238 -5.48 -17.05 -3.06
N PRO E 239 -6.47 -17.14 -2.19
CA PRO E 239 -7.01 -15.94 -1.55
C PRO E 239 -6.12 -15.47 -0.41
N GLY E 240 -6.14 -14.16 -0.20
CA GLY E 240 -5.46 -13.58 0.94
C GLY E 240 -3.95 -13.63 0.87
N PHE E 241 -3.38 -12.87 -0.05
CA PHE E 241 -1.96 -12.61 -0.08
C PHE E 241 -1.65 -11.13 0.05
N ASP E 242 -2.52 -10.27 -0.48
CA ASP E 242 -2.41 -8.83 -0.32
C ASP E 242 -2.51 -8.43 1.15
N GLU E 243 -3.32 -9.15 1.93
CA GLU E 243 -3.47 -8.80 3.33
C GLU E 243 -2.26 -9.24 4.15
N VAL E 244 -1.62 -10.35 3.77
CA VAL E 244 -0.39 -10.75 4.44
C VAL E 244 0.73 -9.80 4.07
N LEU E 245 0.70 -9.23 2.87
CA LEU E 245 1.59 -8.11 2.59
C LEU E 245 1.19 -6.86 3.38
N ALA E 246 -0.11 -6.69 3.65
CA ALA E 246 -0.59 -5.44 4.23
C ALA E 246 -0.24 -5.33 5.71
N ASP E 247 -0.28 -6.45 6.44
CA ASP E 247 0.09 -6.39 7.85
C ASP E 247 1.55 -6.74 8.10
N ASN E 248 2.41 -6.39 7.16
CA ASN E 248 3.82 -6.73 7.20
C ASN E 248 4.63 -5.45 7.18
N THR E 249 5.55 -5.31 8.15
CA THR E 249 6.17 -4.03 8.44
C THR E 249 7.07 -3.55 7.32
N PHE E 250 7.88 -4.46 6.75
CA PHE E 250 8.78 -4.07 5.67
C PHE E 250 8.03 -3.73 4.39
N VAL E 251 6.92 -4.44 4.13
CA VAL E 251 6.11 -4.13 2.96
C VAL E 251 5.41 -2.79 3.14
N GLN E 252 5.00 -2.50 4.39
CA GLN E 252 4.46 -1.18 4.70
C GLN E 252 5.47 -0.09 4.44
N LYS E 253 6.73 -0.31 4.84
CA LYS E 253 7.77 0.70 4.60
C LYS E 253 8.09 0.85 3.11
N TYR E 254 7.99 -0.23 2.34
CA TYR E 254 8.20 -0.11 0.90
C TYR E 254 7.06 0.65 0.24
N VAL E 255 5.84 0.45 0.72
CA VAL E 255 4.70 1.25 0.24
C VAL E 255 4.90 2.72 0.58
N GLU E 256 5.37 3.00 1.81
CA GLU E 256 5.57 4.37 2.24
C GLU E 256 6.68 5.05 1.44
N TYR E 257 7.75 4.31 1.12
CA TYR E 257 8.79 4.87 0.28
C TYR E 257 8.28 5.10 -1.15
N GLU E 258 7.44 4.20 -1.65
CA GLU E 258 7.03 4.32 -3.04
C GLU E 258 6.07 5.47 -3.24
N LYS E 259 5.15 5.68 -2.30
CA LYS E 259 4.24 6.81 -2.41
C LYS E 259 4.81 8.09 -1.85
N GLY E 260 5.98 8.05 -1.23
CA GLY E 260 6.58 9.25 -0.69
C GLY E 260 5.87 9.74 0.55
N TRP E 261 5.72 8.86 1.53
CA TRP E 261 5.03 9.19 2.77
C TRP E 261 5.98 9.07 3.94
N VAL E 262 5.57 9.66 5.06
CA VAL E 262 6.27 9.50 6.33
C VAL E 262 5.22 9.64 7.42
N VAL E 263 5.40 8.89 8.51
CA VAL E 263 4.34 8.71 9.49
C VAL E 263 4.32 9.83 10.51
N GLY E 264 5.08 10.89 10.29
CA GLY E 264 5.02 12.02 11.18
C GLY E 264 4.66 13.33 10.50
N GLN E 265 4.99 13.46 9.22
CA GLN E 265 4.98 14.77 8.58
C GLN E 265 4.08 14.84 7.36
N ASN E 266 4.04 13.80 6.52
CA ASN E 266 3.14 13.84 5.38
C ASN E 266 1.71 13.50 5.80
N THR E 267 1.52 12.29 6.32
CA THR E 267 0.24 11.84 6.86
C THR E 267 0.49 11.18 8.20
N VAL E 268 -0.59 10.97 8.96
CA VAL E 268 -0.45 10.39 10.29
C VAL E 268 -0.12 8.90 10.21
N GLN E 269 -0.99 8.12 9.57
CA GLN E 269 -0.75 6.79 9.07
C GLN E 269 -1.92 6.48 8.16
N PRO E 270 -1.68 6.02 6.93
CA PRO E 270 -2.78 5.54 6.12
C PRO E 270 -3.36 4.27 6.72
N PRO E 271 -4.64 4.00 6.49
CA PRO E 271 -5.23 2.78 7.03
C PRO E 271 -4.80 1.52 6.29
N ARG E 272 -5.35 0.38 6.70
CA ARG E 272 -4.95 -0.92 6.17
C ARG E 272 -5.25 -1.06 4.69
N GLU E 273 -6.37 -0.47 4.25
CA GLU E 273 -6.79 -0.60 2.86
C GLU E 273 -5.85 0.15 1.92
N VAL E 274 -5.32 1.28 2.37
CA VAL E 274 -4.41 2.05 1.53
C VAL E 274 -3.09 1.31 1.35
N TYR E 275 -2.68 0.54 2.35
CA TYR E 275 -1.57 -0.38 2.19
C TYR E 275 -1.88 -1.46 1.17
N ARG E 276 -2.97 -2.23 1.41
CA ARG E 276 -3.21 -3.42 0.61
C ARG E 276 -3.64 -3.12 -0.82
N GLN E 277 -4.03 -1.90 -1.15
CA GLN E 277 -4.37 -1.63 -2.54
C GLN E 277 -3.15 -1.35 -3.41
N ALA E 278 -1.98 -1.16 -2.81
CA ALA E 278 -0.76 -0.96 -3.56
C ALA E 278 0.35 -1.94 -3.19
N ALA E 279 0.13 -2.77 -2.17
CA ALA E 279 1.15 -3.72 -1.74
C ALA E 279 1.45 -4.78 -2.79
N LEU E 280 0.41 -5.26 -3.49
CA LEU E 280 0.61 -6.25 -4.55
C LEU E 280 1.39 -5.65 -5.70
N ASP E 281 1.13 -4.38 -6.02
CA ASP E 281 1.82 -3.75 -7.13
C ASP E 281 3.27 -3.47 -6.79
N ILE E 282 3.57 -3.04 -5.57
CA ILE E 282 4.98 -2.81 -5.25
C ILE E 282 5.72 -4.13 -5.08
N PHE E 283 5.02 -5.19 -4.67
CA PHE E 283 5.60 -6.53 -4.68
C PHE E 283 6.01 -6.95 -6.07
N LYS E 284 5.08 -6.84 -7.02
CA LYS E 284 5.36 -7.18 -8.42
C LYS E 284 6.42 -6.26 -9.04
N ARG E 285 6.54 -5.03 -8.55
CA ARG E 285 7.55 -4.15 -9.12
C ARG E 285 8.94 -4.44 -8.57
N TYR E 286 9.08 -4.62 -7.26
CA TYR E 286 10.41 -4.80 -6.73
C TYR E 286 10.95 -6.20 -6.94
N THR E 287 10.11 -7.22 -6.81
CA THR E 287 10.65 -8.58 -6.96
C THR E 287 10.85 -8.96 -8.41
N GLY E 288 9.94 -8.55 -9.29
CA GLY E 288 9.97 -8.98 -10.66
C GLY E 288 9.17 -10.23 -10.93
N LEU E 289 8.73 -10.93 -9.89
CA LEU E 289 7.79 -12.03 -10.04
C LEU E 289 6.47 -11.52 -10.58
N GLU E 290 5.76 -12.37 -11.31
CA GLU E 290 4.40 -12.04 -11.72
C GLU E 290 3.41 -12.93 -10.98
N VAL E 291 2.31 -12.34 -10.54
CA VAL E 291 1.38 -12.97 -9.62
C VAL E 291 0.03 -13.04 -10.29
N MET E 292 -0.61 -14.22 -10.21
CA MET E 292 -2.02 -14.31 -10.52
C MET E 292 -2.70 -15.16 -9.47
N VAL E 293 -3.98 -14.91 -9.27
CA VAL E 293 -4.73 -15.58 -8.24
C VAL E 293 -5.33 -16.87 -8.79
N TYR E 294 -5.73 -17.74 -7.87
CA TYR E 294 -6.49 -18.93 -8.25
C TYR E 294 -7.41 -19.24 -7.07
N ASP E 295 -8.66 -18.81 -7.17
CA ASP E 295 -9.59 -18.84 -6.06
C ASP E 295 -10.59 -19.99 -6.13
N LYS E 296 -10.36 -21.00 -6.96
CA LYS E 296 -11.37 -22.03 -7.13
C LYS E 296 -11.32 -23.01 -5.97
N THR E 297 -12.49 -23.53 -5.62
CA THR E 297 -12.70 -24.24 -4.37
C THR E 297 -13.18 -25.66 -4.61
N TYR E 298 -13.32 -26.42 -3.53
CA TYR E 298 -13.90 -27.75 -3.61
C TYR E 298 -14.60 -28.08 -2.30
N ARG E 299 -15.76 -28.71 -2.41
CA ARG E 299 -16.55 -29.04 -1.23
C ARG E 299 -15.92 -30.23 -0.52
N ASP E 300 -15.49 -30.01 0.72
CA ASP E 300 -14.75 -31.04 1.40
C ASP E 300 -15.70 -32.14 1.89
N GLN E 301 -15.12 -33.22 2.39
CA GLN E 301 -15.90 -34.38 2.81
C GLN E 301 -16.74 -34.08 4.04
N ASP E 302 -16.29 -33.16 4.89
CA ASP E 302 -17.02 -32.76 6.09
C ASP E 302 -18.04 -31.66 5.84
N GLY E 303 -18.37 -31.37 4.59
CA GLY E 303 -19.29 -30.30 4.26
C GLY E 303 -18.68 -28.92 4.20
N SER E 304 -17.46 -28.74 4.69
CA SER E 304 -16.80 -27.44 4.62
C SER E 304 -16.27 -27.19 3.22
N VAL E 305 -15.87 -25.96 2.97
CA VAL E 305 -15.33 -25.55 1.68
C VAL E 305 -13.86 -25.25 1.87
N LYS E 306 -13.02 -25.79 0.99
CA LYS E 306 -11.62 -25.44 0.98
C LYS E 306 -11.22 -24.94 -0.39
N TYR E 307 -10.38 -23.91 -0.42
CA TYR E 307 -9.77 -23.46 -1.66
C TYR E 307 -8.84 -24.54 -2.17
N TRP E 308 -8.76 -24.67 -3.50
CA TRP E 308 -8.08 -25.83 -4.11
C TRP E 308 -6.59 -25.76 -3.85
N ILE E 309 -5.96 -24.66 -4.21
CA ILE E 309 -4.70 -24.31 -3.56
C ILE E 309 -4.99 -23.95 -2.11
N PRO E 310 -4.29 -24.52 -1.14
CA PRO E 310 -4.60 -24.20 0.26
C PRO E 310 -4.16 -22.80 0.61
N VAL E 311 -4.71 -22.30 1.73
CA VAL E 311 -4.59 -20.88 2.03
C VAL E 311 -3.27 -20.54 2.69
N GLY E 312 -2.68 -21.46 3.44
CA GLY E 312 -1.44 -21.16 4.13
C GLY E 312 -0.23 -21.60 3.34
N GLU E 313 -0.39 -21.77 2.03
CA GLU E 313 0.68 -22.21 1.16
C GLU E 313 0.63 -21.42 -0.14
N LEU E 314 1.79 -21.30 -0.79
CA LEU E 314 1.88 -20.79 -2.14
C LEU E 314 2.78 -21.70 -2.95
N ILE E 315 2.94 -21.35 -4.22
CA ILE E 315 3.69 -22.18 -5.15
C ILE E 315 4.37 -21.26 -6.16
N VAL E 316 5.67 -21.46 -6.34
CA VAL E 316 6.47 -20.65 -7.24
C VAL E 316 6.93 -21.50 -8.42
N LEU E 317 6.72 -20.98 -9.62
CA LEU E 317 7.30 -21.52 -10.83
C LEU E 317 8.67 -20.91 -11.03
N ASN E 318 9.59 -21.68 -11.62
CA ASN E 318 10.96 -21.24 -11.73
C ASN E 318 11.34 -20.70 -13.10
N GLN E 319 11.32 -21.54 -14.14
CA GLN E 319 11.88 -21.07 -15.42
C GLN E 319 10.92 -20.15 -16.15
N SER E 320 9.73 -20.63 -16.48
CA SER E 320 8.82 -19.83 -17.28
C SER E 320 7.38 -20.19 -16.95
N THR E 321 6.49 -19.21 -17.14
CA THR E 321 5.06 -19.46 -17.03
C THR E 321 4.63 -20.29 -18.22
N GLY E 322 4.62 -21.61 -18.05
CA GLY E 322 4.28 -22.49 -19.15
C GLY E 322 4.01 -23.90 -18.66
N PRO E 323 3.85 -24.82 -19.59
CA PRO E 323 3.61 -26.21 -19.21
C PRO E 323 4.89 -26.87 -18.72
N VAL E 324 4.74 -27.81 -17.81
CA VAL E 324 5.88 -28.48 -17.20
C VAL E 324 5.72 -29.98 -17.46
N GLY E 325 6.17 -30.43 -18.61
CA GLY E 325 5.90 -31.80 -19.00
C GLY E 325 4.47 -31.99 -19.46
N ARG E 326 4.15 -33.23 -19.80
CA ARG E 326 2.88 -33.56 -20.41
C ARG E 326 2.28 -34.79 -19.75
N PHE E 327 1.02 -35.06 -20.08
CA PHE E 327 0.26 -36.18 -19.56
C PHE E 327 0.09 -37.21 -20.67
N VAL E 328 0.87 -38.28 -20.62
CA VAL E 328 0.90 -39.26 -21.69
C VAL E 328 -0.19 -40.30 -21.48
N TYR E 329 -1.14 -40.36 -22.41
CA TYR E 329 -2.01 -41.52 -22.55
C TYR E 329 -1.30 -42.60 -23.35
N THR E 330 -1.60 -43.85 -23.03
CA THR E 330 -1.16 -44.96 -23.86
C THR E 330 -2.38 -45.63 -24.48
N ALA E 331 -2.13 -46.71 -25.18
CA ALA E 331 -3.12 -47.29 -26.08
C ALA E 331 -3.94 -48.35 -25.37
N HIS E 332 -5.26 -48.23 -25.46
CA HIS E 332 -6.18 -49.29 -25.11
C HIS E 332 -6.52 -50.09 -26.36
N VAL E 333 -7.52 -50.97 -26.28
CA VAL E 333 -7.84 -51.89 -27.36
C VAL E 333 -9.26 -51.60 -27.85
N ALA E 334 -9.42 -51.43 -29.15
CA ALA E 334 -10.74 -51.32 -29.79
C ALA E 334 -10.72 -52.20 -31.03
N GLY E 335 -11.19 -53.44 -30.88
CA GLY E 335 -10.72 -54.53 -31.71
C GLY E 335 -11.29 -54.58 -33.12
N GLN E 336 -10.40 -54.90 -34.07
CA GLN E 336 -10.71 -55.32 -35.43
C GLN E 336 -11.47 -54.27 -36.24
N ARG E 337 -10.78 -53.17 -36.52
CA ARG E 337 -11.20 -52.35 -37.65
C ARG E 337 -10.97 -53.12 -38.96
N ASN E 338 -9.76 -53.64 -39.14
CA ASN E 338 -9.45 -54.59 -40.20
C ASN E 338 -9.63 -55.99 -39.63
N GLY E 339 -9.12 -57.02 -40.30
CA GLY E 339 -9.03 -58.35 -39.71
C GLY E 339 -7.96 -58.51 -38.66
N LYS E 340 -7.21 -57.45 -38.35
CA LYS E 340 -6.14 -57.45 -37.36
C LYS E 340 -6.52 -56.57 -36.18
N VAL E 341 -5.69 -56.58 -35.15
CA VAL E 341 -6.01 -55.90 -33.90
C VAL E 341 -5.68 -54.42 -34.02
N VAL E 342 -6.64 -53.57 -33.66
CA VAL E 342 -6.60 -52.12 -33.89
C VAL E 342 -6.79 -51.40 -32.57
N TYR E 343 -6.11 -50.27 -32.38
CA TYR E 343 -6.03 -49.58 -31.09
C TYR E 343 -6.57 -48.15 -31.16
N ALA E 344 -6.52 -47.50 -30.01
CA ALA E 344 -6.84 -46.08 -29.85
C ALA E 344 -6.24 -45.64 -28.53
N THR E 345 -6.26 -44.33 -28.29
CA THR E 345 -5.55 -43.74 -27.15
C THR E 345 -6.46 -43.12 -26.10
N GLY E 346 -7.42 -42.30 -26.52
CA GLY E 346 -8.14 -41.42 -25.65
C GLY E 346 -9.00 -42.11 -24.62
N PRO E 347 -9.52 -41.35 -23.66
CA PRO E 347 -10.41 -41.92 -22.65
C PRO E 347 -11.73 -42.34 -23.29
N TYR E 348 -11.91 -43.65 -23.42
CA TYR E 348 -12.94 -44.23 -24.25
C TYR E 348 -14.13 -44.66 -23.42
N LEU E 349 -15.19 -45.04 -24.11
CA LEU E 349 -16.33 -45.70 -23.51
C LEU E 349 -17.04 -46.53 -24.58
N THR E 350 -17.59 -47.65 -24.17
CA THR E 350 -18.23 -48.57 -25.09
C THR E 350 -19.63 -48.89 -24.62
N VAL E 351 -20.45 -49.40 -25.52
CA VAL E 351 -21.80 -49.79 -25.22
C VAL E 351 -21.93 -51.29 -25.42
N LYS E 352 -22.85 -51.90 -24.70
CA LYS E 352 -23.03 -53.35 -24.74
C LYS E 352 -24.48 -53.64 -25.12
N ASP E 353 -24.71 -54.05 -26.36
CA ASP E 353 -26.02 -54.46 -26.81
C ASP E 353 -26.28 -55.88 -26.29
N HIS E 354 -26.58 -55.97 -25.00
CA HIS E 354 -27.11 -57.19 -24.42
C HIS E 354 -28.62 -57.11 -24.23
N LEU E 355 -29.29 -56.24 -24.99
CA LEU E 355 -30.74 -56.12 -24.88
C LEU E 355 -31.48 -57.24 -25.59
N GLN E 356 -30.77 -58.11 -26.28
CA GLN E 356 -31.37 -59.27 -26.91
C GLN E 356 -31.25 -60.53 -26.06
N ASP E 357 -30.41 -60.52 -25.02
CA ASP E 357 -30.28 -61.65 -24.12
C ASP E 357 -31.54 -61.79 -23.26
N ASP E 358 -31.64 -62.95 -22.60
CA ASP E 358 -32.67 -63.17 -21.62
C ASP E 358 -32.05 -63.39 -20.24
N PRO E 359 -32.21 -62.45 -19.28
CA PRO E 359 -32.86 -61.14 -19.36
C PRO E 359 -32.05 -60.13 -20.15
N PRO E 360 -32.71 -59.19 -20.80
CA PRO E 360 -31.99 -58.10 -21.45
C PRO E 360 -31.33 -57.21 -20.39
N TYR E 361 -30.13 -56.75 -20.69
CA TYR E 361 -29.49 -55.75 -19.85
C TYR E 361 -28.65 -54.84 -20.73
N TYR E 362 -28.31 -53.68 -20.20
CA TYR E 362 -27.53 -52.70 -20.92
C TYR E 362 -26.34 -52.32 -20.07
N ALA E 363 -25.18 -52.14 -20.70
CA ALA E 363 -23.95 -51.98 -19.94
C ALA E 363 -23.04 -50.97 -20.60
N ILE E 364 -22.49 -50.08 -19.78
CA ILE E 364 -21.62 -49.01 -20.22
C ILE E 364 -20.30 -49.15 -19.49
N ILE E 365 -19.21 -49.29 -20.24
CA ILE E 365 -17.88 -49.49 -19.66
C ILE E 365 -16.94 -48.45 -20.23
N ALA E 366 -16.31 -47.67 -19.36
CA ALA E 366 -15.38 -46.64 -19.77
C ALA E 366 -14.02 -46.88 -19.13
N GLY E 367 -13.13 -45.91 -19.31
CA GLY E 367 -11.80 -46.00 -18.72
C GLY E 367 -10.72 -45.49 -19.64
N PHE E 368 -9.47 -45.52 -19.18
CA PHE E 368 -8.33 -45.05 -19.95
C PHE E 368 -7.05 -45.59 -19.35
N HIS E 369 -6.02 -45.65 -20.17
CA HIS E 369 -4.66 -45.91 -19.72
C HIS E 369 -3.87 -44.61 -19.80
N GLY E 370 -2.97 -44.40 -18.85
CA GLY E 370 -2.13 -43.21 -18.88
C GLY E 370 -1.48 -42.94 -17.55
N LEU E 371 -0.63 -41.89 -17.56
CA LEU E 371 0.15 -41.37 -16.44
C LEU E 371 0.82 -40.08 -16.88
N PRO E 372 1.00 -39.09 -16.01
CA PRO E 372 1.71 -37.87 -16.42
C PRO E 372 3.21 -38.08 -16.52
N GLN E 373 3.89 -37.03 -16.98
CA GLN E 373 5.33 -37.10 -17.17
C GLN E 373 5.94 -35.71 -17.03
N LEU E 374 7.03 -35.62 -16.28
CA LEU E 374 7.79 -34.37 -16.18
C LEU E 374 8.89 -34.41 -17.22
N SER E 375 8.79 -33.53 -18.22
CA SER E 375 9.63 -33.65 -19.41
C SER E 375 11.07 -33.21 -19.14
N GLY E 376 11.26 -31.94 -18.82
CA GLY E 376 12.61 -31.43 -18.80
C GLY E 376 13.32 -31.59 -17.47
N TYR E 377 14.09 -32.66 -17.34
CA TYR E 377 15.00 -32.74 -16.21
C TYR E 377 16.24 -31.93 -16.53
N ASN E 378 17.09 -31.76 -15.52
CA ASN E 378 18.37 -31.09 -15.73
C ASN E 378 19.27 -31.98 -16.56
N THR E 379 20.18 -31.35 -17.31
CA THR E 379 21.06 -32.09 -18.21
C THR E 379 22.47 -32.27 -17.65
N GLU E 380 23.01 -31.26 -16.97
CA GLU E 380 24.32 -31.42 -16.34
C GLU E 380 24.22 -32.32 -15.12
N ASP E 381 23.39 -31.94 -14.17
CA ASP E 381 22.96 -32.83 -13.11
C ASP E 381 21.72 -33.56 -13.62
N PHE E 382 21.00 -34.25 -12.75
CA PHE E 382 19.76 -34.89 -13.16
C PHE E 382 18.60 -34.44 -12.30
N SER E 383 18.71 -33.29 -11.66
CA SER E 383 17.71 -32.82 -10.72
C SER E 383 16.54 -32.17 -11.47
N PHE E 384 15.58 -31.68 -10.69
CA PHE E 384 14.37 -31.08 -11.27
C PHE E 384 13.85 -30.04 -10.30
N HIS E 385 14.25 -28.79 -10.50
CA HIS E 385 13.86 -27.68 -9.65
C HIS E 385 12.88 -26.75 -10.34
N ARG E 386 11.92 -27.30 -11.08
CA ARG E 386 11.13 -26.46 -11.97
C ARG E 386 9.94 -25.82 -11.28
N PHE E 387 9.31 -26.47 -10.31
CA PHE E 387 8.26 -25.84 -9.53
C PHE E 387 8.45 -26.17 -8.06
N LYS E 388 8.26 -25.19 -7.18
CA LYS E 388 8.51 -25.37 -5.77
C LYS E 388 7.34 -24.86 -4.95
N TRP E 389 7.30 -25.26 -3.68
CA TRP E 389 6.25 -24.90 -2.75
C TRP E 389 6.83 -24.10 -1.59
N LEU E 390 5.93 -23.49 -0.82
CA LEU E 390 6.27 -22.61 0.28
C LEU E 390 5.02 -22.35 1.09
N LYS E 391 5.21 -22.23 2.40
CA LYS E 391 4.14 -21.84 3.31
C LYS E 391 4.45 -20.42 3.77
N TYR E 392 3.54 -19.49 3.51
CA TYR E 392 3.85 -18.09 3.67
C TYR E 392 3.18 -17.44 4.86
N ALA E 393 1.96 -17.80 5.18
CA ALA E 393 1.28 -17.27 6.35
C ALA E 393 0.65 -18.41 7.12
N ASN E 394 0.69 -18.31 8.44
CA ASN E 394 0.15 -19.37 9.27
C ASN E 394 -1.37 -19.38 9.26
N ASN E 395 -2.01 -18.22 9.07
CA ASN E 395 -3.47 -18.14 9.20
C ASN E 395 -4.01 -17.06 8.26
N VAL E 396 -4.40 -17.49 7.06
CA VAL E 396 -5.16 -16.63 6.16
C VAL E 396 -6.65 -16.82 6.41
N GLN E 397 -7.04 -17.87 7.11
CA GLN E 397 -8.44 -18.17 7.41
C GLN E 397 -9.09 -17.14 8.32
N SER E 398 -8.30 -16.35 9.05
CA SER E 398 -8.84 -15.21 9.78
C SER E 398 -9.17 -14.04 8.86
N TYR E 399 -8.71 -14.06 7.60
CA TYR E 399 -8.99 -13.01 6.64
C TYR E 399 -10.00 -13.45 5.58
N LEU E 400 -10.76 -14.49 5.85
CA LEU E 400 -11.58 -15.04 4.78
C LEU E 400 -13.06 -15.07 5.17
N PRO E 401 -13.95 -14.81 4.21
CA PRO E 401 -15.38 -14.87 4.51
C PRO E 401 -15.84 -16.31 4.64
N PRO E 402 -16.89 -16.55 5.41
CA PRO E 402 -17.37 -17.92 5.61
C PRO E 402 -18.14 -18.42 4.40
N PHE E 403 -18.65 -19.65 4.53
CA PHE E 403 -19.26 -20.38 3.43
C PHE E 403 -20.61 -20.95 3.86
N PRO E 404 -21.55 -21.08 2.94
CA PRO E 404 -22.81 -21.75 3.25
C PRO E 404 -22.60 -23.25 3.36
N PRO E 405 -23.27 -23.91 4.31
CA PRO E 405 -23.17 -25.36 4.43
C PRO E 405 -23.89 -26.06 3.28
N LYS E 406 -23.67 -27.37 3.21
CA LYS E 406 -24.24 -28.20 2.15
C LYS E 406 -25.73 -28.34 2.38
N VAL E 407 -26.52 -27.63 1.58
CA VAL E 407 -27.97 -27.67 1.71
C VAL E 407 -28.47 -28.99 1.14
N GLU E 408 -29.12 -29.79 1.97
CA GLU E 408 -29.75 -31.01 1.53
C GLU E 408 -31.20 -30.74 1.13
N LEU E 409 -31.85 -31.80 0.61
CA LEU E 409 -33.26 -31.83 0.21
C LEU E 409 -33.67 -30.80 -0.83
N MET F 1 38.47 -30.35 -29.29
CA MET F 1 38.69 -31.78 -29.46
C MET F 1 37.55 -32.55 -28.81
N ARG F 2 37.03 -33.53 -29.53
CA ARG F 2 36.02 -34.42 -28.98
C ARG F 2 36.47 -35.85 -29.18
N VAL F 3 35.88 -36.74 -28.39
CA VAL F 3 36.12 -38.17 -28.56
C VAL F 3 35.53 -38.61 -29.90
N PRO F 4 36.28 -39.30 -30.75
CA PRO F 4 35.73 -39.67 -32.05
C PRO F 4 34.64 -40.72 -31.92
N ILE F 5 33.39 -40.28 -32.11
CA ILE F 5 32.24 -41.11 -31.82
C ILE F 5 31.10 -40.60 -32.68
N ASN F 6 30.20 -41.50 -33.04
CA ASN F 6 28.93 -41.05 -33.60
C ASN F 6 28.02 -40.70 -32.42
N ILE F 7 26.83 -40.17 -32.69
CA ILE F 7 25.92 -39.76 -31.64
C ILE F 7 24.58 -40.50 -31.75
N ASN F 8 23.99 -40.49 -32.94
CA ASN F 8 22.75 -41.20 -33.16
C ASN F 8 22.93 -42.71 -33.02
N ASN F 9 24.01 -43.23 -33.62
CA ASN F 9 24.30 -44.64 -33.49
C ASN F 9 24.83 -44.99 -32.10
N ALA F 10 25.47 -44.05 -31.42
CA ALA F 10 25.92 -44.33 -30.07
C ALA F 10 24.76 -44.37 -29.09
N LEU F 11 23.69 -43.60 -29.36
CA LEU F 11 22.50 -43.70 -28.54
C LEU F 11 21.69 -44.93 -28.88
N ALA F 12 21.64 -45.30 -30.17
CA ALA F 12 20.91 -46.50 -30.57
C ALA F 12 21.59 -47.77 -30.08
N ARG F 13 22.91 -47.74 -29.98
CA ARG F 13 23.71 -48.92 -29.69
C ARG F 13 24.12 -48.95 -28.22
N VAL F 14 23.19 -48.73 -27.29
CA VAL F 14 23.59 -48.73 -25.90
C VAL F 14 22.64 -49.63 -25.12
N ARG F 15 21.56 -50.04 -25.78
CA ARG F 15 20.57 -50.91 -25.18
C ARG F 15 21.06 -52.34 -25.20
N ASP F 16 20.25 -53.26 -24.71
CA ASP F 16 20.59 -54.67 -24.77
C ASP F 16 19.43 -55.47 -25.35
N PRO F 17 19.66 -56.29 -26.35
CA PRO F 17 18.61 -57.14 -26.90
C PRO F 17 18.47 -58.47 -26.17
N LEU F 18 18.39 -58.43 -24.85
CA LEU F 18 17.89 -59.56 -24.08
C LEU F 18 16.59 -59.18 -23.39
N SER F 19 16.62 -58.26 -22.42
CA SER F 19 15.49 -57.49 -21.88
C SER F 19 14.24 -58.32 -21.49
N ILE F 20 14.37 -59.62 -21.26
CA ILE F 20 13.23 -60.47 -20.96
C ILE F 20 13.49 -61.08 -19.58
N GLY F 21 13.04 -60.39 -18.54
CA GLY F 21 12.86 -61.00 -17.25
C GLY F 21 11.57 -60.55 -16.60
N GLY F 22 10.99 -59.48 -17.14
CA GLY F 22 9.86 -58.86 -16.48
C GLY F 22 8.54 -59.55 -16.69
N LEU F 23 8.01 -59.51 -17.91
CA LEU F 23 6.72 -60.07 -18.22
C LEU F 23 6.84 -61.34 -19.06
N LYS F 24 8.07 -61.82 -19.27
CA LYS F 24 8.47 -62.99 -20.05
C LYS F 24 8.24 -62.84 -21.55
N PHE F 25 7.81 -61.67 -22.02
CA PHE F 25 7.75 -61.36 -23.43
C PHE F 25 8.24 -59.92 -23.61
N PRO F 26 8.75 -59.58 -24.80
CA PRO F 26 9.21 -58.20 -25.02
C PRO F 26 8.08 -57.19 -24.98
N THR F 27 8.43 -55.97 -24.59
CA THR F 27 7.46 -54.92 -24.36
C THR F 27 7.63 -53.82 -25.40
N THR F 28 6.50 -53.27 -25.86
CA THR F 28 6.50 -52.08 -26.71
C THR F 28 7.17 -50.92 -25.99
N LYS F 29 8.22 -50.37 -26.58
CA LYS F 29 8.92 -49.23 -26.02
C LYS F 29 8.89 -48.06 -26.98
N GLU F 30 8.95 -46.85 -26.43
CA GLU F 30 8.97 -45.62 -27.21
C GLU F 30 10.13 -44.79 -26.70
N ILE F 31 11.19 -44.69 -27.51
CA ILE F 31 12.46 -44.14 -27.04
C ILE F 31 12.60 -42.71 -27.54
N GLN F 32 12.81 -41.79 -26.61
CA GLN F 32 13.14 -40.41 -26.92
C GLN F 32 14.57 -40.15 -26.51
N GLU F 33 15.38 -39.63 -27.45
CA GLU F 33 16.80 -39.46 -27.25
C GLU F 33 17.16 -37.98 -27.22
N ALA F 34 18.31 -37.69 -26.62
CA ALA F 34 18.78 -36.32 -26.50
C ALA F 34 20.29 -36.33 -26.40
N VAL F 35 20.89 -35.17 -26.65
CA VAL F 35 22.33 -35.01 -26.62
C VAL F 35 22.65 -33.57 -26.20
N ALA F 36 23.50 -33.43 -25.18
CA ALA F 36 23.79 -32.13 -24.60
C ALA F 36 25.30 -32.04 -24.34
N ALA F 37 25.99 -31.24 -25.16
CA ALA F 37 27.41 -31.02 -24.96
C ALA F 37 27.64 -30.12 -23.75
N ILE F 38 28.78 -30.33 -23.08
CA ILE F 38 29.07 -29.67 -21.83
C ILE F 38 30.32 -28.82 -21.99
N ALA F 39 30.18 -27.51 -21.79
CA ALA F 39 31.32 -26.60 -21.83
C ALA F 39 30.96 -25.39 -20.98
N ASP F 40 31.77 -25.12 -19.96
CA ASP F 40 31.51 -23.99 -19.07
C ASP F 40 31.90 -22.68 -19.74
N LYS F 41 31.03 -21.69 -19.61
CA LYS F 41 31.32 -20.35 -20.13
C LYS F 41 31.97 -19.47 -19.06
N PHE F 42 33.00 -20.00 -18.41
CA PHE F 42 33.61 -19.31 -17.30
C PHE F 42 35.12 -19.15 -17.42
N ASN F 43 35.79 -19.88 -18.29
CA ASN F 43 37.16 -19.50 -18.66
C ASN F 43 37.17 -18.72 -19.98
N GLN F 44 36.38 -17.67 -20.07
CA GLN F 44 36.31 -16.89 -21.29
C GLN F 44 37.52 -15.98 -21.41
N GLU F 45 37.93 -15.73 -22.65
CA GLU F 45 39.26 -15.21 -22.92
C GLU F 45 39.38 -13.72 -22.64
N ASN F 46 40.58 -13.33 -22.21
CA ASN F 46 40.88 -11.93 -21.98
C ASN F 46 40.99 -11.19 -23.30
N ASP F 47 40.28 -10.08 -23.44
CA ASP F 47 40.25 -9.38 -24.72
C ASP F 47 40.29 -7.86 -24.63
N LEU F 48 40.33 -7.27 -23.43
CA LEU F 48 40.68 -5.85 -23.34
C LEU F 48 42.14 -5.63 -23.71
N VAL F 49 42.97 -6.63 -23.41
CA VAL F 49 44.29 -6.86 -23.95
C VAL F 49 44.37 -6.60 -25.45
N ASP F 50 43.45 -7.15 -26.24
CA ASP F 50 43.47 -6.91 -27.67
C ASP F 50 42.94 -5.54 -28.03
N ARG F 51 42.27 -4.87 -27.11
CA ARG F 51 41.82 -3.51 -27.35
C ARG F 51 42.88 -2.48 -27.05
N PHE F 52 43.86 -2.81 -26.20
CA PHE F 52 44.84 -1.82 -25.79
C PHE F 52 46.17 -1.93 -26.53
N PHE F 53 46.67 -3.12 -26.84
CA PHE F 53 47.88 -3.21 -27.65
C PHE F 53 47.50 -3.79 -29.00
N PRO F 54 47.26 -2.98 -30.03
CA PRO F 54 46.95 -3.52 -31.34
C PRO F 54 48.19 -4.09 -32.01
N GLU F 55 47.96 -4.80 -33.11
CA GLU F 55 48.99 -5.56 -33.79
C GLU F 55 49.56 -4.75 -34.93
N ASP F 56 50.86 -4.90 -35.16
CA ASP F 56 51.56 -4.09 -36.15
C ASP F 56 52.73 -4.91 -36.67
N SER F 57 52.92 -4.90 -37.97
CA SER F 57 53.95 -5.71 -38.61
C SER F 57 55.11 -4.83 -39.06
N THR F 58 56.31 -5.33 -38.86
CA THR F 58 57.51 -4.76 -39.46
C THR F 58 58.39 -5.90 -39.92
N PHE F 59 59.27 -5.61 -40.87
CA PHE F 59 60.20 -6.64 -41.32
C PHE F 59 61.57 -6.53 -40.68
N ALA F 60 61.98 -5.34 -40.26
CA ALA F 60 63.25 -5.19 -39.57
C ALA F 60 63.15 -5.79 -38.17
N SER F 61 64.26 -6.35 -37.70
CA SER F 61 64.26 -7.13 -36.48
C SER F 61 64.93 -6.41 -35.32
N GLU F 62 64.91 -5.08 -35.33
CA GLU F 62 65.38 -4.27 -34.20
C GLU F 62 64.83 -2.86 -34.37
N LEU F 63 64.08 -2.39 -33.39
CA LEU F 63 63.60 -1.01 -33.41
C LEU F 63 64.46 -0.16 -32.48
N GLU F 64 64.75 1.06 -32.92
CA GLU F 64 65.54 1.99 -32.13
C GLU F 64 64.89 3.36 -32.10
N LEU F 65 65.20 4.11 -31.04
CA LEU F 65 64.65 5.43 -30.83
C LEU F 65 65.75 6.39 -30.41
N TYR F 66 65.81 7.54 -31.07
CA TYR F 66 66.77 8.59 -30.75
C TYR F 66 66.03 9.83 -30.30
N LEU F 67 66.54 10.47 -29.24
CA LEU F 67 65.91 11.65 -28.68
C LEU F 67 66.97 12.68 -28.36
N LEU F 68 66.91 13.82 -29.03
CA LEU F 68 67.88 14.90 -28.86
C LEU F 68 67.24 16.02 -28.04
N ARG F 69 67.68 16.19 -26.80
CA ARG F 69 67.14 17.23 -25.95
C ARG F 69 67.99 18.50 -26.04
N THR F 70 67.36 19.63 -25.69
CA THR F 70 67.96 20.95 -25.86
C THR F 70 67.64 21.80 -24.64
N GLN F 71 68.68 22.40 -24.07
CA GLN F 71 68.57 23.31 -22.92
C GLN F 71 69.13 24.65 -23.37
N ASP F 72 68.25 25.61 -23.64
CA ASP F 72 68.69 26.92 -24.07
C ASP F 72 68.59 27.91 -22.92
N ALA F 73 69.59 28.79 -22.82
CA ALA F 73 69.69 29.71 -21.71
C ALA F 73 68.65 30.81 -21.82
N GLU F 74 68.24 31.32 -20.67
CA GLU F 74 67.27 32.40 -20.61
C GLU F 74 67.94 33.69 -20.16
N GLN F 75 67.23 34.79 -20.36
CA GLN F 75 67.72 36.11 -19.96
C GLN F 75 67.58 36.25 -18.45
N THR F 76 68.59 35.78 -17.74
CA THR F 76 68.66 35.94 -16.30
C THR F 76 69.30 37.29 -15.98
N GLY F 77 69.61 37.52 -14.71
CA GLY F 77 70.51 38.59 -14.38
C GLY F 77 69.83 39.91 -14.10
N MET F 78 70.59 40.78 -13.43
CA MET F 78 70.20 42.15 -13.14
C MET F 78 71.40 43.05 -13.41
N THR F 79 71.13 44.27 -13.87
CA THR F 79 72.19 45.22 -14.19
C THR F 79 72.88 45.68 -12.91
N PHE F 80 74.21 45.77 -12.95
CA PHE F 80 74.95 46.09 -11.74
C PHE F 80 74.76 47.56 -11.37
N VAL F 81 75.23 47.91 -10.18
CA VAL F 81 75.13 49.27 -9.66
C VAL F 81 76.52 49.89 -9.67
N HIS F 82 76.60 51.17 -10.03
CA HIS F 82 77.86 51.89 -10.06
C HIS F 82 77.57 53.37 -9.85
N GLN F 83 78.57 54.10 -9.38
CA GLN F 83 78.41 55.54 -9.29
C GLN F 83 78.50 56.17 -10.67
N VAL F 84 78.27 57.48 -10.73
CA VAL F 84 78.06 58.14 -12.01
C VAL F 84 79.36 58.24 -12.79
N GLY F 85 80.35 58.93 -12.22
CA GLY F 85 81.62 58.98 -12.91
C GLY F 85 82.50 57.81 -12.53
N SER F 86 82.43 56.75 -13.33
CA SER F 86 83.15 55.50 -13.11
C SER F 86 83.02 54.65 -14.35
N THR F 87 83.88 53.65 -14.46
CA THR F 87 83.84 52.74 -15.59
C THR F 87 82.84 51.62 -15.32
N SER F 88 82.71 50.71 -16.28
CA SER F 88 81.79 49.58 -16.19
C SER F 88 82.54 48.31 -15.80
N LEU F 89 81.77 47.25 -15.56
CA LEU F 89 82.25 45.91 -15.25
C LEU F 89 81.56 44.90 -16.15
N PRO F 90 82.24 43.82 -16.52
CA PRO F 90 81.67 42.90 -17.49
C PRO F 90 80.70 41.91 -16.88
N VAL F 91 79.71 41.52 -17.70
CA VAL F 91 78.71 40.55 -17.29
C VAL F 91 79.32 39.15 -17.32
N GLU F 92 78.60 38.17 -16.79
CA GLU F 92 79.14 36.83 -16.59
C GLU F 92 78.94 35.96 -17.82
N ALA F 93 79.10 34.66 -17.65
CA ALA F 93 79.01 33.67 -18.73
C ALA F 93 77.91 32.68 -18.40
N ARG F 94 76.99 32.48 -19.34
CA ARG F 94 75.86 31.60 -19.10
C ARG F 94 75.97 30.32 -19.92
N VAL F 95 75.06 29.37 -19.64
CA VAL F 95 75.17 27.98 -20.03
C VAL F 95 74.01 27.59 -20.93
N ALA F 96 74.33 27.01 -22.07
CA ALA F 96 73.34 26.23 -22.82
C ALA F 96 73.86 24.81 -23.01
N LYS F 97 72.94 23.85 -22.93
CA LYS F 97 73.31 22.44 -22.95
C LYS F 97 72.47 21.70 -23.99
N VAL F 98 73.03 20.60 -24.49
CA VAL F 98 72.39 19.73 -25.48
C VAL F 98 72.71 18.29 -25.12
N ASP F 99 71.69 17.44 -25.03
CA ASP F 99 71.88 16.05 -24.66
C ASP F 99 71.07 15.16 -25.59
N LEU F 100 71.56 13.93 -25.78
CA LEU F 100 70.96 12.96 -26.68
C LEU F 100 70.86 11.62 -25.97
N ALA F 101 69.88 10.80 -26.36
CA ALA F 101 69.66 9.51 -25.72
C ALA F 101 69.30 8.46 -26.76
N LYS F 102 69.14 7.21 -26.29
CA LYS F 102 68.93 6.07 -27.17
C LYS F 102 68.12 5.00 -26.46
N ALA F 103 67.12 4.46 -27.16
CA ALA F 103 66.39 3.29 -26.72
C ALA F 103 66.33 2.27 -27.85
N THR F 104 66.47 1.00 -27.51
CA THR F 104 66.45 -0.10 -28.47
C THR F 104 65.30 -1.05 -28.16
N TRP F 105 65.16 -2.07 -29.00
CA TRP F 105 64.03 -2.99 -28.90
C TRP F 105 64.40 -4.29 -29.62
N SER F 106 63.93 -5.42 -29.09
CA SER F 106 64.22 -6.73 -29.70
C SER F 106 63.14 -7.76 -29.44
N PRO F 107 62.60 -8.40 -30.47
CA PRO F 107 61.41 -9.26 -30.32
C PRO F 107 61.76 -10.62 -29.73
N LEU F 108 60.76 -11.48 -29.66
CA LEU F 108 60.88 -12.84 -29.14
C LEU F 108 60.29 -13.84 -30.13
N ALA F 109 60.65 -15.11 -29.94
CA ALA F 109 60.27 -16.16 -30.88
C ALA F 109 59.54 -17.29 -30.16
N PHE F 110 58.49 -17.79 -30.79
CA PHE F 110 57.61 -18.78 -30.18
C PHE F 110 57.27 -19.84 -31.22
N LYS F 111 57.76 -21.06 -31.04
CA LYS F 111 57.46 -22.14 -31.95
C LYS F 111 57.22 -23.43 -31.18
N GLU F 112 56.37 -24.27 -31.74
CA GLU F 112 56.17 -25.60 -31.16
C GLU F 112 55.80 -26.58 -32.27
N SER F 113 55.98 -27.86 -31.96
CA SER F 113 55.75 -28.93 -32.91
C SER F 113 54.58 -29.78 -32.45
N ARG F 114 54.10 -30.62 -33.36
CA ARG F 114 53.03 -31.58 -33.07
C ARG F 114 53.09 -32.66 -34.12
N VAL F 115 53.26 -33.92 -33.71
CA VAL F 115 53.45 -35.02 -34.64
C VAL F 115 52.37 -36.07 -34.43
N TRP F 116 52.22 -36.93 -35.43
CA TRP F 116 51.34 -38.09 -35.34
C TRP F 116 52.06 -39.27 -35.96
N ASP F 117 52.17 -40.36 -35.22
CA ASP F 117 52.92 -41.51 -35.72
C ASP F 117 52.07 -42.33 -36.68
N GLU F 118 52.62 -43.46 -37.15
CA GLU F 118 51.93 -44.29 -38.13
C GLU F 118 50.73 -44.99 -37.52
N LYS F 119 50.87 -45.47 -36.29
CA LYS F 119 49.86 -46.34 -35.70
C LYS F 119 48.56 -45.59 -35.42
N GLU F 120 48.64 -44.27 -35.21
CA GLU F 120 47.42 -43.49 -35.05
C GLU F 120 46.89 -42.99 -36.38
N ILE F 121 47.78 -42.74 -37.34
CA ILE F 121 47.33 -42.21 -38.62
C ILE F 121 46.77 -43.30 -39.52
N LEU F 122 47.01 -44.56 -39.19
CA LEU F 122 46.43 -45.68 -39.90
C LEU F 122 45.23 -46.28 -39.18
N TYR F 123 45.34 -46.49 -37.88
CA TYR F 123 44.28 -47.10 -37.07
C TYR F 123 43.56 -45.98 -36.31
N LEU F 124 42.55 -45.39 -36.92
CA LEU F 124 41.75 -44.40 -36.19
C LEU F 124 40.35 -44.39 -36.80
N GLY F 125 39.42 -45.03 -36.11
CA GLY F 125 38.04 -45.00 -36.57
C GLY F 125 37.19 -44.11 -35.70
N ARG F 126 36.11 -44.67 -35.15
CA ARG F 126 35.26 -43.96 -34.21
C ARG F 126 34.91 -44.98 -33.12
N LEU F 127 33.90 -44.67 -32.32
CA LEU F 127 33.43 -45.62 -31.33
C LEU F 127 32.11 -46.28 -31.67
N ALA F 128 31.14 -45.54 -32.18
CA ALA F 128 29.84 -46.15 -32.43
C ALA F 128 29.81 -46.91 -33.74
N ASP F 129 30.40 -46.35 -34.78
CA ASP F 129 30.22 -46.87 -36.13
C ASP F 129 31.45 -47.59 -36.64
N GLU F 130 31.26 -48.25 -37.77
CA GLU F 130 32.25 -49.03 -38.49
C GLU F 130 32.98 -48.19 -39.56
N VAL F 131 33.42 -47.00 -39.14
CA VAL F 131 33.95 -46.01 -40.08
C VAL F 131 35.32 -46.44 -40.54
N GLN F 132 35.60 -46.22 -41.82
CA GLN F 132 36.91 -46.45 -42.41
C GLN F 132 37.97 -45.56 -41.76
N ALA F 133 39.23 -45.84 -42.10
CA ALA F 133 40.37 -45.29 -41.39
C ALA F 133 40.59 -43.79 -41.59
N GLY F 134 39.86 -43.16 -42.52
CA GLY F 134 40.05 -41.74 -42.75
C GLY F 134 39.34 -40.84 -41.75
N VAL F 135 39.82 -40.80 -40.51
CA VAL F 135 39.25 -39.96 -39.46
C VAL F 135 40.31 -38.96 -39.02
N ILE F 136 41.58 -39.39 -39.11
CA ILE F 136 42.69 -38.53 -38.69
C ILE F 136 42.84 -37.34 -39.60
N ASN F 137 42.41 -37.45 -40.87
CA ASN F 137 42.43 -36.29 -41.75
C ASN F 137 41.40 -35.24 -41.34
N GLU F 138 40.38 -35.64 -40.58
CA GLU F 138 39.46 -34.71 -39.95
C GLU F 138 39.98 -34.25 -38.59
N GLN F 139 40.76 -35.07 -37.92
CA GLN F 139 41.22 -34.72 -36.57
C GLN F 139 42.46 -33.84 -36.59
N ILE F 140 43.17 -33.79 -37.71
CA ILE F 140 44.32 -32.88 -37.86
C ILE F 140 43.87 -31.43 -37.83
N ALA F 141 42.71 -31.13 -38.41
CA ALA F 141 42.21 -29.76 -38.50
C ALA F 141 41.90 -29.19 -37.12
N GLU F 142 41.57 -30.04 -36.16
CA GLU F 142 41.36 -29.59 -34.78
C GLU F 142 42.67 -29.09 -34.17
N SER F 143 43.75 -29.85 -34.31
CA SER F 143 45.02 -29.40 -33.77
C SER F 143 45.57 -28.22 -34.55
N LEU F 144 45.20 -28.11 -35.83
CA LEU F 144 45.56 -26.95 -36.63
C LEU F 144 44.94 -25.68 -36.07
N THR F 145 43.62 -25.68 -35.90
CA THR F 145 42.99 -24.49 -35.33
C THR F 145 43.29 -24.33 -33.85
N TRP F 146 43.74 -25.38 -33.17
CA TRP F 146 44.16 -25.22 -31.78
C TRP F 146 45.52 -24.55 -31.69
N LEU F 147 46.44 -24.83 -32.61
CA LEU F 147 47.68 -24.09 -32.62
C LEU F 147 47.45 -22.65 -33.08
N MET F 148 46.49 -22.45 -33.99
CA MET F 148 46.06 -21.11 -34.35
C MET F 148 45.55 -20.34 -33.13
N ALA F 149 44.74 -20.97 -32.29
CA ALA F 149 44.24 -20.29 -31.10
C ALA F 149 45.24 -20.27 -29.97
N ARG F 150 46.31 -21.05 -30.05
CA ARG F 150 47.28 -21.08 -28.97
C ARG F 150 48.38 -20.06 -29.18
N MET F 151 48.70 -19.71 -30.43
CA MET F 151 49.57 -18.57 -30.68
C MET F 151 48.92 -17.25 -30.29
N ARG F 152 47.60 -17.20 -30.20
CA ARG F 152 46.94 -15.99 -29.73
C ARG F 152 47.14 -15.81 -28.23
N ASN F 153 47.25 -16.90 -27.48
CA ASN F 153 47.36 -16.77 -26.04
C ASN F 153 48.72 -16.28 -25.58
N ARG F 154 49.77 -16.41 -26.38
CA ARG F 154 51.03 -15.79 -25.98
C ARG F 154 50.97 -14.29 -26.15
N ARG F 155 50.35 -13.80 -27.22
CA ARG F 155 50.09 -12.38 -27.33
C ARG F 155 49.24 -11.88 -26.17
N ARG F 156 48.15 -12.58 -25.87
CA ARG F 156 47.28 -12.16 -24.79
C ARG F 156 47.84 -12.43 -23.41
N TRP F 157 48.95 -13.15 -23.30
CA TRP F 157 49.64 -13.29 -22.03
C TRP F 157 50.75 -12.28 -21.85
N LEU F 158 51.51 -12.02 -22.92
CA LEU F 158 52.58 -11.02 -22.84
C LEU F 158 52.01 -9.63 -22.62
N THR F 159 50.96 -9.28 -23.35
CA THR F 159 50.31 -7.98 -23.15
C THR F 159 49.73 -7.86 -21.75
N TRP F 160 49.14 -8.95 -21.24
CA TRP F 160 48.56 -8.88 -19.91
C TRP F 160 49.63 -8.81 -18.83
N GLN F 161 50.78 -9.43 -19.04
CA GLN F 161 51.86 -9.29 -18.06
C GLN F 161 52.46 -7.89 -18.08
N VAL F 162 52.51 -7.26 -19.27
CA VAL F 162 52.91 -5.86 -19.36
C VAL F 162 51.94 -4.97 -18.60
N MET F 163 50.65 -5.20 -18.79
CA MET F 163 49.66 -4.33 -18.18
C MET F 163 49.46 -4.63 -16.69
N ARG F 164 49.82 -5.83 -16.25
CA ARG F 164 49.65 -6.22 -14.86
C ARG F 164 50.84 -5.86 -14.01
N THR F 165 52.05 -6.10 -14.50
CA THR F 165 53.23 -5.89 -13.68
C THR F 165 54.14 -4.80 -14.22
N GLY F 166 54.13 -4.56 -15.52
CA GLY F 166 55.11 -3.70 -16.14
C GLY F 166 56.42 -4.39 -16.45
N ARG F 167 56.50 -5.70 -16.20
CA ARG F 167 57.75 -6.41 -16.26
C ARG F 167 57.42 -7.88 -16.50
N ILE F 168 57.55 -8.34 -17.73
CA ILE F 168 57.30 -9.74 -18.02
C ILE F 168 58.51 -10.55 -17.54
N THR F 169 58.23 -11.64 -16.85
CA THR F 169 59.27 -12.49 -16.27
C THR F 169 59.09 -13.90 -16.79
N ILE F 170 60.13 -14.45 -17.40
CA ILE F 170 60.10 -15.84 -17.85
C ILE F 170 61.25 -16.57 -17.18
N GLN F 171 60.91 -17.56 -16.36
CA GLN F 171 61.85 -18.38 -15.64
C GLN F 171 61.70 -19.84 -16.07
N PRO F 172 62.68 -20.69 -15.81
CA PRO F 172 62.54 -22.12 -16.17
C PRO F 172 61.51 -22.90 -15.37
N ASN F 173 60.83 -22.31 -14.39
CA ASN F 173 59.72 -22.98 -13.73
C ASN F 173 58.37 -22.51 -14.26
N ASP F 174 58.35 -21.78 -15.36
CA ASP F 174 57.11 -21.50 -16.06
C ASP F 174 56.58 -22.82 -16.62
N PRO F 175 55.31 -23.16 -16.36
CA PRO F 175 54.77 -24.42 -16.88
C PRO F 175 54.77 -24.53 -18.40
N TYR F 176 54.53 -23.45 -19.13
CA TYR F 176 54.60 -23.50 -20.59
C TYR F 176 55.93 -22.93 -21.07
N ASN F 177 56.99 -23.59 -20.64
CA ASN F 177 58.37 -23.30 -20.99
C ASN F 177 59.20 -24.54 -20.77
N PRO F 178 59.41 -25.35 -21.79
CA PRO F 178 60.22 -26.55 -21.62
C PRO F 178 61.70 -26.25 -21.75
N ASN F 179 62.03 -25.26 -22.58
CA ASN F 179 63.42 -24.92 -22.81
C ASN F 179 64.04 -24.24 -21.60
N GLY F 180 63.24 -23.54 -20.81
CA GLY F 180 63.77 -22.93 -19.61
C GLY F 180 64.65 -21.73 -19.89
N LEU F 181 64.19 -20.81 -20.72
CA LEU F 181 64.91 -19.58 -20.92
C LEU F 181 64.76 -18.68 -19.70
N LYS F 182 65.63 -17.70 -19.57
CA LYS F 182 65.54 -16.74 -18.47
C LYS F 182 65.38 -15.36 -19.07
N TYR F 183 64.25 -14.72 -18.78
CA TYR F 183 63.86 -13.43 -19.36
C TYR F 183 63.27 -12.53 -18.29
N VAL F 184 63.86 -11.35 -18.09
CA VAL F 184 63.49 -10.45 -17.01
C VAL F 184 63.09 -9.12 -17.64
N ILE F 185 62.40 -9.15 -18.79
CA ILE F 185 62.15 -7.94 -19.58
C ILE F 185 61.34 -6.92 -18.81
N ASP F 186 61.88 -5.72 -18.73
CA ASP F 186 61.29 -4.59 -18.04
C ASP F 186 61.04 -3.47 -19.04
N TYR F 187 59.97 -2.72 -18.83
CA TYR F 187 59.66 -1.58 -19.67
C TYR F 187 59.76 -0.24 -18.96
N GLY F 188 59.95 -0.24 -17.65
CA GLY F 188 60.06 1.01 -16.95
C GLY F 188 58.74 1.73 -16.75
N VAL F 189 57.66 0.99 -16.55
CA VAL F 189 56.44 1.58 -16.02
C VAL F 189 56.75 2.03 -14.59
N THR F 190 56.54 3.32 -14.33
CA THR F 190 57.19 3.96 -13.19
C THR F 190 56.55 3.59 -11.86
N ASP F 191 55.30 4.00 -11.65
CA ASP F 191 54.58 3.76 -10.41
C ASP F 191 53.34 2.98 -10.77
N ILE F 192 53.46 1.66 -10.80
CA ILE F 192 52.36 0.86 -11.33
C ILE F 192 51.25 0.70 -10.29
N GLU F 193 51.56 0.66 -9.00
CA GLU F 193 50.52 0.60 -7.98
C GLU F 193 50.27 2.00 -7.42
N LEU F 194 49.07 2.18 -6.88
CA LEU F 194 48.72 3.43 -6.23
C LEU F 194 48.53 3.19 -4.74
N PRO F 195 49.27 3.87 -3.87
CA PRO F 195 49.21 3.55 -2.44
C PRO F 195 48.00 4.18 -1.77
N LEU F 196 47.30 3.37 -0.97
CA LEU F 196 46.26 3.83 -0.07
C LEU F 196 46.13 2.81 1.07
N PRO F 197 46.32 3.22 2.30
CA PRO F 197 46.34 2.25 3.40
C PRO F 197 44.94 1.85 3.84
N GLN F 198 43.99 2.76 3.71
CA GLN F 198 42.62 2.53 4.18
C GLN F 198 41.78 2.14 2.98
N LYS F 199 41.35 0.89 2.94
CA LYS F 199 40.49 0.40 1.88
C LYS F 199 39.13 1.07 1.96
N PHE F 200 38.38 0.98 0.85
CA PHE F 200 37.09 1.67 0.81
C PHE F 200 36.07 0.94 1.67
N ASP F 201 36.05 -0.38 1.62
CA ASP F 201 35.15 -1.16 2.45
C ASP F 201 35.60 -1.25 3.89
N ALA F 202 36.84 -0.88 4.20
CA ALA F 202 37.41 -1.04 5.55
C ALA F 202 36.85 0.04 6.47
N LYS F 203 35.58 -0.12 6.80
CA LYS F 203 34.92 0.79 7.73
C LYS F 203 35.35 0.45 9.16
N ASP F 204 35.25 1.44 10.04
CA ASP F 204 35.71 1.30 11.40
C ASP F 204 34.70 1.90 12.36
N GLY F 205 34.68 1.37 13.58
CA GLY F 205 33.82 1.87 14.62
C GLY F 205 32.35 1.58 14.39
N ASN F 206 31.54 2.63 14.36
CA ASN F 206 30.09 2.52 14.32
C ASN F 206 29.55 2.39 12.90
N GLY F 207 30.12 1.47 12.13
CA GLY F 207 29.72 1.30 10.75
C GLY F 207 30.06 2.46 9.83
N ASN F 208 30.91 3.37 10.26
CA ASN F 208 31.24 4.55 9.47
C ASN F 208 32.53 4.30 8.71
N SER F 209 32.60 4.90 7.52
CA SER F 209 33.67 4.60 6.57
C SER F 209 34.94 5.35 6.94
N ALA F 210 35.97 5.18 6.10
CA ALA F 210 37.25 5.83 6.30
C ALA F 210 37.63 6.76 5.16
N VAL F 211 37.57 6.29 3.92
CA VAL F 211 38.02 7.04 2.76
C VAL F 211 36.92 7.01 1.71
N ASP F 212 36.59 8.19 1.16
CA ASP F 212 35.70 8.30 0.02
C ASP F 212 36.48 8.29 -1.29
N PRO F 213 35.96 7.57 -2.28
CA PRO F 213 36.66 7.50 -3.57
C PRO F 213 36.50 8.74 -4.41
N ILE F 214 35.43 9.51 -4.21
CA ILE F 214 35.23 10.73 -4.99
C ILE F 214 36.28 11.77 -4.62
N GLN F 215 36.47 11.99 -3.31
CA GLN F 215 37.49 12.92 -2.85
C GLN F 215 38.89 12.40 -3.14
N TYR F 216 39.09 11.08 -3.06
CA TYR F 216 40.39 10.49 -3.38
C TYR F 216 40.76 10.69 -4.84
N PHE F 217 39.83 10.44 -5.75
CA PHE F 217 40.14 10.59 -7.17
C PHE F 217 40.19 12.05 -7.59
N ARG F 218 39.38 12.92 -6.98
CA ARG F 218 39.51 14.34 -7.28
C ARG F 218 40.81 14.90 -6.73
N ASP F 219 41.26 14.38 -5.58
CA ASP F 219 42.57 14.76 -5.04
C ASP F 219 43.69 14.28 -5.95
N LEU F 220 43.53 13.09 -6.53
CA LEU F 220 44.57 12.56 -7.40
C LEU F 220 44.61 13.30 -8.73
N ILE F 221 43.46 13.81 -9.19
CA ILE F 221 43.47 14.68 -10.36
C ILE F 221 44.08 16.03 -10.01
N LYS F 222 43.75 16.56 -8.83
CA LYS F 222 44.24 17.86 -8.39
C LYS F 222 45.75 17.87 -8.22
N ALA F 223 46.31 16.77 -7.72
CA ALA F 223 47.75 16.70 -7.50
C ALA F 223 48.53 16.71 -8.80
N ALA F 224 47.99 16.07 -9.84
CA ALA F 224 48.61 16.12 -11.17
C ALA F 224 47.96 17.19 -12.04
N THR F 225 47.90 18.41 -11.52
CA THR F 225 47.40 19.53 -12.32
C THR F 225 48.49 20.07 -13.23
N TYR F 226 49.70 20.22 -12.69
CA TYR F 226 50.83 20.66 -13.48
C TYR F 226 51.69 19.51 -13.96
N PHE F 227 51.29 18.27 -13.68
CA PHE F 227 51.80 17.08 -14.34
C PHE F 227 50.74 16.64 -15.35
N PRO F 228 50.80 17.09 -16.60
CA PRO F 228 49.70 16.80 -17.53
C PRO F 228 49.69 15.37 -18.04
N ASP F 229 50.73 14.59 -17.77
CA ASP F 229 50.75 13.19 -18.17
C ASP F 229 50.10 12.32 -17.11
N ARG F 230 50.36 12.62 -15.84
CA ARG F 230 50.02 11.72 -14.75
C ARG F 230 48.56 11.80 -14.34
N ARG F 231 47.82 12.82 -14.76
CA ARG F 231 46.44 12.96 -14.33
C ARG F 231 45.59 11.88 -15.00
N PRO F 232 44.56 11.39 -14.31
CA PRO F 232 43.75 10.33 -14.89
C PRO F 232 42.53 10.83 -15.65
N VAL F 233 42.25 10.14 -16.75
CA VAL F 233 41.06 10.39 -17.54
C VAL F 233 39.97 9.39 -17.21
N ALA F 234 40.30 8.10 -17.20
CA ALA F 234 39.29 7.08 -16.96
C ALA F 234 39.90 5.94 -16.16
N ILE F 235 39.03 5.20 -15.48
CA ILE F 235 39.40 3.92 -14.89
C ILE F 235 38.51 2.86 -15.50
N ILE F 236 38.91 1.61 -15.31
CA ILE F 236 38.09 0.45 -15.67
C ILE F 236 38.17 -0.55 -14.52
N VAL F 237 37.02 -1.09 -14.14
CA VAL F 237 36.93 -2.02 -13.02
C VAL F 237 35.98 -3.15 -13.38
N GLY F 238 36.37 -4.37 -13.04
CA GLY F 238 35.65 -5.57 -13.41
C GLY F 238 34.43 -5.97 -12.59
N PRO F 239 34.62 -6.35 -11.32
CA PRO F 239 33.51 -6.93 -10.55
C PRO F 239 32.45 -5.94 -10.11
N GLY F 240 31.58 -6.39 -9.21
CA GLY F 240 30.62 -5.50 -8.59
C GLY F 240 31.31 -4.37 -7.85
N PHE F 241 31.26 -3.20 -8.49
CA PHE F 241 31.92 -2.01 -8.01
C PHE F 241 30.97 -1.08 -7.29
N ASP F 242 29.68 -1.13 -7.65
CA ASP F 242 28.65 -0.44 -6.88
C ASP F 242 28.40 -1.10 -5.54
N GLU F 243 28.79 -2.37 -5.39
CA GLU F 243 28.64 -3.08 -4.13
C GLU F 243 29.52 -2.52 -3.02
N VAL F 244 30.55 -1.76 -3.37
CA VAL F 244 31.33 -1.03 -2.38
C VAL F 244 30.79 0.38 -2.18
N LEU F 245 30.50 1.08 -3.29
CA LEU F 245 30.13 2.49 -3.21
C LEU F 245 28.73 2.69 -2.64
N ALA F 246 27.89 1.65 -2.62
CA ALA F 246 26.66 1.76 -1.84
C ALA F 246 26.93 1.60 -0.35
N ASP F 247 27.98 0.87 0.00
CA ASP F 247 28.36 0.63 1.39
C ASP F 247 29.47 1.56 1.84
N ASN F 248 29.45 2.79 1.36
CA ASN F 248 30.46 3.79 1.69
C ASN F 248 29.73 5.06 2.08
N THR F 249 30.03 5.57 3.28
CA THR F 249 29.15 6.54 3.93
C THR F 249 29.16 7.88 3.22
N PHE F 250 30.34 8.32 2.80
CA PHE F 250 30.47 9.64 2.18
C PHE F 250 29.83 9.66 0.80
N VAL F 251 29.85 8.52 0.11
CA VAL F 251 29.15 8.40 -1.17
C VAL F 251 27.65 8.46 -0.96
N GLN F 252 27.17 7.84 0.12
CA GLN F 252 25.75 7.91 0.47
C GLN F 252 25.34 9.34 0.78
N LYS F 253 26.22 10.11 1.42
CA LYS F 253 25.88 11.50 1.70
C LYS F 253 25.96 12.37 0.45
N TYR F 254 26.82 12.00 -0.52
CA TYR F 254 26.78 12.68 -1.82
C TYR F 254 25.46 12.41 -2.54
N VAL F 255 24.97 11.17 -2.50
CA VAL F 255 23.69 10.83 -3.12
C VAL F 255 22.54 11.56 -2.42
N GLU F 256 22.61 11.66 -1.09
CA GLU F 256 21.58 12.38 -0.36
C GLU F 256 21.66 13.88 -0.61
N TYR F 257 22.84 14.40 -0.91
CA TYR F 257 22.92 15.80 -1.30
C TYR F 257 22.30 16.03 -2.67
N GLU F 258 22.52 15.10 -3.61
CA GLU F 258 22.07 15.40 -4.97
C GLU F 258 20.58 15.22 -5.12
N LYS F 259 19.99 14.18 -4.53
CA LYS F 259 18.60 13.88 -4.74
C LYS F 259 17.68 14.62 -3.78
N GLY F 260 18.21 15.51 -2.96
CA GLY F 260 17.39 16.30 -2.06
C GLY F 260 16.76 15.48 -0.95
N TRP F 261 17.48 14.47 -0.46
CA TRP F 261 16.91 13.53 0.49
C TRP F 261 17.32 13.86 1.92
N VAL F 262 16.54 13.31 2.84
CA VAL F 262 16.86 13.32 4.26
C VAL F 262 16.10 12.16 4.89
N VAL F 263 16.70 11.51 5.89
CA VAL F 263 16.19 10.25 6.41
C VAL F 263 14.96 10.41 7.29
N GLY F 264 14.52 11.63 7.58
CA GLY F 264 13.39 11.78 8.47
C GLY F 264 12.22 12.58 7.91
N GLN F 265 12.48 13.46 6.94
CA GLN F 265 11.49 14.46 6.57
C GLN F 265 11.01 14.37 5.14
N ASN F 266 11.83 13.89 4.21
CA ASN F 266 11.42 13.73 2.83
C ASN F 266 11.19 12.29 2.44
N THR F 267 11.76 11.34 3.18
CA THR F 267 11.78 9.94 2.82
C THR F 267 12.01 9.16 4.10
N VAL F 268 11.27 8.05 4.28
CA VAL F 268 11.41 7.24 5.48
C VAL F 268 12.81 6.62 5.58
N GLN F 269 13.17 5.79 4.60
CA GLN F 269 14.51 5.27 4.37
C GLN F 269 14.49 4.72 2.95
N PRO F 270 15.35 5.20 2.05
CA PRO F 270 15.41 4.59 0.74
C PRO F 270 16.08 3.23 0.80
N PRO F 271 15.64 2.27 -0.02
CA PRO F 271 16.28 0.97 -0.01
C PRO F 271 17.69 1.03 -0.58
N ARG F 272 18.47 0.00 -0.25
CA ARG F 272 19.87 -0.08 -0.66
C ARG F 272 20.02 -0.20 -2.17
N GLU F 273 18.97 -0.68 -2.85
CA GLU F 273 19.00 -0.79 -4.32
C GLU F 273 19.10 0.57 -4.99
N VAL F 274 18.52 1.61 -4.41
CA VAL F 274 18.58 2.92 -5.05
C VAL F 274 19.97 3.53 -4.90
N TYR F 275 20.60 3.31 -3.75
CA TYR F 275 22.01 3.70 -3.56
C TYR F 275 22.92 2.95 -4.51
N ARG F 276 22.71 1.63 -4.65
CA ARG F 276 23.51 0.84 -5.59
C ARG F 276 23.25 1.25 -7.03
N GLN F 277 22.05 1.73 -7.33
CA GLN F 277 21.72 2.08 -8.69
C GLN F 277 22.28 3.44 -9.07
N ALA F 278 22.28 4.39 -8.15
CA ALA F 278 22.69 5.76 -8.46
C ALA F 278 24.01 6.14 -7.81
N ALA F 279 24.80 5.17 -7.35
CA ALA F 279 26.14 5.49 -6.87
C ALA F 279 27.08 5.85 -8.01
N LEU F 280 27.12 5.02 -9.04
CA LEU F 280 28.13 5.15 -10.08
C LEU F 280 27.88 6.38 -10.95
N ASP F 281 26.62 6.77 -11.10
CA ASP F 281 26.29 7.95 -11.90
C ASP F 281 26.80 9.22 -11.25
N ILE F 282 26.56 9.39 -9.94
CA ILE F 282 27.07 10.58 -9.28
C ILE F 282 28.57 10.50 -9.11
N PHE F 283 29.13 9.29 -9.07
CA PHE F 283 30.59 9.12 -9.09
C PHE F 283 31.19 9.70 -10.36
N LYS F 284 30.73 9.21 -11.52
CA LYS F 284 31.23 9.69 -12.81
C LYS F 284 30.85 11.14 -13.08
N ARG F 285 29.78 11.64 -12.46
CA ARG F 285 29.43 13.04 -12.66
C ARG F 285 30.26 13.96 -11.79
N TYR F 286 30.64 13.52 -10.58
CA TYR F 286 31.52 14.33 -9.76
C TYR F 286 32.94 14.32 -10.29
N THR F 287 33.57 13.15 -10.35
CA THR F 287 34.99 13.12 -10.68
C THR F 287 35.27 13.31 -12.17
N GLY F 288 34.25 13.22 -13.02
CA GLY F 288 34.46 13.41 -14.44
C GLY F 288 35.18 12.28 -15.14
N LEU F 289 35.32 11.14 -14.49
CA LEU F 289 36.01 10.00 -15.07
C LEU F 289 35.09 9.25 -16.02
N GLU F 290 35.50 8.05 -16.42
CA GLU F 290 34.69 7.27 -17.35
C GLU F 290 34.93 5.79 -17.04
N VAL F 291 34.09 5.25 -16.17
CA VAL F 291 34.24 3.86 -15.75
C VAL F 291 33.65 2.95 -16.81
N MET F 292 34.45 1.99 -17.27
CA MET F 292 33.98 0.98 -18.22
C MET F 292 34.17 -0.39 -17.58
N VAL F 293 33.07 -1.14 -17.45
CA VAL F 293 33.11 -2.40 -16.73
C VAL F 293 33.68 -3.49 -17.62
N TYR F 294 34.41 -4.43 -17.02
CA TYR F 294 35.03 -5.54 -17.75
C TYR F 294 34.86 -6.81 -16.91
N ASP F 295 33.73 -7.49 -17.10
CA ASP F 295 33.25 -8.51 -16.18
C ASP F 295 33.65 -9.92 -16.57
N LYS F 296 34.69 -10.09 -17.37
CA LYS F 296 35.03 -11.42 -17.82
C LYS F 296 35.79 -12.19 -16.76
N THR F 297 35.66 -13.51 -16.81
CA THR F 297 36.19 -14.43 -15.82
C THR F 297 37.33 -15.23 -16.43
N TYR F 298 37.95 -16.07 -15.61
CA TYR F 298 38.76 -17.16 -16.12
C TYR F 298 38.84 -18.24 -15.06
N ARG F 299 38.88 -19.49 -15.51
CA ARG F 299 39.02 -20.62 -14.61
C ARG F 299 40.51 -20.87 -14.36
N ASP F 300 40.81 -21.42 -13.19
CA ASP F 300 42.18 -21.62 -12.74
C ASP F 300 42.39 -23.10 -12.42
N GLN F 301 43.49 -23.38 -11.71
CA GLN F 301 43.90 -24.76 -11.50
C GLN F 301 42.96 -25.49 -10.52
N ASP F 302 42.62 -24.85 -9.41
CA ASP F 302 41.79 -25.55 -8.43
C ASP F 302 40.32 -25.60 -8.83
N GLY F 303 39.84 -24.59 -9.56
CA GLY F 303 38.49 -24.63 -10.06
C GLY F 303 37.56 -23.61 -9.45
N SER F 304 38.10 -22.45 -9.08
CA SER F 304 37.32 -21.36 -8.53
C SER F 304 37.32 -20.21 -9.52
N VAL F 305 36.14 -19.68 -9.81
CA VAL F 305 36.00 -18.67 -10.86
C VAL F 305 36.58 -17.35 -10.36
N LYS F 306 37.55 -16.82 -11.11
CA LYS F 306 38.18 -15.55 -10.78
C LYS F 306 38.11 -14.64 -11.99
N TYR F 307 37.98 -13.34 -11.74
CA TYR F 307 37.90 -12.42 -12.88
C TYR F 307 39.31 -12.05 -13.33
N TRP F 308 39.39 -11.39 -14.49
CA TRP F 308 40.69 -11.02 -15.04
C TRP F 308 41.31 -9.89 -14.24
N ILE F 309 40.65 -8.74 -14.22
CA ILE F 309 40.87 -7.80 -13.12
C ILE F 309 40.52 -8.51 -11.82
N PRO F 310 41.35 -8.49 -10.79
CA PRO F 310 40.96 -9.09 -9.51
C PRO F 310 39.80 -8.36 -8.87
N VAL F 311 39.25 -8.97 -7.82
CA VAL F 311 37.97 -8.52 -7.29
C VAL F 311 38.13 -7.20 -6.53
N GLY F 312 39.30 -6.93 -5.97
CA GLY F 312 39.46 -5.71 -5.22
C GLY F 312 40.33 -4.66 -5.90
N GLU F 313 40.48 -4.75 -7.22
CA GLU F 313 41.41 -3.89 -7.92
C GLU F 313 40.75 -3.18 -9.08
N LEU F 314 41.43 -2.16 -9.59
CA LEU F 314 40.98 -1.44 -10.77
C LEU F 314 42.19 -0.83 -11.46
N ILE F 315 42.06 -0.62 -12.77
CA ILE F 315 43.13 -0.06 -13.58
C ILE F 315 42.82 1.38 -13.89
N VAL F 316 43.68 2.29 -13.44
CA VAL F 316 43.59 3.69 -13.79
C VAL F 316 44.31 3.89 -15.12
N LEU F 317 43.64 4.51 -16.09
CA LEU F 317 44.31 4.96 -17.31
C LEU F 317 44.50 6.46 -17.23
N ASN F 318 45.72 6.93 -17.45
CA ASN F 318 46.03 8.33 -17.14
C ASN F 318 45.78 9.27 -18.32
N GLN F 319 46.58 9.13 -19.38
CA GLN F 319 46.73 10.22 -20.35
C GLN F 319 45.47 10.41 -21.20
N SER F 320 45.01 9.35 -21.85
CA SER F 320 43.78 9.42 -22.61
C SER F 320 43.20 8.03 -22.75
N THR F 321 41.93 7.99 -23.12
CA THR F 321 41.31 6.73 -23.51
C THR F 321 41.82 6.32 -24.89
N GLY F 322 42.34 5.11 -25.00
CA GLY F 322 42.82 4.61 -26.27
C GLY F 322 43.89 3.56 -26.09
N PRO F 323 44.63 3.28 -27.17
CA PRO F 323 45.67 2.25 -27.09
C PRO F 323 46.90 2.77 -26.36
N VAL F 324 47.39 1.99 -25.40
CA VAL F 324 48.57 2.36 -24.64
C VAL F 324 49.81 2.27 -25.52
N GLY F 325 50.09 1.07 -26.03
CA GLY F 325 51.21 0.86 -26.92
C GLY F 325 50.83 -0.08 -28.04
N ARG F 326 51.81 -0.60 -28.76
CA ARG F 326 51.54 -1.48 -29.88
C ARG F 326 52.17 -2.84 -29.65
N PHE F 327 51.71 -3.82 -30.41
CA PHE F 327 52.26 -5.17 -30.37
C PHE F 327 52.91 -5.44 -31.72
N VAL F 328 54.22 -5.49 -31.74
CA VAL F 328 54.98 -5.42 -32.98
C VAL F 328 55.29 -6.82 -33.49
N TYR F 329 54.84 -7.10 -34.71
CA TYR F 329 55.23 -8.32 -35.42
C TYR F 329 56.51 -8.05 -36.21
N THR F 330 57.55 -8.82 -35.92
CA THR F 330 58.72 -8.79 -36.76
C THR F 330 58.58 -9.86 -37.84
N ALA F 331 59.65 -10.11 -38.59
CA ALA F 331 59.57 -10.97 -39.76
C ALA F 331 60.12 -12.35 -39.46
N HIS F 332 59.44 -13.37 -39.98
CA HIS F 332 59.93 -14.74 -39.99
C HIS F 332 60.19 -15.16 -41.42
N VAL F 333 60.62 -16.40 -41.60
CA VAL F 333 61.15 -16.90 -42.86
C VAL F 333 60.10 -17.74 -43.57
N ALA F 334 59.77 -17.38 -44.80
CA ALA F 334 58.92 -18.18 -45.67
C ALA F 334 59.75 -18.68 -46.84
N GLY F 335 59.64 -19.96 -47.14
CA GLY F 335 60.61 -20.59 -48.01
C GLY F 335 60.46 -20.45 -49.51
N GLN F 336 61.31 -19.59 -50.10
CA GLN F 336 61.69 -19.62 -51.52
C GLN F 336 60.49 -19.45 -52.45
N ARG F 337 59.93 -18.24 -52.41
CA ARG F 337 58.86 -17.91 -53.34
C ARG F 337 59.37 -17.83 -54.76
N ASN F 338 60.51 -17.19 -54.95
CA ASN F 338 61.27 -17.17 -56.19
C ASN F 338 62.66 -17.65 -55.81
N GLY F 339 63.66 -17.44 -56.68
CA GLY F 339 65.03 -17.77 -56.32
C GLY F 339 65.53 -17.03 -55.10
N LYS F 340 65.03 -15.82 -54.87
CA LYS F 340 65.30 -15.08 -53.65
C LYS F 340 64.44 -15.61 -52.51
N VAL F 341 64.80 -15.23 -51.30
CA VAL F 341 64.08 -15.62 -50.09
C VAL F 341 63.00 -14.59 -49.80
N VAL F 342 61.80 -15.05 -49.42
CA VAL F 342 60.70 -14.16 -49.12
C VAL F 342 60.42 -14.23 -47.62
N TYR F 343 59.67 -13.25 -47.12
CA TYR F 343 59.43 -13.14 -45.70
C TYR F 343 57.96 -12.80 -45.44
N ALA F 344 57.46 -13.28 -44.32
CA ALA F 344 56.17 -12.86 -43.81
C ALA F 344 56.33 -12.44 -42.36
N THR F 345 55.27 -11.89 -41.79
CA THR F 345 55.31 -11.25 -40.48
C THR F 345 54.48 -11.97 -39.44
N GLY F 346 53.23 -12.31 -39.77
CA GLY F 346 52.28 -12.80 -38.81
C GLY F 346 52.55 -14.21 -38.33
N PRO F 347 51.59 -14.79 -37.61
CA PRO F 347 51.75 -16.16 -37.14
C PRO F 347 51.61 -17.15 -38.29
N TYR F 348 52.68 -17.88 -38.57
CA TYR F 348 52.66 -18.84 -39.65
C TYR F 348 52.38 -20.22 -39.12
N LEU F 349 51.95 -21.11 -40.02
CA LEU F 349 51.59 -22.46 -39.64
C LEU F 349 51.71 -23.33 -40.88
N THR F 350 52.68 -24.26 -40.85
CA THR F 350 52.91 -25.16 -41.96
C THR F 350 52.76 -26.60 -41.49
N VAL F 351 52.64 -27.50 -42.45
CA VAL F 351 52.57 -28.93 -42.18
C VAL F 351 53.83 -29.59 -42.73
N LYS F 352 54.01 -30.86 -42.39
CA LYS F 352 55.12 -31.64 -42.89
C LYS F 352 54.60 -32.93 -43.50
N ASP F 353 54.94 -33.16 -44.77
CA ASP F 353 54.44 -34.32 -45.50
C ASP F 353 55.49 -35.42 -45.46
N HIS F 354 55.59 -36.08 -44.31
CA HIS F 354 56.41 -37.27 -44.15
C HIS F 354 55.60 -38.54 -44.34
N LEU F 355 54.59 -38.51 -45.21
CA LEU F 355 53.72 -39.65 -45.47
C LEU F 355 54.28 -40.58 -46.54
N GLN F 356 55.58 -40.55 -46.79
CA GLN F 356 56.21 -41.51 -47.69
C GLN F 356 57.40 -42.22 -47.07
N ASP F 357 57.98 -41.68 -46.01
CA ASP F 357 59.12 -42.32 -45.36
C ASP F 357 58.66 -43.56 -44.60
N ASP F 358 59.61 -44.36 -44.24
CA ASP F 358 59.27 -45.44 -43.33
C ASP F 358 59.86 -45.17 -41.95
N PRO F 359 59.05 -45.12 -40.89
CA PRO F 359 57.59 -45.16 -40.89
C PRO F 359 57.01 -43.81 -41.27
N PRO F 360 55.83 -43.78 -41.84
CA PRO F 360 55.21 -42.49 -42.17
C PRO F 360 54.79 -41.75 -40.91
N TYR F 361 54.83 -40.43 -40.98
CA TYR F 361 54.31 -39.59 -39.91
C TYR F 361 53.89 -38.26 -40.50
N TYR F 362 53.20 -37.47 -39.69
CA TYR F 362 52.66 -36.20 -40.13
C TYR F 362 52.89 -35.19 -39.03
N ALA F 363 53.43 -34.03 -39.37
CA ALA F 363 53.82 -33.06 -38.37
C ALA F 363 53.36 -31.66 -38.76
N ILE F 364 52.89 -30.90 -37.77
CA ILE F 364 52.39 -29.56 -37.99
C ILE F 364 53.12 -28.61 -37.04
N ILE F 365 53.54 -27.46 -37.57
CA ILE F 365 54.37 -26.50 -36.83
C ILE F 365 53.74 -25.12 -36.93
N ALA F 366 53.67 -24.42 -35.80
CA ALA F 366 53.13 -23.07 -35.74
C ALA F 366 54.10 -22.15 -35.01
N GLY F 367 54.23 -20.93 -35.51
CA GLY F 367 55.20 -19.99 -34.96
C GLY F 367 54.88 -18.55 -35.26
N PHE F 368 55.44 -17.65 -34.44
CA PHE F 368 55.40 -16.22 -34.73
C PHE F 368 56.58 -15.54 -34.04
N HIS F 369 56.83 -14.29 -34.41
CA HIS F 369 57.94 -13.49 -33.90
C HIS F 369 57.43 -12.10 -33.51
N GLY F 370 57.25 -11.85 -32.23
CA GLY F 370 56.76 -10.55 -31.80
C GLY F 370 57.07 -10.28 -30.34
N LEU F 371 56.62 -9.09 -29.89
CA LEU F 371 56.75 -8.57 -28.53
C LEU F 371 55.94 -7.28 -28.44
N PRO F 372 55.40 -6.90 -27.27
CA PRO F 372 54.73 -5.61 -27.19
C PRO F 372 55.71 -4.47 -27.00
N GLN F 373 55.38 -3.33 -27.60
CA GLN F 373 56.19 -2.12 -27.52
C GLN F 373 55.32 -0.99 -27.00
N LEU F 374 55.77 -0.32 -25.95
CA LEU F 374 55.04 0.83 -25.45
C LEU F 374 55.25 2.01 -26.38
N SER F 375 54.18 2.75 -26.63
CA SER F 375 54.17 3.72 -27.72
C SER F 375 54.97 4.97 -27.39
N GLY F 376 54.57 5.70 -26.36
CA GLY F 376 55.21 6.97 -26.10
C GLY F 376 55.64 7.21 -24.67
N TYR F 377 56.95 7.27 -24.46
CA TYR F 377 57.49 7.65 -23.17
C TYR F 377 57.44 9.17 -23.04
N ASN F 378 57.99 9.68 -21.94
CA ASN F 378 58.06 11.11 -21.72
C ASN F 378 59.45 11.61 -22.03
N THR F 379 59.54 12.72 -22.74
CA THR F 379 60.80 13.20 -23.27
C THR F 379 61.56 14.10 -22.31
N GLU F 380 60.91 14.67 -21.30
CA GLU F 380 61.62 15.54 -20.37
C GLU F 380 62.41 14.73 -19.36
N ASP F 381 61.71 13.98 -18.52
CA ASP F 381 62.28 12.87 -17.77
C ASP F 381 61.64 11.60 -18.31
N PHE F 382 62.39 10.50 -18.26
CA PHE F 382 62.05 9.31 -19.02
C PHE F 382 61.08 8.38 -18.30
N SER F 383 60.26 8.90 -17.42
CA SER F 383 59.25 8.10 -16.74
C SER F 383 58.10 7.79 -17.69
N PHE F 384 57.22 6.90 -17.23
CA PHE F 384 56.06 6.48 -18.02
C PHE F 384 54.86 6.36 -17.09
N HIS F 385 53.85 7.18 -17.33
CA HIS F 385 52.65 7.22 -16.48
C HIS F 385 51.44 7.14 -17.40
N ARG F 386 51.03 5.93 -17.79
CA ARG F 386 49.75 5.84 -18.47
C ARG F 386 48.78 4.91 -17.77
N PHE F 387 49.19 3.69 -17.42
CA PHE F 387 48.30 2.78 -16.72
C PHE F 387 48.87 2.48 -15.34
N LYS F 388 48.00 2.53 -14.32
CA LYS F 388 48.40 2.42 -12.93
C LYS F 388 47.36 1.63 -12.16
N TRP F 389 47.79 0.59 -11.45
CA TRP F 389 46.87 -0.24 -10.70
C TRP F 389 46.58 0.35 -9.33
N LEU F 390 45.67 -0.29 -8.62
CA LEU F 390 45.13 0.18 -7.36
C LEU F 390 44.38 -0.97 -6.74
N LYS F 391 44.29 -0.98 -5.41
CA LYS F 391 43.64 -2.08 -4.68
C LYS F 391 42.60 -1.49 -3.75
N TYR F 392 41.36 -1.34 -4.23
CA TYR F 392 40.42 -0.50 -3.51
C TYR F 392 39.68 -1.25 -2.40
N ALA F 393 39.12 -2.42 -2.68
CA ALA F 393 38.30 -3.13 -1.73
C ALA F 393 39.07 -4.34 -1.21
N ASN F 394 39.13 -4.47 0.11
CA ASN F 394 39.85 -5.61 0.66
C ASN F 394 39.05 -6.89 0.52
N ASN F 395 37.73 -6.82 0.68
CA ASN F 395 36.86 -7.99 0.59
C ASN F 395 35.56 -7.58 -0.09
N VAL F 396 35.36 -8.05 -1.33
CA VAL F 396 34.13 -7.80 -2.06
C VAL F 396 33.50 -9.09 -2.55
N GLN F 397 34.13 -10.24 -2.31
CA GLN F 397 33.60 -11.53 -2.75
C GLN F 397 32.28 -11.87 -2.06
N SER F 398 32.09 -11.39 -0.83
CA SER F 398 30.83 -11.60 -0.13
C SER F 398 29.70 -10.72 -0.65
N TYR F 399 29.96 -9.86 -1.62
CA TYR F 399 28.93 -9.03 -2.22
C TYR F 399 28.52 -9.53 -3.60
N LEU F 400 29.11 -10.61 -4.08
CA LEU F 400 28.86 -11.13 -5.41
C LEU F 400 28.31 -12.55 -5.33
N PRO F 401 27.46 -12.94 -6.28
CA PRO F 401 26.77 -14.24 -6.17
C PRO F 401 27.71 -15.41 -6.43
N PRO F 402 27.38 -16.59 -5.93
CA PRO F 402 28.25 -17.75 -6.16
C PRO F 402 28.06 -18.32 -7.55
N PHE F 403 29.16 -18.83 -8.09
CA PHE F 403 29.39 -19.45 -9.38
C PHE F 403 29.07 -20.94 -9.34
N PRO F 404 28.57 -21.50 -10.43
CA PRO F 404 28.26 -22.93 -10.46
C PRO F 404 29.52 -23.76 -10.49
N PRO F 405 29.54 -24.89 -9.78
CA PRO F 405 30.71 -25.77 -9.83
C PRO F 405 30.84 -26.43 -11.19
N LYS F 406 32.03 -26.97 -11.42
CA LYS F 406 32.38 -27.55 -12.71
C LYS F 406 31.65 -28.88 -12.90
N VAL F 407 31.47 -29.27 -14.16
CA VAL F 407 30.84 -30.53 -14.48
C VAL F 407 31.92 -31.60 -14.63
N GLU F 408 31.77 -32.69 -13.89
CA GLU F 408 32.86 -33.65 -13.76
C GLU F 408 32.99 -34.58 -14.95
N LEU F 409 31.89 -34.94 -15.61
CA LEU F 409 31.94 -35.95 -16.67
C LEU F 409 31.18 -35.50 -17.91
N MET G 1 66.18 -61.60 -62.66
CA MET G 1 66.80 -60.58 -63.49
C MET G 1 67.71 -61.21 -64.52
N ARG G 2 68.14 -60.43 -65.49
CA ARG G 2 69.13 -60.86 -66.47
C ARG G 2 70.36 -59.99 -66.37
N VAL G 3 71.51 -60.58 -66.68
CA VAL G 3 72.76 -59.85 -66.87
C VAL G 3 72.52 -58.84 -67.97
N PRO G 4 72.74 -57.56 -67.74
CA PRO G 4 72.41 -56.54 -68.75
C PRO G 4 73.32 -56.62 -69.96
N ILE G 5 72.81 -57.18 -71.05
CA ILE G 5 73.62 -57.51 -72.22
C ILE G 5 72.72 -57.41 -73.44
N ASN G 6 73.33 -57.09 -74.57
CA ASN G 6 72.70 -57.22 -75.88
C ASN G 6 73.22 -58.51 -76.49
N ILE G 7 72.31 -59.42 -76.84
CA ILE G 7 72.69 -60.81 -77.08
C ILE G 7 73.24 -61.02 -78.48
N ASN G 8 72.68 -60.35 -79.49
CA ASN G 8 73.18 -60.56 -80.85
C ASN G 8 74.56 -59.97 -81.03
N ASN G 9 74.82 -58.83 -80.37
CA ASN G 9 76.15 -58.27 -80.40
C ASN G 9 77.15 -59.10 -79.59
N ALA G 10 76.67 -59.83 -78.58
CA ALA G 10 77.56 -60.70 -77.82
C ALA G 10 77.94 -61.93 -78.64
N LEU G 11 76.96 -62.53 -79.31
CA LEU G 11 77.23 -63.64 -80.22
C LEU G 11 78.11 -63.20 -81.39
N ALA G 12 78.03 -61.94 -81.77
CA ALA G 12 79.05 -61.39 -82.67
C ALA G 12 80.41 -61.36 -82.00
N ARG G 13 80.55 -60.57 -80.92
CA ARG G 13 81.85 -60.28 -80.32
C ARG G 13 82.47 -61.46 -79.60
N VAL G 14 81.95 -62.68 -79.60
CA VAL G 14 82.72 -63.78 -79.02
C VAL G 14 83.88 -64.16 -79.94
N ARG G 15 83.60 -64.47 -81.21
CA ARG G 15 84.62 -65.12 -82.01
C ARG G 15 85.60 -64.08 -82.57
N ASP G 16 86.82 -64.53 -82.79
CA ASP G 16 87.84 -63.57 -83.16
C ASP G 16 88.14 -63.60 -84.66
N PRO G 17 88.28 -62.43 -85.26
CA PRO G 17 88.68 -62.35 -86.66
C PRO G 17 90.18 -62.35 -86.85
N LEU G 18 90.94 -61.95 -85.84
CA LEU G 18 92.39 -61.91 -85.97
C LEU G 18 93.01 -63.27 -85.63
N SER G 19 92.58 -64.27 -86.41
CA SER G 19 93.16 -65.60 -86.40
C SER G 19 92.75 -66.29 -87.69
N ILE G 20 93.72 -66.89 -88.37
CA ILE G 20 93.45 -67.71 -89.53
C ILE G 20 93.56 -69.17 -89.12
N GLY G 21 92.83 -70.02 -89.81
CA GLY G 21 92.70 -71.41 -89.43
C GLY G 21 93.90 -72.23 -89.79
N GLY G 22 93.71 -73.55 -89.78
CA GLY G 22 94.76 -74.46 -90.18
C GLY G 22 94.99 -74.52 -91.67
N LEU G 23 94.09 -73.97 -92.47
CA LEU G 23 94.25 -73.93 -93.91
C LEU G 23 95.23 -72.88 -94.37
N LYS G 24 95.79 -72.08 -93.44
CA LYS G 24 96.66 -70.91 -93.67
C LYS G 24 96.11 -69.94 -94.72
N PHE G 25 94.78 -69.82 -94.75
CA PHE G 25 94.01 -68.70 -95.32
C PHE G 25 92.63 -68.74 -94.68
N PRO G 26 91.90 -67.62 -94.63
CA PRO G 26 90.57 -67.64 -94.03
C PRO G 26 89.56 -68.46 -94.83
N THR G 27 88.54 -68.95 -94.12
CA THR G 27 87.59 -69.91 -94.64
C THR G 27 86.19 -69.32 -94.62
N THR G 28 85.40 -69.55 -95.67
CA THR G 28 84.00 -69.16 -95.60
C THR G 28 83.24 -70.09 -94.66
N LYS G 29 82.21 -69.55 -94.01
CA LYS G 29 81.40 -70.30 -93.07
C LYS G 29 80.06 -69.61 -92.91
N GLU G 30 79.13 -70.31 -92.28
CA GLU G 30 77.80 -69.79 -92.01
C GLU G 30 77.54 -69.89 -90.52
N ILE G 31 77.36 -68.77 -89.88
CA ILE G 31 76.97 -68.75 -88.48
C ILE G 31 75.47 -68.67 -88.38
N GLN G 32 74.94 -69.22 -87.30
CA GLN G 32 73.55 -69.01 -86.94
C GLN G 32 73.46 -68.82 -85.44
N GLU G 33 72.47 -68.04 -85.03
CA GLU G 33 72.34 -67.62 -83.64
C GLU G 33 71.22 -68.41 -82.97
N ALA G 34 71.59 -69.20 -81.96
CA ALA G 34 70.63 -69.91 -81.14
C ALA G 34 70.69 -69.34 -79.72
N VAL G 35 69.54 -68.93 -79.19
CA VAL G 35 69.45 -68.36 -77.86
C VAL G 35 68.60 -69.30 -77.02
N ALA G 36 69.21 -69.93 -76.02
CA ALA G 36 68.45 -70.76 -75.10
C ALA G 36 67.98 -69.90 -73.93
N ALA G 37 67.31 -70.54 -72.97
CA ALA G 37 66.86 -69.86 -71.75
C ALA G 37 66.73 -70.92 -70.67
N ILE G 38 67.70 -70.96 -69.76
CA ILE G 38 67.74 -71.96 -68.71
C ILE G 38 67.11 -71.38 -67.45
N ALA G 39 66.13 -72.10 -66.91
CA ALA G 39 65.59 -71.82 -65.59
C ALA G 39 65.36 -73.15 -64.89
N ASP G 40 65.14 -73.09 -63.59
CA ASP G 40 64.81 -74.28 -62.82
C ASP G 40 63.34 -74.61 -63.08
N LYS G 41 63.11 -75.67 -63.85
CA LYS G 41 61.76 -76.08 -64.20
C LYS G 41 61.14 -76.99 -63.16
N PHE G 42 61.73 -77.08 -61.97
CA PHE G 42 61.18 -77.86 -60.88
C PHE G 42 60.70 -77.00 -59.72
N ASN G 43 61.36 -75.88 -59.46
CA ASN G 43 60.90 -74.94 -58.45
C ASN G 43 59.74 -74.15 -59.04
N GLN G 44 58.58 -74.80 -59.09
CA GLN G 44 57.38 -74.20 -59.65
C GLN G 44 56.54 -73.62 -58.53
N GLU G 45 55.85 -72.53 -58.83
CA GLU G 45 55.09 -71.85 -57.80
C GLU G 45 53.76 -72.55 -57.56
N ASN G 46 53.31 -72.48 -56.31
CA ASN G 46 52.21 -73.31 -55.82
C ASN G 46 50.90 -72.76 -56.35
N ASP G 47 50.31 -73.46 -57.32
CA ASP G 47 49.19 -72.95 -58.09
C ASP G 47 47.85 -73.45 -57.61
N LEU G 48 47.81 -74.58 -56.89
CA LEU G 48 46.58 -75.03 -56.26
C LEU G 48 46.10 -74.08 -55.17
N VAL G 49 46.99 -73.22 -54.67
CA VAL G 49 46.71 -72.35 -53.53
C VAL G 49 45.67 -71.29 -53.88
N ASP G 50 45.91 -70.52 -54.93
CA ASP G 50 45.15 -69.29 -55.12
C ASP G 50 43.74 -69.51 -55.64
N ARG G 51 43.42 -70.73 -56.06
CA ARG G 51 42.04 -71.05 -56.39
C ARG G 51 41.17 -71.08 -55.14
N PHE G 52 41.74 -71.54 -54.02
CA PHE G 52 40.94 -71.72 -52.83
C PHE G 52 40.59 -70.42 -52.13
N PHE G 53 41.48 -69.43 -52.12
CA PHE G 53 41.19 -68.19 -51.40
C PHE G 53 41.17 -67.08 -52.45
N PRO G 54 40.02 -66.78 -53.05
CA PRO G 54 39.96 -65.62 -53.95
C PRO G 54 40.11 -64.33 -53.16
N GLU G 55 40.93 -63.43 -53.68
CA GLU G 55 41.34 -62.27 -52.90
C GLU G 55 40.22 -61.24 -52.79
N ASP G 56 40.35 -60.36 -51.80
CA ASP G 56 39.35 -59.35 -51.53
C ASP G 56 40.05 -58.17 -50.86
N SER G 57 39.44 -57.00 -50.97
CA SER G 57 40.07 -55.77 -50.51
C SER G 57 39.11 -54.97 -49.66
N THR G 58 39.65 -54.32 -48.65
CA THR G 58 38.87 -53.44 -47.78
C THR G 58 39.74 -52.26 -47.36
N PHE G 59 39.09 -51.27 -46.76
CA PHE G 59 39.77 -50.08 -46.30
C PHE G 59 39.99 -50.02 -44.80
N ALA G 60 39.42 -50.95 -44.05
CA ALA G 60 39.50 -50.91 -42.60
C ALA G 60 40.34 -52.05 -42.07
N SER G 61 40.79 -51.91 -40.82
CA SER G 61 41.78 -52.82 -40.26
C SER G 61 41.18 -54.13 -39.75
N GLU G 62 40.36 -54.06 -38.71
CA GLU G 62 39.87 -55.28 -38.10
C GLU G 62 38.59 -55.74 -38.77
N LEU G 63 38.34 -57.04 -38.71
CA LEU G 63 37.19 -57.65 -39.37
C LEU G 63 36.34 -58.36 -38.33
N GLU G 64 35.09 -57.92 -38.19
CA GLU G 64 34.16 -58.52 -37.25
C GLU G 64 33.01 -59.17 -38.00
N LEU G 65 32.85 -60.46 -37.80
CA LEU G 65 31.70 -61.21 -38.28
C LEU G 65 30.73 -61.40 -37.13
N TYR G 66 29.52 -60.90 -37.28
CA TYR G 66 28.50 -61.11 -36.24
C TYR G 66 27.42 -62.02 -36.80
N LEU G 67 27.36 -63.23 -36.28
CA LEU G 67 26.40 -64.23 -36.69
C LEU G 67 25.22 -64.21 -35.73
N LEU G 68 24.01 -64.24 -36.27
CA LEU G 68 22.79 -64.30 -35.46
C LEU G 68 22.12 -65.64 -35.73
N ARG G 69 22.24 -66.55 -34.76
CA ARG G 69 21.64 -67.86 -34.90
C ARG G 69 20.19 -67.79 -34.46
N THR G 70 19.35 -68.61 -35.09
CA THR G 70 17.92 -68.55 -34.86
C THR G 70 17.35 -69.95 -34.89
N GLN G 71 16.81 -70.41 -33.77
CA GLN G 71 16.09 -71.68 -33.71
C GLN G 71 14.61 -71.34 -33.56
N ASP G 72 13.92 -71.30 -34.69
CA ASP G 72 12.49 -71.06 -34.70
C ASP G 72 11.74 -72.26 -34.13
N ALA G 73 10.53 -72.01 -33.66
CA ALA G 73 9.73 -73.07 -33.07
C ALA G 73 9.16 -73.94 -34.19
N GLU G 74 9.49 -75.23 -34.14
CA GLU G 74 9.14 -76.12 -35.23
C GLU G 74 7.65 -76.42 -35.21
N GLN G 75 7.01 -76.28 -36.37
CA GLN G 75 5.58 -76.49 -36.47
C GLN G 75 5.25 -77.97 -36.35
N THR G 76 5.05 -78.43 -35.13
CA THR G 76 4.84 -79.84 -34.81
C THR G 76 3.43 -80.00 -34.29
N GLY G 77 3.12 -81.21 -33.85
CA GLY G 77 1.83 -81.42 -33.23
C GLY G 77 0.75 -81.84 -34.19
N MET G 78 -0.14 -82.70 -33.71
CA MET G 78 -1.32 -83.13 -34.44
C MET G 78 -2.54 -82.52 -33.79
N THR G 79 -3.58 -82.33 -34.59
CA THR G 79 -4.81 -81.75 -34.06
C THR G 79 -5.51 -82.76 -33.17
N PHE G 80 -6.02 -82.27 -32.04
CA PHE G 80 -6.55 -83.15 -31.02
C PHE G 80 -7.85 -83.79 -31.49
N VAL G 81 -8.06 -85.03 -31.10
CA VAL G 81 -9.22 -85.79 -31.54
C VAL G 81 -10.36 -85.56 -30.55
N HIS G 82 -11.56 -85.28 -31.07
CA HIS G 82 -12.71 -85.07 -30.22
C HIS G 82 -13.95 -85.57 -30.96
N GLN G 83 -15.06 -85.57 -30.25
CA GLN G 83 -16.34 -86.02 -30.78
C GLN G 83 -17.24 -84.80 -31.03
N VAL G 84 -18.08 -84.91 -32.06
CA VAL G 84 -18.93 -83.79 -32.48
C VAL G 84 -19.92 -83.45 -31.38
N GLY G 85 -19.97 -82.18 -31.01
CA GLY G 85 -20.80 -81.75 -29.91
C GLY G 85 -20.00 -81.60 -28.64
N SER G 86 -18.87 -80.91 -28.71
CA SER G 86 -18.00 -80.77 -27.56
C SER G 86 -17.26 -79.45 -27.61
N THR G 87 -16.94 -78.94 -26.44
CA THR G 87 -16.08 -77.78 -26.31
C THR G 87 -14.63 -78.19 -26.55
N SER G 88 -13.93 -77.41 -27.39
CA SER G 88 -12.55 -77.67 -27.76
C SER G 88 -11.59 -77.53 -26.57
N LEU G 89 -10.39 -78.05 -26.76
CA LEU G 89 -9.31 -77.99 -25.77
C LEU G 89 -8.09 -77.32 -26.40
N PRO G 90 -7.31 -76.57 -25.63
CA PRO G 90 -6.27 -75.73 -26.24
C PRO G 90 -5.00 -76.50 -26.52
N VAL G 91 -4.06 -75.80 -27.16
CA VAL G 91 -2.83 -76.37 -27.62
C VAL G 91 -1.72 -76.06 -26.62
N GLU G 92 -0.58 -76.72 -26.77
CA GLU G 92 0.51 -76.52 -25.85
C GLU G 92 1.29 -75.26 -26.22
N ALA G 93 2.29 -74.93 -25.41
CA ALA G 93 3.15 -73.78 -25.65
C ALA G 93 4.50 -74.25 -26.13
N ARG G 94 5.05 -73.52 -27.11
CA ARG G 94 6.29 -73.88 -27.76
C ARG G 94 7.31 -72.75 -27.61
N VAL G 95 8.57 -73.07 -27.91
CA VAL G 95 9.70 -72.21 -27.58
C VAL G 95 10.53 -71.93 -28.82
N ALA G 96 10.92 -70.67 -28.99
CA ALA G 96 11.88 -70.25 -29.98
C ALA G 96 13.07 -69.60 -29.29
N LYS G 97 14.25 -69.69 -29.89
CA LYS G 97 15.48 -69.27 -29.26
C LYS G 97 16.31 -68.46 -30.25
N VAL G 98 17.05 -67.48 -29.73
CA VAL G 98 17.96 -66.66 -30.52
C VAL G 98 19.28 -66.58 -29.79
N ASP G 99 20.36 -66.97 -30.47
CA ASP G 99 21.71 -66.83 -29.96
C ASP G 99 22.54 -66.07 -30.98
N LEU G 100 23.59 -65.40 -30.51
CA LEU G 100 24.45 -64.62 -31.41
C LEU G 100 25.87 -65.14 -31.35
N ALA G 101 26.74 -64.52 -32.14
CA ALA G 101 28.13 -64.96 -32.24
C ALA G 101 29.00 -63.80 -32.69
N LYS G 102 30.20 -63.68 -32.12
CA LYS G 102 31.18 -62.66 -32.49
C LYS G 102 32.48 -63.33 -32.90
N ALA G 103 33.03 -62.89 -34.03
CA ALA G 103 34.32 -63.37 -34.49
C ALA G 103 35.15 -62.18 -34.94
N THR G 104 36.47 -62.32 -34.86
CA THR G 104 37.37 -61.18 -35.02
C THR G 104 38.59 -61.58 -35.84
N TRP G 105 38.93 -60.75 -36.82
CA TRP G 105 40.19 -60.85 -37.54
C TRP G 105 40.95 -59.54 -37.43
N SER G 106 42.28 -59.64 -37.50
CA SER G 106 43.16 -58.49 -37.45
C SER G 106 44.35 -58.85 -38.33
N PRO G 107 44.69 -58.02 -39.31
CA PRO G 107 45.59 -58.46 -40.37
C PRO G 107 47.05 -58.45 -39.98
N LEU G 108 47.90 -58.81 -40.92
CA LEU G 108 49.34 -58.79 -40.73
C LEU G 108 49.96 -57.81 -41.72
N ALA G 109 51.18 -57.38 -41.41
CA ALA G 109 51.86 -56.34 -42.16
C ALA G 109 53.17 -56.87 -42.71
N PHE G 110 53.50 -56.41 -43.91
CA PHE G 110 54.74 -56.79 -44.58
C PHE G 110 55.34 -55.56 -45.23
N LYS G 111 56.66 -55.38 -45.11
CA LYS G 111 57.32 -54.27 -45.79
C LYS G 111 58.80 -54.60 -45.99
N GLU G 112 59.34 -54.17 -47.12
CA GLU G 112 60.74 -54.34 -47.45
C GLU G 112 61.17 -53.15 -48.31
N SER G 113 62.46 -53.06 -48.58
CA SER G 113 62.98 -51.87 -49.25
C SER G 113 64.26 -52.19 -50.01
N ARG G 114 64.18 -52.22 -51.32
CA ARG G 114 65.37 -52.23 -52.15
C ARG G 114 65.96 -50.82 -52.17
N VAL G 115 67.28 -50.73 -52.34
CA VAL G 115 67.96 -49.44 -52.36
C VAL G 115 69.16 -49.52 -53.31
N TRP G 116 69.31 -48.52 -54.16
CA TRP G 116 70.42 -48.43 -55.10
C TRP G 116 71.32 -47.26 -54.76
N ASP G 117 72.63 -47.50 -54.80
CA ASP G 117 73.60 -46.47 -54.51
C ASP G 117 73.87 -45.66 -55.78
N GLU G 118 74.77 -44.67 -55.70
CA GLU G 118 75.00 -43.78 -56.83
C GLU G 118 75.80 -44.45 -57.95
N LYS G 119 76.71 -45.35 -57.58
CA LYS G 119 77.60 -45.96 -58.57
C LYS G 119 76.86 -46.88 -59.52
N GLU G 120 75.78 -47.52 -59.06
CA GLU G 120 74.99 -48.36 -59.93
C GLU G 120 73.96 -47.57 -60.70
N ILE G 121 73.82 -46.29 -60.43
CA ILE G 121 72.95 -45.44 -61.23
C ILE G 121 73.74 -44.73 -62.31
N LEU G 122 74.96 -44.27 -62.00
CA LEU G 122 75.70 -43.49 -62.98
C LEU G 122 76.65 -44.33 -63.82
N TYR G 123 77.08 -45.50 -63.34
CA TYR G 123 78.08 -46.28 -64.04
C TYR G 123 77.61 -47.66 -64.51
N LEU G 124 76.38 -47.81 -64.98
CA LEU G 124 75.86 -49.15 -65.28
C LEU G 124 75.40 -49.22 -66.72
N GLY G 125 76.15 -49.95 -67.56
CA GLY G 125 75.84 -50.10 -68.96
C GLY G 125 75.66 -51.57 -69.33
N ARG G 126 75.33 -51.79 -70.60
CA ARG G 126 75.21 -53.16 -71.10
C ARG G 126 76.58 -53.84 -71.13
N LEU G 127 76.53 -55.18 -71.08
CA LEU G 127 77.76 -55.95 -70.98
C LEU G 127 78.49 -56.03 -72.31
N ALA G 128 77.76 -56.24 -73.39
CA ALA G 128 78.38 -56.37 -74.70
C ALA G 128 77.84 -55.31 -75.65
N ASP G 129 77.79 -54.06 -75.20
CA ASP G 129 77.27 -52.97 -76.01
C ASP G 129 77.80 -51.65 -75.46
N GLU G 130 78.24 -50.78 -76.37
CA GLU G 130 78.48 -49.38 -76.05
C GLU G 130 77.14 -48.67 -75.93
N VAL G 131 76.82 -48.21 -74.74
CA VAL G 131 75.58 -47.49 -74.50
C VAL G 131 75.86 -46.28 -73.63
N GLN G 132 74.85 -45.44 -73.51
CA GLN G 132 74.77 -44.40 -72.50
C GLN G 132 74.39 -45.04 -71.17
N ALA G 133 74.15 -44.22 -70.16
CA ALA G 133 73.94 -44.76 -68.82
C ALA G 133 72.45 -44.96 -68.53
N GLY G 134 71.78 -45.63 -69.47
CA GLY G 134 70.34 -45.78 -69.42
C GLY G 134 69.90 -47.21 -69.19
N VAL G 135 70.51 -47.87 -68.23
CA VAL G 135 70.23 -49.26 -67.93
C VAL G 135 69.50 -49.42 -66.60
N ILE G 136 69.86 -48.60 -65.60
CA ILE G 136 69.31 -48.77 -64.27
C ILE G 136 67.83 -48.37 -64.21
N ASN G 137 67.37 -47.57 -65.17
CA ASN G 137 65.95 -47.29 -65.27
C ASN G 137 65.16 -48.53 -65.70
N GLU G 138 65.79 -49.41 -66.48
CA GLU G 138 65.19 -50.72 -66.76
C GLU G 138 65.30 -51.62 -65.53
N GLN G 139 66.43 -51.53 -64.83
CA GLN G 139 66.70 -52.44 -63.73
C GLN G 139 65.74 -52.21 -62.57
N ILE G 140 65.35 -50.96 -62.32
CA ILE G 140 64.43 -50.70 -61.24
C ILE G 140 63.03 -51.20 -61.56
N ALA G 141 62.63 -51.18 -62.84
CA ALA G 141 61.33 -51.72 -63.21
C ALA G 141 61.32 -53.24 -63.10
N GLU G 142 62.45 -53.88 -63.42
CA GLU G 142 62.57 -55.31 -63.19
C GLU G 142 62.47 -55.63 -61.69
N SER G 143 63.06 -54.77 -60.86
CA SER G 143 62.93 -55.00 -59.42
C SER G 143 61.51 -54.76 -58.92
N LEU G 144 60.76 -53.85 -59.55
CA LEU G 144 59.37 -53.66 -59.16
C LEU G 144 58.54 -54.90 -59.45
N THR G 145 58.75 -55.50 -60.63
CA THR G 145 58.11 -56.78 -60.95
C THR G 145 58.54 -57.87 -59.99
N TRP G 146 59.81 -57.84 -59.56
CA TRP G 146 60.28 -58.85 -58.62
C TRP G 146 59.65 -58.71 -57.25
N LEU G 147 59.48 -57.49 -56.74
CA LEU G 147 58.86 -57.34 -55.43
C LEU G 147 57.36 -57.66 -55.49
N MET G 148 56.72 -57.43 -56.64
CA MET G 148 55.35 -57.90 -56.81
C MET G 148 55.27 -59.43 -56.76
N ALA G 149 56.20 -60.11 -57.43
CA ALA G 149 56.25 -61.57 -57.36
C ALA G 149 56.58 -62.06 -55.96
N ARG G 150 57.37 -61.30 -55.23
CA ARG G 150 57.75 -61.67 -53.87
C ARG G 150 56.54 -61.59 -52.93
N MET G 151 55.71 -60.55 -53.11
CA MET G 151 54.48 -60.44 -52.32
C MET G 151 53.49 -61.53 -52.68
N ARG G 152 53.39 -61.89 -53.96
CA ARG G 152 52.51 -62.99 -54.35
C ARG G 152 52.99 -64.31 -53.75
N ASN G 153 54.31 -64.50 -53.65
CA ASN G 153 54.85 -65.69 -53.03
C ASN G 153 54.50 -65.75 -51.55
N ARG G 154 54.56 -64.60 -50.86
CA ARG G 154 54.18 -64.57 -49.44
C ARG G 154 52.69 -64.87 -49.26
N ARG G 155 51.85 -64.36 -50.16
CA ARG G 155 50.41 -64.61 -50.06
C ARG G 155 50.09 -66.09 -50.27
N ARG G 156 50.74 -66.71 -51.25
CA ARG G 156 50.55 -68.14 -51.46
C ARG G 156 51.12 -68.96 -50.31
N TRP G 157 52.20 -68.49 -49.68
CA TRP G 157 52.73 -69.20 -48.51
C TRP G 157 51.77 -69.14 -47.34
N LEU G 158 51.12 -67.99 -47.13
CA LEU G 158 50.16 -67.86 -46.04
C LEU G 158 48.96 -68.78 -46.26
N THR G 159 48.39 -68.77 -47.46
CA THR G 159 47.24 -69.60 -47.72
C THR G 159 47.59 -71.09 -47.68
N TRP G 160 48.78 -71.45 -48.15
CA TRP G 160 49.18 -72.85 -48.07
C TRP G 160 49.48 -73.27 -46.64
N GLN G 161 49.92 -72.34 -45.80
CA GLN G 161 50.10 -72.69 -44.39
C GLN G 161 48.76 -72.92 -43.73
N VAL G 162 47.73 -72.17 -44.15
CA VAL G 162 46.37 -72.43 -43.68
C VAL G 162 45.91 -73.80 -44.11
N MET G 163 46.18 -74.18 -45.36
CA MET G 163 45.70 -75.47 -45.83
C MET G 163 46.48 -76.63 -45.23
N ARG G 164 47.74 -76.43 -44.89
CA ARG G 164 48.53 -77.54 -44.38
C ARG G 164 48.37 -77.72 -42.88
N THR G 165 48.29 -76.65 -42.10
CA THR G 165 48.22 -76.78 -40.65
C THR G 165 46.97 -76.24 -40.01
N GLY G 166 46.15 -75.49 -40.74
CA GLY G 166 45.02 -74.83 -40.11
C GLY G 166 45.36 -73.58 -39.33
N ARG G 167 46.63 -73.22 -39.27
CA ARG G 167 47.08 -72.03 -38.57
C ARG G 167 48.41 -71.62 -39.13
N ILE G 168 48.67 -70.32 -39.13
CA ILE G 168 49.91 -69.77 -39.63
C ILE G 168 50.84 -69.55 -38.45
N THR G 169 51.87 -70.38 -38.35
CA THR G 169 52.82 -70.35 -37.24
C THR G 169 54.14 -69.84 -37.76
N ILE G 170 54.53 -68.64 -37.33
CA ILE G 170 55.84 -68.11 -37.68
C ILE G 170 56.62 -67.89 -36.38
N GLN G 171 57.91 -68.15 -36.45
CA GLN G 171 58.81 -68.13 -35.31
C GLN G 171 60.10 -67.48 -35.79
N PRO G 172 60.93 -66.92 -34.89
CA PRO G 172 62.12 -66.20 -35.35
C PRO G 172 63.18 -67.03 -36.06
N ASN G 173 63.09 -68.36 -36.06
CA ASN G 173 64.05 -69.19 -36.76
C ASN G 173 63.67 -69.43 -38.21
N ASP G 174 62.63 -68.77 -38.71
CA ASP G 174 62.18 -68.93 -40.09
C ASP G 174 63.18 -68.29 -41.06
N PRO G 175 63.19 -68.73 -42.34
CA PRO G 175 64.21 -68.21 -43.27
C PRO G 175 64.07 -66.74 -43.61
N TYR G 176 62.88 -66.29 -44.00
CA TYR G 176 62.66 -64.93 -44.49
C TYR G 176 62.01 -64.05 -43.45
N ASN G 177 62.42 -64.21 -42.19
CA ASN G 177 61.97 -63.39 -41.08
C ASN G 177 63.21 -62.81 -40.41
N PRO G 178 63.66 -61.63 -40.83
CA PRO G 178 64.77 -60.98 -40.12
C PRO G 178 64.31 -60.39 -38.82
N ASN G 179 63.10 -59.83 -38.83
CA ASN G 179 62.51 -59.23 -37.64
C ASN G 179 62.30 -60.26 -36.54
N GLY G 180 62.00 -61.49 -36.91
CA GLY G 180 61.92 -62.55 -35.94
C GLY G 180 60.67 -62.54 -35.11
N LEU G 181 59.59 -61.96 -35.62
CA LEU G 181 58.33 -61.93 -34.88
C LEU G 181 57.77 -63.33 -34.72
N LYS G 182 56.94 -63.50 -33.70
CA LYS G 182 56.41 -64.81 -33.32
C LYS G 182 54.89 -64.74 -33.36
N TYR G 183 54.29 -65.35 -34.36
CA TYR G 183 52.84 -65.41 -34.46
C TYR G 183 52.39 -66.86 -34.51
N VAL G 184 51.39 -67.20 -33.70
CA VAL G 184 50.73 -68.51 -33.76
C VAL G 184 49.23 -68.24 -33.82
N ILE G 185 48.67 -68.26 -35.03
CA ILE G 185 47.37 -67.66 -35.32
C ILE G 185 46.41 -68.79 -35.69
N ASP G 186 45.68 -69.30 -34.70
CA ASP G 186 44.78 -70.42 -34.94
C ASP G 186 43.53 -69.96 -35.68
N TYR G 187 43.06 -70.79 -36.59
CA TYR G 187 41.77 -70.59 -37.23
C TYR G 187 40.70 -71.52 -36.70
N GLY G 188 41.05 -72.47 -35.85
CA GLY G 188 40.06 -73.35 -35.29
C GLY G 188 39.51 -74.36 -36.25
N VAL G 189 40.32 -74.82 -37.20
CA VAL G 189 40.00 -76.03 -37.94
C VAL G 189 39.98 -77.18 -36.95
N THR G 190 38.89 -77.93 -36.94
CA THR G 190 38.55 -78.75 -35.79
C THR G 190 39.33 -80.06 -35.73
N ASP G 191 39.48 -80.77 -36.85
CA ASP G 191 40.24 -82.01 -36.85
C ASP G 191 40.89 -82.13 -38.23
N ILE G 192 42.13 -81.68 -38.32
CA ILE G 192 42.78 -81.60 -39.63
C ILE G 192 43.54 -82.87 -39.96
N GLU G 193 43.88 -83.68 -38.96
CA GLU G 193 44.69 -84.88 -39.17
C GLU G 193 43.85 -86.12 -38.90
N LEU G 194 43.52 -86.85 -39.96
CA LEU G 194 42.78 -88.09 -39.85
C LEU G 194 43.69 -89.20 -39.32
N PRO G 195 43.17 -90.08 -38.47
CA PRO G 195 44.04 -91.06 -37.79
C PRO G 195 44.23 -92.35 -38.58
N LEU G 196 45.45 -92.88 -38.51
CA LEU G 196 45.74 -94.22 -38.98
C LEU G 196 46.63 -94.95 -37.98
N PRO G 197 46.14 -96.02 -37.39
CA PRO G 197 47.00 -96.83 -36.51
C PRO G 197 48.07 -97.57 -37.28
N GLN G 198 47.65 -98.30 -38.30
CA GLN G 198 48.55 -98.95 -39.24
C GLN G 198 48.35 -98.32 -40.61
N LYS G 199 49.45 -98.05 -41.29
CA LYS G 199 49.40 -97.30 -42.53
C LYS G 199 48.92 -98.18 -43.68
N PHE G 200 48.84 -97.59 -44.87
CA PHE G 200 48.40 -98.33 -46.04
C PHE G 200 49.43 -99.36 -46.47
N ASP G 201 50.67 -98.95 -46.63
CA ASP G 201 51.73 -99.88 -47.03
C ASP G 201 52.43 -100.49 -45.82
N ALA G 202 51.63 -101.05 -44.90
CA ALA G 202 52.15 -101.78 -43.75
C ALA G 202 51.71 -103.22 -43.88
N LYS G 203 52.68 -104.13 -43.91
CA LYS G 203 52.42 -105.55 -44.10
C LYS G 203 52.96 -106.32 -42.91
N ASP G 204 52.18 -107.28 -42.45
CA ASP G 204 52.49 -108.08 -41.26
C ASP G 204 53.11 -109.41 -41.68
N GLY G 205 54.38 -109.35 -42.06
CA GLY G 205 55.03 -110.58 -42.44
C GLY G 205 54.79 -110.89 -43.89
N ASN G 206 53.74 -111.67 -44.15
CA ASN G 206 53.39 -112.12 -45.48
C ASN G 206 52.85 -110.95 -46.32
N GLY G 207 52.50 -111.26 -47.57
CA GLY G 207 52.05 -110.25 -48.52
C GLY G 207 50.71 -109.62 -48.22
N ASN G 208 49.97 -110.15 -47.25
CA ASN G 208 48.77 -109.49 -46.78
C ASN G 208 49.12 -108.17 -46.07
N SER G 209 48.17 -107.25 -46.07
CA SER G 209 48.38 -105.90 -45.58
C SER G 209 47.48 -105.64 -44.37
N ALA G 210 47.45 -104.37 -43.94
CA ALA G 210 46.83 -104.00 -42.68
C ALA G 210 45.51 -103.28 -42.81
N VAL G 211 45.35 -102.40 -43.79
CA VAL G 211 44.10 -101.66 -43.96
C VAL G 211 43.89 -101.38 -45.43
N ASP G 212 42.64 -101.42 -45.87
CA ASP G 212 42.34 -101.07 -47.24
C ASP G 212 41.87 -99.63 -47.35
N PRO G 213 42.24 -98.93 -48.42
CA PRO G 213 41.83 -97.53 -48.55
C PRO G 213 40.37 -97.37 -48.85
N ILE G 214 39.75 -98.29 -49.60
CA ILE G 214 38.39 -98.08 -50.07
C ILE G 214 37.40 -98.30 -48.95
N GLN G 215 37.60 -99.33 -48.12
CA GLN G 215 36.75 -99.49 -46.95
C GLN G 215 37.03 -98.42 -45.90
N TYR G 216 38.26 -97.90 -45.86
CA TYR G 216 38.56 -96.79 -44.95
C TYR G 216 37.79 -95.54 -45.33
N PHE G 217 37.83 -95.16 -46.60
CA PHE G 217 37.10 -93.98 -47.02
C PHE G 217 35.60 -94.22 -47.05
N ARG G 218 35.17 -95.47 -47.24
CA ARG G 218 33.75 -95.75 -47.18
C ARG G 218 33.24 -95.66 -45.75
N ASP G 219 34.02 -96.12 -44.77
CA ASP G 219 33.66 -95.93 -43.38
C ASP G 219 33.74 -94.47 -42.97
N LEU G 220 34.67 -93.71 -43.57
CA LEU G 220 34.76 -92.28 -43.30
C LEU G 220 33.53 -91.54 -43.85
N ILE G 221 33.02 -91.98 -44.99
CA ILE G 221 31.78 -91.44 -45.53
C ILE G 221 30.60 -91.88 -44.67
N LYS G 222 30.59 -93.15 -44.27
CA LYS G 222 29.46 -93.72 -43.54
C LYS G 222 29.31 -93.11 -42.15
N ALA G 223 30.43 -92.78 -41.51
CA ALA G 223 30.42 -92.03 -40.27
C ALA G 223 30.26 -90.53 -40.48
N ALA G 224 29.88 -90.11 -41.69
CA ALA G 224 29.55 -88.74 -42.00
C ALA G 224 28.33 -88.65 -42.90
N THR G 225 27.46 -89.68 -42.84
CA THR G 225 26.30 -89.74 -43.71
C THR G 225 25.30 -88.64 -43.37
N TYR G 226 25.06 -88.42 -42.08
CA TYR G 226 24.20 -87.33 -41.64
C TYR G 226 24.90 -86.00 -41.59
N PHE G 227 26.18 -85.94 -41.92
CA PHE G 227 26.96 -84.71 -41.84
C PHE G 227 27.35 -84.35 -43.26
N PRO G 228 26.54 -83.59 -43.99
CA PRO G 228 26.89 -83.27 -45.40
C PRO G 228 28.07 -82.32 -45.52
N ASP G 229 28.45 -81.64 -44.45
CA ASP G 229 29.69 -80.88 -44.50
C ASP G 229 30.90 -81.80 -44.45
N ARG G 230 30.81 -82.88 -43.68
CA ARG G 230 31.97 -83.71 -43.39
C ARG G 230 32.22 -84.75 -44.47
N ARG G 231 31.16 -85.23 -45.12
CA ARG G 231 31.19 -86.36 -46.03
C ARG G 231 32.02 -86.07 -47.26
N PRO G 232 33.21 -86.66 -47.39
CA PRO G 232 34.21 -86.14 -48.34
C PRO G 232 33.83 -86.41 -49.79
N VAL G 233 34.24 -85.47 -50.65
CA VAL G 233 33.79 -85.45 -52.03
C VAL G 233 35.01 -85.35 -52.94
N ALA G 234 36.16 -85.04 -52.35
CA ALA G 234 37.36 -84.87 -53.16
C ALA G 234 38.60 -85.21 -52.34
N ILE G 235 39.68 -85.47 -53.05
CA ILE G 235 40.98 -85.79 -52.49
C ILE G 235 42.05 -85.53 -53.53
N ILE G 236 43.10 -84.82 -53.16
CA ILE G 236 44.21 -84.57 -54.08
C ILE G 236 45.48 -85.07 -53.40
N VAL G 237 46.40 -85.59 -54.21
CA VAL G 237 47.64 -86.15 -53.69
C VAL G 237 48.73 -85.95 -54.73
N GLY G 238 49.92 -85.62 -54.26
CA GLY G 238 51.00 -85.22 -55.14
C GLY G 238 51.77 -86.32 -55.85
N PRO G 239 52.53 -87.11 -55.11
CA PRO G 239 53.37 -88.12 -55.77
C PRO G 239 52.59 -89.34 -56.23
N GLY G 240 53.30 -90.37 -56.66
CA GLY G 240 52.66 -91.61 -57.09
C GLY G 240 51.84 -92.27 -56.00
N PHE G 241 50.52 -92.15 -56.13
CA PHE G 241 49.58 -92.73 -55.19
C PHE G 241 49.19 -94.14 -55.58
N ASP G 242 49.23 -94.43 -56.88
CA ASP G 242 48.88 -95.74 -57.39
C ASP G 242 49.91 -96.79 -57.02
N GLU G 243 51.12 -96.37 -56.68
CA GLU G 243 52.16 -97.30 -56.26
C GLU G 243 51.76 -98.01 -54.98
N VAL G 244 51.36 -97.24 -53.97
CA VAL G 244 50.97 -97.80 -52.68
C VAL G 244 49.67 -98.58 -52.81
N LEU G 245 48.75 -98.10 -53.66
CA LEU G 245 47.52 -98.85 -53.93
C LEU G 245 47.82 -100.20 -54.56
N ALA G 246 48.71 -100.23 -55.54
CA ALA G 246 49.06 -101.47 -56.21
C ALA G 246 49.82 -102.41 -55.30
N ASP G 247 50.54 -101.87 -54.32
CA ASP G 247 51.22 -102.69 -53.33
C ASP G 247 50.39 -102.85 -52.06
N ASN G 248 49.06 -102.89 -52.20
CA ASN G 248 48.15 -103.10 -51.09
C ASN G 248 47.20 -104.22 -51.47
N THR G 249 47.22 -105.30 -50.67
CA THR G 249 46.66 -106.60 -51.07
C THR G 249 45.16 -106.54 -51.31
N PHE G 250 44.45 -105.71 -50.56
CA PHE G 250 43.00 -105.64 -50.70
C PHE G 250 42.60 -104.91 -51.97
N VAL G 251 43.39 -103.92 -52.38
CA VAL G 251 43.17 -103.26 -53.67
C VAL G 251 43.45 -104.24 -54.80
N GLN G 252 44.44 -105.11 -54.60
CA GLN G 252 44.75 -106.15 -55.57
C GLN G 252 43.58 -107.09 -55.73
N LYS G 253 42.95 -107.48 -54.62
CA LYS G 253 41.77 -108.35 -54.71
C LYS G 253 40.60 -107.63 -55.37
N TYR G 254 40.49 -106.31 -55.17
CA TYR G 254 39.47 -105.53 -55.87
C TYR G 254 39.67 -105.60 -57.38
N VAL G 255 40.90 -105.40 -57.84
CA VAL G 255 41.19 -105.43 -59.28
C VAL G 255 40.97 -106.84 -59.84
N GLU G 256 41.42 -107.85 -59.09
CA GLU G 256 41.27 -109.25 -59.51
C GLU G 256 39.81 -109.66 -59.59
N TYR G 257 38.95 -109.09 -58.75
CA TYR G 257 37.52 -109.33 -58.93
C TYR G 257 36.99 -108.59 -60.14
N GLU G 258 37.40 -107.32 -60.32
CA GLU G 258 36.86 -106.49 -61.40
C GLU G 258 37.19 -107.03 -62.77
N LYS G 259 38.29 -107.77 -62.90
CA LYS G 259 38.53 -108.50 -64.14
C LYS G 259 38.03 -109.94 -64.09
N GLY G 260 37.43 -110.38 -62.99
CA GLY G 260 36.95 -111.74 -62.88
C GLY G 260 38.02 -112.77 -62.67
N TRP G 261 39.27 -112.35 -62.53
CA TRP G 261 40.42 -113.24 -62.51
C TRP G 261 40.64 -113.73 -61.08
N VAL G 262 40.30 -115.00 -60.82
CA VAL G 262 40.45 -115.53 -59.47
C VAL G 262 41.92 -115.82 -59.18
N VAL G 263 42.22 -116.07 -57.91
CA VAL G 263 43.56 -116.45 -57.48
C VAL G 263 43.45 -117.70 -56.62
N GLY G 264 44.08 -118.78 -57.08
CA GLY G 264 44.36 -119.90 -56.23
C GLY G 264 45.77 -119.80 -55.67
N GLN G 265 46.02 -120.57 -54.61
CA GLN G 265 47.35 -120.50 -53.99
C GLN G 265 48.40 -121.15 -54.88
N ASN G 266 48.01 -122.13 -55.70
CA ASN G 266 48.91 -122.68 -56.71
C ASN G 266 49.24 -121.69 -57.81
N THR G 267 48.44 -120.64 -58.00
CA THR G 267 48.69 -119.60 -58.99
C THR G 267 49.44 -118.46 -58.35
N VAL G 268 50.54 -118.04 -58.97
CA VAL G 268 51.26 -116.86 -58.49
C VAL G 268 50.50 -115.60 -58.90
N GLN G 269 50.73 -114.52 -58.16
CA GLN G 269 50.08 -113.26 -58.45
C GLN G 269 50.70 -112.65 -59.71
N PRO G 270 49.94 -111.84 -60.46
CA PRO G 270 50.45 -111.29 -61.73
C PRO G 270 51.51 -110.23 -61.47
N PRO G 271 52.24 -109.79 -62.50
CA PRO G 271 53.20 -108.70 -62.29
C PRO G 271 52.53 -107.40 -61.88
N ARG G 272 53.34 -106.53 -61.27
CA ARG G 272 52.85 -105.38 -60.52
C ARG G 272 52.20 -104.34 -61.42
N GLU G 273 52.63 -104.26 -62.68
CA GLU G 273 52.23 -103.16 -63.54
C GLU G 273 50.76 -103.25 -63.93
N VAL G 274 50.21 -104.47 -63.92
CA VAL G 274 48.78 -104.68 -64.10
C VAL G 274 47.99 -103.99 -63.00
N TYR G 275 48.46 -104.11 -61.76
CA TYR G 275 47.82 -103.43 -60.64
C TYR G 275 48.04 -101.93 -60.70
N ARG G 276 49.24 -101.52 -61.09
CA ARG G 276 49.59 -100.12 -61.07
C ARG G 276 48.77 -99.32 -62.08
N GLN G 277 48.48 -99.91 -63.23
CA GLN G 277 47.80 -99.15 -64.25
C GLN G 277 46.29 -99.07 -64.07
N ALA G 278 45.71 -99.87 -63.17
CA ALA G 278 44.27 -99.86 -63.00
C ALA G 278 43.81 -99.57 -61.57
N ALA G 279 44.73 -99.44 -60.60
CA ALA G 279 44.34 -99.22 -59.21
C ALA G 279 43.66 -97.88 -59.01
N LEU G 280 44.08 -96.84 -59.76
CA LEU G 280 43.45 -95.53 -59.60
C LEU G 280 42.00 -95.55 -60.07
N ASP G 281 41.75 -96.21 -61.20
CA ASP G 281 40.40 -96.27 -61.73
C ASP G 281 39.51 -97.15 -60.87
N ILE G 282 40.06 -98.24 -60.30
CA ILE G 282 39.29 -99.07 -59.39
C ILE G 282 38.98 -98.31 -58.11
N PHE G 283 39.91 -97.47 -57.65
CA PHE G 283 39.68 -96.65 -56.47
C PHE G 283 38.58 -95.62 -56.72
N LYS G 284 38.59 -94.98 -57.89
CA LYS G 284 37.58 -93.98 -58.18
C LYS G 284 36.21 -94.62 -58.45
N ARG G 285 36.19 -95.85 -58.96
CA ARG G 285 34.92 -96.50 -59.21
C ARG G 285 34.32 -97.11 -57.95
N TYR G 286 35.14 -97.59 -57.03
CA TYR G 286 34.58 -98.17 -55.82
C TYR G 286 34.27 -97.10 -54.78
N THR G 287 35.20 -96.19 -54.52
CA THR G 287 34.99 -95.27 -53.41
C THR G 287 33.99 -94.18 -53.78
N GLY G 288 34.17 -93.55 -54.94
CA GLY G 288 33.26 -92.52 -55.35
C GLY G 288 33.79 -91.14 -54.99
N LEU G 289 35.01 -90.85 -55.38
CA LEU G 289 35.65 -89.57 -55.11
C LEU G 289 36.16 -88.98 -56.42
N GLU G 290 36.70 -87.77 -56.32
CA GLU G 290 37.30 -87.07 -57.45
C GLU G 290 38.78 -86.89 -57.13
N VAL G 291 39.60 -87.82 -57.60
CA VAL G 291 41.03 -87.73 -57.37
C VAL G 291 41.65 -86.98 -58.55
N MET G 292 42.06 -85.74 -58.33
CA MET G 292 42.94 -85.08 -59.28
C MET G 292 44.31 -84.93 -58.62
N VAL G 293 45.35 -85.07 -59.41
CA VAL G 293 46.71 -85.17 -58.91
C VAL G 293 47.39 -83.81 -59.08
N TYR G 294 48.14 -83.40 -58.05
CA TYR G 294 48.85 -82.13 -58.05
C TYR G 294 50.31 -82.44 -57.73
N ASP G 295 51.08 -82.80 -58.75
CA ASP G 295 52.50 -83.09 -58.61
C ASP G 295 53.32 -81.89 -59.10
N LYS G 296 53.44 -80.89 -58.25
CA LYS G 296 54.38 -79.81 -58.47
C LYS G 296 55.36 -79.77 -57.32
N THR G 297 56.56 -79.30 -57.62
CA THR G 297 57.68 -79.35 -56.69
C THR G 297 58.15 -77.94 -56.38
N TYR G 298 59.05 -77.85 -55.39
CA TYR G 298 59.74 -76.60 -55.11
C TYR G 298 61.17 -76.92 -54.72
N ARG G 299 62.05 -75.96 -54.93
CA ARG G 299 63.45 -76.08 -54.53
C ARG G 299 63.57 -75.72 -53.06
N ASP G 300 64.02 -76.68 -52.25
CA ASP G 300 64.27 -76.39 -50.85
C ASP G 300 65.54 -75.55 -50.72
N GLN G 301 65.68 -74.89 -49.56
CA GLN G 301 66.86 -74.08 -49.28
C GLN G 301 68.12 -74.92 -49.20
N ASP G 302 68.00 -76.21 -48.88
CA ASP G 302 69.15 -77.10 -48.92
C ASP G 302 69.59 -77.38 -50.35
N GLY G 303 68.68 -77.28 -51.31
CA GLY G 303 68.95 -77.60 -52.69
C GLY G 303 68.24 -78.84 -53.19
N SER G 304 67.56 -79.57 -52.31
CA SER G 304 66.84 -80.76 -52.73
C SER G 304 65.47 -80.40 -53.27
N VAL G 305 64.97 -81.23 -54.17
CA VAL G 305 63.63 -81.08 -54.71
C VAL G 305 62.65 -81.74 -53.76
N LYS G 306 61.57 -81.03 -53.42
CA LYS G 306 60.50 -81.58 -52.61
C LYS G 306 59.18 -81.12 -53.18
N TYR G 307 58.18 -82.00 -53.10
CA TYR G 307 56.85 -81.71 -53.59
C TYR G 307 56.15 -80.74 -52.64
N TRP G 308 55.15 -80.04 -53.16
CA TRP G 308 54.32 -79.22 -52.30
C TRP G 308 53.50 -80.09 -51.37
N ILE G 309 52.77 -81.04 -51.93
CA ILE G 309 52.10 -82.08 -51.17
C ILE G 309 53.17 -83.04 -50.65
N PRO G 310 53.34 -83.19 -49.35
CA PRO G 310 54.41 -84.04 -48.83
C PRO G 310 54.21 -85.50 -49.17
N VAL G 311 55.33 -86.17 -49.42
CA VAL G 311 55.33 -87.49 -50.04
C VAL G 311 54.81 -88.52 -49.04
N GLY G 312 53.69 -89.16 -49.36
CA GLY G 312 53.06 -90.07 -48.45
C GLY G 312 51.96 -89.48 -47.61
N GLU G 313 51.52 -88.26 -47.92
CA GLU G 313 50.49 -87.57 -47.15
C GLU G 313 49.57 -86.87 -48.13
N LEU G 314 48.26 -86.97 -47.92
CA LEU G 314 47.28 -86.41 -48.83
C LEU G 314 46.29 -85.54 -48.09
N ILE G 315 45.88 -84.44 -48.72
CA ILE G 315 44.77 -83.67 -48.18
C ILE G 315 43.47 -84.28 -48.68
N VAL G 316 42.39 -84.05 -47.94
CA VAL G 316 41.06 -84.53 -48.27
C VAL G 316 40.10 -83.37 -48.09
N LEU G 317 39.45 -82.95 -49.16
CA LEU G 317 38.38 -81.98 -49.03
C LEU G 317 37.10 -82.71 -48.61
N ASN G 318 36.23 -82.00 -47.89
CA ASN G 318 35.05 -82.63 -47.34
C ASN G 318 33.76 -82.19 -48.03
N GLN G 319 33.43 -80.91 -48.02
CA GLN G 319 32.08 -80.53 -48.43
C GLN G 319 31.96 -80.40 -49.93
N SER G 320 32.71 -79.48 -50.52
CA SER G 320 32.61 -79.20 -51.95
C SER G 320 33.94 -78.66 -52.42
N THR G 321 34.35 -79.07 -53.62
CA THR G 321 35.57 -78.52 -54.19
C THR G 321 35.31 -77.10 -54.66
N GLY G 322 35.62 -76.15 -53.81
CA GLY G 322 35.36 -74.77 -54.12
C GLY G 322 36.23 -73.86 -53.28
N PRO G 323 35.91 -72.57 -53.26
CA PRO G 323 36.72 -71.63 -52.48
C PRO G 323 36.43 -71.72 -50.99
N VAL G 324 37.50 -71.70 -50.19
CA VAL G 324 37.36 -71.73 -48.75
C VAL G 324 37.82 -70.42 -48.13
N GLY G 325 36.92 -69.47 -48.02
CA GLY G 325 37.28 -68.19 -47.50
C GLY G 325 38.00 -67.33 -48.53
N ARG G 326 38.35 -66.14 -48.09
CA ARG G 326 38.92 -65.15 -48.99
C ARG G 326 40.14 -64.53 -48.34
N PHE G 327 41.09 -64.15 -49.16
CA PHE G 327 42.28 -63.48 -48.67
C PHE G 327 41.99 -61.99 -48.68
N VAL G 328 41.67 -61.45 -47.54
CA VAL G 328 41.37 -60.03 -47.43
C VAL G 328 42.68 -59.26 -47.50
N TYR G 329 42.62 -58.03 -48.01
CA TYR G 329 43.71 -57.09 -47.84
C TYR G 329 43.34 -56.11 -46.75
N THR G 330 44.21 -55.14 -46.50
CA THR G 330 43.92 -54.11 -45.53
C THR G 330 44.61 -52.83 -46.00
N ALA G 331 43.93 -51.70 -45.83
CA ALA G 331 44.43 -50.43 -46.34
C ALA G 331 45.71 -50.01 -45.64
N HIS G 332 46.53 -49.26 -46.37
CA HIS G 332 47.78 -48.68 -45.89
C HIS G 332 47.71 -47.18 -46.15
N VAL G 333 48.83 -46.48 -46.01
CA VAL G 333 48.86 -45.03 -46.07
C VAL G 333 49.48 -44.58 -47.39
N ALA G 334 48.71 -43.81 -48.16
CA ALA G 334 49.25 -42.83 -49.10
C ALA G 334 48.87 -41.45 -48.58
N GLY G 335 49.39 -40.40 -49.20
CA GLY G 335 49.37 -39.11 -48.56
C GLY G 335 48.98 -37.96 -49.47
N GLN G 336 48.54 -36.88 -48.80
CA GLN G 336 48.38 -35.51 -49.29
C GLN G 336 47.69 -35.41 -50.66
N ARG G 337 46.40 -35.75 -50.65
CA ARG G 337 45.58 -35.42 -51.81
C ARG G 337 45.43 -33.91 -51.94
N ASN G 338 44.78 -33.28 -50.95
CA ASN G 338 44.78 -31.84 -50.84
C ASN G 338 45.42 -31.38 -49.54
N GLY G 339 44.85 -31.78 -48.41
CA GLY G 339 45.47 -31.59 -47.11
C GLY G 339 45.15 -32.79 -46.26
N LYS G 340 44.54 -33.79 -46.87
CA LYS G 340 44.04 -34.97 -46.20
C LYS G 340 44.88 -36.18 -46.58
N VAL G 341 44.50 -37.33 -46.04
CA VAL G 341 45.20 -38.57 -46.32
C VAL G 341 44.30 -39.46 -47.16
N VAL G 342 44.91 -40.28 -48.01
CA VAL G 342 44.20 -41.19 -48.89
C VAL G 342 44.76 -42.58 -48.68
N TYR G 343 43.88 -43.54 -48.45
CA TYR G 343 44.29 -44.89 -48.11
C TYR G 343 44.02 -45.81 -49.30
N ALA G 344 44.94 -46.74 -49.55
CA ALA G 344 44.81 -47.67 -50.65
C ALA G 344 44.89 -49.10 -50.13
N THR G 345 44.15 -49.98 -50.77
CA THR G 345 43.84 -51.29 -50.20
C THR G 345 44.97 -52.30 -50.39
N GLY G 346 45.27 -52.64 -51.64
CA GLY G 346 46.11 -53.77 -51.94
C GLY G 346 47.59 -53.52 -51.77
N PRO G 347 48.40 -54.19 -52.56
CA PRO G 347 49.85 -54.01 -52.45
C PRO G 347 50.27 -52.71 -53.10
N TYR G 348 51.38 -52.17 -52.62
CA TYR G 348 51.82 -50.86 -53.06
C TYR G 348 53.32 -50.82 -53.15
N LEU G 349 53.82 -50.01 -54.08
CA LEU G 349 55.25 -49.89 -54.34
C LEU G 349 55.55 -48.40 -54.42
N THR G 350 56.12 -47.83 -53.37
CA THR G 350 56.45 -46.42 -53.32
C THR G 350 57.94 -46.23 -53.56
N VAL G 351 58.27 -45.30 -54.44
CA VAL G 351 59.65 -44.98 -54.75
C VAL G 351 60.12 -43.88 -53.81
N LYS G 352 61.43 -43.72 -53.70
CA LYS G 352 62.05 -42.65 -52.90
C LYS G 352 63.09 -41.99 -53.78
N ASP G 353 62.69 -40.92 -54.48
CA ASP G 353 63.57 -40.22 -55.41
C ASP G 353 64.50 -39.28 -54.65
N HIS G 354 65.59 -39.84 -54.14
CA HIS G 354 66.61 -39.07 -53.43
C HIS G 354 67.76 -38.69 -54.34
N LEU G 355 67.49 -38.41 -55.61
CA LEU G 355 68.54 -38.06 -56.55
C LEU G 355 68.94 -36.60 -56.49
N GLN G 356 68.39 -35.84 -55.54
CA GLN G 356 68.90 -34.53 -55.17
C GLN G 356 69.53 -34.54 -53.78
N ASP G 357 69.76 -35.70 -53.21
CA ASP G 357 70.40 -35.80 -51.90
C ASP G 357 71.91 -36.01 -52.09
N ASP G 358 72.65 -35.92 -50.99
CA ASP G 358 74.05 -36.34 -50.97
C ASP G 358 74.21 -37.62 -50.18
N PRO G 359 74.72 -38.71 -50.79
CA PRO G 359 74.92 -38.89 -52.23
C PRO G 359 73.56 -39.20 -52.87
N PRO G 360 73.41 -39.01 -54.18
CA PRO G 360 72.14 -39.39 -54.81
C PRO G 360 71.92 -40.88 -54.72
N TYR G 361 70.74 -41.26 -54.26
CA TYR G 361 70.38 -42.66 -54.14
C TYR G 361 68.90 -42.79 -54.43
N TYR G 362 68.42 -44.02 -54.46
CA TYR G 362 67.10 -44.29 -54.99
C TYR G 362 66.61 -45.59 -54.38
N ALA G 363 65.52 -45.54 -53.62
CA ALA G 363 65.01 -46.70 -52.93
C ALA G 363 63.52 -46.88 -53.22
N ILE G 364 63.09 -48.13 -53.31
CA ILE G 364 61.69 -48.45 -53.53
C ILE G 364 61.22 -49.29 -52.35
N ILE G 365 60.03 -48.96 -51.83
CA ILE G 365 59.51 -49.54 -50.60
C ILE G 365 58.18 -50.21 -50.93
N ALA G 366 58.07 -51.49 -50.62
CA ALA G 366 56.88 -52.23 -51.02
C ALA G 366 56.39 -53.09 -49.87
N GLY G 367 55.18 -53.57 -50.02
CA GLY G 367 54.57 -54.42 -49.02
C GLY G 367 53.06 -54.35 -49.08
N PHE G 368 52.43 -55.10 -48.17
CA PHE G 368 50.99 -55.18 -48.17
C PHE G 368 50.50 -55.49 -46.77
N HIS G 369 49.22 -55.23 -46.55
CA HIS G 369 48.55 -55.55 -45.30
C HIS G 369 47.40 -56.48 -45.61
N GLY G 370 47.37 -57.64 -44.97
CA GLY G 370 46.33 -58.60 -45.30
C GLY G 370 46.36 -59.77 -44.34
N LEU G 371 45.45 -60.72 -44.60
CA LEU G 371 45.25 -61.89 -43.76
C LEU G 371 44.40 -62.93 -44.48
N PRO G 372 44.78 -64.21 -44.46
CA PRO G 372 43.87 -65.25 -44.95
C PRO G 372 42.74 -65.48 -43.96
N GLN G 373 41.64 -66.00 -44.48
CA GLN G 373 40.41 -66.04 -43.71
C GLN G 373 39.59 -67.22 -44.16
N LEU G 374 38.83 -67.80 -43.25
CA LEU G 374 37.94 -68.91 -43.54
C LEU G 374 36.50 -68.42 -43.46
N SER G 375 35.77 -68.54 -44.56
CA SER G 375 34.44 -67.94 -44.63
C SER G 375 33.39 -68.81 -43.94
N GLY G 376 33.18 -70.00 -44.47
CA GLY G 376 32.06 -70.79 -43.98
C GLY G 376 32.39 -71.72 -42.85
N TYR G 377 32.19 -71.26 -41.62
CA TYR G 377 32.22 -72.13 -40.47
C TYR G 377 30.88 -72.85 -40.34
N ASN G 378 30.84 -73.82 -39.44
CA ASN G 378 29.59 -74.51 -39.20
C ASN G 378 28.64 -73.58 -38.46
N THR G 379 27.34 -73.83 -38.60
CA THR G 379 26.34 -72.94 -38.03
C THR G 379 25.84 -73.40 -36.67
N GLU G 380 25.73 -74.71 -36.45
CA GLU G 380 25.17 -75.21 -35.21
C GLU G 380 26.19 -75.12 -34.09
N ASP G 381 27.29 -75.86 -34.21
CA ASP G 381 28.50 -75.56 -33.46
C ASP G 381 29.31 -74.58 -34.30
N PHE G 382 30.56 -74.33 -33.91
CA PHE G 382 31.40 -73.47 -34.70
C PHE G 382 32.67 -74.19 -35.13
N SER G 383 32.48 -75.42 -35.60
CA SER G 383 33.58 -76.20 -36.12
C SER G 383 33.80 -75.86 -37.60
N PHE G 384 34.89 -76.38 -38.16
CA PHE G 384 35.20 -76.18 -39.57
C PHE G 384 35.69 -77.50 -40.14
N HIS G 385 34.76 -78.33 -40.58
CA HIS G 385 35.07 -79.61 -41.19
C HIS G 385 35.07 -79.42 -42.70
N ARG G 386 36.17 -78.92 -43.22
CA ARG G 386 36.16 -78.74 -44.66
C ARG G 386 37.35 -79.38 -45.37
N PHE G 387 38.55 -79.26 -44.84
CA PHE G 387 39.70 -79.91 -45.45
C PHE G 387 40.50 -80.66 -44.39
N LYS G 388 40.95 -81.86 -44.73
CA LYS G 388 41.60 -82.74 -43.77
C LYS G 388 42.80 -83.40 -44.41
N TRP G 389 43.81 -83.66 -43.59
CA TRP G 389 45.05 -84.30 -44.01
C TRP G 389 45.14 -85.68 -43.39
N LEU G 390 45.88 -86.56 -44.05
CA LEU G 390 46.34 -87.79 -43.40
C LEU G 390 47.59 -88.26 -44.11
N LYS G 391 48.59 -88.67 -43.32
CA LYS G 391 49.71 -89.41 -43.87
C LYS G 391 49.26 -90.85 -44.09
N TYR G 392 49.71 -91.46 -45.18
CA TYR G 392 49.20 -92.79 -45.50
C TYR G 392 50.31 -93.79 -45.80
N ALA G 393 51.41 -93.31 -46.36
CA ALA G 393 52.50 -94.19 -46.77
C ALA G 393 53.76 -93.84 -46.01
N ASN G 394 54.50 -94.86 -45.60
CA ASN G 394 55.74 -94.65 -44.88
C ASN G 394 56.96 -94.73 -45.79
N ASN G 395 57.07 -95.80 -46.57
CA ASN G 395 58.17 -95.97 -47.51
C ASN G 395 57.63 -95.82 -48.94
N VAL G 396 57.52 -94.56 -49.36
CA VAL G 396 56.99 -94.22 -50.67
C VAL G 396 57.99 -93.43 -51.51
N GLN G 397 59.01 -92.84 -50.89
CA GLN G 397 60.11 -92.22 -51.62
C GLN G 397 60.90 -93.24 -52.43
N SER G 398 60.96 -94.49 -51.97
CA SER G 398 61.63 -95.54 -52.70
C SER G 398 60.91 -95.91 -54.00
N TYR G 399 59.62 -95.59 -54.10
CA TYR G 399 58.89 -95.79 -55.33
C TYR G 399 59.18 -94.71 -56.36
N LEU G 400 59.73 -93.63 -55.95
CA LEU G 400 59.90 -92.48 -56.83
C LEU G 400 61.29 -92.47 -57.44
N PRO G 401 61.44 -91.91 -58.65
CA PRO G 401 62.76 -91.80 -59.25
C PRO G 401 63.60 -90.76 -58.52
N PRO G 402 64.93 -90.89 -58.55
CA PRO G 402 65.78 -89.87 -57.95
C PRO G 402 65.81 -88.62 -58.82
N PHE G 403 66.46 -87.59 -58.29
CA PHE G 403 66.32 -86.25 -58.81
C PHE G 403 67.61 -85.79 -59.48
N PRO G 404 67.55 -84.96 -60.52
CA PRO G 404 68.77 -84.44 -61.11
C PRO G 404 69.34 -83.32 -60.27
N PRO G 405 70.65 -83.15 -60.28
CA PRO G 405 71.25 -82.00 -59.57
C PRO G 405 70.90 -80.69 -60.26
N LYS G 406 70.95 -79.62 -59.48
CA LYS G 406 70.61 -78.30 -59.98
C LYS G 406 71.70 -77.81 -60.92
N VAL G 407 71.29 -77.32 -62.09
CA VAL G 407 72.25 -76.82 -63.05
C VAL G 407 72.78 -75.47 -62.58
N GLU G 408 74.10 -75.30 -62.63
CA GLU G 408 74.73 -74.06 -62.20
C GLU G 408 74.92 -73.10 -63.35
N LEU G 409 74.94 -73.62 -64.59
CA LEU G 409 75.27 -72.92 -65.82
C LEU G 409 76.56 -72.11 -65.74
N MET H 1 66.41 56.85 3.25
CA MET H 1 67.38 57.13 4.31
C MET H 1 68.58 57.89 3.76
N ASP H 2 69.01 57.58 2.55
CA ASP H 2 70.11 58.34 1.99
C ASP H 2 69.78 59.02 0.67
N LYS H 3 69.14 58.33 -0.27
CA LYS H 3 68.86 58.97 -1.55
C LYS H 3 67.57 59.76 -1.51
N VAL H 4 66.58 59.29 -0.76
CA VAL H 4 65.31 59.97 -0.61
C VAL H 4 65.20 60.39 0.84
N LYS H 5 65.11 61.69 1.07
CA LYS H 5 64.69 62.22 2.37
C LYS H 5 63.20 62.51 2.29
N LEU H 6 62.50 62.21 3.37
CA LEU H 6 61.04 62.30 3.39
C LEU H 6 60.63 63.76 3.60
N PHE H 7 59.33 63.99 3.83
CA PHE H 7 58.88 65.32 4.23
C PHE H 7 59.39 65.66 5.62
N GLN H 8 59.84 66.91 5.77
CA GLN H 8 60.41 67.40 7.00
C GLN H 8 60.29 68.91 7.01
N THR H 9 59.90 69.46 8.16
CA THR H 9 59.51 70.85 8.22
C THR H 9 60.71 71.77 8.13
N ILE H 10 60.43 73.03 7.80
CA ILE H 10 61.44 74.07 7.70
C ILE H 10 61.23 75.14 8.76
N GLY H 11 60.02 75.66 8.87
CA GLY H 11 59.72 76.67 9.87
C GLY H 11 58.25 76.99 9.97
N ARG H 12 57.81 77.42 11.14
CA ARG H 12 56.40 77.73 11.38
C ARG H 12 56.24 79.18 11.79
N VAL H 13 55.23 79.83 11.22
CA VAL H 13 54.85 81.17 11.63
C VAL H 13 53.52 81.07 12.36
N GLU H 14 53.34 81.93 13.36
CA GLU H 14 52.19 81.85 14.26
C GLU H 14 51.72 83.28 14.50
N TYR H 15 50.80 83.75 13.66
CA TYR H 15 50.29 85.10 13.78
C TYR H 15 49.14 85.13 14.78
N TRP H 16 49.32 85.88 15.85
CA TRP H 16 48.30 86.03 16.88
C TRP H 16 47.49 87.30 16.65
N GLU H 17 46.66 87.64 17.63
CA GLU H 17 45.83 88.82 17.61
C GLU H 17 46.16 89.66 18.84
N ARG H 18 46.18 90.98 18.67
CA ARG H 18 46.72 91.87 19.70
C ARG H 18 45.82 91.95 20.93
N VAL H 19 46.36 92.53 21.99
CA VAL H 19 45.74 92.58 23.31
C VAL H 19 44.52 93.48 23.28
N PRO H 20 43.34 92.98 23.65
CA PRO H 20 42.15 93.82 23.73
C PRO H 20 42.13 94.60 25.04
N ARG H 21 41.23 95.57 25.11
CA ARG H 21 40.99 96.33 26.32
C ARG H 21 39.59 96.91 26.25
N LEU H 22 39.18 97.62 27.32
CA LEU H 22 37.86 98.23 27.33
C LEU H 22 37.79 99.42 26.39
N HIS H 23 36.75 99.42 25.54
CA HIS H 23 36.48 100.56 24.68
C HIS H 23 36.05 101.79 25.48
N ALA H 24 35.30 101.58 26.55
CA ALA H 24 34.76 102.71 27.31
C ALA H 24 35.82 103.40 28.14
N TYR H 25 36.87 102.69 28.52
CA TYR H 25 37.76 103.24 29.52
C TYR H 25 38.88 104.07 28.92
N GLY H 26 38.99 104.12 27.59
CA GLY H 26 39.89 105.05 26.94
C GLY H 26 41.33 104.62 27.03
N VAL H 27 42.18 105.42 26.40
CA VAL H 27 43.61 105.15 26.41
C VAL H 27 44.34 106.47 26.62
N PHE H 28 45.52 106.39 27.23
CA PHE H 28 46.38 107.55 27.42
C PHE H 28 47.82 107.04 27.46
N ALA H 29 48.67 107.59 26.60
CA ALA H 29 49.99 107.02 26.39
C ALA H 29 50.98 108.12 26.12
N LEU H 30 52.18 107.98 26.68
CA LEU H 30 53.30 108.87 26.45
C LEU H 30 54.55 108.06 26.15
N PRO H 31 55.35 108.48 25.17
CA PRO H 31 56.53 107.69 24.81
C PRO H 31 57.67 107.86 25.80
N PHE H 32 58.34 106.76 26.09
CA PHE H 32 59.45 106.69 27.02
C PHE H 32 60.66 106.02 26.37
N PRO H 33 61.85 106.34 26.84
CA PRO H 33 63.04 105.66 26.34
C PRO H 33 63.27 104.34 27.05
N MET H 34 63.78 103.37 26.29
CA MET H 34 64.05 102.05 26.81
C MET H 34 65.44 102.03 27.43
N ASP H 35 65.53 101.42 28.61
CA ASP H 35 66.81 101.25 29.30
C ASP H 35 67.69 100.32 28.48
N PRO H 36 68.90 100.74 28.08
CA PRO H 36 69.74 99.86 27.26
C PRO H 36 70.37 98.70 28.03
N ASP H 37 70.30 98.72 29.36
CA ASP H 37 70.98 97.70 30.15
C ASP H 37 70.24 96.38 30.09
N VAL H 38 68.94 96.39 30.33
CA VAL H 38 68.15 95.17 30.42
C VAL H 38 67.94 94.60 29.02
N ASN H 39 67.90 93.27 28.93
CA ASN H 39 67.77 92.57 27.65
C ASN H 39 66.34 92.68 27.19
N TRP H 40 66.07 93.71 26.38
CA TRP H 40 64.75 93.85 25.78
C TRP H 40 64.49 92.84 24.67
N ALA H 41 65.46 91.99 24.33
CA ALA H 41 65.19 90.96 23.34
C ALA H 41 64.42 89.81 23.95
N GLN H 42 64.69 89.47 25.20
CA GLN H 42 64.08 88.31 25.82
C GLN H 42 62.73 88.61 26.46
N TRP H 43 62.16 89.77 26.17
CA TRP H 43 60.80 90.10 26.53
C TRP H 43 59.86 90.07 25.34
N PHE H 44 60.38 90.06 24.12
CA PHE H 44 59.59 90.15 22.90
C PHE H 44 59.77 88.90 22.05
N THR H 45 59.98 87.75 22.70
CA THR H 45 60.23 86.52 21.97
C THR H 45 58.94 85.85 21.53
N GLY H 46 58.12 85.45 22.49
CA GLY H 46 56.93 84.68 22.24
C GLY H 46 55.88 85.43 21.46
N PRO H 47 55.41 84.85 20.37
CA PRO H 47 54.49 85.57 19.47
C PRO H 47 53.10 85.71 20.05
N HIS H 48 52.76 84.97 21.10
CA HIS H 48 51.52 85.19 21.82
C HIS H 48 51.55 86.56 22.48
N PRO H 49 50.43 87.28 22.49
CA PRO H 49 50.43 88.65 22.99
C PRO H 49 50.52 88.71 24.51
N ARG H 50 51.47 89.49 25.01
CA ARG H 50 51.65 89.65 26.44
C ARG H 50 51.62 91.11 26.80
N ALA H 51 51.92 91.41 28.07
CA ALA H 51 51.96 92.76 28.59
C ALA H 51 52.73 92.70 29.90
N PHE H 52 53.54 93.72 30.15
CA PHE H 52 54.45 93.66 31.28
C PHE H 52 54.67 95.07 31.82
N LEU H 53 54.72 95.18 33.14
CA LEU H 53 54.83 96.47 33.77
C LEU H 53 56.27 96.98 33.68
N VAL H 54 56.42 98.24 33.31
CA VAL H 54 57.72 98.87 33.26
C VAL H 54 57.79 99.89 34.40
N SER H 55 58.99 100.37 34.66
CA SER H 55 59.21 101.26 35.79
C SER H 55 60.32 102.24 35.45
N ILE H 56 60.07 103.51 35.67
CA ILE H 56 60.96 104.57 35.28
C ILE H 56 61.97 104.82 36.40
N HIS H 57 63.19 105.19 36.01
CA HIS H 57 64.14 105.67 37.00
C HIS H 57 63.75 107.08 37.44
N LYS H 58 64.31 107.50 38.57
CA LYS H 58 64.02 108.84 39.08
C LYS H 58 65.25 109.68 39.34
N TYR H 59 66.44 109.09 39.40
CA TYR H 59 67.66 109.86 39.58
C TYR H 59 68.80 109.06 38.95
N GLY H 60 70.03 109.52 39.18
CA GLY H 60 71.19 108.88 38.63
C GLY H 60 71.33 109.17 37.16
N PRO H 61 72.16 108.38 36.46
CA PRO H 61 72.46 108.67 35.06
C PRO H 61 71.39 108.24 34.09
N LYS H 62 70.34 107.54 34.55
CA LYS H 62 69.38 106.95 33.63
C LYS H 62 67.96 107.37 33.94
N ALA H 63 67.77 108.56 34.50
CA ALA H 63 66.43 109.01 34.85
C ALA H 63 65.63 109.33 33.60
N GLY H 64 64.43 108.77 33.53
CA GLY H 64 63.59 108.83 32.35
C GLY H 64 63.48 107.51 31.64
N HIS H 65 64.52 106.69 31.67
CA HIS H 65 64.47 105.39 31.04
C HIS H 65 63.64 104.44 31.87
N VAL H 66 62.92 103.55 31.19
CA VAL H 66 62.07 102.57 31.85
C VAL H 66 62.70 101.19 31.69
N TYR H 67 62.60 100.39 32.74
CA TYR H 67 63.03 99.01 32.74
C TYR H 67 61.89 98.17 33.30
N PRO H 68 61.77 96.91 32.89
CA PRO H 68 60.62 96.10 33.31
C PRO H 68 60.67 95.78 34.80
N THR H 69 59.49 95.63 35.38
CA THR H 69 59.32 95.71 36.82
C THR H 69 59.40 94.31 37.42
N ASN H 70 60.56 93.97 37.96
CA ASN H 70 60.64 92.79 38.80
C ASN H 70 59.93 93.04 40.12
N LEU H 71 59.33 91.98 40.66
CA LEU H 71 58.50 92.09 41.86
C LEU H 71 59.27 91.83 43.13
N THR H 72 60.57 92.14 43.14
CA THR H 72 61.42 91.95 44.30
C THR H 72 61.93 93.26 44.86
N ASP H 73 62.53 94.11 44.03
CA ASP H 73 63.13 95.35 44.50
C ASP H 73 62.07 96.41 44.69
N GLU H 74 62.20 97.17 45.77
CA GLU H 74 61.17 98.13 46.15
C GLU H 74 61.25 99.40 45.32
N ASP H 75 62.45 99.81 44.92
CA ASP H 75 62.61 100.99 44.08
C ASP H 75 62.01 100.79 42.69
N ALA H 76 61.90 99.54 42.23
CA ALA H 76 61.16 99.28 41.00
C ALA H 76 59.66 99.30 41.22
N LEU H 77 59.20 98.92 42.42
CA LEU H 77 57.77 98.89 42.68
C LEU H 77 57.22 100.29 42.85
N LEU H 78 57.91 101.14 43.60
CA LEU H 78 57.42 102.48 43.88
C LEU H 78 57.66 103.46 42.74
N ASN H 79 58.10 102.99 41.58
CA ASN H 79 58.41 103.84 40.43
C ASN H 79 57.79 103.29 39.16
N VAL H 80 56.74 102.48 39.28
CA VAL H 80 56.10 101.87 38.13
C VAL H 80 55.30 102.94 37.38
N ILE H 81 55.25 102.81 36.05
CA ILE H 81 54.70 103.89 35.24
C ILE H 81 53.66 103.36 34.25
N GLY H 82 53.53 102.05 34.15
CA GLY H 82 52.50 101.49 33.30
C GLY H 82 52.98 100.21 32.65
N MET H 83 52.18 99.70 31.72
CA MET H 83 52.53 98.49 31.00
C MET H 83 52.56 98.74 29.51
N VAL H 84 53.28 97.86 28.80
CA VAL H 84 53.44 97.94 27.36
C VAL H 84 52.60 96.83 26.74
N LEU H 85 51.80 97.16 25.73
CA LEU H 85 50.75 96.25 25.30
C LEU H 85 51.13 95.43 24.06
N ASP H 86 51.35 96.09 22.93
CA ASP H 86 51.42 95.40 21.65
C ASP H 86 52.82 94.90 21.32
N GLY H 87 53.70 94.79 22.30
CA GLY H 87 55.09 94.56 21.99
C GLY H 87 55.69 95.82 21.39
N HIS H 88 56.89 95.66 20.83
CA HIS H 88 57.58 96.79 20.24
C HIS H 88 58.65 96.27 19.29
N ASP H 89 59.05 97.13 18.36
CA ASP H 89 60.22 96.88 17.52
C ASP H 89 61.45 97.23 18.33
N TYR H 90 61.96 96.24 19.08
CA TYR H 90 63.05 96.47 20.02
C TYR H 90 64.40 96.62 19.31
N GLU H 91 64.56 96.00 18.15
CA GLU H 91 65.82 96.12 17.42
C GLU H 91 65.96 97.50 16.81
N ASN H 92 64.88 98.02 16.25
CA ASN H 92 64.94 99.16 15.35
C ASN H 92 64.51 100.46 16.03
N ASP H 93 64.37 100.44 17.36
CA ASP H 93 63.87 101.61 18.08
C ASP H 93 64.26 101.52 19.56
N PRO H 94 64.93 102.53 20.12
CA PRO H 94 65.18 102.56 21.56
C PRO H 94 64.10 103.23 22.40
N ASN H 95 62.90 103.47 21.86
CA ASN H 95 61.83 104.09 22.61
C ASN H 95 60.62 103.17 22.66
N VAL H 96 59.67 103.50 23.52
CA VAL H 96 58.54 102.60 23.78
C VAL H 96 57.34 103.44 24.19
N THR H 97 56.15 103.01 23.78
CA THR H 97 54.91 103.72 24.06
C THR H 97 54.25 103.05 25.27
N VAL H 98 54.58 103.52 26.46
CA VAL H 98 54.03 102.94 27.68
C VAL H 98 52.62 103.46 27.87
N THR H 99 51.66 102.54 27.99
CA THR H 99 50.27 102.92 28.19
C THR H 99 50.03 103.24 29.65
N LEU H 100 49.47 104.43 29.91
CA LEU H 100 49.30 104.92 31.28
C LEU H 100 47.96 104.48 31.88
N LYS H 101 46.86 104.89 31.26
CA LYS H 101 45.53 104.49 31.71
C LYS H 101 44.92 103.60 30.64
N ALA H 102 44.54 102.39 31.05
CA ALA H 102 43.87 101.44 30.18
C ALA H 102 43.11 100.47 31.06
N ALA H 103 42.59 99.40 30.45
CA ALA H 103 41.84 98.37 31.17
C ALA H 103 42.16 97.03 30.51
N VAL H 104 43.21 96.39 30.98
CA VAL H 104 43.77 95.21 30.31
C VAL H 104 43.30 93.98 31.04
N PRO H 105 42.95 92.89 30.34
CA PRO H 105 42.53 91.65 31.01
C PRO H 105 43.57 91.00 31.93
N ILE H 106 43.13 89.96 32.62
CA ILE H 106 43.97 89.28 33.58
C ILE H 106 44.76 88.14 32.96
N GLU H 107 44.23 87.50 31.91
CA GLU H 107 44.94 86.41 31.27
C GLU H 107 46.13 86.91 30.46
N TYR H 108 46.17 88.19 30.13
CA TYR H 108 47.14 88.71 29.18
C TYR H 108 48.20 89.56 29.86
N VAL H 109 48.58 89.22 31.10
CA VAL H 109 49.65 89.90 31.82
C VAL H 109 50.57 88.85 32.40
N GLN H 110 51.82 88.82 31.95
CA GLN H 110 52.80 87.84 32.43
C GLN H 110 54.10 88.59 32.66
N GLN H 111 54.35 88.98 33.91
CA GLN H 111 55.49 89.82 34.21
C GLN H 111 56.81 89.04 34.19
N ASP H 112 56.77 87.73 34.31
CA ASP H 112 58.00 87.02 33.99
C ASP H 112 58.16 86.92 32.47
N PRO H 113 59.39 87.02 31.96
CA PRO H 113 59.56 86.88 30.51
C PRO H 113 59.42 85.44 30.05
N GLN H 114 59.93 84.49 30.83
CA GLN H 114 59.73 83.07 30.56
C GLN H 114 58.53 82.51 31.31
N ALA H 115 57.41 83.20 31.21
CA ALA H 115 56.18 82.82 31.86
C ALA H 115 55.36 81.93 30.94
N PRO H 116 54.32 81.26 31.45
CA PRO H 116 53.37 80.60 30.55
C PRO H 116 52.66 81.61 29.66
N ALA H 117 52.34 81.17 28.46
CA ALA H 117 51.60 81.99 27.51
C ALA H 117 50.13 82.04 27.92
N LEU H 118 49.60 83.26 27.98
CA LEU H 118 48.17 83.55 28.17
C LEU H 118 47.62 83.04 29.49
N GLN H 119 48.48 82.83 30.47
CA GLN H 119 48.04 82.39 31.78
C GLN H 119 48.12 83.56 32.76
N PRO H 120 47.15 83.70 33.65
CA PRO H 120 47.17 84.81 34.61
C PRO H 120 48.29 84.62 35.61
N HIS H 121 49.27 85.53 35.58
CA HIS H 121 50.43 85.41 36.43
C HIS H 121 50.04 85.68 37.87
N GLN H 122 50.38 84.74 38.76
CA GLN H 122 49.85 84.78 40.11
C GLN H 122 50.47 85.88 40.96
N ALA H 123 51.75 86.19 40.71
CA ALA H 123 52.45 87.14 41.57
C ALA H 123 51.94 88.57 41.39
N VAL H 124 51.40 88.88 40.21
CA VAL H 124 50.79 90.18 40.00
C VAL H 124 49.51 90.30 40.82
N LEU H 125 48.69 89.25 40.82
CA LEU H 125 47.48 89.24 41.62
C LEU H 125 47.77 89.23 43.10
N ASP H 126 48.91 88.67 43.50
CA ASP H 126 49.29 88.68 44.90
C ASP H 126 49.79 90.06 45.35
N ALA H 127 50.19 90.91 44.41
CA ALA H 127 50.69 92.23 44.70
C ALA H 127 50.07 93.27 43.77
N ALA H 128 48.75 93.21 43.64
CA ALA H 128 48.03 94.15 42.79
C ALA H 128 47.64 95.42 43.51
N GLU H 129 47.88 95.51 44.81
CA GLU H 129 47.60 96.72 45.56
C GLU H 129 48.82 97.61 45.72
N VAL H 130 50.01 97.01 45.84
CA VAL H 130 51.22 97.81 45.94
C VAL H 130 51.62 98.38 44.59
N LEU H 131 51.10 97.83 43.50
CA LEU H 131 51.37 98.33 42.16
C LEU H 131 50.31 99.28 41.66
N LYS H 132 49.31 99.59 42.49
CA LYS H 132 48.21 100.52 42.18
C LYS H 132 47.40 100.07 40.97
N LEU H 133 47.29 98.77 40.74
CA LEU H 133 46.32 98.25 39.79
C LEU H 133 45.04 97.92 40.54
N LYS H 134 44.06 97.38 39.81
CA LYS H 134 42.78 97.04 40.41
C LYS H 134 42.11 95.98 39.56
N VAL H 135 41.68 94.90 40.20
CA VAL H 135 40.94 93.84 39.53
C VAL H 135 39.46 94.02 39.84
N ILE H 136 38.63 93.99 38.82
CA ILE H 136 37.20 94.15 39.03
C ILE H 136 36.45 92.93 38.51
N LYS H 137 36.53 92.65 37.21
CA LYS H 137 35.87 91.43 36.77
C LYS H 137 36.91 90.33 36.59
N GLY H 138 37.78 90.51 35.61
CA GLY H 138 39.10 89.93 35.67
C GLY H 138 40.06 91.05 35.39
N HIS H 139 39.55 92.03 34.64
CA HIS H 139 40.39 92.98 33.94
C HIS H 139 41.12 93.91 34.90
N TYR H 140 42.40 94.13 34.62
CA TYR H 140 43.20 95.03 35.43
C TYR H 140 42.83 96.46 35.10
N PHE H 141 42.36 97.19 36.10
CA PHE H 141 42.09 98.61 35.95
C PHE H 141 43.22 99.36 36.60
N PHE H 142 43.79 100.32 35.89
CA PHE H 142 44.97 101.00 36.39
C PHE H 142 45.05 102.38 35.77
N ASP H 143 45.59 103.30 36.54
CA ASP H 143 45.72 104.68 36.10
C ASP H 143 46.89 105.29 36.86
N TYR H 144 48.01 105.48 36.16
CA TYR H 144 49.17 106.09 36.76
C TYR H 144 49.24 107.59 36.50
N THR H 145 48.08 108.22 36.37
CA THR H 145 47.99 109.66 36.31
C THR H 145 47.62 110.23 37.69
N ARG H 146 47.24 109.35 38.61
CA ARG H 146 46.81 109.67 39.98
C ARG H 146 45.65 110.66 39.99
N MET I 1 -44.48 42.16 41.01
CA MET I 1 -44.80 41.69 42.36
C MET I 1 -45.69 42.68 43.09
N ASP I 2 -45.50 43.98 42.84
CA ASP I 2 -46.37 44.99 43.43
C ASP I 2 -47.21 45.73 42.40
N LYS I 3 -46.59 46.45 41.48
CA LYS I 3 -47.38 47.23 40.54
C LYS I 3 -47.86 46.44 39.35
N VAL I 4 -47.24 45.29 39.07
CA VAL I 4 -47.57 44.48 37.92
C VAL I 4 -47.76 43.04 38.40
N LYS I 5 -48.95 42.49 38.20
CA LYS I 5 -49.22 41.09 38.45
C LYS I 5 -49.25 40.35 37.12
N LEU I 6 -48.59 39.21 37.08
CA LEU I 6 -48.42 38.45 35.84
C LEU I 6 -49.67 37.63 35.54
N PHE I 7 -49.55 36.72 34.58
CA PHE I 7 -50.63 35.80 34.27
C PHE I 7 -50.88 34.83 35.41
N GLN I 8 -52.15 34.45 35.55
CA GLN I 8 -52.58 33.49 36.55
C GLN I 8 -53.88 32.87 36.07
N THR I 9 -53.99 31.55 36.23
CA THR I 9 -55.14 30.82 35.72
C THR I 9 -56.39 31.13 36.55
N ILE I 10 -57.46 31.55 35.88
CA ILE I 10 -58.73 31.81 36.54
C ILE I 10 -59.62 30.59 36.44
N GLY I 11 -59.98 30.21 35.22
CA GLY I 11 -61.00 29.20 35.03
C GLY I 11 -60.48 27.88 34.51
N ARG I 12 -61.23 26.81 34.77
CA ARG I 12 -60.90 25.50 34.22
C ARG I 12 -62.19 24.75 33.97
N VAL I 13 -62.51 24.54 32.70
CA VAL I 13 -63.67 23.77 32.28
C VAL I 13 -63.20 22.59 31.44
N GLU I 14 -63.60 21.40 31.84
CA GLU I 14 -63.33 20.19 31.09
C GLU I 14 -64.65 19.55 30.69
N TYR I 15 -64.65 18.91 29.52
CA TYR I 15 -65.87 18.37 28.94
C TYR I 15 -65.59 17.00 28.35
N TRP I 16 -66.47 16.06 28.62
CA TRP I 16 -66.31 14.66 28.26
C TRP I 16 -67.34 14.26 27.23
N GLU I 17 -67.28 12.98 26.84
CA GLU I 17 -68.30 12.36 26.02
C GLU I 17 -69.41 11.82 26.92
N ARG I 18 -70.25 10.95 26.39
CA ARG I 18 -71.31 10.33 27.16
C ARG I 18 -70.92 8.91 27.54
N VAL I 19 -71.85 8.18 28.17
CA VAL I 19 -71.61 6.81 28.59
C VAL I 19 -72.02 5.90 27.44
N PRO I 20 -71.09 5.19 26.80
CA PRO I 20 -71.44 4.42 25.60
C PRO I 20 -72.11 3.10 25.94
N ARG I 21 -73.17 2.78 25.21
CA ARG I 21 -73.84 1.50 25.29
C ARG I 21 -73.61 0.74 23.99
N LEU I 22 -73.94 -0.54 23.99
CA LEU I 22 -73.82 -1.34 22.78
C LEU I 22 -74.95 -1.03 21.82
N HIS I 23 -74.60 -0.82 20.55
CA HIS I 23 -75.61 -0.72 19.51
C HIS I 23 -76.33 -2.04 19.29
N ALA I 24 -75.61 -3.16 19.39
CA ALA I 24 -76.16 -4.45 18.99
C ALA I 24 -77.17 -4.99 19.98
N TYR I 25 -77.22 -4.45 21.20
CA TYR I 25 -78.00 -5.11 22.23
C TYR I 25 -79.36 -4.49 22.46
N GLY I 26 -79.47 -3.16 22.47
CA GLY I 26 -80.77 -2.54 22.56
C GLY I 26 -80.97 -1.69 23.79
N VAL I 27 -81.89 -0.73 23.71
CA VAL I 27 -82.16 0.18 24.80
C VAL I 27 -83.66 0.16 25.09
N PHE I 28 -84.01 0.30 26.35
CA PHE I 28 -85.41 0.30 26.78
C PHE I 28 -85.51 1.14 28.04
N ALA I 29 -86.28 2.23 28.00
CA ALA I 29 -86.30 3.18 29.10
C ALA I 29 -87.72 3.58 29.45
N LEU I 30 -88.00 3.67 30.74
CA LEU I 30 -89.31 4.06 31.27
C LEU I 30 -89.12 5.09 32.38
N PRO I 31 -89.77 6.24 32.31
CA PRO I 31 -89.42 7.34 33.22
C PRO I 31 -90.13 7.21 34.56
N PHE I 32 -89.43 7.60 35.61
CA PHE I 32 -89.81 7.31 36.98
C PHE I 32 -89.70 8.53 37.87
N PRO I 33 -90.53 8.60 38.91
CA PRO I 33 -90.39 9.70 39.87
C PRO I 33 -89.15 9.55 40.71
N MET I 34 -88.46 10.66 40.94
CA MET I 34 -87.24 10.66 41.73
C MET I 34 -87.59 10.82 43.20
N ASP I 35 -87.01 9.98 44.04
CA ASP I 35 -87.25 10.02 45.48
C ASP I 35 -86.66 11.29 46.06
N PRO I 36 -87.47 12.18 46.66
CA PRO I 36 -86.94 13.48 47.07
C PRO I 36 -86.06 13.45 48.31
N ASP I 37 -86.01 12.34 49.04
CA ASP I 37 -85.25 12.32 50.29
C ASP I 37 -83.75 12.22 50.06
N VAL I 38 -83.33 11.44 49.08
CA VAL I 38 -81.91 11.25 48.82
C VAL I 38 -81.36 12.50 48.15
N ASN I 39 -80.14 12.88 48.53
CA ASN I 39 -79.52 14.09 47.99
C ASN I 39 -79.10 13.84 46.55
N TRP I 40 -79.97 14.20 45.62
CA TRP I 40 -79.70 13.93 44.21
C TRP I 40 -78.61 14.79 43.63
N ALA I 41 -78.35 15.97 44.21
CA ALA I 41 -77.31 16.85 43.68
C ALA I 41 -75.92 16.29 43.88
N GLN I 42 -75.74 15.34 44.79
CA GLN I 42 -74.47 14.66 44.97
C GLN I 42 -74.19 13.68 43.84
N TRP I 43 -75.24 13.12 43.25
CA TRP I 43 -75.08 12.06 42.26
C TRP I 43 -74.81 12.56 40.86
N PHE I 44 -74.87 13.87 40.65
CA PHE I 44 -74.67 14.45 39.32
C PHE I 44 -73.64 15.58 39.39
N THR I 45 -72.62 15.40 40.23
CA THR I 45 -71.64 16.48 40.45
C THR I 45 -70.66 16.59 39.30
N GLY I 46 -69.85 15.55 39.09
CA GLY I 46 -68.64 15.68 38.31
C GLY I 46 -68.84 15.66 36.82
N PRO I 47 -67.88 16.22 36.08
CA PRO I 47 -67.99 16.23 34.62
C PRO I 47 -67.66 14.89 33.99
N HIS I 48 -67.04 13.99 34.73
CA HIS I 48 -66.81 12.64 34.26
C HIS I 48 -68.12 11.89 34.06
N PRO I 49 -68.22 11.04 33.03
CA PRO I 49 -69.45 10.29 32.80
C PRO I 49 -69.53 9.04 33.66
N ARG I 50 -70.71 8.80 34.22
CA ARG I 50 -70.96 7.67 35.10
C ARG I 50 -72.38 7.17 34.90
N ALA I 51 -72.68 6.07 35.58
CA ALA I 51 -74.02 5.50 35.62
C ALA I 51 -74.15 4.68 36.89
N PHE I 52 -75.35 4.63 37.45
CA PHE I 52 -75.55 4.12 38.80
C PHE I 52 -76.87 3.39 38.90
N LEU I 53 -76.86 2.26 39.60
CA LEU I 53 -78.03 1.40 39.64
C LEU I 53 -79.11 1.97 40.54
N VAL I 54 -80.36 1.79 40.13
CA VAL I 54 -81.50 2.47 40.71
C VAL I 54 -82.52 1.42 41.13
N SER I 55 -83.04 1.52 42.34
CA SER I 55 -84.04 0.60 42.84
C SER I 55 -85.33 1.35 43.16
N ILE I 56 -86.45 0.70 42.90
CA ILE I 56 -87.78 1.29 43.02
C ILE I 56 -88.41 0.85 44.33
N HIS I 57 -89.15 1.75 44.96
CA HIS I 57 -89.99 1.36 46.10
C HIS I 57 -91.12 0.48 45.61
N LYS I 58 -91.22 -0.73 46.18
CA LYS I 58 -92.33 -1.62 45.83
C LYS I 58 -93.65 -1.09 46.38
N TYR I 59 -93.63 -0.59 47.61
CA TYR I 59 -94.85 -0.17 48.29
C TYR I 59 -94.49 0.97 49.22
N GLY I 60 -95.37 1.27 50.17
CA GLY I 60 -95.14 2.32 51.11
C GLY I 60 -95.78 3.61 50.64
N PRO I 61 -95.51 4.72 51.33
CA PRO I 61 -96.09 5.99 50.89
C PRO I 61 -95.46 6.52 49.63
N LYS I 62 -94.22 6.16 49.35
CA LYS I 62 -93.51 6.63 48.16
C LYS I 62 -93.42 5.55 47.09
N ALA I 63 -94.47 4.76 46.91
CA ALA I 63 -94.49 3.70 45.93
C ALA I 63 -94.48 4.28 44.53
N GLY I 64 -93.46 3.92 43.74
CA GLY I 64 -93.24 4.46 42.42
C GLY I 64 -92.02 5.35 42.34
N HIS I 65 -91.62 5.95 43.46
CA HIS I 65 -90.44 6.80 43.50
C HIS I 65 -89.18 5.96 43.51
N VAL I 66 -88.19 6.36 42.71
CA VAL I 66 -86.97 5.58 42.56
C VAL I 66 -85.80 6.35 43.16
N TYR I 67 -84.82 5.60 43.64
CA TYR I 67 -83.71 6.16 44.39
C TYR I 67 -82.47 5.36 44.06
N PRO I 68 -81.27 5.93 44.25
CA PRO I 68 -80.06 5.15 43.99
C PRO I 68 -79.89 4.02 44.98
N THR I 69 -79.54 2.86 44.44
CA THR I 69 -79.53 1.61 45.19
C THR I 69 -78.43 1.61 46.24
N ASN I 70 -78.80 1.34 47.48
CA ASN I 70 -77.84 1.14 48.54
C ASN I 70 -77.50 -0.34 48.60
N LEU I 71 -76.21 -0.64 48.62
CA LEU I 71 -75.72 -2.01 48.55
C LEU I 71 -75.65 -2.68 49.92
N THR I 72 -76.38 -2.16 50.91
CA THR I 72 -76.41 -2.76 52.24
C THR I 72 -77.73 -3.39 52.59
N ASP I 73 -78.84 -2.91 52.02
CA ASP I 73 -80.18 -3.34 52.40
C ASP I 73 -80.77 -4.23 51.32
N GLU I 74 -81.19 -5.44 51.70
CA GLU I 74 -81.65 -6.42 50.72
C GLU I 74 -83.00 -6.03 50.12
N ASP I 75 -83.84 -5.33 50.88
CA ASP I 75 -85.06 -4.80 50.30
C ASP I 75 -84.81 -3.62 49.36
N ALA I 76 -83.59 -3.08 49.34
CA ALA I 76 -83.14 -2.17 48.31
C ALA I 76 -82.34 -2.87 47.23
N LEU I 77 -81.93 -4.12 47.44
CA LEU I 77 -81.20 -4.87 46.44
C LEU I 77 -82.10 -5.67 45.52
N LEU I 78 -83.20 -6.21 46.05
CA LEU I 78 -84.02 -7.12 45.25
C LEU I 78 -84.87 -6.38 44.23
N ASN I 79 -85.34 -5.18 44.58
CA ASN I 79 -86.26 -4.43 43.74
C ASN I 79 -85.57 -3.46 42.80
N VAL I 80 -84.34 -3.76 42.38
CA VAL I 80 -83.62 -2.90 41.45
C VAL I 80 -84.29 -2.96 40.09
N ILE I 81 -84.42 -1.80 39.43
CA ILE I 81 -85.15 -1.72 38.18
C ILE I 81 -84.30 -1.21 37.01
N GLY I 82 -83.20 -0.51 37.24
CA GLY I 82 -82.40 -0.05 36.12
C GLY I 82 -81.25 0.82 36.53
N MET I 83 -80.82 1.66 35.60
CA MET I 83 -79.59 2.43 35.76
C MET I 83 -79.61 3.65 34.85
N VAL I 84 -79.38 4.82 35.43
CA VAL I 84 -79.44 6.07 34.68
C VAL I 84 -78.11 6.28 33.96
N LEU I 85 -78.14 6.26 32.64
CA LEU I 85 -76.90 6.36 31.87
C LEU I 85 -76.36 7.78 31.82
N ASP I 86 -77.19 8.74 31.42
CA ASP I 86 -76.64 10.01 30.96
C ASP I 86 -76.28 10.94 32.11
N GLY I 87 -77.25 11.36 32.89
CA GLY I 87 -77.08 12.45 33.83
C GLY I 87 -78.30 13.34 33.76
N HIS I 88 -78.50 14.12 34.82
CA HIS I 88 -79.82 14.70 35.01
C HIS I 88 -79.72 15.88 35.97
N ASP I 89 -80.73 16.75 35.92
CA ASP I 89 -80.78 17.96 36.76
C ASP I 89 -82.01 17.89 37.67
N TYR I 90 -81.77 17.51 38.92
CA TYR I 90 -82.84 17.43 39.91
C TYR I 90 -83.36 18.82 40.29
N GLU I 91 -82.60 19.87 40.06
CA GLU I 91 -83.10 21.21 40.31
C GLU I 91 -84.11 21.67 39.26
N ASN I 92 -84.37 20.87 38.23
CA ASN I 92 -85.41 21.20 37.26
C ASN I 92 -86.37 20.06 36.93
N ASP I 93 -86.14 18.85 37.43
CA ASP I 93 -87.02 17.75 37.07
C ASP I 93 -86.96 16.64 38.11
N PRO I 94 -88.07 16.28 38.71
CA PRO I 94 -88.09 15.12 39.60
C PRO I 94 -88.39 13.81 38.88
N ASN I 95 -88.20 13.77 37.57
CA ASN I 95 -88.59 12.61 36.76
C ASN I 95 -87.45 12.22 35.83
N VAL I 96 -86.64 11.26 36.25
CA VAL I 96 -85.47 10.83 35.51
C VAL I 96 -85.87 9.69 34.57
N THR I 97 -85.07 9.46 33.53
CA THR I 97 -85.34 8.42 32.54
C THR I 97 -84.46 7.22 32.86
N VAL I 98 -85.00 6.29 33.63
CA VAL I 98 -84.25 5.10 34.04
C VAL I 98 -84.22 4.11 32.89
N THR I 99 -83.03 3.64 32.54
CA THR I 99 -82.85 2.68 31.48
C THR I 99 -82.97 1.26 32.03
N LEU I 100 -83.82 0.45 31.40
CA LEU I 100 -84.12 -0.88 31.91
C LEU I 100 -83.27 -1.98 31.30
N LYS I 101 -82.95 -1.86 30.02
CA LYS I 101 -82.23 -2.90 29.29
C LYS I 101 -81.17 -2.24 28.44
N ALA I 102 -79.90 -2.34 28.85
CA ALA I 102 -78.81 -1.80 28.05
C ALA I 102 -77.55 -2.59 28.35
N ALA I 103 -76.41 -2.08 27.87
CA ALA I 103 -75.15 -2.79 27.96
C ALA I 103 -74.03 -1.78 28.13
N VAL I 104 -73.64 -1.53 29.38
CA VAL I 104 -72.73 -0.46 29.76
C VAL I 104 -71.45 -1.11 30.28
N PRO I 105 -70.26 -0.56 29.99
CA PRO I 105 -69.01 -1.11 30.52
C PRO I 105 -68.94 -1.12 32.04
N ILE I 106 -68.03 -1.95 32.54
CA ILE I 106 -67.72 -2.02 33.97
C ILE I 106 -67.07 -0.72 34.44
N GLU I 107 -66.42 0.00 33.53
CA GLU I 107 -65.69 1.20 33.87
C GLU I 107 -66.63 2.33 34.28
N TYR I 108 -67.87 2.29 33.80
CA TYR I 108 -68.79 3.40 33.89
C TYR I 108 -69.99 3.06 34.76
N VAL I 109 -69.83 2.11 35.67
CA VAL I 109 -70.84 1.82 36.66
C VAL I 109 -70.24 2.14 38.02
N GLN I 110 -70.69 3.25 38.60
CA GLN I 110 -70.20 3.70 39.89
C GLN I 110 -71.40 3.84 40.80
N GLN I 111 -71.48 2.99 41.81
CA GLN I 111 -72.63 3.03 42.69
C GLN I 111 -72.46 4.03 43.83
N ASP I 112 -71.27 4.60 43.99
CA ASP I 112 -71.10 5.62 45.01
C ASP I 112 -70.70 6.95 44.39
N PRO I 113 -71.22 8.07 44.89
CA PRO I 113 -70.91 9.36 44.26
C PRO I 113 -69.51 9.85 44.54
N GLN I 114 -68.86 9.37 45.59
CA GLN I 114 -67.46 9.71 45.86
C GLN I 114 -66.50 8.62 45.41
N ALA I 115 -67.00 7.54 44.83
CA ALA I 115 -66.13 6.53 44.26
C ALA I 115 -65.43 7.10 43.03
N PRO I 116 -64.18 6.71 42.78
CA PRO I 116 -63.43 7.33 41.68
C PRO I 116 -63.96 6.91 40.33
N ALA I 117 -64.06 7.87 39.43
CA ALA I 117 -64.56 7.60 38.09
C ALA I 117 -63.51 6.87 37.27
N LEU I 118 -63.98 6.34 36.13
CA LEU I 118 -63.16 5.68 35.11
C LEU I 118 -62.41 4.47 35.67
N GLN I 119 -62.95 3.86 36.72
CA GLN I 119 -62.35 2.76 37.46
C GLN I 119 -63.50 1.86 37.88
N PRO I 120 -63.35 0.55 37.76
CA PRO I 120 -64.46 -0.35 38.10
C PRO I 120 -64.73 -0.38 39.59
N HIS I 121 -65.99 -0.15 39.95
CA HIS I 121 -66.38 -0.23 41.35
C HIS I 121 -66.46 -1.70 41.74
N GLN I 122 -65.91 -2.03 42.92
CA GLN I 122 -65.77 -3.43 43.28
C GLN I 122 -67.00 -4.02 43.94
N ALA I 123 -67.74 -3.23 44.72
CA ALA I 123 -68.91 -3.78 45.41
C ALA I 123 -70.05 -4.11 44.46
N VAL I 124 -70.10 -3.50 43.28
CA VAL I 124 -71.08 -3.89 42.28
C VAL I 124 -70.73 -5.27 41.72
N LEU I 125 -69.44 -5.54 41.52
CA LEU I 125 -69.03 -6.86 41.07
C LEU I 125 -69.20 -7.93 42.13
N ASP I 126 -69.00 -7.57 43.39
CA ASP I 126 -69.20 -8.52 44.48
C ASP I 126 -70.66 -8.65 44.87
N ALA I 127 -71.54 -7.85 44.27
CA ALA I 127 -72.98 -8.03 44.36
C ALA I 127 -73.58 -8.13 42.96
N ALA I 128 -72.87 -8.82 42.07
CA ALA I 128 -73.32 -8.91 40.69
C ALA I 128 -74.46 -9.90 40.51
N GLU I 129 -74.56 -10.89 41.40
CA GLU I 129 -75.59 -11.89 41.26
C GLU I 129 -76.89 -11.47 41.93
N VAL I 130 -76.80 -10.77 43.07
CA VAL I 130 -77.99 -10.25 43.73
C VAL I 130 -78.62 -9.16 42.89
N LEU I 131 -77.80 -8.32 42.26
CA LEU I 131 -78.29 -7.27 41.38
C LEU I 131 -78.59 -7.75 39.98
N LYS I 132 -78.33 -9.03 39.68
CA LYS I 132 -78.66 -9.68 38.41
C LYS I 132 -77.97 -9.00 37.23
N LEU I 133 -76.74 -8.55 37.45
CA LEU I 133 -75.88 -8.07 36.39
C LEU I 133 -74.95 -9.21 36.00
N LYS I 134 -75.09 -9.69 34.76
CA LYS I 134 -74.18 -10.71 34.29
C LYS I 134 -72.98 -10.04 33.65
N VAL I 135 -71.78 -10.45 34.05
CA VAL I 135 -70.53 -9.93 33.51
C VAL I 135 -69.91 -10.99 32.62
N ILE I 136 -69.63 -10.62 31.38
CA ILE I 136 -69.10 -11.57 30.41
C ILE I 136 -67.80 -11.02 29.84
N LYS I 137 -67.73 -9.69 29.81
CA LYS I 137 -66.57 -8.93 29.34
C LYS I 137 -66.44 -7.76 30.28
N GLY I 138 -65.80 -6.70 29.82
CA GLY I 138 -65.97 -5.42 30.46
C GLY I 138 -67.44 -5.01 30.54
N HIS I 139 -68.18 -5.18 29.46
CA HIS I 139 -69.51 -4.61 29.37
C HIS I 139 -70.52 -5.39 30.19
N TYR I 140 -71.30 -4.68 31.01
CA TYR I 140 -72.36 -5.34 31.77
C TYR I 140 -73.52 -5.69 30.86
N PHE I 141 -74.40 -6.53 31.38
CA PHE I 141 -75.63 -6.86 30.69
C PHE I 141 -76.75 -7.00 31.70
N PHE I 142 -77.89 -6.39 31.40
CA PHE I 142 -79.00 -6.35 32.32
C PHE I 142 -80.29 -6.17 31.54
N ASP I 143 -81.28 -6.97 31.89
CA ASP I 143 -82.64 -6.85 31.34
C ASP I 143 -83.55 -7.03 32.55
N TYR I 144 -83.90 -5.92 33.19
CA TYR I 144 -84.79 -5.99 34.33
C TYR I 144 -86.25 -6.05 33.94
N THR I 145 -86.55 -6.10 32.64
CA THR I 145 -87.93 -6.20 32.20
C THR I 145 -88.43 -7.64 32.29
N ARG I 146 -87.61 -8.58 31.83
CA ARG I 146 -87.94 -10.01 31.78
C ARG I 146 -88.21 -10.59 33.16
N MET J 1 -151.12 -3.87 22.16
CA MET J 1 -151.67 -4.89 23.04
C MET J 1 -152.29 -6.04 22.26
N ASP J 2 -153.31 -5.72 21.45
CA ASP J 2 -153.99 -6.71 20.65
C ASP J 2 -153.73 -6.53 19.16
N LYS J 3 -154.10 -5.39 18.59
CA LYS J 3 -153.93 -5.18 17.16
C LYS J 3 -152.71 -4.36 16.80
N VAL J 4 -152.06 -3.74 17.77
CA VAL J 4 -150.87 -2.92 17.53
C VAL J 4 -149.81 -3.29 18.54
N LYS J 5 -148.68 -3.79 18.06
CA LYS J 5 -147.51 -4.03 18.89
C LYS J 5 -146.53 -2.89 18.70
N LEU J 6 -145.96 -2.42 19.80
CA LEU J 6 -145.12 -1.23 19.80
C LEU J 6 -143.69 -1.58 19.38
N PHE J 7 -142.79 -0.62 19.53
CA PHE J 7 -141.39 -0.87 19.25
C PHE J 7 -140.79 -1.81 20.28
N GLN J 8 -140.23 -2.91 19.81
CA GLN J 8 -139.40 -3.82 20.57
C GLN J 8 -137.97 -3.65 20.09
N THR J 9 -137.08 -4.49 20.58
CA THR J 9 -135.69 -4.43 20.17
C THR J 9 -135.23 -5.82 19.75
N ILE J 10 -134.30 -5.85 18.80
CA ILE J 10 -133.85 -7.12 18.23
C ILE J 10 -132.36 -7.31 18.44
N GLY J 11 -131.54 -6.48 17.80
CA GLY J 11 -130.13 -6.78 17.74
C GLY J 11 -129.26 -5.83 18.53
N ARG J 12 -128.56 -6.33 19.54
CA ARG J 12 -127.66 -5.52 20.34
C ARG J 12 -126.24 -6.00 20.05
N VAL J 13 -125.58 -5.29 19.16
CA VAL J 13 -124.21 -5.60 18.77
C VAL J 13 -123.31 -4.43 19.18
N GLU J 14 -122.12 -4.76 19.68
CA GLU J 14 -121.15 -3.75 20.06
C GLU J 14 -119.77 -4.14 19.57
N TYR J 15 -119.10 -3.20 18.90
CA TYR J 15 -117.80 -3.43 18.29
C TYR J 15 -116.74 -2.68 19.06
N TRP J 16 -115.74 -3.39 19.53
CA TRP J 16 -114.68 -2.83 20.35
C TRP J 16 -113.39 -2.64 19.56
N GLU J 17 -112.53 -1.80 20.11
CA GLU J 17 -111.13 -1.80 19.74
C GLU J 17 -110.46 -3.04 20.34
N ARG J 18 -109.26 -3.33 19.87
CA ARG J 18 -108.60 -4.59 20.20
C ARG J 18 -107.79 -4.46 21.49
N VAL J 19 -106.92 -5.42 21.74
CA VAL J 19 -106.01 -5.38 22.88
C VAL J 19 -104.73 -4.70 22.43
N PRO J 20 -104.33 -3.59 23.04
CA PRO J 20 -103.12 -2.89 22.61
C PRO J 20 -101.88 -3.54 23.22
N ARG J 21 -100.73 -3.16 22.66
CA ARG J 21 -99.46 -3.64 23.16
C ARG J 21 -98.39 -2.60 22.84
N LEU J 22 -97.22 -2.78 23.42
CA LEU J 22 -96.12 -1.84 23.23
C LEU J 22 -95.47 -2.04 21.88
N HIS J 23 -95.03 -0.93 21.28
CA HIS J 23 -94.29 -1.02 20.02
C HIS J 23 -92.92 -1.65 20.21
N ALA J 24 -92.26 -1.32 21.31
CA ALA J 24 -90.85 -1.66 21.47
C ALA J 24 -90.61 -3.06 21.99
N TYR J 25 -91.52 -3.59 22.82
CA TYR J 25 -91.20 -4.87 23.46
C TYR J 25 -91.49 -6.05 22.55
N GLY J 26 -92.07 -5.81 21.38
CA GLY J 26 -92.10 -6.80 20.33
C GLY J 26 -93.14 -7.87 20.55
N VAL J 27 -93.31 -8.68 19.51
CA VAL J 27 -94.30 -9.74 19.52
C VAL J 27 -93.64 -11.00 18.96
N PHE J 28 -93.95 -12.13 19.59
CA PHE J 28 -93.39 -13.41 19.18
C PHE J 28 -94.42 -14.47 19.53
N ALA J 29 -95.12 -14.97 18.53
CA ALA J 29 -96.29 -15.82 18.76
C ALA J 29 -96.15 -17.10 17.96
N LEU J 30 -96.68 -18.18 18.52
CA LEU J 30 -96.65 -19.46 17.85
C LEU J 30 -98.03 -20.11 17.82
N PRO J 31 -98.34 -20.86 16.77
CA PRO J 31 -99.62 -21.60 16.74
C PRO J 31 -99.52 -22.87 17.56
N PHE J 32 -100.49 -23.10 18.42
CA PHE J 32 -100.53 -24.25 19.30
C PHE J 32 -101.81 -25.04 19.13
N PRO J 33 -101.78 -26.36 19.36
CA PRO J 33 -103.01 -27.15 19.26
C PRO J 33 -103.89 -26.92 20.47
N MET J 34 -105.20 -26.89 20.23
CA MET J 34 -106.18 -26.54 21.24
C MET J 34 -106.79 -27.78 21.85
N ASP J 35 -106.83 -27.84 23.18
CA ASP J 35 -107.31 -29.02 23.88
C ASP J 35 -108.83 -29.11 23.77
N PRO J 36 -109.39 -30.21 23.26
CA PRO J 36 -110.85 -30.25 23.05
C PRO J 36 -111.68 -30.46 24.30
N ASP J 37 -111.10 -30.88 25.43
CA ASP J 37 -111.95 -31.31 26.53
C ASP J 37 -112.48 -30.14 27.35
N VAL J 38 -111.68 -29.09 27.56
CA VAL J 38 -112.15 -27.94 28.30
C VAL J 38 -113.03 -27.11 27.37
N ASN J 39 -113.79 -26.17 27.94
CA ASN J 39 -114.73 -25.39 27.15
C ASN J 39 -113.98 -24.30 26.39
N TRP J 40 -114.46 -24.02 25.16
CA TRP J 40 -113.85 -22.98 24.35
C TRP J 40 -114.88 -22.00 23.81
N ALA J 41 -116.12 -22.06 24.29
CA ALA J 41 -117.06 -20.99 23.99
C ALA J 41 -116.97 -19.90 25.05
N GLN J 42 -117.06 -20.28 26.33
CA GLN J 42 -117.19 -19.33 27.43
C GLN J 42 -115.97 -18.46 27.63
N TRP J 43 -114.82 -18.86 27.10
CA TRP J 43 -113.64 -18.01 27.12
C TRP J 43 -113.63 -17.01 25.97
N PHE J 44 -114.49 -17.19 24.99
CA PHE J 44 -114.55 -16.37 23.78
C PHE J 44 -115.93 -15.77 23.58
N THR J 45 -116.61 -15.37 24.66
CA THR J 45 -117.95 -14.84 24.54
C THR J 45 -118.00 -13.32 24.46
N GLY J 46 -117.58 -12.64 25.53
CA GLY J 46 -117.82 -11.23 25.70
C GLY J 46 -117.10 -10.35 24.70
N PRO J 47 -117.86 -9.48 24.02
CA PRO J 47 -117.28 -8.69 22.92
C PRO J 47 -116.27 -7.65 23.38
N HIS J 48 -116.28 -7.26 24.65
CA HIS J 48 -115.21 -6.44 25.19
C HIS J 48 -113.90 -7.24 25.19
N PRO J 49 -112.77 -6.61 24.86
CA PRO J 49 -111.54 -7.37 24.62
C PRO J 49 -110.95 -7.95 25.90
N ARG J 50 -110.62 -9.23 25.84
CA ARG J 50 -110.13 -9.98 26.98
C ARG J 50 -108.93 -10.80 26.56
N ALA J 51 -107.92 -10.84 27.43
CA ALA J 51 -106.80 -11.74 27.30
C ALA J 51 -106.78 -12.68 28.51
N PHE J 52 -106.12 -13.82 28.34
CA PHE J 52 -106.09 -14.84 29.38
C PHE J 52 -104.85 -15.68 29.17
N LEU J 53 -104.21 -16.08 30.26
CA LEU J 53 -103.04 -16.92 30.11
C LEU J 53 -103.45 -18.37 29.87
N VAL J 54 -102.52 -19.13 29.31
CA VAL J 54 -102.74 -20.55 29.01
C VAL J 54 -101.63 -21.36 29.65
N SER J 55 -101.62 -22.65 29.35
CA SER J 55 -100.54 -23.54 29.73
C SER J 55 -100.36 -24.56 28.62
N ILE J 56 -99.63 -25.63 28.91
CA ILE J 56 -99.45 -26.72 27.96
C ILE J 56 -99.22 -27.99 28.78
N HIS J 57 -99.53 -29.14 28.19
CA HIS J 57 -99.31 -30.41 28.85
C HIS J 57 -97.93 -30.95 28.52
N LYS J 58 -97.35 -31.67 29.48
CA LYS J 58 -96.03 -32.27 29.32
C LYS J 58 -96.08 -33.79 29.45
N TYR J 59 -97.27 -34.38 29.44
CA TYR J 59 -97.39 -35.78 29.79
C TYR J 59 -98.66 -36.34 29.16
N GLY J 60 -98.62 -37.64 28.85
CA GLY J 60 -99.80 -38.38 28.49
C GLY J 60 -100.32 -38.09 27.10
N PRO J 61 -101.62 -38.30 26.91
CA PRO J 61 -102.18 -38.30 25.56
C PRO J 61 -102.51 -36.93 25.01
N LYS J 62 -102.37 -35.86 25.80
CA LYS J 62 -102.70 -34.52 25.35
C LYS J 62 -101.49 -33.60 25.44
N ALA J 63 -100.29 -34.17 25.41
CA ALA J 63 -99.07 -33.39 25.58
C ALA J 63 -98.82 -32.51 24.35
N GLY J 64 -98.71 -31.21 24.57
CA GLY J 64 -98.58 -30.24 23.51
C GLY J 64 -99.80 -29.38 23.31
N HIS J 65 -100.90 -29.67 24.00
CA HIS J 65 -102.15 -28.96 23.83
C HIS J 65 -102.32 -27.89 24.89
N VAL J 66 -102.92 -26.78 24.51
CA VAL J 66 -103.03 -25.65 25.39
C VAL J 66 -104.44 -25.59 25.96
N TYR J 67 -104.55 -24.96 27.13
CA TYR J 67 -105.81 -24.86 27.83
C TYR J 67 -105.70 -23.69 28.78
N PRO J 68 -106.82 -23.05 29.15
CA PRO J 68 -106.73 -21.92 30.07
C PRO J 68 -106.27 -22.35 31.44
N THR J 69 -105.34 -21.61 32.01
CA THR J 69 -104.69 -22.03 33.23
C THR J 69 -105.55 -21.74 34.45
N ASN J 70 -105.91 -22.78 35.18
CA ASN J 70 -106.51 -22.59 36.49
C ASN J 70 -105.40 -22.19 37.45
N LEU J 71 -105.67 -21.15 38.24
CA LEU J 71 -104.68 -20.61 39.17
C LEU J 71 -104.55 -21.43 40.43
N THR J 72 -105.18 -22.60 40.51
CA THR J 72 -105.01 -23.52 41.61
C THR J 72 -104.25 -24.79 41.23
N ASP J 73 -104.32 -25.21 39.97
CA ASP J 73 -103.55 -26.35 39.48
C ASP J 73 -102.10 -25.91 39.32
N GLU J 74 -101.23 -26.37 40.23
CA GLU J 74 -99.86 -25.88 40.24
C GLU J 74 -99.04 -26.36 39.07
N ASP J 75 -99.43 -27.46 38.43
CA ASP J 75 -98.76 -27.87 37.19
C ASP J 75 -99.08 -26.91 36.06
N ALA J 76 -100.30 -26.36 36.04
CA ALA J 76 -100.62 -25.31 35.08
C ALA J 76 -99.87 -24.02 35.39
N LEU J 77 -99.52 -23.80 36.66
CA LEU J 77 -98.66 -22.68 36.99
C LEU J 77 -97.23 -22.94 36.57
N LEU J 78 -96.78 -24.20 36.64
CA LEU J 78 -95.42 -24.52 36.24
C LEU J 78 -95.26 -24.57 34.74
N ASN J 79 -96.23 -25.12 34.02
CA ASN J 79 -96.15 -25.29 32.58
C ASN J 79 -96.86 -24.17 31.84
N VAL J 80 -96.85 -22.96 32.40
CA VAL J 80 -97.44 -21.81 31.72
C VAL J 80 -96.60 -21.47 30.51
N ILE J 81 -97.26 -21.16 29.39
CA ILE J 81 -96.55 -20.95 28.14
C ILE J 81 -96.84 -19.59 27.51
N GLY J 82 -97.88 -18.88 27.94
CA GLY J 82 -98.13 -17.56 27.38
C GLY J 82 -99.57 -17.15 27.62
N MET J 83 -100.00 -16.12 26.89
CA MET J 83 -101.39 -15.72 26.90
C MET J 83 -101.88 -15.58 25.47
N VAL J 84 -103.20 -15.53 25.34
CA VAL J 84 -103.89 -15.35 24.07
C VAL J 84 -104.42 -13.92 24.05
N LEU J 85 -104.20 -13.22 22.95
CA LEU J 85 -104.60 -11.82 22.88
C LEU J 85 -106.02 -11.62 22.33
N ASP J 86 -106.24 -11.98 21.08
CA ASP J 86 -107.38 -11.42 20.38
C ASP J 86 -108.66 -12.19 20.67
N GLY J 87 -108.73 -13.45 20.27
CA GLY J 87 -109.97 -14.20 20.29
C GLY J 87 -110.09 -14.99 19.01
N HIS J 88 -110.24 -16.30 19.14
CA HIS J 88 -109.99 -17.22 18.04
C HIS J 88 -111.29 -17.93 17.64
N ASP J 89 -111.39 -18.27 16.35
CA ASP J 89 -112.59 -18.90 15.82
C ASP J 89 -112.54 -20.38 16.17
N TYR J 90 -112.95 -20.67 17.41
CA TYR J 90 -112.76 -21.98 18.04
C TYR J 90 -113.60 -23.09 17.42
N GLU J 91 -114.60 -22.76 16.61
CA GLU J 91 -115.41 -23.78 15.98
C GLU J 91 -115.09 -23.98 14.51
N ASN J 92 -114.52 -22.97 13.84
CA ASN J 92 -114.19 -23.09 12.44
C ASN J 92 -112.73 -23.42 12.20
N ASP J 93 -111.88 -23.25 13.21
CA ASP J 93 -110.44 -23.48 13.11
C ASP J 93 -109.89 -23.73 14.50
N PRO J 94 -109.53 -24.97 14.85
CA PRO J 94 -109.26 -25.27 16.27
C PRO J 94 -107.94 -24.72 16.78
N ASN J 95 -106.88 -24.80 15.99
CA ASN J 95 -105.54 -24.49 16.45
C ASN J 95 -105.38 -23.01 16.73
N VAL J 96 -104.93 -22.67 17.93
CA VAL J 96 -104.88 -21.28 18.36
C VAL J 96 -103.45 -20.80 18.28
N THR J 97 -103.28 -19.50 18.10
CA THR J 97 -101.99 -18.86 18.27
C THR J 97 -101.85 -18.39 19.71
N VAL J 98 -100.62 -18.42 20.21
CA VAL J 98 -100.30 -18.06 21.58
C VAL J 98 -99.09 -17.16 21.54
N THR J 99 -99.21 -15.97 22.10
CA THR J 99 -98.15 -14.97 22.06
C THR J 99 -97.18 -15.21 23.20
N LEU J 100 -95.91 -15.42 22.87
CA LEU J 100 -94.91 -15.79 23.88
C LEU J 100 -94.29 -14.58 24.54
N LYS J 101 -93.83 -13.61 23.76
CA LYS J 101 -93.23 -12.39 24.29
C LYS J 101 -94.00 -11.19 23.78
N ALA J 102 -94.64 -10.46 24.69
CA ALA J 102 -95.32 -9.22 24.36
C ALA J 102 -95.41 -8.39 25.63
N ALA J 103 -96.12 -7.27 25.56
CA ALA J 103 -96.42 -6.45 26.73
C ALA J 103 -97.88 -6.01 26.61
N VAL J 104 -98.76 -6.64 27.38
CA VAL J 104 -100.16 -6.26 27.40
C VAL J 104 -100.37 -5.32 28.57
N PRO J 105 -101.43 -4.52 28.59
CA PRO J 105 -101.73 -3.72 29.79
C PRO J 105 -102.26 -4.55 30.94
N ILE J 106 -102.60 -3.89 32.04
CA ILE J 106 -102.95 -4.59 33.27
C ILE J 106 -104.46 -4.71 33.46
N GLU J 107 -105.25 -3.88 32.79
CA GLU J 107 -106.69 -3.91 32.97
C GLU J 107 -107.36 -4.92 32.06
N TYR J 108 -106.60 -5.66 31.26
CA TYR J 108 -107.18 -6.46 30.20
C TYR J 108 -106.98 -7.96 30.41
N VAL J 109 -106.29 -8.37 31.47
CA VAL J 109 -105.97 -9.76 31.71
C VAL J 109 -106.89 -10.30 32.79
N GLN J 110 -107.74 -11.23 32.41
CA GLN J 110 -108.69 -11.84 33.33
C GLN J 110 -108.61 -13.35 33.19
N GLN J 111 -108.60 -14.06 34.32
CA GLN J 111 -108.41 -15.50 34.30
C GLN J 111 -109.72 -16.24 34.57
N ASP J 112 -110.84 -15.53 34.57
CA ASP J 112 -112.15 -16.16 34.69
C ASP J 112 -113.05 -15.74 33.54
N PRO J 113 -113.93 -16.61 33.09
CA PRO J 113 -114.98 -16.17 32.17
C PRO J 113 -116.01 -15.30 32.86
N GLN J 114 -116.29 -15.57 34.13
CA GLN J 114 -117.13 -14.70 34.96
C GLN J 114 -116.28 -13.71 35.77
N ALA J 115 -115.37 -13.06 35.09
CA ALA J 115 -114.55 -12.05 35.71
C ALA J 115 -115.15 -10.68 35.48
N PRO J 116 -114.83 -9.70 36.32
CA PRO J 116 -115.20 -8.32 35.99
C PRO J 116 -114.49 -7.86 34.72
N ALA J 117 -115.27 -7.33 33.80
CA ALA J 117 -114.72 -6.87 32.53
C ALA J 117 -113.91 -5.60 32.76
N LEU J 118 -112.78 -5.51 32.05
CA LEU J 118 -111.87 -4.36 32.02
C LEU J 118 -111.28 -4.04 33.38
N GLN J 119 -111.26 -4.98 34.30
CA GLN J 119 -110.73 -4.69 35.62
C GLN J 119 -109.44 -5.47 35.87
N PRO J 120 -108.56 -4.96 36.73
CA PRO J 120 -107.37 -5.75 37.09
C PRO J 120 -107.73 -6.97 37.92
N HIS J 121 -107.58 -8.16 37.35
CA HIS J 121 -107.89 -9.40 38.04
C HIS J 121 -106.85 -9.63 39.12
N GLN J 122 -107.30 -9.73 40.37
CA GLN J 122 -106.39 -9.62 41.50
C GLN J 122 -105.58 -10.90 41.74
N ALA J 123 -106.13 -12.06 41.38
CA ALA J 123 -105.39 -13.31 41.58
C ALA J 123 -104.19 -13.41 40.66
N VAL J 124 -104.27 -12.80 39.48
CA VAL J 124 -103.09 -12.70 38.61
C VAL J 124 -102.04 -11.80 39.24
N LEU J 125 -102.48 -10.71 39.87
CA LEU J 125 -101.55 -9.79 40.53
C LEU J 125 -100.87 -10.46 41.72
N ASP J 126 -101.60 -11.31 42.43
CA ASP J 126 -101.01 -12.05 43.54
C ASP J 126 -100.22 -13.27 43.07
N ALA J 127 -100.40 -13.68 41.83
CA ALA J 127 -99.60 -14.74 41.22
C ALA J 127 -98.72 -14.19 40.11
N ALA J 128 -98.18 -12.99 40.31
CA ALA J 128 -97.42 -12.34 39.26
C ALA J 128 -96.01 -12.90 39.14
N GLU J 129 -95.37 -13.20 40.26
CA GLU J 129 -93.99 -13.64 40.22
C GLU J 129 -93.85 -15.13 39.94
N VAL J 130 -94.92 -15.90 40.13
CA VAL J 130 -94.83 -17.34 39.89
C VAL J 130 -95.22 -17.73 38.47
N LEU J 131 -95.91 -16.85 37.75
CA LEU J 131 -96.17 -17.06 36.33
C LEU J 131 -95.09 -16.44 35.46
N LYS J 132 -94.00 -15.95 36.09
CA LYS J 132 -92.91 -15.23 35.43
C LYS J 132 -93.41 -14.00 34.69
N LEU J 133 -94.47 -13.39 35.20
CA LEU J 133 -94.91 -12.08 34.79
C LEU J 133 -94.13 -11.02 35.54
N LYS J 134 -94.24 -9.77 35.09
CA LYS J 134 -93.67 -8.66 35.83
C LYS J 134 -94.45 -7.41 35.48
N VAL J 135 -95.06 -6.80 36.50
CA VAL J 135 -95.74 -5.52 36.34
C VAL J 135 -94.73 -4.43 36.60
N ILE J 136 -94.78 -3.39 35.79
CA ILE J 136 -93.82 -2.31 35.94
C ILE J 136 -94.57 -1.01 36.20
N LYS J 137 -95.35 -0.56 35.22
CA LYS J 137 -96.07 0.69 35.35
C LYS J 137 -97.58 0.53 35.20
N GLY J 138 -98.05 0.07 34.06
CA GLY J 138 -99.46 -0.18 33.89
C GLY J 138 -99.67 -1.42 33.05
N HIS J 139 -98.63 -2.24 32.98
CA HIS J 139 -98.58 -3.28 31.98
C HIS J 139 -98.09 -4.58 32.60
N TYR J 140 -98.35 -5.67 31.90
CA TYR J 140 -97.73 -6.96 32.17
C TYR J 140 -96.59 -7.14 31.17
N PHE J 141 -95.38 -7.35 31.67
CA PHE J 141 -94.26 -7.73 30.85
C PHE J 141 -93.99 -9.21 31.08
N PHE J 142 -93.88 -9.96 30.00
CA PHE J 142 -93.73 -11.40 30.09
C PHE J 142 -92.89 -11.88 28.91
N ASP J 143 -92.02 -12.84 29.19
CA ASP J 143 -91.21 -13.47 28.16
C ASP J 143 -91.13 -14.95 28.52
N TYR J 144 -92.01 -15.75 27.93
CA TYR J 144 -91.99 -17.18 28.20
C TYR J 144 -91.00 -17.93 27.33
N THR J 145 -90.38 -17.23 26.38
CA THR J 145 -89.22 -17.78 25.72
C THR J 145 -88.07 -17.93 26.70
N ARG J 146 -87.88 -16.91 27.54
CA ARG J 146 -86.89 -16.85 28.63
C ARG J 146 -85.47 -17.05 28.14
N MET K 1 -58.10 -58.91 -7.97
CA MET K 1 -57.40 -59.61 -6.88
C MET K 1 -55.91 -59.30 -6.87
N ASP K 2 -55.23 -59.58 -7.97
CA ASP K 2 -53.82 -59.25 -7.94
C ASP K 2 -53.35 -58.42 -9.11
N LYS K 3 -53.79 -58.70 -10.34
CA LYS K 3 -53.27 -57.91 -11.46
C LYS K 3 -54.24 -56.86 -11.96
N VAL K 4 -55.54 -57.12 -11.91
CA VAL K 4 -56.55 -56.19 -12.40
C VAL K 4 -57.43 -55.85 -11.21
N LYS K 5 -57.17 -54.70 -10.60
CA LYS K 5 -57.90 -54.28 -9.42
C LYS K 5 -59.21 -53.61 -9.82
N LEU K 6 -60.27 -53.94 -9.10
CA LEU K 6 -61.61 -53.48 -9.40
C LEU K 6 -61.78 -52.00 -9.02
N PHE K 7 -63.00 -51.49 -9.19
CA PHE K 7 -63.33 -50.16 -8.70
C PHE K 7 -63.45 -50.18 -7.19
N GLN K 8 -62.55 -49.46 -6.53
CA GLN K 8 -62.63 -49.20 -5.11
C GLN K 8 -62.63 -47.69 -4.92
N THR K 9 -63.52 -47.20 -4.07
CA THR K 9 -63.55 -45.78 -3.78
C THR K 9 -62.39 -45.40 -2.88
N ILE K 10 -61.83 -44.21 -3.12
CA ILE K 10 -60.67 -43.75 -2.37
C ILE K 10 -60.95 -42.47 -1.59
N GLY K 11 -62.06 -41.79 -1.83
CA GLY K 11 -62.38 -40.62 -1.07
C GLY K 11 -63.74 -40.02 -1.39
N ARG K 12 -64.51 -39.75 -0.35
CA ARG K 12 -65.82 -39.12 -0.48
C ARG K 12 -65.83 -37.84 0.32
N VAL K 13 -66.41 -36.79 -0.24
CA VAL K 13 -66.66 -35.57 0.51
C VAL K 13 -68.18 -35.49 0.73
N GLU K 14 -68.57 -34.76 1.78
CA GLU K 14 -69.95 -34.78 2.25
C GLU K 14 -70.36 -33.38 2.69
N TYR K 15 -71.05 -32.66 1.81
CA TYR K 15 -71.40 -31.27 2.07
C TYR K 15 -72.82 -31.18 2.63
N TRP K 16 -73.00 -30.27 3.58
CA TRP K 16 -74.28 -30.07 4.26
C TRP K 16 -74.64 -28.60 4.21
N GLU K 17 -75.76 -28.26 4.82
CA GLU K 17 -76.11 -26.87 5.05
C GLU K 17 -75.68 -26.48 6.45
N ARG K 18 -75.66 -25.18 6.71
CA ARG K 18 -75.36 -24.75 8.06
C ARG K 18 -76.61 -24.86 8.93
N VAL K 19 -76.40 -24.79 10.25
CA VAL K 19 -77.46 -24.93 11.23
C VAL K 19 -78.40 -23.73 11.14
N PRO K 20 -79.67 -23.94 10.81
CA PRO K 20 -80.61 -22.83 10.72
C PRO K 20 -81.05 -22.36 12.09
N ARG K 21 -81.63 -21.17 12.13
CA ARG K 21 -82.21 -20.63 13.34
C ARG K 21 -83.46 -19.84 12.97
N LEU K 22 -84.15 -19.32 13.98
CA LEU K 22 -85.34 -18.52 13.71
C LEU K 22 -84.94 -17.10 13.34
N HIS K 23 -85.58 -16.55 12.30
CA HIS K 23 -85.37 -15.17 11.94
C HIS K 23 -85.85 -14.22 13.02
N ALA K 24 -86.99 -14.52 13.63
CA ALA K 24 -87.64 -13.57 14.51
C ALA K 24 -87.12 -13.60 15.92
N TYR K 25 -85.94 -14.16 16.16
CA TYR K 25 -85.40 -14.22 17.50
C TYR K 25 -84.10 -13.45 17.66
N GLY K 26 -83.41 -13.16 16.57
CA GLY K 26 -82.23 -12.32 16.66
C GLY K 26 -80.99 -13.08 17.07
N VAL K 27 -79.89 -12.82 16.41
CA VAL K 27 -78.62 -13.44 16.75
C VAL K 27 -77.82 -12.43 17.55
N PHE K 28 -76.93 -12.93 18.41
CA PHE K 28 -76.06 -12.08 19.21
C PHE K 28 -74.82 -12.89 19.53
N ALA K 29 -73.67 -12.53 18.95
CA ALA K 29 -72.48 -13.35 18.99
C ALA K 29 -71.28 -12.56 19.46
N LEU K 30 -70.42 -13.21 20.24
CA LEU K 30 -69.21 -12.63 20.80
C LEU K 30 -68.02 -13.54 20.56
N PRO K 31 -66.84 -12.98 20.39
CA PRO K 31 -65.63 -13.81 20.31
C PRO K 31 -65.04 -14.06 21.69
N PHE K 32 -64.24 -15.12 21.79
CA PHE K 32 -63.75 -15.58 23.07
C PHE K 32 -62.43 -16.32 22.92
N PRO K 33 -61.59 -16.30 23.95
CA PRO K 33 -60.42 -17.18 23.97
C PRO K 33 -60.83 -18.64 24.10
N MET K 34 -59.99 -19.52 23.58
CA MET K 34 -60.19 -20.95 23.62
C MET K 34 -59.11 -21.59 24.48
N ASP K 35 -59.53 -22.50 25.35
CA ASP K 35 -58.64 -23.31 26.16
C ASP K 35 -57.79 -24.19 25.23
N PRO K 36 -56.46 -24.13 25.32
CA PRO K 36 -55.63 -25.02 24.49
C PRO K 36 -55.66 -26.47 24.94
N ASP K 37 -56.03 -26.75 26.18
CA ASP K 37 -56.00 -28.12 26.69
C ASP K 37 -57.10 -28.99 26.08
N VAL K 38 -58.18 -28.37 25.60
CA VAL K 38 -59.23 -29.12 24.92
C VAL K 38 -58.74 -29.55 23.55
N ASN K 39 -58.94 -30.83 23.23
CA ASN K 39 -58.69 -31.35 21.89
C ASN K 39 -59.79 -30.87 20.94
N TRP K 40 -59.64 -29.62 20.49
CA TRP K 40 -60.61 -28.99 19.61
C TRP K 40 -60.64 -29.60 18.22
N ALA K 41 -59.67 -30.44 17.86
CA ALA K 41 -59.78 -31.24 16.65
C ALA K 41 -60.93 -32.22 16.73
N GLN K 42 -61.28 -32.67 17.92
CA GLN K 42 -62.27 -33.71 18.08
C GLN K 42 -63.69 -33.20 17.84
N TRP K 43 -63.98 -31.98 18.26
CA TRP K 43 -65.32 -31.44 18.22
C TRP K 43 -65.71 -30.91 16.84
N PHE K 44 -64.77 -30.83 15.92
CA PHE K 44 -65.00 -30.24 14.61
C PHE K 44 -64.75 -31.24 13.48
N THR K 45 -64.98 -32.52 13.74
CA THR K 45 -64.70 -33.55 12.74
C THR K 45 -65.83 -33.67 11.72
N GLY K 46 -67.01 -34.09 12.17
CA GLY K 46 -68.08 -34.51 11.30
C GLY K 46 -68.70 -33.36 10.53
N PRO K 47 -68.71 -33.47 9.20
CA PRO K 47 -69.21 -32.37 8.37
C PRO K 47 -70.70 -32.18 8.44
N HIS K 48 -71.45 -33.18 8.90
CA HIS K 48 -72.85 -32.97 9.22
C HIS K 48 -72.96 -31.97 10.37
N PRO K 49 -73.89 -31.01 10.28
CA PRO K 49 -73.82 -29.84 11.17
C PRO K 49 -74.24 -30.17 12.58
N ARG K 50 -73.45 -29.71 13.54
CA ARG K 50 -73.75 -29.88 14.94
C ARG K 50 -73.36 -28.61 15.69
N ALA K 51 -74.05 -28.36 16.78
CA ALA K 51 -73.69 -27.30 17.71
C ALA K 51 -73.45 -27.94 19.08
N PHE K 52 -72.80 -27.19 19.96
CA PHE K 52 -72.44 -27.74 21.26
C PHE K 52 -72.27 -26.59 22.25
N LEU K 53 -72.84 -26.76 23.44
CA LEU K 53 -72.81 -25.68 24.41
C LEU K 53 -71.43 -25.55 25.02
N VAL K 54 -70.97 -24.31 25.16
CA VAL K 54 -69.60 -24.00 25.56
C VAL K 54 -69.66 -23.20 26.84
N SER K 55 -68.83 -23.56 27.81
CA SER K 55 -68.76 -22.84 29.07
C SER K 55 -67.55 -21.92 29.07
N ILE K 56 -67.39 -21.16 30.16
CA ILE K 56 -66.26 -20.26 30.30
C ILE K 56 -65.70 -20.43 31.71
N HIS K 57 -64.38 -20.31 31.85
CA HIS K 57 -63.75 -20.38 33.15
C HIS K 57 -64.09 -19.15 33.97
N LYS K 58 -64.28 -19.36 35.27
CA LYS K 58 -64.63 -18.24 36.14
C LYS K 58 -63.38 -17.43 36.49
N TYR K 59 -62.34 -18.11 36.94
CA TYR K 59 -61.09 -17.44 37.32
C TYR K 59 -59.95 -18.44 37.10
N GLY K 60 -58.76 -18.07 37.55
CA GLY K 60 -57.61 -18.93 37.44
C GLY K 60 -56.67 -18.52 36.33
N PRO K 61 -55.78 -19.43 35.94
CA PRO K 61 -54.79 -19.10 34.90
C PRO K 61 -55.33 -19.14 33.48
N LYS K 62 -56.55 -19.61 33.28
CA LYS K 62 -57.17 -19.66 31.96
C LYS K 62 -58.52 -18.99 31.99
N ALA K 63 -58.64 -17.88 32.70
CA ALA K 63 -59.90 -17.18 32.83
C ALA K 63 -60.24 -16.48 31.53
N GLY K 64 -61.51 -16.61 31.11
CA GLY K 64 -61.96 -16.12 29.84
C GLY K 64 -61.88 -17.13 28.73
N HIS K 65 -60.99 -18.12 28.84
CA HIS K 65 -60.93 -19.19 27.86
C HIS K 65 -62.16 -20.07 27.97
N VAL K 66 -62.55 -20.67 26.85
CA VAL K 66 -63.79 -21.43 26.79
C VAL K 66 -63.48 -22.89 26.51
N TYR K 67 -64.41 -23.76 26.91
CA TYR K 67 -64.21 -25.20 26.81
C TYR K 67 -65.57 -25.87 26.76
N PRO K 68 -65.71 -26.98 26.05
CA PRO K 68 -67.01 -27.62 25.93
C PRO K 68 -67.41 -28.28 27.23
N THR K 69 -68.66 -28.09 27.60
CA THR K 69 -69.11 -28.49 28.93
C THR K 69 -69.34 -29.99 29.02
N ASN K 70 -69.14 -30.51 30.22
CA ASN K 70 -69.45 -31.89 30.55
C ASN K 70 -70.45 -31.87 31.70
N LEU K 71 -71.44 -32.74 31.63
CA LEU K 71 -72.61 -32.61 32.49
C LEU K 71 -72.36 -33.06 33.92
N THR K 72 -71.15 -33.53 34.24
CA THR K 72 -70.76 -33.77 35.62
C THR K 72 -69.91 -32.65 36.19
N ASP K 73 -69.24 -31.88 35.35
CA ASP K 73 -68.48 -30.71 35.78
C ASP K 73 -69.46 -29.61 36.12
N GLU K 74 -69.79 -29.47 37.41
CA GLU K 74 -70.74 -28.46 37.86
C GLU K 74 -70.19 -27.05 37.70
N ASP K 75 -68.86 -26.89 37.69
CA ASP K 75 -68.28 -25.58 37.40
C ASP K 75 -68.53 -25.21 35.94
N ALA K 76 -68.61 -26.20 35.06
CA ALA K 76 -69.04 -25.92 33.69
C ALA K 76 -70.54 -25.74 33.59
N LEU K 77 -71.30 -26.32 34.52
CA LEU K 77 -72.75 -26.19 34.48
C LEU K 77 -73.18 -24.79 34.88
N LEU K 78 -72.64 -24.28 35.99
CA LEU K 78 -73.01 -22.96 36.46
C LEU K 78 -72.44 -21.85 35.60
N ASN K 79 -71.47 -22.14 34.72
CA ASN K 79 -70.83 -21.14 33.90
C ASN K 79 -71.01 -21.42 32.41
N VAL K 80 -72.16 -21.99 32.03
CA VAL K 80 -72.47 -22.10 30.61
C VAL K 80 -72.68 -20.70 30.05
N ILE K 81 -72.18 -20.47 28.84
CA ILE K 81 -72.13 -19.12 28.31
C ILE K 81 -72.72 -18.98 26.91
N GLY K 82 -72.90 -20.06 26.15
CA GLY K 82 -73.38 -19.91 24.78
C GLY K 82 -73.28 -21.21 24.02
N MET K 83 -73.14 -21.09 22.71
CA MET K 83 -73.12 -22.28 21.86
C MET K 83 -72.48 -21.95 20.53
N VAL K 84 -71.39 -22.62 20.20
CA VAL K 84 -70.79 -22.47 18.87
C VAL K 84 -71.67 -23.18 17.86
N LEU K 85 -72.09 -22.45 16.84
CA LEU K 85 -73.07 -23.00 15.91
C LEU K 85 -72.43 -23.95 14.92
N ASP K 86 -71.36 -23.53 14.26
CA ASP K 86 -70.92 -24.17 13.04
C ASP K 86 -69.46 -24.61 13.16
N GLY K 87 -68.89 -25.02 12.03
CA GLY K 87 -67.50 -25.38 12.01
C GLY K 87 -66.59 -24.18 12.10
N HIS K 88 -65.33 -24.44 12.42
CA HIS K 88 -64.39 -23.38 12.72
C HIS K 88 -62.98 -23.95 12.61
N ASP K 89 -62.06 -23.16 12.06
CA ASP K 89 -60.67 -23.61 11.94
C ASP K 89 -60.00 -23.62 13.30
N TYR K 90 -59.99 -24.79 13.92
CA TYR K 90 -59.41 -24.95 15.25
C TYR K 90 -57.90 -24.80 15.25
N GLU K 91 -57.25 -25.14 14.14
CA GLU K 91 -55.80 -25.09 14.07
C GLU K 91 -55.29 -23.76 13.56
N ASN K 92 -56.12 -23.00 12.85
CA ASN K 92 -55.72 -21.74 12.26
C ASN K 92 -56.23 -20.55 13.06
N ASP K 93 -56.89 -20.79 14.20
CA ASP K 93 -57.52 -19.73 14.96
C ASP K 93 -57.75 -20.19 16.40
N PRO K 94 -57.19 -19.51 17.36
CA PRO K 94 -57.47 -19.86 18.76
C PRO K 94 -58.64 -19.11 19.36
N ASN K 95 -59.52 -18.55 18.52
CA ASN K 95 -60.60 -17.69 18.99
C ASN K 95 -61.88 -17.97 18.23
N VAL K 96 -62.93 -18.36 18.95
CA VAL K 96 -64.17 -18.83 18.36
C VAL K 96 -65.26 -17.79 18.62
N THR K 97 -66.26 -17.76 17.74
CA THR K 97 -67.37 -16.81 17.81
C THR K 97 -68.54 -17.49 18.50
N VAL K 98 -68.59 -17.38 19.82
CA VAL K 98 -69.65 -17.99 20.59
C VAL K 98 -70.95 -17.21 20.39
N THR K 99 -72.02 -17.92 20.07
CA THR K 99 -73.34 -17.32 19.93
C THR K 99 -74.10 -17.41 21.25
N LEU K 100 -74.74 -16.32 21.66
CA LEU K 100 -75.33 -16.21 22.98
C LEU K 100 -76.84 -16.21 22.98
N LYS K 101 -77.49 -15.39 22.15
CA LYS K 101 -78.94 -15.39 22.04
C LYS K 101 -79.31 -15.91 20.66
N ALA K 102 -79.89 -17.10 20.60
CA ALA K 102 -80.29 -17.71 19.35
C ALA K 102 -81.36 -18.76 19.62
N ALA K 103 -81.89 -19.32 18.55
CA ALA K 103 -82.96 -20.32 18.62
C ALA K 103 -82.65 -21.43 17.62
N VAL K 104 -82.08 -22.52 18.12
CA VAL K 104 -81.56 -23.59 17.27
C VAL K 104 -82.40 -24.84 17.48
N PRO K 105 -82.71 -25.61 16.42
CA PRO K 105 -83.57 -26.78 16.57
C PRO K 105 -82.97 -27.85 17.46
N ILE K 106 -83.84 -28.72 17.96
CA ILE K 106 -83.47 -29.73 18.93
C ILE K 106 -82.58 -30.81 18.33
N GLU K 107 -82.57 -30.96 17.01
CA GLU K 107 -81.81 -32.04 16.39
C GLU K 107 -80.35 -31.70 16.19
N TYR K 108 -79.95 -30.45 16.35
CA TYR K 108 -78.61 -30.02 15.95
C TYR K 108 -77.77 -29.63 17.15
N VAL K 109 -78.13 -30.09 18.34
CA VAL K 109 -77.34 -29.82 19.54
C VAL K 109 -76.81 -31.15 20.05
N GLN K 110 -75.49 -31.28 20.10
CA GLN K 110 -74.82 -32.48 20.54
C GLN K 110 -73.87 -32.14 21.66
N GLN K 111 -73.58 -33.11 22.52
CA GLN K 111 -72.69 -32.79 23.62
C GLN K 111 -71.60 -33.84 23.77
N ASP K 112 -71.87 -35.06 23.35
CA ASP K 112 -70.76 -35.99 23.27
C ASP K 112 -69.95 -35.72 22.01
N PRO K 113 -68.64 -35.94 22.05
CA PRO K 113 -67.87 -35.89 20.79
C PRO K 113 -68.12 -37.09 19.91
N GLN K 114 -68.54 -38.21 20.50
CA GLN K 114 -68.99 -39.38 19.75
C GLN K 114 -70.49 -39.34 19.49
N ALA K 115 -70.95 -38.20 19.01
CA ALA K 115 -72.37 -37.97 18.90
C ALA K 115 -72.95 -38.62 17.66
N PRO K 116 -74.24 -38.92 17.67
CA PRO K 116 -74.93 -39.26 16.41
C PRO K 116 -75.09 -38.03 15.51
N ALA K 117 -75.46 -38.30 14.27
CA ALA K 117 -75.72 -37.24 13.31
C ALA K 117 -77.19 -36.85 13.40
N LEU K 118 -77.44 -35.57 13.68
CA LEU K 118 -78.75 -34.92 13.61
C LEU K 118 -79.75 -35.50 14.59
N GLN K 119 -79.28 -36.17 15.63
CA GLN K 119 -80.23 -36.80 16.53
C GLN K 119 -80.36 -36.00 17.81
N PRO K 120 -81.58 -35.92 18.35
CA PRO K 120 -81.78 -35.20 19.63
C PRO K 120 -81.07 -35.88 20.78
N HIS K 121 -80.05 -35.21 21.32
CA HIS K 121 -79.27 -35.79 22.40
C HIS K 121 -80.09 -35.76 23.68
N GLN K 122 -80.01 -36.86 24.43
CA GLN K 122 -80.93 -37.02 25.55
C GLN K 122 -80.44 -36.34 26.83
N ALA K 123 -79.12 -36.30 27.03
CA ALA K 123 -78.59 -35.73 28.26
C ALA K 123 -78.80 -34.22 28.33
N VAL K 124 -78.76 -33.54 27.18
CA VAL K 124 -79.06 -32.12 27.17
C VAL K 124 -80.54 -31.83 27.28
N LEU K 125 -81.39 -32.81 27.00
CA LEU K 125 -82.82 -32.62 27.26
C LEU K 125 -83.17 -32.91 28.71
N ASP K 126 -82.48 -33.84 29.35
CA ASP K 126 -82.82 -34.21 30.71
C ASP K 126 -82.33 -33.21 31.73
N ALA K 127 -81.43 -32.31 31.36
CA ALA K 127 -80.94 -31.25 32.23
C ALA K 127 -81.01 -29.90 31.53
N ALA K 128 -82.10 -29.67 30.80
CA ALA K 128 -82.24 -28.44 30.04
C ALA K 128 -82.63 -27.23 30.90
N GLU K 129 -82.91 -27.43 32.18
CA GLU K 129 -83.21 -26.30 33.05
C GLU K 129 -81.98 -25.74 33.73
N VAL K 130 -80.93 -26.54 33.90
CA VAL K 130 -79.72 -26.04 34.56
C VAL K 130 -78.72 -25.52 33.55
N LEU K 131 -78.84 -25.92 32.28
CA LEU K 131 -78.05 -25.32 31.22
C LEU K 131 -78.76 -24.11 30.61
N LYS K 132 -79.87 -23.68 31.20
CA LYS K 132 -80.66 -22.52 30.81
C LYS K 132 -81.14 -22.61 29.36
N LEU K 133 -81.95 -23.63 29.12
CA LEU K 133 -82.56 -23.89 27.84
C LEU K 133 -84.07 -23.97 28.07
N LYS K 134 -84.84 -23.75 27.00
CA LYS K 134 -86.28 -23.93 27.13
C LYS K 134 -86.78 -24.43 25.79
N VAL K 135 -86.88 -25.76 25.65
CA VAL K 135 -87.37 -26.39 24.44
C VAL K 135 -88.87 -26.12 24.33
N ILE K 136 -89.24 -25.20 23.46
CA ILE K 136 -90.63 -24.79 23.33
C ILE K 136 -91.35 -25.73 22.38
N LYS K 137 -90.93 -25.76 21.12
CA LYS K 137 -91.62 -26.56 20.12
C LYS K 137 -90.77 -27.69 19.58
N GLY K 138 -89.69 -27.35 18.90
CA GLY K 138 -88.71 -28.31 18.46
C GLY K 138 -87.36 -27.64 18.48
N HIS K 139 -87.28 -26.54 19.22
CA HIS K 139 -86.15 -25.65 19.13
C HIS K 139 -85.62 -25.32 20.51
N TYR K 140 -84.32 -25.15 20.61
CA TYR K 140 -83.67 -24.69 21.84
C TYR K 140 -83.74 -23.17 21.87
N PHE K 141 -84.65 -22.64 22.69
CA PHE K 141 -84.71 -21.21 22.95
C PHE K 141 -83.87 -20.91 24.19
N PHE K 142 -82.78 -20.18 24.00
CA PHE K 142 -81.85 -19.87 25.07
C PHE K 142 -81.40 -18.43 24.95
N ASP K 143 -80.98 -17.86 26.07
CA ASP K 143 -80.47 -16.50 26.09
C ASP K 143 -79.56 -16.38 27.30
N TYR K 144 -78.25 -16.36 27.06
CA TYR K 144 -77.28 -16.26 28.14
C TYR K 144 -76.83 -14.85 28.40
N THR K 145 -77.57 -13.86 27.89
CA THR K 145 -77.29 -12.48 28.25
C THR K 145 -77.70 -12.21 29.70
N ARG K 146 -78.99 -12.39 30.01
CA ARG K 146 -79.41 -12.28 31.40
C ARG K 146 -79.15 -13.60 32.11
N MET L 1 -47.59 -19.36 13.10
CA MET L 1 -48.00 -19.83 14.41
C MET L 1 -49.52 -19.97 14.51
N ASP L 2 -50.23 -18.84 14.44
CA ASP L 2 -51.67 -18.84 14.61
C ASP L 2 -52.41 -18.45 13.35
N LYS L 3 -52.15 -17.26 12.81
CA LYS L 3 -52.83 -16.84 11.60
C LYS L 3 -51.93 -16.92 10.38
N VAL L 4 -50.62 -16.92 10.58
CA VAL L 4 -49.65 -17.12 9.52
C VAL L 4 -48.92 -18.42 9.81
N LYS L 5 -49.10 -19.39 8.92
CA LYS L 5 -48.36 -20.64 9.00
C LYS L 5 -47.14 -20.54 8.09
N LEU L 6 -45.97 -20.83 8.65
CA LEU L 6 -44.73 -20.68 7.92
C LEU L 6 -44.51 -21.83 6.94
N PHE L 7 -43.40 -21.78 6.21
CA PHE L 7 -43.08 -22.88 5.31
C PHE L 7 -42.74 -24.13 6.10
N GLN L 8 -43.22 -25.26 5.59
CA GLN L 8 -43.24 -26.51 6.32
C GLN L 8 -43.46 -27.60 5.31
N THR L 9 -42.60 -28.61 5.30
CA THR L 9 -42.60 -29.59 4.23
C THR L 9 -43.83 -30.48 4.29
N ILE L 10 -44.24 -30.97 3.13
CA ILE L 10 -45.35 -31.90 3.01
C ILE L 10 -44.86 -33.30 2.77
N GLY L 11 -44.10 -33.52 1.69
CA GLY L 11 -43.63 -34.84 1.34
C GLY L 11 -42.22 -34.79 0.80
N ARG L 12 -41.64 -35.98 0.68
CA ARG L 12 -40.20 -36.11 0.45
C ARG L 12 -39.96 -37.36 -0.39
N VAL L 13 -39.86 -37.16 -1.70
CA VAL L 13 -39.39 -38.23 -2.58
C VAL L 13 -37.87 -38.25 -2.53
N GLU L 14 -37.31 -39.43 -2.28
CA GLU L 14 -35.86 -39.61 -2.23
C GLU L 14 -35.55 -40.67 -3.28
N TYR L 15 -35.34 -40.21 -4.50
CA TYR L 15 -35.08 -41.12 -5.62
C TYR L 15 -33.66 -41.64 -5.53
N TRP L 16 -33.52 -42.94 -5.42
CA TRP L 16 -32.21 -43.57 -5.40
C TRP L 16 -31.90 -44.19 -6.75
N GLU L 17 -30.79 -44.91 -6.81
CA GLU L 17 -30.35 -45.60 -8.01
C GLU L 17 -30.16 -47.07 -7.69
N ARG L 18 -30.48 -47.93 -8.64
CA ARG L 18 -30.62 -49.35 -8.36
C ARG L 18 -29.25 -50.00 -8.17
N VAL L 19 -29.26 -51.13 -7.46
CA VAL L 19 -28.07 -51.86 -7.03
C VAL L 19 -27.25 -52.33 -8.21
N PRO L 20 -26.01 -51.88 -8.35
CA PRO L 20 -25.17 -52.34 -9.46
C PRO L 20 -24.63 -53.74 -9.21
N ARG L 21 -24.00 -54.28 -10.24
CA ARG L 21 -23.46 -55.62 -10.20
C ARG L 21 -22.40 -55.73 -11.30
N LEU L 22 -21.60 -56.78 -11.21
CA LEU L 22 -20.54 -56.99 -12.19
C LEU L 22 -21.12 -57.34 -13.56
N HIS L 23 -20.73 -56.55 -14.56
CA HIS L 23 -21.04 -56.87 -15.95
C HIS L 23 -20.45 -58.21 -16.36
N ALA L 24 -19.22 -58.48 -15.95
CA ALA L 24 -18.46 -59.61 -16.45
C ALA L 24 -18.74 -60.90 -15.69
N TYR L 25 -19.87 -60.98 -14.98
CA TYR L 25 -20.19 -62.18 -14.23
C TYR L 25 -21.41 -62.91 -14.74
N GLY L 26 -22.31 -62.22 -15.42
CA GLY L 26 -23.53 -62.86 -15.88
C GLY L 26 -24.64 -62.73 -14.87
N VAL L 27 -25.79 -63.30 -15.23
CA VAL L 27 -26.98 -63.21 -14.42
C VAL L 27 -27.89 -64.36 -14.81
N PHE L 28 -28.65 -64.86 -13.84
CA PHE L 28 -29.61 -65.94 -14.11
C PHE L 28 -30.74 -65.82 -13.11
N ALA L 29 -31.90 -65.36 -13.56
CA ALA L 29 -33.02 -65.05 -12.68
C ALA L 29 -34.25 -65.82 -13.09
N LEU L 30 -35.04 -66.25 -12.11
CA LEU L 30 -36.25 -67.02 -12.36
C LEU L 30 -37.42 -66.48 -11.56
N PRO L 31 -38.63 -66.50 -12.13
CA PRO L 31 -39.80 -66.06 -11.38
C PRO L 31 -40.24 -67.10 -10.36
N PHE L 32 -40.57 -66.63 -9.18
CA PHE L 32 -41.09 -67.43 -8.09
C PHE L 32 -42.40 -66.85 -7.59
N PRO L 33 -43.30 -67.68 -7.08
CA PRO L 33 -44.43 -67.17 -6.32
C PRO L 33 -44.01 -66.84 -4.90
N MET L 34 -44.83 -66.02 -4.25
CA MET L 34 -44.47 -65.41 -2.99
C MET L 34 -45.34 -65.95 -1.86
N ASP L 35 -44.73 -66.13 -0.70
CA ASP L 35 -45.44 -66.62 0.48
C ASP L 35 -46.35 -65.51 1.00
N PRO L 36 -47.66 -65.72 1.09
CA PRO L 36 -48.57 -64.63 1.49
C PRO L 36 -48.57 -64.34 2.98
N ASP L 37 -47.98 -65.21 3.80
CA ASP L 37 -47.97 -64.97 5.24
C ASP L 37 -47.06 -63.80 5.61
N VAL L 38 -45.86 -63.77 5.04
CA VAL L 38 -44.87 -62.76 5.40
C VAL L 38 -45.23 -61.42 4.78
N ASN L 39 -45.12 -60.36 5.56
CA ASN L 39 -45.52 -59.03 5.14
C ASN L 39 -44.53 -58.46 4.15
N TRP L 40 -44.79 -58.65 2.85
CA TRP L 40 -43.90 -58.13 1.82
C TRP L 40 -44.00 -56.62 1.65
N ALA L 41 -44.92 -55.96 2.35
CA ALA L 41 -44.95 -54.50 2.33
C ALA L 41 -43.68 -53.94 2.96
N GLN L 42 -43.42 -54.29 4.23
CA GLN L 42 -42.38 -53.69 5.04
C GLN L 42 -40.97 -54.16 4.69
N TRP L 43 -40.80 -54.83 3.56
CA TRP L 43 -39.52 -55.08 2.92
C TRP L 43 -39.24 -54.13 1.77
N PHE L 44 -40.28 -53.76 1.02
CA PHE L 44 -40.15 -52.91 -0.16
C PHE L 44 -40.51 -51.45 0.12
N THR L 45 -40.63 -51.05 1.38
CA THR L 45 -41.10 -49.71 1.71
C THR L 45 -40.04 -48.65 1.40
N GLY L 46 -38.81 -48.88 1.83
CA GLY L 46 -37.77 -47.87 1.80
C GLY L 46 -37.35 -47.43 0.41
N PRO L 47 -36.94 -46.17 0.29
CA PRO L 47 -36.50 -45.67 -1.02
C PRO L 47 -35.08 -46.07 -1.35
N HIS L 48 -34.26 -46.36 -0.35
CA HIS L 48 -32.89 -46.77 -0.57
C HIS L 48 -32.85 -48.19 -1.14
N PRO L 49 -31.93 -48.48 -2.06
CA PRO L 49 -31.88 -49.80 -2.68
C PRO L 49 -31.30 -50.82 -1.72
N ARG L 50 -31.99 -51.94 -1.57
CA ARG L 50 -31.53 -53.05 -0.75
C ARG L 50 -31.61 -54.33 -1.56
N ALA L 51 -31.06 -55.40 -1.00
CA ALA L 51 -31.11 -56.70 -1.64
C ALA L 51 -31.06 -57.76 -0.55
N PHE L 52 -32.22 -58.24 -0.15
CA PHE L 52 -32.33 -59.24 0.90
C PHE L 52 -32.36 -60.64 0.29
N LEU L 53 -32.39 -61.65 1.13
CA LEU L 53 -32.24 -63.04 0.74
C LEU L 53 -33.50 -63.83 1.03
N VAL L 54 -33.87 -64.72 0.10
CA VAL L 54 -35.11 -65.47 0.19
C VAL L 54 -34.79 -66.95 0.19
N SER L 55 -35.74 -67.74 0.66
CA SER L 55 -35.60 -69.18 0.76
C SER L 55 -36.89 -69.85 0.37
N ILE L 56 -36.79 -71.01 -0.27
CA ILE L 56 -37.95 -71.71 -0.79
C ILE L 56 -38.43 -72.71 0.26
N HIS L 57 -39.70 -73.08 0.16
CA HIS L 57 -40.20 -74.23 0.91
C HIS L 57 -39.90 -75.49 0.11
N LYS L 58 -38.94 -76.27 0.57
CA LYS L 58 -38.52 -77.47 -0.16
C LYS L 58 -39.61 -78.54 -0.14
N TYR L 59 -40.33 -78.64 0.97
CA TYR L 59 -41.48 -79.51 1.08
C TYR L 59 -42.62 -78.73 1.71
N GLY L 60 -43.71 -79.38 2.06
CA GLY L 60 -44.78 -78.72 2.77
C GLY L 60 -45.88 -78.25 1.85
N PRO L 61 -46.87 -77.55 2.40
CA PRO L 61 -48.05 -77.19 1.61
C PRO L 61 -47.80 -76.04 0.65
N LYS L 62 -47.00 -75.07 1.06
CA LYS L 62 -46.69 -73.89 0.25
C LYS L 62 -45.36 -74.04 -0.47
N ALA L 63 -45.05 -75.25 -0.90
CA ALA L 63 -43.79 -75.51 -1.58
C ALA L 63 -43.77 -74.81 -2.94
N GLY L 64 -42.66 -74.16 -3.24
CA GLY L 64 -42.54 -73.32 -4.40
C GLY L 64 -42.63 -71.84 -4.09
N HIS L 65 -43.35 -71.48 -3.03
CA HIS L 65 -43.39 -70.10 -2.60
C HIS L 65 -42.10 -69.77 -1.87
N VAL L 66 -41.74 -68.50 -1.89
CA VAL L 66 -40.50 -68.06 -1.25
C VAL L 66 -40.82 -67.04 -0.17
N TYR L 67 -40.02 -67.07 0.88
CA TYR L 67 -40.09 -66.20 2.04
C TYR L 67 -38.69 -65.68 2.34
N PRO L 68 -38.57 -64.46 2.86
CA PRO L 68 -37.24 -63.93 3.16
C PRO L 68 -36.67 -64.64 4.37
N THR L 69 -35.40 -64.98 4.29
CA THR L 69 -34.83 -65.87 5.28
C THR L 69 -34.61 -65.16 6.60
N ASN L 70 -34.78 -65.91 7.68
CA ASN L 70 -34.50 -65.45 9.02
C ASN L 70 -33.28 -66.22 9.51
N LEU L 71 -32.28 -65.49 9.99
CA LEU L 71 -30.96 -66.06 10.20
C LEU L 71 -30.84 -66.92 11.46
N THR L 72 -31.96 -67.29 12.08
CA THR L 72 -31.96 -68.23 13.19
C THR L 72 -32.54 -69.59 12.83
N ASP L 73 -33.41 -69.65 11.83
CA ASP L 73 -34.05 -70.90 11.45
C ASP L 73 -33.13 -71.67 10.52
N GLU L 74 -32.89 -72.94 10.83
CA GLU L 74 -31.96 -73.72 10.01
C GLU L 74 -32.58 -74.14 8.68
N ASP L 75 -33.91 -74.25 8.61
CA ASP L 75 -34.54 -74.70 7.37
C ASP L 75 -34.50 -73.61 6.31
N ALA L 76 -34.55 -72.35 6.72
CA ALA L 76 -34.34 -71.26 5.78
C ALA L 76 -32.88 -71.11 5.39
N LEU L 77 -31.97 -71.54 6.26
CA LEU L 77 -30.55 -71.49 5.91
C LEU L 77 -30.19 -72.57 4.90
N LEU L 78 -30.77 -73.75 5.05
CA LEU L 78 -30.44 -74.86 4.17
C LEU L 78 -31.27 -74.88 2.90
N ASN L 79 -32.07 -73.84 2.64
CA ASN L 79 -32.89 -73.79 1.45
C ASN L 79 -32.89 -72.39 0.83
N VAL L 80 -31.79 -71.66 0.93
CA VAL L 80 -31.70 -70.34 0.33
C VAL L 80 -31.51 -70.50 -1.17
N ILE L 81 -32.29 -69.75 -1.95
CA ILE L 81 -32.29 -69.90 -3.40
C ILE L 81 -31.76 -68.66 -4.11
N GLY L 82 -31.80 -67.49 -3.49
CA GLY L 82 -31.16 -66.34 -4.10
C GLY L 82 -31.49 -65.08 -3.34
N MET L 83 -31.05 -63.97 -3.91
CA MET L 83 -31.43 -62.68 -3.40
C MET L 83 -32.37 -61.99 -4.38
N VAL L 84 -33.20 -61.13 -3.84
CA VAL L 84 -34.07 -60.27 -4.63
C VAL L 84 -33.36 -58.94 -4.77
N LEU L 85 -33.20 -58.48 -6.00
CA LEU L 85 -32.60 -57.17 -6.21
C LEU L 85 -33.57 -56.04 -5.91
N ASP L 86 -33.19 -54.87 -6.42
CA ASP L 86 -33.58 -53.54 -5.96
C ASP L 86 -35.02 -53.34 -5.48
N GLY L 87 -36.01 -53.73 -6.28
CA GLY L 87 -37.37 -53.55 -5.81
C GLY L 87 -38.34 -54.38 -6.62
N HIS L 88 -39.60 -54.36 -6.20
CA HIS L 88 -40.66 -55.11 -6.85
C HIS L 88 -42.00 -54.60 -6.36
N ASP L 89 -43.00 -54.64 -7.25
CA ASP L 89 -44.37 -54.25 -6.90
C ASP L 89 -45.03 -55.44 -6.20
N TYR L 90 -45.14 -55.35 -4.87
CA TYR L 90 -45.67 -56.45 -4.07
C TYR L 90 -47.19 -56.50 -4.12
N GLU L 91 -47.84 -55.34 -4.14
CA GLU L 91 -49.28 -55.27 -3.95
C GLU L 91 -50.05 -55.54 -5.22
N ASN L 92 -49.41 -55.40 -6.38
CA ASN L 92 -50.08 -55.54 -7.67
C ASN L 92 -49.57 -56.77 -8.39
N ASP L 93 -48.77 -57.61 -7.71
CA ASP L 93 -48.15 -58.76 -8.33
C ASP L 93 -47.69 -59.76 -7.26
N PRO L 94 -48.28 -60.94 -7.20
CA PRO L 94 -47.90 -61.89 -6.16
C PRO L 94 -46.69 -62.75 -6.52
N ASN L 95 -45.95 -62.39 -7.56
CA ASN L 95 -44.78 -63.15 -7.98
C ASN L 95 -43.54 -62.26 -7.92
N VAL L 96 -42.37 -62.88 -7.99
CA VAL L 96 -41.11 -62.17 -7.77
C VAL L 96 -40.05 -62.75 -8.68
N THR L 97 -39.22 -61.88 -9.25
CA THR L 97 -38.09 -62.30 -10.06
C THR L 97 -36.86 -62.41 -9.16
N VAL L 98 -36.53 -63.63 -8.77
CA VAL L 98 -35.40 -63.85 -7.87
C VAL L 98 -34.16 -64.12 -8.72
N THR L 99 -33.09 -63.36 -8.47
CA THR L 99 -31.85 -63.58 -9.19
C THR L 99 -31.07 -64.67 -8.50
N LEU L 100 -30.84 -65.78 -9.21
CA LEU L 100 -30.15 -66.92 -8.65
C LEU L 100 -28.64 -66.81 -8.77
N LYS L 101 -28.15 -65.96 -9.67
CA LYS L 101 -26.71 -65.76 -9.85
C LYS L 101 -26.48 -64.30 -10.17
N ALA L 102 -25.71 -63.61 -9.34
CA ALA L 102 -25.34 -62.22 -9.57
C ALA L 102 -24.08 -61.92 -8.78
N ALA L 103 -23.74 -60.63 -8.68
CA ALA L 103 -22.53 -60.22 -7.97
C ALA L 103 -22.78 -58.84 -7.35
N VAL L 104 -23.25 -58.84 -6.12
CA VAL L 104 -23.76 -57.63 -5.50
C VAL L 104 -22.76 -57.08 -4.49
N PRO L 105 -22.52 -55.76 -4.46
CA PRO L 105 -21.68 -55.16 -3.43
C PRO L 105 -22.19 -55.43 -2.03
N ILE L 106 -21.24 -55.44 -1.08
CA ILE L 106 -21.56 -55.78 0.29
C ILE L 106 -22.27 -54.63 1.00
N GLU L 107 -22.22 -53.42 0.43
CA GLU L 107 -22.91 -52.29 1.01
C GLU L 107 -24.42 -52.35 0.83
N TYR L 108 -24.92 -53.23 -0.04
CA TYR L 108 -26.28 -53.16 -0.53
C TYR L 108 -27.13 -54.35 -0.10
N VAL L 109 -26.62 -55.19 0.78
CA VAL L 109 -27.35 -56.37 1.25
C VAL L 109 -27.68 -56.17 2.72
N GLN L 110 -28.97 -56.12 3.03
CA GLN L 110 -29.44 -55.95 4.40
C GLN L 110 -30.51 -57.00 4.66
N GLN L 111 -30.21 -57.93 5.58
CA GLN L 111 -31.11 -59.06 5.80
C GLN L 111 -32.37 -58.67 6.55
N ASP L 112 -32.23 -57.92 7.62
CA ASP L 112 -33.43 -57.47 8.30
C ASP L 112 -34.03 -56.26 7.58
N PRO L 113 -35.35 -56.07 7.66
CA PRO L 113 -35.93 -54.87 7.04
C PRO L 113 -35.59 -53.59 7.78
N GLN L 114 -35.49 -53.64 9.10
CA GLN L 114 -35.13 -52.47 9.90
C GLN L 114 -33.62 -52.39 10.15
N ALA L 115 -32.87 -52.50 9.07
CA ALA L 115 -31.42 -52.46 9.06
C ALA L 115 -30.94 -51.07 8.64
N PRO L 116 -29.69 -50.71 8.95
CA PRO L 116 -29.15 -49.45 8.44
C PRO L 116 -29.01 -49.48 6.92
N ALA L 117 -29.43 -48.39 6.29
CA ALA L 117 -29.41 -48.29 4.84
C ALA L 117 -27.99 -48.09 4.34
N LEU L 118 -27.67 -48.77 3.23
CA LEU L 118 -26.37 -48.69 2.54
C LEU L 118 -25.22 -49.05 3.46
N GLN L 119 -25.41 -50.06 4.30
CA GLN L 119 -24.38 -50.48 5.23
C GLN L 119 -24.19 -51.98 5.16
N PRO L 120 -22.96 -52.46 5.38
CA PRO L 120 -22.71 -53.90 5.41
C PRO L 120 -23.37 -54.52 6.63
N HIS L 121 -24.35 -55.38 6.39
CA HIS L 121 -25.01 -56.06 7.49
C HIS L 121 -24.05 -57.09 8.08
N GLN L 122 -23.70 -56.93 9.35
CA GLN L 122 -22.65 -57.75 9.94
C GLN L 122 -23.08 -59.18 10.13
N ALA L 123 -24.36 -59.43 10.44
CA ALA L 123 -24.81 -60.80 10.66
C ALA L 123 -24.88 -61.60 9.37
N VAL L 124 -24.89 -60.93 8.21
CA VAL L 124 -24.78 -61.65 6.95
C VAL L 124 -23.35 -62.09 6.71
N LEU L 125 -22.39 -61.19 6.96
CA LEU L 125 -20.98 -61.51 6.78
C LEU L 125 -20.50 -62.55 7.78
N ASP L 126 -21.08 -62.57 8.98
CA ASP L 126 -20.66 -63.54 9.98
C ASP L 126 -21.14 -64.95 9.66
N ALA L 127 -22.17 -65.09 8.84
CA ALA L 127 -22.74 -66.39 8.53
C ALA L 127 -22.76 -66.67 7.04
N ALA L 128 -21.92 -65.98 6.26
CA ALA L 128 -21.92 -66.12 4.80
C ALA L 128 -21.38 -67.46 4.32
N GLU L 129 -20.74 -68.24 5.18
CA GLU L 129 -20.19 -69.52 4.76
C GLU L 129 -21.29 -70.54 4.51
N VAL L 130 -22.29 -70.61 5.40
CA VAL L 130 -23.40 -71.52 5.23
C VAL L 130 -24.28 -71.07 4.06
N LEU L 131 -24.41 -69.77 3.88
CA LEU L 131 -25.23 -69.18 2.82
C LEU L 131 -24.59 -69.23 1.44
N LYS L 132 -23.42 -69.88 1.32
CA LYS L 132 -22.68 -70.06 0.07
C LYS L 132 -22.28 -68.74 -0.58
N LEU L 133 -22.12 -67.70 0.23
CA LEU L 133 -21.60 -66.43 -0.22
C LEU L 133 -20.09 -66.45 -0.09
N LYS L 134 -19.39 -66.06 -1.14
CA LYS L 134 -17.94 -66.01 -1.14
C LYS L 134 -17.54 -64.56 -1.37
N VAL L 135 -17.29 -63.84 -0.27
CA VAL L 135 -16.83 -62.46 -0.36
C VAL L 135 -15.40 -62.43 -0.87
N ILE L 136 -15.13 -61.51 -1.78
CA ILE L 136 -13.78 -61.44 -2.34
C ILE L 136 -13.17 -60.07 -2.09
N LYS L 137 -13.76 -59.02 -2.66
CA LYS L 137 -13.23 -57.68 -2.46
C LYS L 137 -14.17 -56.80 -1.66
N GLY L 138 -15.34 -56.52 -2.20
CA GLY L 138 -16.35 -55.75 -1.52
C GLY L 138 -17.70 -56.26 -1.99
N HIS L 139 -17.69 -57.47 -2.52
CA HIS L 139 -18.83 -57.99 -3.26
C HIS L 139 -19.17 -59.40 -2.81
N TYR L 140 -20.44 -59.74 -2.95
CA TYR L 140 -20.90 -61.10 -2.74
C TYR L 140 -20.90 -61.86 -4.05
N PHE L 141 -20.33 -63.05 -4.04
CA PHE L 141 -20.34 -63.93 -5.19
C PHE L 141 -21.14 -65.18 -4.85
N PHE L 142 -22.14 -65.47 -5.67
CA PHE L 142 -23.12 -66.47 -5.32
C PHE L 142 -23.81 -66.98 -6.58
N ASP L 143 -24.00 -68.29 -6.63
CA ASP L 143 -24.99 -68.87 -7.52
C ASP L 143 -25.57 -70.09 -6.82
N TYR L 144 -26.88 -70.09 -6.69
CA TYR L 144 -27.58 -71.22 -6.08
C TYR L 144 -28.15 -72.16 -7.13
N THR L 145 -27.55 -72.17 -8.31
CA THR L 145 -27.90 -73.15 -9.32
C THR L 145 -27.54 -74.56 -8.84
N ARG L 146 -26.39 -74.71 -8.21
CA ARG L 146 -26.10 -75.91 -7.42
C ARG L 146 -25.21 -75.53 -6.25
N MET M 1 43.86 -68.04 -32.14
CA MET M 1 44.65 -67.99 -30.91
C MET M 1 44.94 -66.56 -30.48
N ASP M 2 45.61 -65.78 -31.33
CA ASP M 2 45.89 -64.42 -30.93
C ASP M 2 45.43 -63.36 -31.92
N LYS M 3 45.70 -63.53 -33.22
CA LYS M 3 45.29 -62.52 -34.18
C LYS M 3 43.87 -62.73 -34.65
N VAL M 4 43.36 -63.95 -34.55
CA VAL M 4 42.03 -64.30 -34.99
C VAL M 4 41.31 -64.91 -33.81
N LYS M 5 40.28 -64.23 -33.32
CA LYS M 5 39.47 -64.75 -32.23
C LYS M 5 38.20 -65.33 -32.82
N LEU M 6 37.87 -66.55 -32.39
CA LEU M 6 36.81 -67.33 -32.98
C LEU M 6 35.46 -66.96 -32.38
N PHE M 7 34.45 -67.77 -32.65
CA PHE M 7 33.09 -67.44 -32.26
C PHE M 7 32.87 -67.66 -30.77
N GLN M 8 32.07 -66.78 -30.17
CA GLN M 8 31.63 -66.92 -28.79
C GLN M 8 30.14 -66.62 -28.73
N THR M 9 29.60 -66.45 -27.53
CA THR M 9 28.21 -66.05 -27.36
C THR M 9 28.16 -64.81 -26.49
N ILE M 10 27.37 -63.84 -26.91
CA ILE M 10 27.12 -62.65 -26.10
C ILE M 10 25.82 -62.78 -25.33
N GLY M 11 24.74 -63.11 -26.02
CA GLY M 11 23.44 -63.21 -25.38
C GLY M 11 22.67 -64.40 -25.91
N ARG M 12 21.88 -65.00 -25.03
CA ARG M 12 21.07 -66.16 -25.37
C ARG M 12 19.65 -65.90 -24.89
N VAL M 13 18.76 -65.60 -25.82
CA VAL M 13 17.40 -65.17 -25.50
C VAL M 13 16.47 -66.29 -25.93
N GLU M 14 15.93 -67.02 -24.96
CA GLU M 14 14.95 -68.05 -25.24
C GLU M 14 13.55 -67.54 -24.88
N TYR M 15 12.63 -67.64 -25.83
CA TYR M 15 11.31 -67.06 -25.70
C TYR M 15 10.26 -68.15 -25.74
N TRP M 16 9.41 -68.17 -24.73
CA TRP M 16 8.34 -69.14 -24.63
C TRP M 16 7.01 -68.51 -25.00
N GLU M 17 6.04 -69.36 -25.27
CA GLU M 17 4.67 -68.91 -25.43
C GLU M 17 3.98 -68.92 -24.08
N ARG M 18 2.66 -68.79 -24.07
CA ARG M 18 1.94 -68.48 -22.85
C ARG M 18 1.14 -69.68 -22.36
N VAL M 19 0.63 -69.56 -21.13
CA VAL M 19 -0.10 -70.65 -20.48
C VAL M 19 -1.46 -70.77 -21.16
N PRO M 20 -1.80 -71.92 -21.72
CA PRO M 20 -3.07 -72.04 -22.44
C PRO M 20 -4.23 -72.21 -21.48
N ARG M 21 -5.42 -71.90 -22.00
CA ARG M 21 -6.65 -72.07 -21.23
C ARG M 21 -7.76 -72.42 -22.20
N LEU M 22 -8.93 -72.77 -21.66
CA LEU M 22 -10.07 -73.09 -22.50
C LEU M 22 -10.75 -71.81 -23.01
N HIS M 23 -11.14 -71.83 -24.28
CA HIS M 23 -11.86 -70.70 -24.86
C HIS M 23 -13.24 -70.54 -24.26
N ALA M 24 -13.94 -71.63 -24.02
CA ALA M 24 -15.36 -71.58 -23.67
C ALA M 24 -15.59 -71.99 -22.23
N TYR M 25 -14.72 -71.52 -21.34
CA TYR M 25 -14.93 -71.69 -19.91
C TYR M 25 -15.01 -70.37 -19.17
N GLY M 26 -14.48 -69.29 -19.72
CA GLY M 26 -14.69 -67.99 -19.14
C GLY M 26 -13.66 -67.67 -18.08
N VAL M 27 -12.98 -66.54 -18.23
CA VAL M 27 -11.93 -66.13 -17.32
C VAL M 27 -12.46 -65.00 -16.46
N PHE M 28 -12.15 -65.05 -15.16
CA PHE M 28 -12.56 -64.03 -14.21
C PHE M 28 -11.36 -63.70 -13.34
N ALA M 29 -10.97 -62.42 -13.32
CA ALA M 29 -9.74 -62.04 -12.65
C ALA M 29 -9.94 -60.71 -11.92
N LEU M 30 -9.24 -60.57 -10.80
CA LEU M 30 -9.26 -59.37 -9.98
C LEU M 30 -7.84 -59.00 -9.56
N PRO M 31 -7.48 -57.72 -9.61
CA PRO M 31 -6.10 -57.33 -9.26
C PRO M 31 -5.91 -57.21 -7.76
N PHE M 32 -4.76 -57.68 -7.29
CA PHE M 32 -4.48 -57.83 -5.87
C PHE M 32 -3.18 -57.17 -5.48
N PRO M 33 -3.08 -56.66 -4.25
CA PRO M 33 -1.82 -56.08 -3.79
C PRO M 33 -0.85 -57.16 -3.39
N MET M 34 0.43 -56.87 -3.55
CA MET M 34 1.48 -57.85 -3.37
C MET M 34 2.08 -57.77 -1.98
N ASP M 35 2.15 -58.91 -1.30
CA ASP M 35 2.86 -58.99 -0.03
C ASP M 35 4.34 -58.86 -0.30
N PRO M 36 5.04 -57.93 0.34
CA PRO M 36 6.49 -57.79 0.13
C PRO M 36 7.35 -58.80 0.87
N ASP M 37 6.75 -59.83 1.48
CA ASP M 37 7.53 -60.76 2.32
C ASP M 37 8.30 -61.76 1.49
N VAL M 38 7.66 -62.36 0.51
CA VAL M 38 8.27 -63.42 -0.26
C VAL M 38 9.09 -62.82 -1.38
N ASN M 39 10.06 -63.59 -1.88
CA ASN M 39 10.93 -63.15 -2.95
C ASN M 39 10.29 -63.48 -4.31
N TRP M 40 9.61 -62.49 -4.87
CA TRP M 40 8.93 -62.66 -6.14
C TRP M 40 9.88 -62.84 -7.31
N ALA M 41 11.13 -62.40 -7.18
CA ALA M 41 12.13 -62.66 -8.19
C ALA M 41 12.47 -64.14 -8.31
N GLN M 42 12.22 -64.91 -7.25
CA GLN M 42 12.50 -66.33 -7.20
C GLN M 42 11.34 -67.16 -7.74
N TRP M 43 10.16 -66.55 -7.92
CA TRP M 43 9.02 -67.16 -8.56
C TRP M 43 8.91 -66.81 -10.04
N PHE M 44 9.64 -65.81 -10.50
CA PHE M 44 9.56 -65.27 -11.84
C PHE M 44 10.90 -65.38 -12.55
N THR M 45 11.63 -66.48 -12.32
CA THR M 45 12.97 -66.62 -12.87
C THR M 45 12.94 -66.98 -14.36
N GLY M 46 12.43 -68.17 -14.66
CA GLY M 46 12.60 -68.74 -15.98
C GLY M 46 11.69 -68.13 -17.01
N PRO M 47 12.09 -68.23 -18.28
CA PRO M 47 11.20 -67.79 -19.36
C PRO M 47 10.08 -68.76 -19.63
N HIS M 48 10.20 -69.99 -19.14
CA HIS M 48 9.17 -70.99 -19.35
C HIS M 48 7.90 -70.61 -18.60
N PRO M 49 6.72 -70.88 -19.17
CA PRO M 49 5.48 -70.43 -18.54
C PRO M 49 5.10 -71.31 -17.36
N ARG M 50 4.82 -70.67 -16.24
CA ARG M 50 4.35 -71.34 -15.03
C ARG M 50 3.14 -70.57 -14.49
N ALA M 51 2.44 -71.22 -13.56
CA ALA M 51 1.24 -70.62 -12.98
C ALA M 51 1.05 -71.23 -11.60
N PHE M 52 1.32 -70.44 -10.57
CA PHE M 52 1.32 -70.88 -9.19
C PHE M 52 0.09 -70.34 -8.49
N LEU M 53 -0.49 -71.12 -7.59
CA LEU M 53 -1.69 -70.63 -6.95
C LEU M 53 -1.34 -69.66 -5.82
N VAL M 54 -2.31 -68.82 -5.49
CA VAL M 54 -2.11 -67.67 -4.62
C VAL M 54 -3.19 -67.67 -3.55
N SER M 55 -2.79 -67.57 -2.28
CA SER M 55 -3.71 -67.30 -1.20
C SER M 55 -3.60 -65.84 -0.77
N ILE M 56 -4.48 -65.44 0.14
CA ILE M 56 -4.63 -64.05 0.52
C ILE M 56 -4.54 -63.93 2.04
N HIS M 57 -3.86 -62.89 2.51
CA HIS M 57 -3.92 -62.55 3.93
C HIS M 57 -5.31 -62.04 4.26
N LYS M 58 -5.99 -62.72 5.18
CA LYS M 58 -7.37 -62.36 5.47
C LYS M 58 -7.45 -61.12 6.35
N TYR M 59 -6.83 -61.18 7.52
CA TYR M 59 -6.93 -60.11 8.50
C TYR M 59 -5.59 -59.95 9.21
N GLY M 60 -5.24 -58.70 9.51
CA GLY M 60 -4.00 -58.40 10.17
C GLY M 60 -3.45 -57.08 9.72
N PRO M 61 -2.12 -56.93 9.78
CA PRO M 61 -1.51 -55.70 9.25
C PRO M 61 -1.50 -55.64 7.74
N LYS M 62 -1.73 -56.75 7.07
CA LYS M 62 -1.58 -56.87 5.63
C LYS M 62 -2.84 -57.43 5.01
N ALA M 63 -4.00 -57.00 5.50
CA ALA M 63 -5.28 -57.57 5.09
C ALA M 63 -5.62 -57.10 3.69
N GLY M 64 -5.67 -58.04 2.75
CA GLY M 64 -5.88 -57.74 1.34
C GLY M 64 -4.72 -58.12 0.46
N HIS M 65 -3.50 -58.11 1.02
CA HIS M 65 -2.32 -58.54 0.29
C HIS M 65 -2.39 -60.04 0.02
N VAL M 66 -1.73 -60.47 -1.05
CA VAL M 66 -1.73 -61.86 -1.45
C VAL M 66 -0.30 -62.36 -1.55
N TYR M 67 -0.16 -63.69 -1.56
CA TYR M 67 1.14 -64.32 -1.42
C TYR M 67 1.03 -65.75 -1.91
N PRO M 68 2.11 -66.32 -2.47
CA PRO M 68 2.03 -67.68 -3.01
C PRO M 68 1.82 -68.71 -1.92
N THR M 69 0.94 -69.65 -2.19
CA THR M 69 0.44 -70.54 -1.16
C THR M 69 1.44 -71.64 -0.84
N ASN M 70 1.55 -71.96 0.44
CA ASN M 70 2.34 -73.07 0.92
C ASN M 70 1.41 -74.23 1.24
N LEU M 71 1.85 -75.44 0.91
CA LEU M 71 1.02 -76.63 1.05
C LEU M 71 1.11 -77.25 2.43
N THR M 72 1.71 -76.56 3.39
CA THR M 72 1.76 -77.02 4.77
C THR M 72 1.06 -76.07 5.73
N ASP M 73 0.69 -74.89 5.28
CA ASP M 73 -0.10 -73.95 6.09
C ASP M 73 -1.58 -74.20 5.83
N GLU M 74 -2.31 -74.57 6.87
CA GLU M 74 -3.73 -74.87 6.71
C GLU M 74 -4.55 -73.62 6.43
N ASP M 75 -4.10 -72.46 6.93
CA ASP M 75 -4.81 -71.22 6.62
C ASP M 75 -4.57 -70.78 5.19
N ALA M 76 -3.37 -71.03 4.66
CA ALA M 76 -3.12 -70.74 3.26
C ALA M 76 -3.93 -71.66 2.35
N LEU M 77 -4.19 -72.89 2.79
CA LEU M 77 -5.08 -73.74 2.03
C LEU M 77 -6.52 -73.29 2.16
N LEU M 78 -6.89 -72.71 3.30
CA LEU M 78 -8.23 -72.21 3.50
C LEU M 78 -8.38 -70.74 3.15
N ASN M 79 -7.42 -70.16 2.42
CA ASN M 79 -7.55 -68.79 1.94
C ASN M 79 -7.10 -68.62 0.51
N VAL M 80 -7.08 -69.70 -0.28
CA VAL M 80 -6.60 -69.63 -1.65
C VAL M 80 -7.59 -68.82 -2.50
N ILE M 81 -7.06 -68.15 -3.52
CA ILE M 81 -7.91 -67.27 -4.32
C ILE M 81 -7.77 -67.49 -5.82
N GLY M 82 -6.73 -68.14 -6.31
CA GLY M 82 -6.55 -68.30 -7.73
C GLY M 82 -5.08 -68.38 -8.05
N MET M 83 -4.77 -68.32 -9.34
CA MET M 83 -3.39 -68.42 -9.78
C MET M 83 -3.06 -67.30 -10.74
N VAL M 84 -1.79 -66.95 -10.79
CA VAL M 84 -1.28 -65.93 -11.71
C VAL M 84 -0.72 -66.66 -12.92
N LEU M 85 -1.21 -66.32 -14.10
CA LEU M 85 -0.89 -67.11 -15.29
C LEU M 85 0.32 -66.56 -16.04
N ASP M 86 0.23 -65.35 -16.54
CA ASP M 86 1.12 -64.88 -17.61
C ASP M 86 2.44 -64.33 -17.09
N GLY M 87 2.76 -64.49 -15.81
CA GLY M 87 3.94 -63.88 -15.23
C GLY M 87 3.72 -62.40 -15.00
N HIS M 88 4.68 -61.79 -14.30
CA HIS M 88 4.48 -60.40 -13.91
C HIS M 88 5.81 -59.76 -13.61
N ASP M 89 5.93 -58.46 -13.90
CA ASP M 89 7.11 -57.69 -13.58
C ASP M 89 6.97 -57.26 -12.12
N TYR M 90 7.68 -57.97 -11.25
CA TYR M 90 7.49 -57.88 -9.80
C TYR M 90 7.96 -56.56 -9.20
N GLU M 91 8.79 -55.79 -9.90
CA GLU M 91 9.28 -54.55 -9.35
C GLU M 91 8.77 -53.33 -10.09
N ASN M 92 8.29 -53.48 -11.32
CA ASN M 92 7.73 -52.35 -12.04
C ASN M 92 6.34 -52.00 -11.51
N ASP M 93 5.65 -52.96 -10.89
CA ASP M 93 4.51 -52.68 -10.03
C ASP M 93 4.28 -53.86 -9.12
N PRO M 94 3.84 -53.64 -7.90
CA PRO M 94 3.50 -54.79 -7.04
C PRO M 94 2.19 -55.45 -7.44
N ASN M 95 1.21 -54.69 -7.88
CA ASN M 95 -0.16 -55.16 -8.01
C ASN M 95 -0.31 -56.13 -9.18
N VAL M 96 -0.75 -57.35 -8.89
CA VAL M 96 -0.77 -58.45 -9.85
C VAL M 96 -2.22 -58.84 -10.14
N THR M 97 -2.46 -59.33 -11.35
CA THR M 97 -3.79 -59.75 -11.77
C THR M 97 -3.94 -61.24 -11.49
N VAL M 98 -4.69 -61.58 -10.46
CA VAL M 98 -4.91 -62.97 -10.10
C VAL M 98 -6.21 -63.43 -10.73
N THR M 99 -6.13 -64.47 -11.56
CA THR M 99 -7.31 -65.08 -12.15
C THR M 99 -8.03 -65.91 -11.12
N LEU M 100 -9.34 -65.65 -10.95
CA LEU M 100 -10.13 -66.43 -10.00
C LEU M 100 -10.61 -67.73 -10.61
N LYS M 101 -11.14 -67.69 -11.83
CA LYS M 101 -11.82 -68.83 -12.44
C LYS M 101 -11.33 -69.01 -13.86
N ALA M 102 -10.60 -70.11 -14.10
CA ALA M 102 -10.15 -70.47 -15.45
C ALA M 102 -9.88 -71.96 -15.46
N ALA M 103 -9.23 -72.43 -16.53
CA ALA M 103 -8.89 -73.84 -16.68
C ALA M 103 -7.49 -73.94 -17.28
N VAL M 104 -6.56 -74.50 -16.52
CA VAL M 104 -5.15 -74.54 -16.87
C VAL M 104 -4.72 -76.00 -16.95
N PRO M 105 -3.92 -76.42 -17.95
CA PRO M 105 -3.52 -77.83 -18.05
C PRO M 105 -2.67 -78.36 -16.89
N ILE M 106 -2.41 -79.67 -16.93
CA ILE M 106 -1.87 -80.38 -15.79
C ILE M 106 -0.41 -80.02 -15.53
N GLU M 107 0.31 -79.59 -16.56
CA GLU M 107 1.74 -79.41 -16.45
C GLU M 107 2.14 -77.98 -16.18
N TYR M 108 1.25 -77.02 -16.38
CA TYR M 108 1.59 -75.62 -16.25
C TYR M 108 1.37 -75.07 -14.85
N VAL M 109 1.17 -75.93 -13.86
CA VAL M 109 1.09 -75.49 -12.47
C VAL M 109 2.38 -75.91 -11.77
N GLN M 110 3.00 -74.97 -11.07
CA GLN M 110 4.24 -75.22 -10.36
C GLN M 110 4.16 -74.42 -9.06
N GLN M 111 3.79 -75.08 -7.97
CA GLN M 111 3.73 -74.35 -6.71
C GLN M 111 5.05 -74.39 -5.96
N ASP M 112 5.89 -75.35 -6.26
CA ASP M 112 7.26 -75.21 -5.80
C ASP M 112 8.06 -74.43 -6.84
N PRO M 113 8.84 -73.44 -6.44
CA PRO M 113 9.57 -72.65 -7.42
C PRO M 113 10.81 -73.37 -7.93
N GLN M 114 11.40 -74.21 -7.08
CA GLN M 114 12.52 -75.06 -7.48
C GLN M 114 12.04 -76.45 -7.93
N ALA M 115 11.10 -76.45 -8.85
CA ALA M 115 10.49 -77.63 -9.42
C ALA M 115 10.81 -77.71 -10.91
N PRO M 116 10.71 -78.88 -11.53
CA PRO M 116 10.88 -78.95 -12.98
C PRO M 116 9.80 -78.20 -13.73
N ALA M 117 10.20 -77.63 -14.86
CA ALA M 117 9.31 -76.78 -15.64
C ALA M 117 8.44 -77.60 -16.57
N LEU M 118 7.19 -77.14 -16.76
CA LEU M 118 6.17 -77.72 -17.64
C LEU M 118 5.98 -79.23 -17.47
N GLN M 119 6.09 -79.67 -16.22
CA GLN M 119 5.82 -81.03 -15.81
C GLN M 119 4.80 -80.94 -14.68
N PRO M 120 3.87 -81.88 -14.58
CA PRO M 120 2.85 -81.78 -13.52
C PRO M 120 3.44 -81.93 -12.14
N HIS M 121 3.03 -81.04 -11.24
CA HIS M 121 3.46 -81.10 -9.87
C HIS M 121 2.76 -82.26 -9.17
N GLN M 122 3.45 -82.85 -8.20
CA GLN M 122 2.88 -84.04 -7.60
C GLN M 122 2.03 -83.69 -6.37
N ALA M 123 2.54 -82.83 -5.50
CA ALA M 123 1.82 -82.49 -4.28
C ALA M 123 0.62 -81.58 -4.55
N VAL M 124 0.59 -80.90 -5.68
CA VAL M 124 -0.62 -80.16 -6.06
C VAL M 124 -1.73 -81.12 -6.43
N LEU M 125 -1.43 -82.07 -7.32
CA LEU M 125 -2.43 -83.03 -7.76
C LEU M 125 -2.81 -84.01 -6.67
N ASP M 126 -1.95 -84.21 -5.68
CA ASP M 126 -2.32 -85.07 -4.56
C ASP M 126 -3.14 -84.34 -3.52
N ALA M 127 -3.13 -83.01 -3.53
CA ALA M 127 -3.86 -82.21 -2.55
C ALA M 127 -4.76 -81.22 -3.26
N ALA M 128 -5.54 -81.73 -4.21
CA ALA M 128 -6.44 -80.88 -4.98
C ALA M 128 -7.80 -80.73 -4.33
N GLU M 129 -8.31 -81.77 -3.68
CA GLU M 129 -9.68 -81.73 -3.19
C GLU M 129 -9.83 -80.86 -1.95
N VAL M 130 -8.79 -80.80 -1.10
CA VAL M 130 -8.80 -79.85 0.00
C VAL M 130 -8.55 -78.44 -0.52
N LEU M 131 -7.95 -78.31 -1.70
CA LEU M 131 -7.61 -77.03 -2.28
C LEU M 131 -8.64 -76.58 -3.31
N LYS M 132 -9.76 -77.30 -3.41
CA LYS M 132 -10.96 -76.91 -4.17
C LYS M 132 -10.68 -76.79 -5.67
N LEU M 133 -9.77 -77.60 -6.19
CA LEU M 133 -9.60 -77.78 -7.61
C LEU M 133 -10.40 -79.00 -8.06
N LYS M 134 -10.42 -79.23 -9.37
CA LYS M 134 -10.98 -80.46 -9.92
C LYS M 134 -10.33 -80.71 -11.27
N VAL M 135 -9.85 -81.93 -11.48
CA VAL M 135 -9.31 -82.33 -12.76
C VAL M 135 -10.27 -83.30 -13.42
N ILE M 136 -10.47 -83.14 -14.72
CA ILE M 136 -11.32 -84.02 -15.52
C ILE M 136 -10.49 -84.56 -16.66
N LYS M 137 -10.01 -83.66 -17.50
CA LYS M 137 -8.88 -83.90 -18.37
C LYS M 137 -7.62 -83.54 -17.58
N GLY M 138 -6.51 -83.29 -18.26
CA GLY M 138 -5.40 -82.64 -17.59
C GLY M 138 -5.74 -81.26 -17.05
N HIS M 139 -6.73 -80.60 -17.62
CA HIS M 139 -7.01 -79.21 -17.32
C HIS M 139 -7.63 -79.05 -15.93
N TYR M 140 -6.94 -78.31 -15.06
CA TYR M 140 -7.44 -77.97 -13.74
C TYR M 140 -8.65 -77.09 -13.85
N PHE M 141 -9.83 -77.62 -13.55
CA PHE M 141 -11.03 -76.81 -13.49
C PHE M 141 -11.17 -76.25 -12.09
N PHE M 142 -11.37 -74.95 -11.99
CA PHE M 142 -11.55 -74.33 -10.68
C PHE M 142 -12.40 -73.08 -10.80
N ASP M 143 -13.08 -72.77 -9.70
CA ASP M 143 -13.89 -71.56 -9.57
C ASP M 143 -13.84 -71.12 -8.11
N TYR M 144 -12.90 -70.24 -7.80
CA TYR M 144 -12.79 -69.69 -6.46
C TYR M 144 -13.71 -68.50 -6.25
N THR M 145 -14.42 -68.09 -7.29
CA THR M 145 -15.59 -67.24 -7.13
C THR M 145 -16.67 -67.96 -6.35
N ARG M 146 -16.90 -69.23 -6.65
CA ARG M 146 -17.99 -69.96 -6.04
C ARG M 146 -17.53 -70.68 -4.77
N MET N 1 -57.88 -112.71 -52.58
CA MET N 1 -57.68 -114.11 -52.22
C MET N 1 -56.51 -114.71 -52.99
N ASP N 2 -56.67 -114.80 -54.30
CA ASP N 2 -55.63 -115.36 -55.13
C ASP N 2 -55.15 -114.45 -56.26
N LYS N 3 -56.03 -113.67 -56.89
CA LYS N 3 -55.62 -112.92 -58.06
C LYS N 3 -55.43 -111.46 -57.68
N VAL N 4 -56.17 -111.00 -56.69
CA VAL N 4 -56.12 -109.63 -56.21
C VAL N 4 -55.85 -109.65 -54.72
N LYS N 5 -54.77 -109.02 -54.30
CA LYS N 5 -54.44 -108.86 -52.89
C LYS N 5 -54.76 -107.43 -52.49
N LEU N 6 -55.46 -107.27 -51.37
CA LEU N 6 -55.90 -105.96 -50.94
C LEU N 6 -54.74 -105.20 -50.30
N PHE N 7 -55.05 -104.03 -49.75
CA PHE N 7 -54.04 -103.20 -49.11
C PHE N 7 -53.50 -103.83 -47.84
N GLN N 8 -52.23 -103.58 -47.58
CA GLN N 8 -51.48 -104.25 -46.54
C GLN N 8 -50.24 -103.42 -46.25
N THR N 9 -50.07 -103.05 -44.98
CA THR N 9 -48.98 -102.15 -44.62
C THR N 9 -47.64 -102.85 -44.72
N ILE N 10 -46.58 -102.05 -44.89
CA ILE N 10 -45.25 -102.58 -45.13
C ILE N 10 -44.32 -102.15 -44.01
N GLY N 11 -44.08 -100.85 -43.89
CA GLY N 11 -43.18 -100.32 -42.88
C GLY N 11 -43.82 -99.16 -42.14
N ARG N 12 -43.10 -98.66 -41.15
CA ARG N 12 -43.61 -97.59 -40.30
C ARG N 12 -42.45 -96.87 -39.64
N VAL N 13 -42.49 -95.54 -39.62
CA VAL N 13 -41.50 -94.72 -38.94
C VAL N 13 -42.19 -93.96 -37.83
N GLU N 14 -41.66 -94.06 -36.62
CA GLU N 14 -42.09 -93.23 -35.50
C GLU N 14 -40.97 -92.27 -35.16
N TYR N 15 -41.05 -91.06 -35.69
CA TYR N 15 -40.01 -90.05 -35.54
C TYR N 15 -40.33 -89.10 -34.40
N TRP N 16 -39.30 -88.68 -33.68
CA TRP N 16 -39.46 -87.85 -32.50
C TRP N 16 -38.61 -86.59 -32.58
N GLU N 17 -38.80 -85.74 -31.58
CA GLU N 17 -38.10 -84.48 -31.45
C GLU N 17 -36.96 -84.70 -30.47
N ARG N 18 -36.21 -83.64 -30.15
CA ARG N 18 -35.03 -83.77 -29.30
C ARG N 18 -35.33 -83.39 -27.86
N VAL N 19 -34.32 -83.47 -27.02
CA VAL N 19 -34.40 -83.05 -25.62
C VAL N 19 -33.83 -81.65 -25.52
N PRO N 20 -34.61 -80.66 -25.12
CA PRO N 20 -34.12 -79.28 -25.12
C PRO N 20 -33.30 -78.97 -23.87
N ARG N 21 -32.75 -77.76 -23.84
CA ARG N 21 -32.07 -77.23 -22.67
C ARG N 21 -32.39 -75.74 -22.58
N LEU N 22 -31.72 -75.03 -21.69
CA LEU N 22 -31.91 -73.59 -21.56
C LEU N 22 -30.94 -72.87 -22.48
N HIS N 23 -31.46 -71.85 -23.19
CA HIS N 23 -30.59 -71.01 -24.01
C HIS N 23 -29.61 -70.21 -23.17
N ALA N 24 -30.10 -69.55 -22.12
CA ALA N 24 -29.25 -68.65 -21.37
C ALA N 24 -28.35 -69.36 -20.36
N TYR N 25 -28.39 -70.68 -20.27
CA TYR N 25 -27.62 -71.33 -19.23
C TYR N 25 -26.25 -71.80 -19.72
N GLY N 26 -26.13 -72.10 -21.00
CA GLY N 26 -24.82 -72.34 -21.58
C GLY N 26 -24.37 -73.77 -21.39
N VAL N 27 -24.15 -74.47 -22.47
CA VAL N 27 -23.76 -75.87 -22.40
C VAL N 27 -22.24 -75.93 -22.33
N PHE N 28 -21.73 -76.90 -21.57
CA PHE N 28 -20.30 -77.20 -21.56
C PHE N 28 -20.16 -78.71 -21.61
N ALA N 29 -19.55 -79.21 -22.68
CA ALA N 29 -19.55 -80.65 -22.97
C ALA N 29 -18.16 -81.11 -23.34
N LEU N 30 -17.83 -82.35 -22.97
CA LEU N 30 -16.54 -82.96 -23.29
C LEU N 30 -16.74 -84.41 -23.68
N PRO N 31 -15.91 -84.93 -24.60
CA PRO N 31 -16.11 -86.31 -25.06
C PRO N 31 -15.35 -87.36 -24.26
N PHE N 32 -16.05 -88.40 -23.84
CA PHE N 32 -15.51 -89.50 -23.05
C PHE N 32 -15.68 -90.81 -23.79
N PRO N 33 -14.87 -91.82 -23.47
CA PRO N 33 -15.05 -93.14 -24.08
C PRO N 33 -15.97 -94.04 -23.26
N MET N 34 -16.58 -95.01 -23.96
CA MET N 34 -17.54 -95.88 -23.34
C MET N 34 -16.86 -96.92 -22.44
N ASP N 35 -17.65 -97.46 -21.52
CA ASP N 35 -17.28 -98.70 -20.83
C ASP N 35 -17.85 -99.86 -21.64
N PRO N 36 -17.02 -100.75 -22.19
CA PRO N 36 -17.51 -101.71 -23.20
C PRO N 36 -18.38 -102.82 -22.66
N ASP N 37 -18.29 -103.15 -21.37
CA ASP N 37 -19.04 -104.29 -20.85
C ASP N 37 -20.53 -104.02 -20.70
N VAL N 38 -20.95 -102.76 -20.67
CA VAL N 38 -22.36 -102.41 -20.51
C VAL N 38 -23.04 -102.56 -21.86
N ASN N 39 -24.28 -103.08 -21.87
CA ASN N 39 -25.04 -103.22 -23.11
C ASN N 39 -25.54 -101.83 -23.53
N TRP N 40 -24.67 -101.11 -24.24
CA TRP N 40 -25.00 -99.74 -24.64
C TRP N 40 -26.09 -99.67 -25.69
N ALA N 41 -26.35 -100.76 -26.40
CA ALA N 41 -27.43 -100.77 -27.37
C ALA N 41 -28.79 -100.81 -26.70
N GLN N 42 -28.86 -101.30 -25.45
CA GLN N 42 -30.11 -101.31 -24.71
C GLN N 42 -30.59 -99.91 -24.38
N TRP N 43 -29.67 -98.99 -24.15
CA TRP N 43 -30.00 -97.63 -23.77
C TRP N 43 -30.54 -96.82 -24.94
N PHE N 44 -30.27 -97.25 -26.16
CA PHE N 44 -30.51 -96.43 -27.34
C PHE N 44 -31.59 -97.00 -28.23
N THR N 45 -32.48 -97.82 -27.67
CA THR N 45 -33.49 -98.48 -28.49
C THR N 45 -34.58 -97.52 -28.91
N GLY N 46 -35.30 -96.95 -27.94
CA GLY N 46 -36.53 -96.25 -28.20
C GLY N 46 -36.38 -94.95 -28.96
N PRO N 47 -37.27 -94.70 -29.91
CA PRO N 47 -37.19 -93.46 -30.68
C PRO N 47 -37.63 -92.24 -29.90
N HIS N 48 -38.44 -92.40 -28.86
CA HIS N 48 -38.83 -91.28 -28.04
C HIS N 48 -37.64 -90.80 -27.22
N PRO N 49 -37.44 -89.48 -27.12
CA PRO N 49 -36.17 -88.96 -26.61
C PRO N 49 -36.05 -89.08 -25.10
N ARG N 50 -34.83 -89.30 -24.65
CA ARG N 50 -34.55 -89.51 -23.24
C ARG N 50 -33.12 -89.08 -22.96
N ALA N 51 -32.67 -89.39 -21.74
CA ALA N 51 -31.33 -89.03 -21.28
C ALA N 51 -30.99 -89.93 -20.10
N PHE N 52 -29.70 -90.05 -19.83
CA PHE N 52 -29.26 -90.90 -18.74
C PHE N 52 -27.92 -90.41 -18.23
N LEU N 53 -27.66 -90.63 -16.96
CA LEU N 53 -26.48 -90.09 -16.30
C LEU N 53 -25.34 -91.09 -16.33
N VAL N 54 -24.13 -90.59 -16.64
CA VAL N 54 -22.96 -91.42 -16.79
C VAL N 54 -22.01 -91.16 -15.62
N SER N 55 -20.97 -91.99 -15.53
CA SER N 55 -20.03 -91.89 -14.41
C SER N 55 -18.66 -92.37 -14.85
N ILE N 56 -17.63 -91.54 -14.63
CA ILE N 56 -16.27 -91.95 -14.97
C ILE N 56 -15.75 -93.01 -14.01
N HIS N 57 -14.77 -93.78 -14.47
CA HIS N 57 -13.97 -94.62 -13.61
C HIS N 57 -12.76 -93.84 -13.09
N LYS N 58 -12.51 -93.96 -11.79
CA LYS N 58 -11.33 -93.32 -11.22
C LYS N 58 -10.06 -94.08 -11.55
N TYR N 59 -10.02 -95.36 -11.24
CA TYR N 59 -8.82 -96.15 -11.45
C TYR N 59 -9.20 -97.58 -11.75
N GLY N 60 -8.35 -98.25 -12.52
CA GLY N 60 -8.58 -99.62 -12.89
C GLY N 60 -8.06 -99.91 -14.28
N PRO N 61 -8.39 -101.09 -14.82
CA PRO N 61 -8.02 -101.36 -16.21
C PRO N 61 -8.84 -100.55 -17.20
N LYS N 62 -10.05 -100.17 -16.82
CA LYS N 62 -10.92 -99.35 -17.65
C LYS N 62 -11.02 -97.95 -17.08
N ALA N 63 -9.89 -97.44 -16.59
CA ALA N 63 -9.85 -96.13 -15.94
C ALA N 63 -9.98 -95.03 -16.97
N GLY N 64 -11.01 -94.20 -16.80
CA GLY N 64 -11.28 -93.09 -17.70
C GLY N 64 -12.54 -93.25 -18.51
N HIS N 65 -13.08 -94.46 -18.59
CA HIS N 65 -14.27 -94.72 -19.37
C HIS N 65 -15.53 -94.43 -18.56
N VAL N 66 -16.65 -94.29 -19.25
CA VAL N 66 -17.91 -93.94 -18.60
C VAL N 66 -18.92 -95.06 -18.77
N TYR N 67 -19.77 -95.20 -17.76
CA TYR N 67 -20.80 -96.21 -17.69
C TYR N 67 -22.03 -95.56 -17.07
N PRO N 68 -23.23 -96.05 -17.37
CA PRO N 68 -24.44 -95.38 -16.86
C PRO N 68 -24.56 -95.54 -15.37
N THR N 69 -24.99 -94.47 -14.72
CA THR N 69 -24.95 -94.36 -13.27
C THR N 69 -25.94 -95.32 -12.64
N ASN N 70 -25.43 -96.38 -12.05
CA ASN N 70 -26.27 -97.31 -11.30
C ASN N 70 -26.57 -96.67 -9.95
N LEU N 71 -27.86 -96.44 -9.69
CA LEU N 71 -28.27 -95.76 -8.48
C LEU N 71 -28.06 -96.61 -7.23
N THR N 72 -27.99 -97.93 -7.38
CA THR N 72 -27.73 -98.78 -6.23
C THR N 72 -26.26 -98.81 -5.83
N ASP N 73 -25.36 -98.43 -6.73
CA ASP N 73 -23.93 -98.57 -6.48
C ASP N 73 -23.34 -97.28 -5.94
N GLU N 74 -22.39 -97.42 -5.02
CA GLU N 74 -21.84 -96.25 -4.34
C GLU N 74 -20.88 -95.46 -5.20
N ASP N 75 -20.13 -96.12 -6.09
CA ASP N 75 -19.15 -95.41 -6.88
C ASP N 75 -19.79 -94.66 -8.04
N ALA N 76 -20.87 -95.21 -8.61
CA ALA N 76 -21.60 -94.50 -9.64
C ALA N 76 -22.28 -93.26 -9.06
N LEU N 77 -22.75 -93.34 -7.82
CA LEU N 77 -23.29 -92.16 -7.17
C LEU N 77 -22.17 -91.18 -6.81
N LEU N 78 -21.00 -91.68 -6.46
CA LEU N 78 -19.92 -90.80 -6.05
C LEU N 78 -19.21 -90.19 -7.25
N ASN N 79 -18.89 -91.00 -8.26
CA ASN N 79 -18.10 -90.55 -9.40
C ASN N 79 -18.95 -90.21 -10.60
N VAL N 80 -20.14 -89.65 -10.39
CA VAL N 80 -20.97 -89.20 -11.49
C VAL N 80 -20.31 -88.02 -12.19
N ILE N 81 -20.39 -87.98 -13.51
CA ILE N 81 -19.60 -87.01 -14.25
C ILE N 81 -20.48 -86.23 -15.23
N GLY N 82 -21.70 -86.68 -15.45
CA GLY N 82 -22.54 -85.91 -16.36
C GLY N 82 -23.65 -86.78 -16.93
N MET N 83 -24.13 -86.37 -18.11
CA MET N 83 -25.27 -87.06 -18.73
C MET N 83 -25.22 -86.88 -20.24
N VAL N 84 -25.99 -87.72 -20.92
CA VAL N 84 -25.97 -87.87 -22.38
C VAL N 84 -27.36 -87.54 -22.91
N LEU N 85 -27.43 -86.66 -23.89
CA LEU N 85 -28.71 -86.15 -24.38
C LEU N 85 -29.03 -86.58 -25.81
N ASP N 86 -28.05 -86.52 -26.70
CA ASP N 86 -28.33 -86.52 -28.12
C ASP N 86 -28.60 -87.91 -28.70
N GLY N 87 -28.22 -88.96 -28.01
CA GLY N 87 -28.30 -90.26 -28.68
C GLY N 87 -27.07 -90.53 -29.52
N HIS N 88 -26.77 -91.81 -29.69
CA HIS N 88 -25.47 -92.20 -30.18
C HIS N 88 -25.59 -93.62 -30.73
N ASP N 89 -24.51 -94.11 -31.31
CA ASP N 89 -24.48 -95.45 -31.89
C ASP N 89 -23.19 -96.12 -31.43
N TYR N 90 -23.32 -97.03 -30.46
CA TYR N 90 -22.14 -97.69 -29.91
C TYR N 90 -21.51 -98.65 -30.90
N GLU N 91 -22.29 -99.19 -31.83
CA GLU N 91 -21.70 -99.93 -32.93
C GLU N 91 -20.92 -99.04 -33.89
N ASN N 92 -21.20 -97.74 -33.90
CA ASN N 92 -20.47 -96.81 -34.76
C ASN N 92 -19.24 -96.25 -34.05
N ASP N 93 -19.43 -95.64 -32.87
CA ASP N 93 -18.26 -95.16 -32.17
C ASP N 93 -18.39 -95.28 -30.66
N PRO N 94 -17.35 -95.70 -29.97
CA PRO N 94 -17.42 -95.87 -28.52
C PRO N 94 -17.08 -94.60 -27.76
N ASN N 95 -17.19 -93.44 -28.39
CA ASN N 95 -16.82 -92.19 -27.74
C ASN N 95 -18.00 -91.23 -27.73
N VAL N 96 -18.73 -91.21 -26.63
CA VAL N 96 -19.92 -90.37 -26.50
C VAL N 96 -19.50 -88.98 -26.02
N THR N 97 -20.31 -87.98 -26.32
CA THR N 97 -20.07 -86.61 -25.88
C THR N 97 -20.91 -86.30 -24.64
N VAL N 98 -20.30 -86.41 -23.47
CA VAL N 98 -21.06 -86.18 -22.25
C VAL N 98 -21.21 -84.68 -22.04
N THR N 99 -22.21 -84.32 -21.24
CA THR N 99 -22.50 -82.93 -20.96
C THR N 99 -22.23 -82.65 -19.49
N LEU N 100 -21.42 -81.63 -19.23
CA LEU N 100 -21.00 -81.29 -17.88
C LEU N 100 -21.84 -80.21 -17.23
N LYS N 101 -22.25 -79.20 -17.99
CA LYS N 101 -23.06 -78.12 -17.44
C LYS N 101 -24.18 -77.81 -18.43
N ALA N 102 -25.41 -78.18 -18.10
CA ALA N 102 -26.57 -77.77 -18.87
C ALA N 102 -27.78 -77.80 -17.95
N ALA N 103 -28.96 -77.67 -18.53
CA ALA N 103 -30.20 -77.61 -17.75
C ALA N 103 -31.28 -78.34 -18.54
N VAL N 104 -31.45 -79.61 -18.23
CA VAL N 104 -32.36 -80.51 -18.92
C VAL N 104 -33.69 -80.48 -18.19
N PRO N 105 -34.83 -80.49 -18.88
CA PRO N 105 -36.12 -80.58 -18.19
C PRO N 105 -36.26 -81.87 -17.42
N ILE N 106 -37.18 -81.85 -16.44
CA ILE N 106 -37.26 -82.94 -15.48
C ILE N 106 -37.88 -84.19 -16.08
N GLU N 107 -38.63 -84.05 -17.17
CA GLU N 107 -39.42 -85.12 -17.73
C GLU N 107 -38.63 -85.99 -18.70
N TYR N 108 -37.33 -85.77 -18.81
CA TYR N 108 -36.54 -86.38 -19.86
C TYR N 108 -35.39 -87.24 -19.35
N VAL N 109 -35.07 -87.18 -18.07
CA VAL N 109 -34.10 -88.10 -17.49
C VAL N 109 -34.77 -89.44 -17.26
N GLN N 110 -34.25 -90.48 -17.89
CA GLN N 110 -34.76 -91.84 -17.71
C GLN N 110 -33.58 -92.70 -17.29
N GLN N 111 -33.55 -93.10 -16.02
CA GLN N 111 -32.36 -93.77 -15.52
C GLN N 111 -32.37 -95.26 -15.85
N ASP N 112 -33.51 -95.93 -15.72
CA ASP N 112 -33.43 -97.32 -16.14
C ASP N 112 -33.70 -97.44 -17.63
N PRO N 113 -33.20 -98.49 -18.29
CA PRO N 113 -33.60 -98.70 -19.69
C PRO N 113 -35.05 -99.11 -19.83
N GLN N 114 -35.65 -99.76 -18.84
CA GLN N 114 -37.07 -100.10 -18.89
C GLN N 114 -37.92 -99.00 -18.25
N ALA N 115 -37.62 -97.77 -18.60
CA ALA N 115 -38.31 -96.62 -18.05
C ALA N 115 -39.50 -96.26 -18.90
N PRO N 116 -40.49 -95.59 -18.33
CA PRO N 116 -41.61 -95.08 -19.14
C PRO N 116 -41.14 -93.98 -20.09
N ALA N 117 -41.93 -93.80 -21.14
CA ALA N 117 -41.59 -92.82 -22.17
C ALA N 117 -41.86 -91.41 -21.65
N LEU N 118 -40.78 -90.59 -21.60
CA LEU N 118 -40.79 -89.17 -21.20
C LEU N 118 -41.52 -88.89 -19.89
N GLN N 119 -41.44 -89.81 -18.98
CA GLN N 119 -42.00 -89.55 -17.67
C GLN N 119 -40.88 -89.18 -16.69
N PRO N 120 -41.19 -88.37 -15.68
CA PRO N 120 -40.18 -88.07 -14.65
C PRO N 120 -39.87 -89.31 -13.83
N HIS N 121 -38.59 -89.67 -13.78
CA HIS N 121 -38.17 -90.78 -12.95
C HIS N 121 -38.24 -90.38 -11.48
N GLN N 122 -38.40 -91.37 -10.60
CA GLN N 122 -38.59 -91.07 -9.19
C GLN N 122 -37.34 -91.34 -8.35
N ALA N 123 -36.62 -92.42 -8.64
CA ALA N 123 -35.37 -92.69 -7.92
C ALA N 123 -34.29 -91.67 -8.26
N VAL N 124 -34.39 -90.99 -9.40
CA VAL N 124 -33.51 -89.86 -9.64
C VAL N 124 -33.85 -88.70 -8.71
N LEU N 125 -35.14 -88.43 -8.53
CA LEU N 125 -35.56 -87.34 -7.65
C LEU N 125 -35.24 -87.62 -6.20
N ASP N 126 -35.28 -88.89 -5.80
CA ASP N 126 -34.89 -89.23 -4.44
C ASP N 126 -33.38 -89.18 -4.22
N ALA N 127 -32.60 -89.27 -5.29
CA ALA N 127 -31.15 -89.21 -5.20
C ALA N 127 -30.62 -88.01 -5.96
N ALA N 128 -31.35 -86.90 -5.92
CA ALA N 128 -30.92 -85.69 -6.60
C ALA N 128 -29.85 -84.93 -5.84
N GLU N 129 -29.58 -85.29 -4.59
CA GLU N 129 -28.58 -84.61 -3.79
C GLU N 129 -27.31 -85.42 -3.59
N VAL N 130 -27.37 -86.74 -3.76
CA VAL N 130 -26.12 -87.51 -3.79
C VAL N 130 -25.43 -87.29 -5.13
N LEU N 131 -26.21 -87.22 -6.21
CA LEU N 131 -25.71 -86.98 -7.55
C LEU N 131 -25.30 -85.53 -7.80
N LYS N 132 -25.51 -84.64 -6.83
CA LYS N 132 -25.29 -83.19 -6.96
C LYS N 132 -26.06 -82.60 -8.13
N LEU N 133 -27.35 -82.89 -8.16
CA LEU N 133 -28.30 -82.17 -9.01
C LEU N 133 -29.07 -81.18 -8.16
N LYS N 134 -29.87 -80.35 -8.81
CA LYS N 134 -30.72 -79.43 -8.08
C LYS N 134 -31.89 -79.09 -8.98
N VAL N 135 -33.09 -79.13 -8.42
CA VAL N 135 -34.29 -78.88 -9.19
C VAL N 135 -34.95 -77.57 -8.76
N ILE N 136 -34.57 -76.48 -9.42
CA ILE N 136 -35.17 -75.19 -9.13
C ILE N 136 -36.61 -75.16 -9.61
N LYS N 137 -36.80 -75.43 -10.89
CA LYS N 137 -38.10 -75.60 -11.52
C LYS N 137 -38.11 -77.04 -11.97
N GLY N 138 -39.02 -77.42 -12.86
CA GLY N 138 -38.93 -78.75 -13.44
C GLY N 138 -37.73 -78.96 -14.35
N HIS N 139 -36.52 -78.83 -13.81
CA HIS N 139 -35.28 -78.83 -14.56
C HIS N 139 -34.15 -79.30 -13.65
N TYR N 140 -33.30 -80.17 -14.18
CA TYR N 140 -32.14 -80.66 -13.46
C TYR N 140 -30.98 -79.72 -13.71
N PHE N 141 -30.72 -78.83 -12.77
CA PHE N 141 -29.60 -77.91 -12.86
C PHE N 141 -28.37 -78.53 -12.25
N PHE N 142 -27.26 -78.45 -12.96
CA PHE N 142 -26.02 -79.08 -12.50
C PHE N 142 -24.83 -78.41 -13.15
N ASP N 143 -23.66 -78.69 -12.58
CA ASP N 143 -22.38 -78.29 -13.15
C ASP N 143 -21.37 -79.29 -12.62
N TYR N 144 -21.09 -80.34 -13.39
CA TYR N 144 -20.10 -81.31 -12.94
C TYR N 144 -18.68 -80.89 -13.28
N THR N 145 -18.51 -79.72 -13.87
CA THR N 145 -17.19 -79.12 -13.96
C THR N 145 -16.69 -78.72 -12.58
N ARG N 146 -17.59 -78.22 -11.74
CA ARG N 146 -17.31 -77.63 -10.42
C ARG N 146 -16.26 -76.54 -10.55
#